data_7UT8
#
_entry.id   7UT8
#
_cell.length_a   1.00
_cell.length_b   1.00
_cell.length_c   1.00
_cell.angle_alpha   90.00
_cell.angle_beta   90.00
_cell.angle_gamma   90.00
#
_symmetry.space_group_name_H-M   'P 1'
#
loop_
_entity.id
_entity.type
_entity.pdbx_description
1 polymer 'Nitrogenase molybdenum-iron protein alpha chain'
2 polymer 'Nitrogenase molybdenum-iron protein beta chain'
3 polymer 'Nitrogenase iron protein gamma chain'
4 non-polymer '3-HYDROXY-3-CARBOXY-ADIPIC ACID'
5 non-polymer 'iron-sulfur-molybdenum cluster with interstitial carbon'
6 non-polymer 'FE(8)-S(7) CLUSTER'
7 non-polymer 'FE (III) ION'
8 non-polymer 'IRON/SULFUR CLUSTER'
9 non-polymer 'MAGNESIUM ION'
10 non-polymer "ADENOSINE-5'-TRIPHOSPHATE"
11 water water
#
loop_
_entity_poly.entity_id
_entity_poly.type
_entity_poly.pdbx_seq_one_letter_code
_entity_poly.pdbx_strand_id
1 'polypeptide(L)'
;MTGMSREEVESLIQEVLEVYPEKARKDRNKHLAVNDPAVTQSKKCIISNKKSQPGLMTIRGCAYAGSKGVVWGPIKDMIH
ISHGPVGCGQYSRAGRRNYYIGTTGVNAFVTMNFTSDFQEKDIVFGGDKKLAKLIDEVETLFPLNKGISVQSECPIGLIG
DDIESVSKVKGAELSKTIVPVRCEGFRGVSQSLGHHIANDAVRDWVLGKRDEDTTFASTPYDVAIIGDYNIGGDAWSSRI
LLEEMGLRCVAQWSGDGSISEIELTPKVKLNLVHCYRSMNYISRHMEEKYGIPWMEYNFFGPTKTIESLRAIAAKFDESI
QKKCEEVIAKYKPEWEAVVAKYRPRLEGKRVMLYIGGLRPRHVIGAYEDLGMEVVGTGYEFAHNDDYDRTMKEMGDSTLL
YDDVTGYEFEEFVKRIKPDLIGSGIKEKFIFQKMGIPFREMHSWDYSGPYHGFDGFAIFARDMDMTLNNPCWKKLQAPWE
ASEGAEKVAASA
;
A,C
2 'polypeptide(L)'
;MSQQVDKIKASYPLFLDQDYKDMLAKKRDGFEEKYPQDKIDEVFQWTTTKEYQELNFQREALTVNPAKACQPLGAVLCAL
GFEKTMPYVHGSQGCVAYFRSYFNRHFREPVSCVSDSMTEDAAVFGGQQNMKDGLQNCKATYKPDMIAVSTTCMAEVIGD
DLNAFINNSKKEGFIPDEFPVPFAHTPSFVGSHVTGWDNMFEGIARYFTLKSMDDKVVGSNKKINIVPGFETYLGNFRVI
KRMLSEMGVGYSLLSDPEEVLDTPADGQFRMYAGGTTQEEMKDAPNALNTVLLQPWHLEKTKKFVEGTWKHEVPKLNIPM
GLDWTDEFLMKVSEISGQPIPASLTKERGRLVDMMTDSHTWLHGKRFALWGDPDFVMGLVKFLLELGCEPVHILCHNGNK
RWKKAVDAILAASPYGKNATVYIGKDLWHLRSLVFTDKPDFMIGNSYGKFIQRDTLHKGKEFEVPLIRIGFPIFDRHHLH
RSTTLGYEGAMQILTTLVNSILERLDEETRGMQATDYNHDLVR
;
B,D
3 'polypeptide(L)'
;MAMRQCAIYGKGGIGKSTTTQNLVAALAEMGKKVMIVGCDPKADSTRLILHSKAQNTIMEMAAEAGTVEDLELEDVLKAG
YGGVKCVESGGPEPGVGCAGRGVITAINFLEEEGAYEDDLDFVFYDVLGDVVCGGFAMPIRENKAQEIYIVCSGEMMAMY
AANNISKGIVKYANSGSVRLGGLICNSRNTDREDELIIALANKLGTQMIHFVPRDNVVQRAEIRRMTVIEYDPKAKQADE
YRALARKVVDNKLLVIPNPITMDELEELLMEFGIMEVEDESIVGKTAEEV
;
E,F
#
loop_
_chem_comp.id
_chem_comp.type
_chem_comp.name
_chem_comp.formula
ATP non-polymer ADENOSINE-5'-TRIPHOSPHATE 'C10 H16 N5 O13 P3'
CLF non-polymer 'FE(8)-S(7) CLUSTER' 'Fe8 S7'
FE non-polymer 'FE (III) ION' 'Fe 3'
HCA non-polymer '3-HYDROXY-3-CARBOXY-ADIPIC ACID' 'C7 H10 O7'
ICS non-polymer 'iron-sulfur-molybdenum cluster with interstitial carbon' 'C Fe7 Mo S9'
MG non-polymer 'MAGNESIUM ION' 'Mg 2'
SF4 non-polymer 'IRON/SULFUR CLUSTER' 'Fe4 S4'
#
# COMPACT_ATOMS: atom_id res chain seq x y z
N SER A 5 -22.23 -9.29 41.03
CA SER A 5 -21.95 -9.29 42.46
C SER A 5 -20.47 -9.04 42.73
N ARG A 6 -20.18 -8.41 43.87
CA ARG A 6 -18.80 -8.10 44.21
C ARG A 6 -17.98 -9.37 44.40
N GLU A 7 -18.56 -10.37 45.06
CA GLU A 7 -17.85 -11.63 45.26
C GLU A 7 -17.57 -12.33 43.94
N GLU A 8 -18.52 -12.27 42.99
CA GLU A 8 -18.31 -12.89 41.69
C GLU A 8 -17.15 -12.23 40.96
N VAL A 9 -17.08 -10.89 41.01
CA VAL A 9 -15.99 -10.18 40.35
C VAL A 9 -14.65 -10.52 41.00
N GLU A 10 -14.63 -10.59 42.33
CA GLU A 10 -13.39 -10.94 43.02
C GLU A 10 -12.93 -12.35 42.66
N SER A 11 -13.87 -13.30 42.59
CA SER A 11 -13.52 -14.67 42.22
C SER A 11 -13.01 -14.72 40.78
N LEU A 12 -13.62 -13.94 39.89
CA LEU A 12 -13.16 -13.88 38.51
C LEU A 12 -11.74 -13.34 38.44
N ILE A 13 -11.45 -12.30 39.22
CA ILE A 13 -10.11 -11.72 39.24
C ILE A 13 -9.09 -12.76 39.72
N GLN A 14 -9.43 -13.47 40.80
CA GLN A 14 -8.50 -14.47 41.33
C GLN A 14 -8.27 -15.61 40.34
N GLU A 15 -9.34 -16.09 39.71
CA GLU A 15 -9.19 -17.15 38.72
C GLU A 15 -8.34 -16.69 37.55
N VAL A 16 -8.52 -15.44 37.12
CA VAL A 16 -7.74 -14.92 36.01
C VAL A 16 -6.26 -14.84 36.39
N LEU A 17 -5.97 -14.35 37.59
CA LEU A 17 -4.59 -14.17 38.02
C LEU A 17 -3.92 -15.48 38.43
N GLU A 18 -4.68 -16.57 38.56
CA GLU A 18 -4.08 -17.85 38.95
C GLU A 18 -3.00 -18.33 37.96
N VAL A 19 -3.08 -17.91 36.70
CA VAL A 19 -2.16 -18.46 35.70
C VAL A 19 -0.78 -17.80 35.73
N TYR A 20 -0.66 -16.63 36.34
CA TYR A 20 0.60 -15.90 36.31
C TYR A 20 1.61 -16.52 37.27
N PRO A 21 2.90 -16.32 37.01
CA PRO A 21 3.91 -16.64 38.02
C PRO A 21 3.77 -15.74 39.24
N GLU A 22 4.58 -16.02 40.26
CA GLU A 22 4.38 -15.41 41.57
C GLU A 22 4.52 -13.89 41.52
N LYS A 23 5.64 -13.40 40.99
CA LYS A 23 5.89 -11.96 40.98
C LYS A 23 4.90 -11.23 40.09
N ALA A 24 4.62 -11.78 38.91
CA ALA A 24 3.66 -11.15 38.01
C ALA A 24 2.26 -11.14 38.61
N ARG A 25 1.85 -12.24 39.25
CA ARG A 25 0.55 -12.28 39.90
C ARG A 25 0.46 -11.26 41.02
N LYS A 26 1.52 -11.15 41.83
CA LYS A 26 1.53 -10.16 42.90
C LYS A 26 1.42 -8.75 42.35
N ASP A 27 2.13 -8.46 41.26
CA ASP A 27 2.06 -7.13 40.67
C ASP A 27 0.67 -6.86 40.10
N ARG A 28 0.09 -7.82 39.38
CA ARG A 28 -1.18 -7.59 38.70
C ARG A 28 -2.36 -7.56 39.64
N ASN A 29 -2.24 -8.16 40.84
CA ASN A 29 -3.34 -8.13 41.78
C ASN A 29 -3.66 -6.71 42.24
N LYS A 30 -2.71 -5.79 42.13
CA LYS A 30 -2.93 -4.41 42.56
C LYS A 30 -3.52 -3.52 41.47
N HIS A 31 -3.60 -4.00 40.24
CA HIS A 31 -4.13 -3.21 39.13
C HIS A 31 -5.54 -3.61 38.74
N LEU A 32 -6.17 -4.50 39.50
CA LEU A 32 -7.54 -4.91 39.26
C LEU A 32 -8.35 -4.64 40.53
N ALA A 33 -9.46 -3.91 40.37
CA ALA A 33 -10.27 -3.50 41.50
C ALA A 33 -11.75 -3.62 41.16
N VAL A 34 -12.56 -3.71 42.21
CA VAL A 34 -14.01 -3.66 42.10
C VAL A 34 -14.47 -2.29 42.59
N ASN A 35 -15.29 -1.62 41.78
CA ASN A 35 -15.64 -0.24 42.06
C ASN A 35 -16.48 -0.11 43.32
N ASP A 36 -16.31 1.03 43.99
CA ASP A 36 -17.15 1.42 45.12
C ASP A 36 -17.19 2.94 45.11
N PRO A 37 -18.27 3.54 44.59
CA PRO A 37 -18.29 5.00 44.41
C PRO A 37 -18.18 5.78 45.70
N ALA A 38 -18.45 5.16 46.85
CA ALA A 38 -18.32 5.85 48.13
C ALA A 38 -16.86 6.19 48.46
N VAL A 39 -15.90 5.55 47.79
CA VAL A 39 -14.49 5.75 48.07
C VAL A 39 -14.00 6.95 47.29
N THR A 40 -13.38 7.91 47.99
CA THR A 40 -12.81 9.09 47.34
C THR A 40 -11.30 8.97 47.12
N GLN A 41 -10.66 7.96 47.69
CA GLN A 41 -9.21 7.75 47.55
C GLN A 41 -9.00 6.41 46.86
N SER A 42 -8.78 6.44 45.54
CA SER A 42 -8.67 5.21 44.77
C SER A 42 -7.37 4.46 45.02
N LYS A 43 -6.37 5.12 45.62
CA LYS A 43 -5.14 4.42 45.93
C LYS A 43 -5.34 3.32 46.97
N LYS A 44 -6.47 3.34 47.67
CA LYS A 44 -6.82 2.26 48.58
C LYS A 44 -7.47 1.08 47.88
N CYS A 45 -7.71 1.19 46.57
CA CYS A 45 -8.37 0.12 45.84
C CYS A 45 -7.56 -0.28 44.61
N ILE A 46 -6.81 0.66 44.03
CA ILE A 46 -6.09 0.41 42.79
C ILE A 46 -4.76 1.15 42.83
N ILE A 47 -3.80 0.64 42.04
CA ILE A 47 -2.46 1.18 41.96
C ILE A 47 -2.16 1.49 40.49
N SER A 48 -1.62 2.67 40.23
CA SER A 48 -1.43 3.15 38.86
C SER A 48 -0.03 3.72 38.69
N ASN A 49 0.31 4.02 37.44
CA ASN A 49 1.56 4.67 37.06
C ASN A 49 2.78 3.85 37.49
N LYS A 50 2.81 2.60 37.03
CA LYS A 50 3.87 1.67 37.36
C LYS A 50 4.34 0.98 36.09
N LYS A 51 5.55 0.44 36.14
CA LYS A 51 6.12 -0.24 34.99
C LYS A 51 5.36 -1.52 34.68
N SER A 52 5.16 -1.78 33.39
CA SER A 52 4.44 -2.97 32.96
C SER A 52 5.31 -4.21 33.18
N GLN A 53 4.65 -5.31 33.53
CA GLN A 53 5.37 -6.57 33.67
C GLN A 53 5.88 -7.04 32.31
N PRO A 54 7.10 -7.56 32.24
CA PRO A 54 7.65 -7.96 30.94
C PRO A 54 6.92 -9.14 30.33
N GLY A 55 6.80 -9.11 29.00
CA GLY A 55 6.25 -10.22 28.25
C GLY A 55 4.80 -10.57 28.54
N LEU A 56 3.94 -9.57 28.72
CA LEU A 56 2.53 -9.82 29.01
C LEU A 56 1.59 -9.15 28.01
N MET A 57 2.11 -8.73 26.86
CA MET A 57 1.32 -8.10 25.80
C MET A 57 0.56 -6.88 26.30
N THR A 58 1.33 -5.88 26.70
CA THR A 58 0.70 -4.63 27.07
C THR A 58 0.29 -3.86 25.83
N ILE A 59 -0.66 -2.94 26.01
CA ILE A 59 -1.15 -2.08 24.95
C ILE A 59 -0.65 -0.66 25.11
N ARG A 60 0.28 -0.44 26.03
CA ARG A 60 0.85 0.88 26.26
C ARG A 60 1.83 1.27 25.16
N GLY A 61 2.01 2.56 24.98
CA GLY A 61 2.96 3.13 24.06
C GLY A 61 4.22 3.59 24.77
N CYS A 62 4.84 4.62 24.21
CA CYS A 62 6.08 5.17 24.77
C CYS A 62 5.94 6.69 24.90
N ALA A 63 6.94 7.29 25.53
CA ALA A 63 6.93 8.74 25.71
C ALA A 63 6.98 9.48 24.38
N TYR A 64 7.59 8.85 23.37
CA TYR A 64 7.60 9.46 22.04
C TYR A 64 6.20 9.60 21.47
N ALA A 65 5.37 8.57 21.66
CA ALA A 65 3.98 8.68 21.24
C ALA A 65 3.24 9.77 22.02
N GLY A 66 3.54 9.88 23.32
CA GLY A 66 2.87 10.88 24.13
C GLY A 66 3.27 12.30 23.79
N SER A 67 4.49 12.50 23.27
CA SER A 67 4.95 13.84 22.95
C SER A 67 4.71 14.19 21.49
N LYS A 68 5.31 13.44 20.56
CA LYS A 68 5.17 13.76 19.14
C LYS A 68 3.79 13.37 18.63
N GLY A 69 3.32 12.18 18.99
CA GLY A 69 2.06 11.70 18.45
C GLY A 69 0.83 12.34 19.04
N VAL A 70 0.94 12.93 20.24
CA VAL A 70 -0.19 13.46 20.97
C VAL A 70 -0.18 14.97 21.04
N VAL A 71 0.86 15.56 21.63
CA VAL A 71 0.86 16.97 21.96
C VAL A 71 1.38 17.80 20.80
N TRP A 72 2.61 17.54 20.37
CA TRP A 72 3.26 18.40 19.39
C TRP A 72 2.75 18.16 17.97
N GLY A 73 2.38 16.93 17.64
CA GLY A 73 1.99 16.56 16.30
C GLY A 73 0.87 17.38 15.67
N PRO A 74 -0.21 17.64 16.42
CA PRO A 74 -1.32 18.40 15.84
C PRO A 74 -0.99 19.84 15.46
N ILE A 75 0.08 20.43 15.99
CA ILE A 75 0.38 21.83 15.71
C ILE A 75 0.78 21.96 14.25
N LYS A 76 -0.09 22.60 13.45
CA LYS A 76 0.01 22.49 12.00
C LYS A 76 1.12 23.34 11.41
N ASP A 77 1.36 24.54 11.95
CA ASP A 77 2.36 25.42 11.34
C ASP A 77 3.79 24.99 11.66
N MET A 78 3.98 24.11 12.64
CA MET A 78 5.32 23.62 12.96
C MET A 78 5.74 22.50 12.02
N ILE A 79 7.04 22.24 12.00
CA ILE A 79 7.61 21.05 11.39
C ILE A 79 8.25 20.24 12.51
N HIS A 80 7.86 18.98 12.63
CA HIS A 80 8.32 18.11 13.70
C HIS A 80 9.27 17.07 13.12
N ILE A 81 10.49 17.04 13.64
CA ILE A 81 11.54 16.13 13.18
C ILE A 81 11.66 14.98 14.16
N SER A 82 11.43 13.77 13.67
CA SER A 82 11.65 12.56 14.46
C SER A 82 13.13 12.24 14.43
N HIS A 83 13.88 12.82 15.37
CA HIS A 83 15.32 12.63 15.41
C HIS A 83 15.64 11.20 15.82
N GLY A 84 16.31 10.46 14.94
CA GLY A 84 16.66 9.09 15.19
C GLY A 84 16.41 8.22 13.99
N PRO A 85 16.34 6.90 14.20
CA PRO A 85 16.08 5.99 13.08
C PRO A 85 14.72 6.18 12.44
N VAL A 86 14.43 5.41 11.40
CA VAL A 86 13.29 5.70 10.52
C VAL A 86 11.96 5.17 11.07
N GLY A 87 11.97 4.18 11.94
CA GLY A 87 10.75 3.45 12.24
C GLY A 87 9.68 4.30 12.92
N CYS A 88 10.08 5.10 13.91
CA CYS A 88 9.11 5.74 14.79
C CYS A 88 8.20 6.71 14.02
N GLY A 89 8.79 7.62 13.27
CA GLY A 89 8.00 8.57 12.51
C GLY A 89 7.11 7.89 11.49
N GLN A 90 7.60 6.81 10.88
CA GLN A 90 6.81 6.10 9.90
C GLN A 90 5.60 5.42 10.53
N TYR A 91 5.78 4.80 11.69
CA TYR A 91 4.66 4.17 12.35
C TYR A 91 3.68 5.19 12.92
N SER A 92 4.17 6.37 13.26
CA SER A 92 3.34 7.42 13.82
C SER A 92 2.78 8.37 12.78
N ARG A 93 3.03 8.15 11.50
CA ARG A 93 2.63 9.09 10.46
C ARG A 93 1.14 8.92 10.15
N ALA A 94 0.36 9.98 10.38
CA ALA A 94 -1.04 10.06 10.00
C ALA A 94 -1.87 8.94 10.62
N GLY A 95 -1.40 8.33 11.69
CA GLY A 95 -2.17 7.33 12.40
C GLY A 95 -3.16 7.87 13.39
N ARG A 96 -3.09 9.16 13.68
CA ARG A 96 -4.00 9.83 14.60
C ARG A 96 -4.76 10.91 13.83
N ARG A 97 -6.07 10.91 13.96
CA ARG A 97 -6.92 11.80 13.16
C ARG A 97 -7.08 13.16 13.82
N ASN A 98 -5.95 13.82 14.06
CA ASN A 98 -5.96 15.18 14.59
C ASN A 98 -6.19 16.13 13.41
N TYR A 99 -7.46 16.46 13.19
CA TYR A 99 -7.86 17.20 11.99
C TYR A 99 -7.34 18.63 12.03
N TYR A 100 -7.05 19.16 10.84
CA TYR A 100 -6.49 20.49 10.69
C TYR A 100 -6.90 21.06 9.34
N ILE A 101 -6.85 22.38 9.25
CA ILE A 101 -7.16 23.09 8.01
C ILE A 101 -5.88 23.79 7.56
N GLY A 102 -5.42 23.46 6.36
CA GLY A 102 -4.23 24.10 5.82
C GLY A 102 -3.82 23.43 4.53
N THR A 103 -2.86 24.07 3.87
CA THR A 103 -2.30 23.56 2.62
C THR A 103 -1.09 22.70 2.96
N THR A 104 -1.27 21.39 2.94
CA THR A 104 -0.22 20.49 3.37
C THR A 104 0.96 20.56 2.42
N GLY A 105 2.17 20.60 3.00
CA GLY A 105 3.38 20.79 2.25
C GLY A 105 3.81 22.22 2.07
N VAL A 106 2.96 23.19 2.45
CA VAL A 106 3.27 24.60 2.26
C VAL A 106 3.24 25.31 3.61
N ASN A 107 2.08 25.28 4.28
CA ASN A 107 1.93 25.91 5.58
C ASN A 107 1.45 24.97 6.67
N ALA A 108 1.06 23.74 6.33
CA ALA A 108 0.66 22.73 7.31
C ALA A 108 1.46 21.46 7.06
N PHE A 109 1.90 20.82 8.15
CA PHE A 109 2.80 19.68 8.03
C PHE A 109 2.43 18.56 8.99
N VAL A 110 1.15 18.43 9.33
CA VAL A 110 0.74 17.44 10.33
C VAL A 110 0.91 16.03 9.79
N THR A 111 0.46 15.78 8.58
CA THR A 111 0.44 14.44 8.02
C THR A 111 1.76 14.04 7.36
N MET A 112 2.76 14.91 7.39
CA MET A 112 4.04 14.62 6.74
C MET A 112 5.05 14.15 7.77
N ASN A 113 5.98 13.31 7.32
CA ASN A 113 6.96 12.64 8.18
C ASN A 113 8.34 13.20 7.90
N PHE A 114 8.84 14.04 8.81
CA PHE A 114 10.21 14.52 8.78
C PHE A 114 11.04 13.66 9.72
N THR A 115 12.19 13.19 9.25
CA THR A 115 13.06 12.37 10.07
C THR A 115 14.50 12.59 9.64
N SER A 116 15.42 12.30 10.56
CA SER A 116 16.84 12.36 10.28
C SER A 116 17.39 11.08 9.67
N ASP A 117 16.61 10.00 9.67
CA ASP A 117 16.99 8.73 9.04
C ASP A 117 18.36 8.26 9.52
N PHE A 118 18.44 7.98 10.81
CA PHE A 118 19.72 7.66 11.43
C PHE A 118 20.30 6.37 10.89
N GLN A 119 21.59 6.40 10.60
CA GLN A 119 22.36 5.23 10.24
C GLN A 119 23.38 4.95 11.34
N GLU A 120 24.22 3.95 11.11
CA GLU A 120 25.17 3.53 12.14
C GLU A 120 26.27 4.56 12.33
N LYS A 121 26.67 5.25 11.27
CA LYS A 121 27.68 6.30 11.41
C LYS A 121 27.15 7.46 12.25
N ASP A 122 25.85 7.70 12.23
CA ASP A 122 25.25 8.72 13.09
C ASP A 122 25.15 8.28 14.55
N ILE A 123 25.19 6.98 14.81
CA ILE A 123 25.20 6.50 16.18
C ILE A 123 26.63 6.52 16.73
N VAL A 124 27.58 6.02 15.95
CA VAL A 124 28.95 5.90 16.44
C VAL A 124 29.61 7.28 16.55
N PHE A 125 29.33 8.18 15.60
CA PHE A 125 29.99 9.47 15.57
C PHE A 125 29.12 10.64 16.00
N GLY A 126 27.81 10.46 16.09
CA GLY A 126 26.93 11.50 16.56
C GLY A 126 26.07 12.07 15.44
N GLY A 127 25.14 12.93 15.83
CA GLY A 127 24.22 13.50 14.88
C GLY A 127 23.90 14.98 15.07
N ASP A 128 24.80 15.71 15.72
CA ASP A 128 24.58 17.14 15.91
C ASP A 128 24.78 17.90 14.60
N LYS A 129 25.87 17.60 13.89
CA LYS A 129 26.11 18.24 12.59
C LYS A 129 25.03 17.85 11.59
N LYS A 130 24.62 16.59 11.60
CA LYS A 130 23.52 16.16 10.75
C LYS A 130 22.23 16.90 11.11
N LEU A 131 22.00 17.14 12.40
CA LEU A 131 20.81 17.88 12.81
C LEU A 131 20.86 19.33 12.33
N ALA A 132 22.02 19.97 12.40
CA ALA A 132 22.14 21.34 11.89
C ALA A 132 21.90 21.39 10.39
N LYS A 133 22.49 20.45 9.64
CA LYS A 133 22.24 20.39 8.21
C LYS A 133 20.77 20.15 7.91
N LEU A 134 20.12 19.28 8.69
CA LEU A 134 18.70 19.02 8.52
C LEU A 134 17.87 20.28 8.75
N ILE A 135 18.25 21.09 9.76
CA ILE A 135 17.54 22.34 9.99
C ILE A 135 17.69 23.27 8.81
N ASP A 136 18.90 23.36 8.25
CA ASP A 136 19.11 24.21 7.07
C ASP A 136 18.26 23.73 5.90
N GLU A 137 18.21 22.41 5.67
CA GLU A 137 17.41 21.88 4.57
C GLU A 137 15.92 22.12 4.79
N VAL A 138 15.46 21.99 6.04
CA VAL A 138 14.06 22.24 6.34
C VAL A 138 13.72 23.69 6.05
N GLU A 139 14.59 24.62 6.43
CA GLU A 139 14.33 26.03 6.15
C GLU A 139 14.32 26.32 4.66
N THR A 140 15.26 25.75 3.90
CA THR A 140 15.33 26.08 2.48
C THR A 140 14.21 25.42 1.68
N LEU A 141 13.70 24.27 2.14
CA LEU A 141 12.70 23.55 1.37
C LEU A 141 11.27 23.86 1.78
N PHE A 142 11.06 24.34 2.99
CA PHE A 142 9.73 24.66 3.50
C PHE A 142 9.77 26.05 4.13
N PRO A 143 9.87 27.10 3.31
CA PRO A 143 10.09 28.45 3.86
C PRO A 143 8.93 29.00 4.67
N LEU A 144 7.72 28.46 4.52
CA LEU A 144 6.55 29.02 5.17
C LEU A 144 6.26 28.41 6.53
N ASN A 145 7.15 27.58 7.06
CA ASN A 145 6.95 27.01 8.39
C ASN A 145 7.19 28.08 9.46
N LYS A 146 6.52 27.89 10.59
CA LYS A 146 6.58 28.84 11.70
C LYS A 146 7.37 28.31 12.89
N GLY A 147 8.08 27.20 12.73
CA GLY A 147 8.86 26.66 13.82
C GLY A 147 9.16 25.20 13.61
N ILE A 148 10.13 24.73 14.38
CA ILE A 148 10.62 23.36 14.29
C ILE A 148 10.66 22.76 15.69
N SER A 149 10.26 21.49 15.80
CA SER A 149 10.33 20.77 17.06
C SER A 149 11.08 19.45 16.82
N VAL A 150 12.15 19.24 17.57
CA VAL A 150 13.00 18.06 17.41
C VAL A 150 12.62 17.06 18.49
N GLN A 151 11.89 16.01 18.12
CA GLN A 151 11.48 14.97 19.04
C GLN A 151 12.53 13.87 19.07
N SER A 152 13.08 13.61 20.26
CA SER A 152 14.14 12.61 20.40
C SER A 152 13.55 11.20 20.52
N GLU A 153 14.30 10.24 19.98
CA GLU A 153 14.00 8.83 20.11
C GLU A 153 15.06 8.16 20.98
N CYS A 154 14.93 6.85 21.16
CA CYS A 154 15.77 6.14 22.13
C CYS A 154 17.26 6.32 21.91
N PRO A 155 17.81 6.13 20.69
CA PRO A 155 19.27 6.28 20.53
C PRO A 155 19.77 7.68 20.84
N ILE A 156 18.97 8.71 20.55
CA ILE A 156 19.39 10.08 20.83
C ILE A 156 19.61 10.27 22.33
N GLY A 157 18.69 9.75 23.14
CA GLY A 157 18.87 9.82 24.58
C GLY A 157 20.02 8.96 25.07
N LEU A 158 20.23 7.80 24.44
CA LEU A 158 21.31 6.93 24.88
C LEU A 158 22.68 7.54 24.63
N ILE A 159 22.93 8.04 23.42
CA ILE A 159 24.27 8.49 23.06
C ILE A 159 24.56 9.93 23.49
N GLY A 160 23.62 10.59 24.14
CA GLY A 160 23.88 11.91 24.70
C GLY A 160 24.14 13.01 23.68
N ASP A 161 23.33 13.07 22.63
CA ASP A 161 23.42 14.19 21.70
C ASP A 161 22.92 15.46 22.37
N ASP A 162 23.57 16.58 22.05
CA ASP A 162 23.21 17.88 22.63
C ASP A 162 22.33 18.62 21.62
N ILE A 163 21.06 18.22 21.57
CA ILE A 163 20.12 18.87 20.67
C ILE A 163 19.74 20.27 21.14
N GLU A 164 19.88 20.54 22.44
CA GLU A 164 19.58 21.88 22.95
C GLU A 164 20.55 22.92 22.39
N SER A 165 21.84 22.58 22.31
CA SER A 165 22.82 23.52 21.76
C SER A 165 22.54 23.80 20.30
N VAL A 166 22.23 22.77 19.51
CA VAL A 166 21.90 22.97 18.11
C VAL A 166 20.64 23.81 17.97
N SER A 167 19.63 23.54 18.78
CA SER A 167 18.39 24.31 18.73
C SER A 167 18.66 25.77 19.03
N LYS A 168 19.42 26.05 20.09
CA LYS A 168 19.72 27.43 20.46
C LYS A 168 20.52 28.14 19.39
N VAL A 169 21.55 27.49 18.86
CA VAL A 169 22.42 28.11 17.86
C VAL A 169 21.64 28.41 16.58
N LYS A 170 20.90 27.42 16.07
CA LYS A 170 20.19 27.63 14.82
C LYS A 170 19.00 28.57 15.01
N GLY A 171 18.40 28.61 16.20
CA GLY A 171 17.35 29.59 16.45
C GLY A 171 17.89 31.01 16.47
N ALA A 172 19.06 31.20 17.07
CA ALA A 172 19.69 32.51 17.02
C ALA A 172 20.07 32.89 15.60
N GLU A 173 20.58 31.92 14.83
CA GLU A 173 21.09 32.23 13.49
C GLU A 173 19.96 32.49 12.50
N LEU A 174 18.89 31.70 12.57
CA LEU A 174 17.82 31.76 11.59
C LEU A 174 16.60 32.53 12.07
N SER A 175 16.64 33.07 13.29
CA SER A 175 15.53 33.83 13.86
C SER A 175 14.24 33.02 13.84
N LYS A 176 14.35 31.76 14.27
CA LYS A 176 13.23 30.85 14.30
C LYS A 176 13.19 30.13 15.64
N THR A 177 12.00 29.67 16.01
CA THR A 177 11.80 28.97 17.28
C THR A 177 12.01 27.47 17.05
N ILE A 178 13.10 26.94 17.60
CA ILE A 178 13.40 25.51 17.55
C ILE A 178 13.29 24.96 18.96
N VAL A 179 12.39 23.99 19.13
CA VAL A 179 12.07 23.43 20.43
C VAL A 179 12.64 22.02 20.50
N PRO A 180 13.63 21.75 21.34
CA PRO A 180 14.10 20.37 21.52
C PRO A 180 13.31 19.64 22.60
N VAL A 181 12.81 18.45 22.26
CA VAL A 181 12.01 17.65 23.17
C VAL A 181 12.70 16.31 23.36
N ARG A 182 12.95 15.95 24.62
CA ARG A 182 13.62 14.70 24.97
C ARG A 182 12.57 13.67 25.32
N CYS A 183 11.92 13.14 24.29
CA CYS A 183 10.83 12.18 24.43
C CYS A 183 11.26 10.77 24.10
N GLU A 184 12.47 10.38 24.51
CA GLU A 184 12.96 9.03 24.27
C GLU A 184 12.02 8.01 24.90
N GLY A 185 11.78 6.92 24.17
CA GLY A 185 10.75 5.98 24.56
C GLY A 185 11.05 5.27 25.88
N PHE A 186 12.32 4.97 26.13
CA PHE A 186 12.66 4.27 27.37
C PHE A 186 12.43 5.12 28.61
N ARG A 187 12.27 6.43 28.47
CA ARG A 187 11.92 7.27 29.60
C ARG A 187 10.46 7.04 29.99
N GLY A 188 10.22 6.92 31.29
CA GLY A 188 8.87 6.70 31.78
C GLY A 188 8.41 5.26 31.58
N VAL A 189 7.09 5.08 31.62
CA VAL A 189 6.50 3.76 31.53
C VAL A 189 5.41 3.75 30.47
N SER A 190 5.04 4.91 29.97
CA SER A 190 3.92 5.05 29.04
C SER A 190 3.97 6.43 28.41
N GLN A 191 2.88 6.80 27.73
CA GLN A 191 2.76 8.10 27.08
C GLN A 191 2.62 9.27 28.05
N SER A 192 2.36 8.99 29.33
CA SER A 192 2.12 10.08 30.28
C SER A 192 3.37 10.94 30.48
N LEU A 193 4.54 10.32 30.59
CA LEU A 193 5.75 11.10 30.70
C LEU A 193 6.03 11.86 29.41
N GLY A 194 5.60 11.32 28.27
CA GLY A 194 5.66 12.08 27.03
C GLY A 194 4.80 13.34 27.10
N HIS A 195 3.61 13.23 27.67
CA HIS A 195 2.78 14.42 27.89
C HIS A 195 3.51 15.43 28.77
N HIS A 196 4.10 14.96 29.86
CA HIS A 196 4.80 15.85 30.78
C HIS A 196 5.96 16.56 30.09
N ILE A 197 6.75 15.81 29.33
CA ILE A 197 7.91 16.39 28.65
C ILE A 197 7.46 17.39 27.59
N ALA A 198 6.40 17.07 26.85
CA ALA A 198 5.91 18.00 25.83
C ALA A 198 5.39 19.29 26.46
N ASN A 199 4.67 19.18 27.57
CA ASN A 199 4.19 20.38 28.25
C ASN A 199 5.33 21.22 28.78
N ASP A 200 6.35 20.58 29.34
CA ASP A 200 7.51 21.33 29.81
C ASP A 200 8.22 22.02 28.64
N ALA A 201 8.31 21.35 27.50
CA ALA A 201 8.92 21.97 26.33
C ALA A 201 8.13 23.20 25.87
N VAL A 202 6.80 23.08 25.82
CA VAL A 202 5.97 24.23 25.46
C VAL A 202 6.19 25.37 26.44
N ARG A 203 6.24 25.05 27.74
CA ARG A 203 6.43 26.07 28.76
C ARG A 203 7.77 26.77 28.61
N ASP A 204 8.83 26.00 28.32
CA ASP A 204 10.17 26.56 28.32
C ASP A 204 10.49 27.32 27.03
N TRP A 205 9.97 26.89 25.87
CA TRP A 205 10.45 27.42 24.61
C TRP A 205 9.43 28.22 23.81
N VAL A 206 8.13 28.05 24.03
CA VAL A 206 7.11 28.65 23.19
C VAL A 206 6.21 29.62 23.97
N LEU A 207 5.81 29.25 25.18
CA LEU A 207 4.72 29.95 25.86
C LEU A 207 5.07 31.41 26.12
N GLY A 208 6.22 31.66 26.74
CA GLY A 208 6.55 33.00 27.17
C GLY A 208 7.34 33.82 26.15
N LYS A 209 6.81 33.98 24.95
CA LYS A 209 7.46 34.83 23.96
C LYS A 209 6.76 36.17 23.77
N ARG A 210 5.44 36.21 23.83
CA ARG A 210 4.72 37.48 23.90
C ARG A 210 4.42 37.87 25.34
N ASP A 211 5.45 37.87 26.18
CA ASP A 211 5.28 38.22 27.58
C ASP A 211 5.35 39.71 27.82
N GLU A 212 6.00 40.46 26.95
CA GLU A 212 6.09 41.91 27.04
C GLU A 212 5.46 42.56 25.81
N ASP A 213 4.39 41.97 25.31
CA ASP A 213 3.67 42.45 24.14
C ASP A 213 2.23 42.77 24.52
N THR A 214 1.78 43.98 24.17
CA THR A 214 0.42 44.42 24.47
C THR A 214 -0.37 44.71 23.19
N THR A 215 0.06 44.14 22.06
CA THR A 215 -0.66 44.38 20.80
C THR A 215 -2.03 43.71 20.80
N PHE A 216 -2.14 42.55 21.44
CA PHE A 216 -3.39 41.79 21.40
C PHE A 216 -4.47 42.48 22.21
N ALA A 217 -5.66 42.60 21.63
CA ALA A 217 -6.81 43.15 22.32
C ALA A 217 -7.51 42.03 23.08
N SER A 218 -7.69 42.21 24.39
CA SER A 218 -8.19 41.16 25.26
C SER A 218 -9.62 41.51 25.69
N THR A 219 -10.59 40.84 25.06
CA THR A 219 -11.96 40.94 25.52
C THR A 219 -12.11 40.21 26.85
N PRO A 220 -13.09 40.58 27.68
CA PRO A 220 -13.23 39.91 28.98
C PRO A 220 -13.93 38.56 28.86
N TYR A 221 -14.01 38.01 27.65
CA TYR A 221 -14.62 36.72 27.39
C TYR A 221 -13.67 35.83 26.61
N ASP A 222 -12.40 35.82 27.03
CA ASP A 222 -11.35 35.10 26.33
C ASP A 222 -11.11 33.76 27.01
N VAL A 223 -11.26 32.68 26.24
CA VAL A 223 -11.07 31.33 26.73
C VAL A 223 -10.13 30.59 25.80
N ALA A 224 -9.55 29.51 26.32
CA ALA A 224 -8.70 28.65 25.50
C ALA A 224 -9.00 27.20 25.82
N ILE A 225 -9.25 26.39 24.79
CA ILE A 225 -9.40 24.96 24.99
C ILE A 225 -8.01 24.33 25.08
N ILE A 226 -7.75 23.65 26.19
CA ILE A 226 -6.47 22.99 26.44
C ILE A 226 -6.75 21.49 26.54
N GLY A 227 -6.06 20.71 25.71
CA GLY A 227 -6.22 19.27 25.73
C GLY A 227 -7.24 18.70 24.77
N ASP A 228 -7.70 19.47 23.79
CA ASP A 228 -8.58 18.95 22.74
C ASP A 228 -7.79 18.88 21.45
N TYR A 229 -7.72 17.69 20.86
CA TYR A 229 -6.84 17.43 19.74
C TYR A 229 -7.59 17.14 18.44
N ASN A 230 -8.86 17.55 18.38
CA ASN A 230 -9.61 17.60 17.13
C ASN A 230 -9.65 16.23 16.44
N ILE A 231 -9.97 15.19 17.22
CA ILE A 231 -10.01 13.83 16.70
C ILE A 231 -11.32 13.69 15.92
N GLY A 232 -11.22 13.79 14.59
CA GLY A 232 -12.40 13.78 13.77
C GLY A 232 -13.19 15.07 13.77
N GLY A 233 -12.63 16.14 14.29
CA GLY A 233 -13.33 17.41 14.39
C GLY A 233 -13.98 17.70 15.72
N ASP A 234 -13.56 17.05 16.80
CA ASP A 234 -14.17 17.28 18.10
C ASP A 234 -13.98 18.71 18.57
N ALA A 235 -12.78 19.26 18.39
CA ALA A 235 -12.49 20.60 18.89
C ALA A 235 -13.36 21.63 18.18
N TRP A 236 -13.59 21.47 16.88
CA TRP A 236 -14.46 22.39 16.16
C TRP A 236 -15.90 22.31 16.66
N SER A 237 -16.38 21.08 16.93
CA SER A 237 -17.73 20.92 17.46
C SER A 237 -17.88 21.53 18.84
N SER A 238 -16.83 21.50 19.65
CA SER A 238 -16.89 22.17 20.95
C SER A 238 -16.79 23.69 20.80
N ARG A 239 -15.95 24.15 19.87
CA ARG A 239 -15.74 25.57 19.66
C ARG A 239 -16.99 26.25 19.14
N ILE A 240 -17.78 25.56 18.31
CA ILE A 240 -19.01 26.19 17.83
C ILE A 240 -19.95 26.48 18.99
N LEU A 241 -20.05 25.55 19.94
CA LEU A 241 -20.85 25.78 21.14
C LEU A 241 -20.27 26.90 21.98
N LEU A 242 -18.94 26.93 22.12
CA LEU A 242 -18.31 27.94 22.95
C LEU A 242 -18.56 29.35 22.40
N GLU A 243 -18.39 29.53 21.09
CA GLU A 243 -18.65 30.82 20.48
C GLU A 243 -20.12 31.17 20.48
N GLU A 244 -21.01 30.19 20.29
CA GLU A 244 -22.43 30.49 20.34
C GLU A 244 -22.84 31.03 21.71
N MET A 245 -22.11 30.65 22.76
CA MET A 245 -22.35 31.19 24.10
C MET A 245 -21.88 32.63 24.25
N GLY A 246 -21.16 33.16 23.26
CA GLY A 246 -20.64 34.51 23.33
C GLY A 246 -19.20 34.62 23.74
N LEU A 247 -18.50 33.51 23.90
CA LEU A 247 -17.11 33.52 24.34
C LEU A 247 -16.17 33.55 23.14
N ARG A 248 -15.11 34.32 23.26
CA ARG A 248 -14.06 34.38 22.25
C ARG A 248 -12.96 33.41 22.65
N CYS A 249 -12.69 32.42 21.79
CA CYS A 249 -11.65 31.45 22.04
C CYS A 249 -10.42 31.83 21.23
N VAL A 250 -9.29 32.01 21.92
CA VAL A 250 -8.07 32.46 21.26
C VAL A 250 -7.22 31.27 20.83
N ALA A 251 -7.19 30.21 21.63
CA ALA A 251 -6.28 29.09 21.41
C ALA A 251 -7.00 27.76 21.48
N GLN A 252 -6.53 26.81 20.68
CA GLN A 252 -6.92 25.41 20.76
C GLN A 252 -5.66 24.58 20.93
N TRP A 253 -5.59 23.83 22.02
CA TRP A 253 -4.42 23.02 22.35
C TRP A 253 -4.78 21.55 22.23
N SER A 254 -4.27 20.89 21.20
CA SER A 254 -3.45 21.51 20.17
C SER A 254 -3.96 21.14 18.78
N GLY A 255 -5.07 20.41 18.76
CA GLY A 255 -5.70 20.05 17.50
C GLY A 255 -6.13 21.26 16.71
N ASP A 256 -5.70 21.32 15.45
CA ASP A 256 -5.93 22.49 14.59
C ASP A 256 -5.42 23.76 15.27
N GLY A 257 -4.27 23.64 15.93
CA GLY A 257 -3.69 24.74 16.68
C GLY A 257 -2.43 25.24 15.99
N SER A 258 -2.27 26.56 15.98
CA SER A 258 -1.08 27.19 15.44
C SER A 258 -0.12 27.54 16.56
N ILE A 259 1.06 28.02 16.16
CA ILE A 259 2.02 28.53 17.15
C ILE A 259 1.47 29.80 17.79
N SER A 260 0.81 30.65 17.00
CA SER A 260 0.36 31.95 17.49
C SER A 260 -0.70 31.78 18.58
N GLU A 261 -1.57 30.78 18.43
CA GLU A 261 -2.57 30.54 19.47
C GLU A 261 -1.90 30.17 20.79
N ILE A 262 -0.86 29.34 20.72
CA ILE A 262 -0.12 28.96 21.92
C ILE A 262 0.51 30.18 22.57
N GLU A 263 1.13 31.05 21.76
CA GLU A 263 1.75 32.23 22.36
C GLU A 263 0.74 33.28 22.83
N LEU A 264 -0.47 33.27 22.30
CA LEU A 264 -1.51 34.19 22.75
C LEU A 264 -2.32 33.64 23.92
N THR A 265 -2.18 32.36 24.24
CA THR A 265 -2.90 31.78 25.37
C THR A 265 -2.71 32.54 26.69
N PRO A 266 -1.50 32.99 27.08
CA PRO A 266 -1.37 33.66 28.38
C PRO A 266 -2.16 34.94 28.54
N LYS A 267 -2.89 35.35 27.50
CA LYS A 267 -3.72 36.54 27.55
C LYS A 267 -5.21 36.23 27.77
N VAL A 268 -5.58 34.97 27.94
CA VAL A 268 -6.98 34.59 28.03
C VAL A 268 -7.47 34.70 29.47
N LYS A 269 -8.79 34.68 29.65
CA LYS A 269 -9.39 34.78 30.96
C LYS A 269 -9.75 33.44 31.57
N LEU A 270 -10.02 32.41 30.75
CA LEU A 270 -10.33 31.09 31.27
C LEU A 270 -9.66 30.01 30.43
N ASN A 271 -9.17 28.97 31.10
CA ASN A 271 -8.59 27.81 30.44
C ASN A 271 -9.55 26.63 30.61
N LEU A 272 -10.25 26.29 29.54
CA LEU A 272 -11.15 25.14 29.55
C LEU A 272 -10.35 23.91 29.16
N VAL A 273 -10.08 23.05 30.13
CA VAL A 273 -9.24 21.88 29.96
C VAL A 273 -10.14 20.68 29.73
N HIS A 274 -10.01 20.04 28.58
CA HIS A 274 -10.75 18.81 28.31
C HIS A 274 -9.98 17.59 28.82
N CYS A 275 -8.77 17.38 28.29
CA CYS A 275 -7.92 16.27 28.73
C CYS A 275 -7.04 16.78 29.85
N TYR A 276 -7.49 16.55 31.09
CA TYR A 276 -6.70 16.92 32.25
C TYR A 276 -5.38 16.16 32.26
N ARG A 277 -5.41 14.89 31.83
CA ARG A 277 -4.24 14.02 31.93
C ARG A 277 -3.06 14.56 31.15
N SER A 278 -3.30 15.13 29.97
CA SER A 278 -2.22 15.52 29.08
C SER A 278 -1.82 16.99 29.21
N MET A 279 -2.64 17.83 29.83
CA MET A 279 -2.37 19.27 29.86
C MET A 279 -2.51 19.90 31.24
N ASN A 280 -2.68 19.08 32.29
CA ASN A 280 -2.83 19.65 33.61
C ASN A 280 -1.58 20.38 34.07
N TYR A 281 -0.40 19.93 33.63
CA TYR A 281 0.84 20.57 34.03
C TYR A 281 0.93 21.99 33.49
N ILE A 282 0.66 22.17 32.20
CA ILE A 282 0.71 23.50 31.62
C ILE A 282 -0.42 24.37 32.17
N SER A 283 -1.57 23.77 32.49
CA SER A 283 -2.65 24.54 33.10
C SER A 283 -2.22 25.08 34.46
N ARG A 284 -1.60 24.24 35.29
CA ARG A 284 -1.11 24.70 36.59
C ARG A 284 -0.03 25.76 36.44
N HIS A 285 0.88 25.58 35.48
CA HIS A 285 1.92 26.58 35.28
C HIS A 285 1.34 27.92 34.86
N MET A 286 0.33 27.90 33.98
CA MET A 286 -0.31 29.14 33.58
C MET A 286 -1.02 29.79 34.76
N GLU A 287 -1.67 29.00 35.61
CA GLU A 287 -2.31 29.56 36.79
C GLU A 287 -1.30 30.19 37.74
N GLU A 288 -0.13 29.57 37.88
CA GLU A 288 0.86 30.10 38.80
C GLU A 288 1.55 31.35 38.24
N LYS A 289 1.87 31.35 36.95
CA LYS A 289 2.66 32.43 36.38
C LYS A 289 1.80 33.61 35.95
N TYR A 290 0.65 33.35 35.35
CA TYR A 290 -0.20 34.41 34.81
C TYR A 290 -1.50 34.61 35.57
N GLY A 291 -1.87 33.69 36.46
CA GLY A 291 -3.09 33.83 37.22
C GLY A 291 -4.36 33.46 36.48
N ILE A 292 -4.25 32.81 35.33
CA ILE A 292 -5.43 32.41 34.56
C ILE A 292 -6.05 31.18 35.20
N PRO A 293 -7.31 31.23 35.62
CA PRO A 293 -7.94 30.03 36.17
C PRO A 293 -8.23 29.00 35.08
N TRP A 294 -8.22 27.74 35.49
CA TRP A 294 -8.51 26.63 34.60
C TRP A 294 -9.59 25.75 35.20
N MET A 295 -10.52 25.30 34.36
CA MET A 295 -11.60 24.42 34.80
C MET A 295 -11.77 23.28 33.80
N GLU A 296 -12.18 22.14 34.32
CA GLU A 296 -12.41 20.95 33.50
C GLU A 296 -13.84 20.93 32.98
N TYR A 297 -14.00 20.39 31.78
CA TYR A 297 -15.31 20.30 31.17
C TYR A 297 -15.39 19.03 30.34
N ASN A 298 -16.62 18.55 30.17
CA ASN A 298 -16.90 17.31 29.45
C ASN A 298 -17.99 17.57 28.43
N PHE A 299 -17.72 17.26 27.16
CA PHE A 299 -18.66 17.47 26.07
C PHE A 299 -19.04 16.14 25.43
N PHE A 300 -19.23 15.12 26.25
CA PHE A 300 -19.64 13.80 25.79
C PHE A 300 -21.09 13.56 26.23
N GLY A 301 -22.01 13.62 25.28
CA GLY A 301 -23.41 13.43 25.56
C GLY A 301 -24.10 14.73 25.90
N PRO A 302 -25.43 14.73 25.82
CA PRO A 302 -26.15 16.00 26.08
C PRO A 302 -26.13 16.42 27.54
N THR A 303 -26.29 15.50 28.48
CA THR A 303 -26.31 15.88 29.89
C THR A 303 -25.00 16.52 30.32
N LYS A 304 -23.88 15.85 29.99
CA LYS A 304 -22.58 16.38 30.36
C LYS A 304 -22.30 17.71 29.66
N THR A 305 -22.71 17.83 28.40
CA THR A 305 -22.48 19.07 27.67
C THR A 305 -23.28 20.22 28.29
N ILE A 306 -24.54 19.97 28.66
CA ILE A 306 -25.36 21.01 29.29
C ILE A 306 -24.76 21.42 30.63
N GLU A 307 -24.36 20.44 31.44
CA GLU A 307 -23.75 20.75 32.72
C GLU A 307 -22.46 21.56 32.55
N SER A 308 -21.62 21.16 31.60
CA SER A 308 -20.38 21.88 31.35
C SER A 308 -20.64 23.30 30.85
N LEU A 309 -21.62 23.46 29.96
CA LEU A 309 -21.94 24.79 29.46
C LEU A 309 -22.42 25.69 30.58
N ARG A 310 -23.27 25.17 31.46
CA ARG A 310 -23.71 25.98 32.60
C ARG A 310 -22.54 26.31 33.53
N ALA A 311 -21.63 25.35 33.73
CA ALA A 311 -20.48 25.60 34.58
C ALA A 311 -19.58 26.71 34.01
N ILE A 312 -19.32 26.67 32.71
CA ILE A 312 -18.51 27.73 32.09
C ILE A 312 -19.24 29.06 32.15
N ALA A 313 -20.55 29.07 31.87
CA ALA A 313 -21.29 30.33 31.90
C ALA A 313 -21.33 30.93 33.29
N ALA A 314 -21.28 30.09 34.34
CA ALA A 314 -21.33 30.61 35.70
C ALA A 314 -20.12 31.46 36.06
N LYS A 315 -19.02 31.36 35.32
CA LYS A 315 -17.82 32.13 35.60
C LYS A 315 -17.78 33.47 34.86
N PHE A 316 -18.83 33.80 34.12
CA PHE A 316 -18.92 35.09 33.44
C PHE A 316 -20.19 35.82 33.92
N ASP A 317 -20.48 36.95 33.29
CA ASP A 317 -21.60 37.78 33.72
C ASP A 317 -22.91 37.20 33.22
N GLU A 318 -24.00 37.97 33.37
CA GLU A 318 -25.33 37.44 33.11
C GLU A 318 -25.61 37.28 31.62
N SER A 319 -24.96 38.09 30.77
CA SER A 319 -25.19 37.98 29.33
C SER A 319 -24.76 36.61 28.81
N ILE A 320 -23.62 36.12 29.28
CA ILE A 320 -23.15 34.80 28.85
C ILE A 320 -24.05 33.71 29.40
N GLN A 321 -24.57 33.87 30.62
CA GLN A 321 -25.50 32.88 31.14
C GLN A 321 -26.79 32.83 30.31
N LYS A 322 -27.30 34.00 29.90
CA LYS A 322 -28.48 34.03 29.05
C LYS A 322 -28.20 33.41 27.68
N LYS A 323 -27.04 33.71 27.09
CA LYS A 323 -26.69 33.09 25.81
C LYS A 323 -26.54 31.58 25.95
N CYS A 324 -26.00 31.12 27.08
CA CYS A 324 -25.89 29.70 27.34
C CYS A 324 -27.26 29.04 27.41
N GLU A 325 -28.20 29.68 28.12
CA GLU A 325 -29.56 29.15 28.19
C GLU A 325 -30.19 29.10 26.80
N GLU A 326 -29.95 30.12 25.99
CA GLU A 326 -30.45 30.11 24.62
C GLU A 326 -29.86 28.96 23.82
N VAL A 327 -28.56 28.68 24.02
CA VAL A 327 -27.91 27.60 23.28
C VAL A 327 -28.51 26.25 23.65
N ILE A 328 -28.72 26.01 24.96
CA ILE A 328 -29.35 24.75 25.36
C ILE A 328 -30.77 24.66 24.81
N ALA A 329 -31.53 25.75 24.88
CA ALA A 329 -32.89 25.72 24.34
C ALA A 329 -32.89 25.40 22.86
N LYS A 330 -31.94 25.96 22.12
CA LYS A 330 -31.87 25.73 20.68
C LYS A 330 -31.52 24.28 20.36
N TYR A 331 -30.55 23.71 21.08
CA TYR A 331 -30.09 22.37 20.76
C TYR A 331 -30.89 21.27 21.43
N LYS A 332 -31.86 21.62 22.27
CA LYS A 332 -32.66 20.59 22.96
C LYS A 332 -33.37 19.65 21.99
N PRO A 333 -34.19 20.11 21.04
CA PRO A 333 -34.97 19.17 20.22
C PRO A 333 -34.12 18.21 19.41
N GLU A 334 -32.95 18.63 18.94
CA GLU A 334 -32.11 17.75 18.13
C GLU A 334 -31.68 16.52 18.93
N TRP A 335 -31.12 16.73 20.12
CA TRP A 335 -30.66 15.59 20.89
C TRP A 335 -31.83 14.81 21.49
N GLU A 336 -32.96 15.47 21.76
CA GLU A 336 -34.14 14.72 22.16
C GLU A 336 -34.60 13.77 21.06
N ALA A 337 -34.57 14.23 19.81
CA ALA A 337 -34.92 13.36 18.69
C ALA A 337 -33.90 12.23 18.55
N VAL A 338 -32.62 12.53 18.73
CA VAL A 338 -31.59 11.49 18.66
C VAL A 338 -31.85 10.42 19.71
N VAL A 339 -32.15 10.83 20.94
CA VAL A 339 -32.43 9.88 22.00
C VAL A 339 -33.69 9.07 21.66
N ALA A 340 -34.75 9.75 21.22
CA ALA A 340 -35.99 9.06 20.91
C ALA A 340 -35.79 8.00 19.83
N LYS A 341 -34.93 8.29 18.85
CA LYS A 341 -34.71 7.32 17.78
C LYS A 341 -33.81 6.17 18.22
N TYR A 342 -32.78 6.44 19.03
CA TYR A 342 -31.74 5.44 19.22
C TYR A 342 -31.75 4.75 20.59
N ARG A 343 -32.22 5.40 21.64
CA ARG A 343 -32.24 4.76 22.96
C ARG A 343 -33.04 3.45 22.99
N PRO A 344 -34.21 3.33 22.33
CA PRO A 344 -34.90 2.03 22.36
C PRO A 344 -34.06 0.87 21.86
N ARG A 345 -33.21 1.08 20.85
CA ARG A 345 -32.38 0.00 20.34
C ARG A 345 -31.11 -0.21 21.15
N LEU A 346 -30.78 0.71 22.05
CA LEU A 346 -29.56 0.59 22.86
C LEU A 346 -29.85 0.51 24.35
N GLU A 347 -31.10 0.32 24.75
CA GLU A 347 -31.46 0.26 26.15
C GLU A 347 -31.08 -1.10 26.74
N GLY A 348 -30.32 -1.08 27.83
CA GLY A 348 -30.00 -2.28 28.56
C GLY A 348 -28.75 -3.01 28.10
N LYS A 349 -28.15 -2.62 26.98
CA LYS A 349 -26.95 -3.27 26.51
C LYS A 349 -25.75 -2.80 27.32
N ARG A 350 -24.78 -3.69 27.50
CA ARG A 350 -23.68 -3.48 28.42
C ARG A 350 -22.37 -3.26 27.66
N VAL A 351 -21.58 -2.30 28.13
CA VAL A 351 -20.39 -1.83 27.43
C VAL A 351 -19.17 -2.00 28.33
N MET A 352 -18.10 -2.54 27.78
CA MET A 352 -16.81 -2.65 28.46
C MET A 352 -15.81 -1.74 27.74
N LEU A 353 -15.13 -0.88 28.48
CA LEU A 353 -14.23 0.11 27.92
C LEU A 353 -12.80 -0.15 28.37
N TYR A 354 -11.85 0.03 27.45
CA TYR A 354 -10.43 0.06 27.79
C TYR A 354 -9.75 1.04 26.85
N ILE A 355 -9.54 2.25 27.32
CA ILE A 355 -8.93 3.32 26.55
C ILE A 355 -7.79 3.89 27.39
N GLY A 356 -7.20 5.00 26.96
CA GLY A 356 -6.00 5.51 27.60
C GLY A 356 -6.27 6.34 28.83
N GLY A 357 -5.85 7.61 28.84
CA GLY A 357 -5.89 8.40 30.06
C GLY A 357 -7.18 9.09 30.45
N LEU A 358 -8.02 9.47 29.49
CA LEU A 358 -9.19 10.30 29.80
C LEU A 358 -10.51 9.67 29.39
N ARG A 359 -10.60 9.15 28.17
CA ARG A 359 -11.89 8.73 27.62
C ARG A 359 -12.60 7.61 28.39
N PRO A 360 -11.92 6.71 29.13
CA PRO A 360 -12.68 5.70 29.87
C PRO A 360 -13.70 6.27 30.84
N ARG A 361 -13.51 7.48 31.34
CA ARG A 361 -14.50 8.11 32.21
C ARG A 361 -15.30 9.20 31.54
N HIS A 362 -14.79 9.82 30.49
CA HIS A 362 -15.48 10.94 29.87
C HIS A 362 -16.67 10.50 29.02
N VAL A 363 -16.55 9.34 28.35
CA VAL A 363 -17.60 8.90 27.45
C VAL A 363 -18.71 8.13 28.16
N ILE A 364 -18.60 7.92 29.48
CA ILE A 364 -19.60 7.14 30.19
C ILE A 364 -20.97 7.81 30.12
N GLY A 365 -21.01 9.12 30.39
CA GLY A 365 -22.28 9.82 30.41
C GLY A 365 -23.01 9.75 29.08
N ALA A 366 -22.26 9.74 27.97
CA ALA A 366 -22.87 9.54 26.68
C ALA A 366 -23.58 8.18 26.61
N TYR A 367 -22.96 7.15 27.17
CA TYR A 367 -23.59 5.82 27.17
C TYR A 367 -24.84 5.79 28.04
N GLU A 368 -24.79 6.36 29.25
CA GLU A 368 -26.01 6.43 30.05
C GLU A 368 -27.09 7.26 29.38
N ASP A 369 -26.73 8.27 28.58
CA ASP A 369 -27.73 9.04 27.87
C ASP A 369 -28.47 8.20 26.83
N LEU A 370 -27.89 7.09 26.38
CA LEU A 370 -28.52 6.19 25.43
C LEU A 370 -29.07 4.93 26.10
N GLY A 371 -29.20 4.93 27.42
CA GLY A 371 -29.66 3.74 28.11
C GLY A 371 -28.65 2.63 28.17
N MET A 372 -27.37 2.95 28.03
CA MET A 372 -26.29 1.98 28.04
C MET A 372 -25.69 1.92 29.44
N GLU A 373 -25.33 0.72 29.88
CA GLU A 373 -24.71 0.53 31.18
C GLU A 373 -23.28 0.03 30.98
N VAL A 374 -22.32 0.74 31.57
CA VAL A 374 -20.92 0.40 31.46
C VAL A 374 -20.58 -0.56 32.58
N VAL A 375 -20.31 -1.83 32.23
CA VAL A 375 -20.06 -2.87 33.22
C VAL A 375 -18.59 -2.96 33.61
N GLY A 376 -17.70 -2.27 32.91
CA GLY A 376 -16.30 -2.29 33.25
C GLY A 376 -15.51 -1.31 32.42
N THR A 377 -14.66 -0.52 33.08
CA THR A 377 -13.84 0.48 32.41
C THR A 377 -12.43 0.40 32.96
N GLY A 378 -11.48 0.94 32.20
CA GLY A 378 -10.10 0.90 32.61
C GLY A 378 -9.25 1.82 31.76
N TYR A 379 -8.08 2.16 32.29
CA TYR A 379 -7.16 3.09 31.67
C TYR A 379 -5.89 2.37 31.25
N GLU A 380 -5.17 3.00 30.33
CA GLU A 380 -3.87 2.49 29.89
C GLU A 380 -2.73 3.08 30.72
N PHE A 381 -2.75 4.40 30.95
CA PHE A 381 -1.65 5.06 31.63
C PHE A 381 -2.09 6.13 32.62
N ALA A 382 -3.35 6.12 33.05
CA ALA A 382 -3.82 7.17 33.93
C ALA A 382 -3.25 7.00 35.33
N HIS A 383 -3.17 8.12 36.05
CA HIS A 383 -2.64 8.12 37.41
C HIS A 383 -3.79 7.87 38.38
N ASN A 384 -3.52 8.04 39.68
CA ASN A 384 -4.54 7.76 40.68
C ASN A 384 -5.61 8.84 40.73
N ASP A 385 -5.27 10.08 40.35
CA ASP A 385 -6.27 11.14 40.37
C ASP A 385 -7.39 10.88 39.36
N ASP A 386 -7.04 10.38 38.17
CA ASP A 386 -8.05 9.99 37.21
C ASP A 386 -8.94 8.89 37.77
N TYR A 387 -8.36 8.00 38.57
CA TYR A 387 -9.16 6.94 39.17
C TYR A 387 -10.10 7.47 40.24
N ASP A 388 -9.62 8.40 41.07
CA ASP A 388 -10.52 9.10 42.00
C ASP A 388 -11.68 9.73 41.24
N ARG A 389 -11.40 10.30 40.07
CA ARG A 389 -12.47 10.90 39.27
C ARG A 389 -13.45 9.85 38.75
N THR A 390 -12.95 8.69 38.31
CA THR A 390 -13.81 7.73 37.64
C THR A 390 -14.58 6.81 38.57
N MET A 391 -14.12 6.62 39.83
CA MET A 391 -14.87 5.75 40.73
C MET A 391 -16.27 6.29 41.02
N LYS A 392 -16.44 7.61 40.99
CA LYS A 392 -17.75 8.19 41.25
C LYS A 392 -18.64 8.23 40.01
N GLU A 393 -18.12 7.84 38.85
CA GLU A 393 -18.92 7.77 37.63
C GLU A 393 -19.31 6.34 37.26
N MET A 394 -18.64 5.34 37.81
CA MET A 394 -18.93 3.95 37.52
C MET A 394 -19.88 3.39 38.57
N GLY A 395 -20.71 2.45 38.16
CA GLY A 395 -21.66 1.85 39.05
C GLY A 395 -21.01 0.90 40.04
N ASP A 396 -21.79 0.50 41.03
CA ASP A 396 -21.34 -0.44 42.05
C ASP A 396 -21.01 -1.79 41.44
N SER A 397 -19.99 -2.44 42.00
CA SER A 397 -19.58 -3.79 41.60
C SER A 397 -19.25 -3.85 40.11
N THR A 398 -18.38 -2.96 39.66
CA THR A 398 -17.92 -2.93 38.28
C THR A 398 -16.40 -3.05 38.25
N LEU A 399 -15.91 -3.81 37.27
CA LEU A 399 -14.48 -4.06 37.17
C LEU A 399 -13.72 -2.80 36.79
N LEU A 400 -12.54 -2.64 37.38
CA LEU A 400 -11.61 -1.57 37.03
C LEU A 400 -10.25 -2.19 36.80
N TYR A 401 -9.70 -1.99 35.60
CA TYR A 401 -8.42 -2.59 35.24
C TYR A 401 -7.46 -1.50 34.77
N ASP A 402 -6.25 -1.51 35.32
CA ASP A 402 -5.20 -0.58 34.92
C ASP A 402 -4.09 -1.35 34.22
N ASP A 403 -3.70 -0.89 33.04
CA ASP A 403 -2.68 -1.55 32.24
C ASP A 403 -2.99 -3.03 32.05
N VAL A 404 -4.21 -3.29 31.58
CA VAL A 404 -4.65 -4.68 31.42
C VAL A 404 -3.79 -5.37 30.36
N THR A 405 -3.63 -6.67 30.53
CA THR A 405 -2.93 -7.49 29.56
C THR A 405 -3.93 -8.15 28.61
N GLY A 406 -3.41 -8.67 27.50
CA GLY A 406 -4.28 -9.32 26.54
C GLY A 406 -5.02 -10.50 27.13
N TYR A 407 -4.32 -11.32 27.89
CA TYR A 407 -4.95 -12.47 28.55
C TYR A 407 -6.02 -12.02 29.52
N GLU A 408 -5.70 -11.03 30.36
CA GLU A 408 -6.64 -10.58 31.38
C GLU A 408 -7.91 -10.02 30.74
N PHE A 409 -7.74 -9.18 29.72
CA PHE A 409 -8.89 -8.58 29.05
C PHE A 409 -9.71 -9.63 28.34
N GLU A 410 -9.05 -10.60 27.70
CA GLU A 410 -9.75 -11.69 27.04
C GLU A 410 -10.62 -12.47 28.03
N GLU A 411 -10.04 -12.86 29.16
CA GLU A 411 -10.80 -13.64 30.14
C GLU A 411 -11.92 -12.81 30.77
N PHE A 412 -11.66 -11.52 31.04
CA PHE A 412 -12.69 -10.65 31.57
C PHE A 412 -13.87 -10.56 30.61
N VAL A 413 -13.59 -10.41 29.32
CA VAL A 413 -14.67 -10.31 28.35
C VAL A 413 -15.40 -11.64 28.23
N LYS A 414 -14.67 -12.75 28.29
CA LYS A 414 -15.30 -14.07 28.19
C LYS A 414 -16.27 -14.31 29.35
N ARG A 415 -15.89 -13.90 30.56
CA ARG A 415 -16.77 -14.13 31.70
C ARG A 415 -17.90 -13.11 31.77
N ILE A 416 -17.57 -11.82 31.67
CA ILE A 416 -18.58 -10.77 31.81
C ILE A 416 -19.57 -10.82 30.65
N LYS A 417 -19.08 -11.05 29.43
CA LYS A 417 -19.87 -11.09 28.22
C LYS A 417 -20.62 -9.78 28.00
N PRO A 418 -19.92 -8.69 27.70
CA PRO A 418 -20.60 -7.44 27.37
C PRO A 418 -21.16 -7.45 25.96
N ASP A 419 -22.13 -6.56 25.75
CA ASP A 419 -22.73 -6.41 24.42
C ASP A 419 -21.87 -5.59 23.48
N LEU A 420 -20.93 -4.80 24.00
CA LEU A 420 -20.11 -3.93 23.20
C LEU A 420 -18.79 -3.68 23.92
N ILE A 421 -17.72 -3.54 23.14
CA ILE A 421 -16.40 -3.22 23.66
C ILE A 421 -15.86 -2.01 22.91
N GLY A 422 -15.41 -0.99 23.64
CA GLY A 422 -14.76 0.15 23.03
C GLY A 422 -13.30 0.25 23.41
N SER A 423 -12.41 -0.01 22.46
CA SER A 423 -10.98 0.00 22.72
C SER A 423 -10.26 0.35 21.41
N GLY A 424 -8.96 0.06 21.36
CA GLY A 424 -8.13 0.44 20.24
C GLY A 424 -8.05 -0.60 19.14
N ILE A 425 -7.18 -0.32 18.17
CA ILE A 425 -7.01 -1.19 17.01
C ILE A 425 -6.27 -2.48 17.36
N LYS A 426 -5.54 -2.50 18.46
CA LYS A 426 -4.78 -3.68 18.85
C LYS A 426 -5.65 -4.76 19.49
N GLU A 427 -6.92 -4.47 19.75
CA GLU A 427 -7.85 -5.46 20.27
C GLU A 427 -9.13 -5.55 19.47
N LYS A 428 -9.29 -4.75 18.40
CA LYS A 428 -10.54 -4.72 17.66
C LYS A 428 -10.86 -6.07 17.04
N PHE A 429 -9.90 -6.62 16.29
CA PHE A 429 -10.16 -7.85 15.55
C PHE A 429 -10.20 -9.07 16.46
N ILE A 430 -9.50 -9.01 17.60
CA ILE A 430 -9.55 -10.09 18.58
C ILE A 430 -10.99 -10.31 19.04
N PHE A 431 -11.66 -9.24 19.43
CA PHE A 431 -13.04 -9.35 19.92
C PHE A 431 -14.04 -9.45 18.79
N GLN A 432 -13.72 -8.92 17.61
CA GLN A 432 -14.59 -9.13 16.46
C GLN A 432 -14.60 -10.60 16.04
N LYS A 433 -13.53 -11.33 16.31
CA LYS A 433 -13.52 -12.76 16.04
C LYS A 433 -14.26 -13.58 17.09
N MET A 434 -14.56 -12.99 18.24
CA MET A 434 -15.32 -13.66 19.29
C MET A 434 -16.81 -13.37 19.20
N GLY A 435 -17.26 -12.74 18.12
CA GLY A 435 -18.65 -12.38 17.98
C GLY A 435 -19.12 -11.33 18.96
N ILE A 436 -18.31 -10.29 19.18
CA ILE A 436 -18.66 -9.20 20.07
C ILE A 436 -18.49 -7.89 19.30
N PRO A 437 -19.51 -7.04 19.20
CA PRO A 437 -19.35 -5.76 18.51
C PRO A 437 -18.26 -4.91 19.15
N PHE A 438 -17.48 -4.25 18.30
CA PHE A 438 -16.34 -3.46 18.73
C PHE A 438 -16.41 -2.09 18.10
N ARG A 439 -16.11 -1.06 18.91
CA ARG A 439 -16.04 0.31 18.45
C ARG A 439 -14.67 0.86 18.81
N GLU A 440 -13.94 1.37 17.82
CA GLU A 440 -12.65 1.99 18.06
C GLU A 440 -12.87 3.32 18.80
N MET A 441 -12.36 3.35 20.01
CA MET A 441 -12.60 4.53 20.87
C MET A 441 -11.40 5.48 20.88
N HIS A 442 -10.40 5.25 20.04
CA HIS A 442 -9.28 6.22 19.92
C HIS A 442 -9.51 7.00 18.63
N SER A 443 -9.97 6.31 17.61
CA SER A 443 -10.17 6.91 16.28
C SER A 443 -11.64 7.05 15.88
N TRP A 444 -12.62 6.77 16.75
CA TRP A 444 -14.06 6.81 16.39
C TRP A 444 -14.29 5.93 15.16
N ASP A 445 -13.48 4.90 15.01
CA ASP A 445 -13.66 4.01 13.86
C ASP A 445 -13.74 4.81 12.56
N TYR A 446 -12.86 5.79 12.42
CA TYR A 446 -12.80 6.64 11.23
C TYR A 446 -14.14 7.33 10.99
N SER A 447 -14.76 7.77 12.07
CA SER A 447 -16.01 8.52 12.04
C SER A 447 -15.88 9.68 13.02
N GLY A 448 -16.99 10.33 13.32
CA GLY A 448 -16.99 11.44 14.24
C GLY A 448 -17.32 12.74 13.54
N PRO A 449 -17.32 13.84 14.30
CA PRO A 449 -16.96 13.99 15.72
C PRO A 449 -17.97 13.41 16.69
N TYR A 450 -17.60 13.21 17.96
CA TYR A 450 -18.54 12.80 19.00
C TYR A 450 -18.76 13.88 20.05
N HIS A 451 -17.91 14.90 20.12
CA HIS A 451 -18.10 15.98 21.08
C HIS A 451 -19.29 16.85 20.69
N GLY A 452 -19.99 17.33 21.71
CA GLY A 452 -21.06 18.28 21.50
C GLY A 452 -22.35 17.64 21.02
N PHE A 453 -23.35 18.50 20.83
CA PHE A 453 -24.65 18.04 20.37
C PHE A 453 -24.57 17.46 18.96
N ASP A 454 -23.79 18.10 18.09
CA ASP A 454 -23.64 17.60 16.73
C ASP A 454 -22.97 16.23 16.71
N GLY A 455 -22.08 15.97 17.67
CA GLY A 455 -21.37 14.71 17.72
C GLY A 455 -22.14 13.61 18.44
N PHE A 456 -23.09 14.01 19.29
CA PHE A 456 -23.90 13.01 19.98
C PHE A 456 -24.71 12.18 19.00
N ALA A 457 -25.25 12.82 17.96
CA ALA A 457 -26.02 12.10 16.96
C ALA A 457 -25.16 11.07 16.24
N ILE A 458 -23.94 11.45 15.87
CA ILE A 458 -23.03 10.52 15.21
C ILE A 458 -22.67 9.38 16.15
N PHE A 459 -22.46 9.68 17.42
CA PHE A 459 -22.13 8.65 18.40
C PHE A 459 -23.26 7.64 18.53
N ALA A 460 -24.50 8.12 18.63
CA ALA A 460 -25.65 7.23 18.72
C ALA A 460 -25.80 6.40 17.46
N ARG A 461 -25.64 7.02 16.29
CA ARG A 461 -25.76 6.30 15.03
C ARG A 461 -24.71 5.20 14.91
N ASP A 462 -23.47 5.50 15.31
CA ASP A 462 -22.39 4.51 15.20
C ASP A 462 -22.61 3.35 16.17
N MET A 463 -22.98 3.66 17.42
CA MET A 463 -23.24 2.58 18.38
C MET A 463 -24.38 1.70 17.90
N ASP A 464 -25.43 2.31 17.35
CA ASP A 464 -26.52 1.53 16.78
C ASP A 464 -26.05 0.64 15.63
N MET A 465 -25.29 1.23 14.69
CA MET A 465 -24.90 0.49 13.49
C MET A 465 -23.97 -0.66 13.83
N THR A 466 -23.21 -0.56 14.91
CA THR A 466 -22.33 -1.67 15.25
C THR A 466 -23.00 -2.70 16.15
N LEU A 467 -23.74 -2.27 17.17
CA LEU A 467 -24.34 -3.21 18.10
C LEU A 467 -25.45 -4.03 17.45
N ASN A 468 -26.19 -3.43 16.52
CA ASN A 468 -27.34 -4.08 15.90
C ASN A 468 -27.05 -4.58 14.49
N ASN A 469 -25.78 -4.66 14.11
CA ASN A 469 -25.43 -5.13 12.78
C ASN A 469 -25.79 -6.61 12.63
N PRO A 470 -26.37 -7.01 11.51
CA PRO A 470 -26.74 -8.43 11.33
C PRO A 470 -25.56 -9.38 11.30
N CYS A 471 -24.35 -8.88 11.03
CA CYS A 471 -23.20 -9.76 10.88
C CYS A 471 -22.89 -10.54 12.14
N TRP A 472 -23.37 -10.10 13.30
CA TRP A 472 -23.13 -10.81 14.55
C TRP A 472 -24.06 -11.98 14.76
N LYS A 473 -25.03 -12.20 13.87
CA LYS A 473 -25.94 -13.33 13.97
C LYS A 473 -25.57 -14.47 13.01
N LYS A 474 -24.39 -14.42 12.40
CA LYS A 474 -24.02 -15.36 11.36
C LYS A 474 -22.68 -16.05 11.60
N LEU A 475 -22.09 -15.89 12.78
CA LEU A 475 -20.75 -16.43 13.00
C LEU A 475 -20.77 -17.95 13.06
N GLN A 476 -21.80 -18.54 13.67
CA GLN A 476 -21.90 -19.98 13.79
C GLN A 476 -22.54 -20.56 12.53
N ALA A 477 -21.85 -21.51 11.91
CA ALA A 477 -22.39 -22.17 10.74
C ALA A 477 -23.60 -23.03 11.12
N PRO A 478 -24.63 -23.10 10.26
CA PRO A 478 -25.81 -23.91 10.61
C PRO A 478 -25.53 -25.38 10.77
N TRP A 479 -24.43 -25.89 10.21
CA TRP A 479 -24.07 -27.29 10.36
C TRP A 479 -23.13 -27.55 11.52
N GLU A 480 -22.78 -26.53 12.28
CA GLU A 480 -21.93 -26.72 13.45
C GLU A 480 -22.70 -26.41 14.73
N SER B 2 -26.00 22.08 13.57
CA SER B 2 -27.30 21.43 13.62
C SER B 2 -27.27 20.10 12.86
N GLN B 3 -27.92 19.09 13.44
CA GLN B 3 -27.98 17.76 12.84
C GLN B 3 -29.43 17.34 12.70
N GLN B 4 -29.76 16.76 11.54
CA GLN B 4 -31.07 16.20 11.29
C GLN B 4 -31.02 14.70 11.55
N VAL B 5 -31.90 14.22 12.44
CA VAL B 5 -31.88 12.82 12.84
C VAL B 5 -32.17 11.90 11.67
N ASP B 6 -32.79 12.41 10.60
CA ASP B 6 -33.05 11.57 9.43
C ASP B 6 -31.78 11.29 8.65
N LYS B 7 -30.95 12.31 8.44
CA LYS B 7 -29.71 12.21 7.68
C LYS B 7 -28.60 12.82 8.52
N ILE B 8 -27.96 12.00 9.35
CA ILE B 8 -26.85 12.45 10.17
C ILE B 8 -25.59 12.54 9.33
N LYS B 9 -24.82 13.60 9.52
CA LYS B 9 -23.60 13.86 8.75
C LYS B 9 -22.39 13.70 9.65
N ALA B 10 -21.41 12.93 9.17
CA ALA B 10 -20.11 12.81 9.85
C ALA B 10 -19.27 14.03 9.52
N SER B 11 -17.98 13.99 9.86
CA SER B 11 -17.11 15.16 9.71
C SER B 11 -17.21 15.77 8.32
N TYR B 12 -17.10 14.94 7.30
CA TYR B 12 -17.50 15.31 5.96
C TYR B 12 -18.90 14.79 5.70
N PRO B 13 -19.86 15.64 5.35
CA PRO B 13 -19.75 17.08 5.13
C PRO B 13 -20.33 17.95 6.24
N LEU B 14 -20.24 17.55 7.51
CA LEU B 14 -20.80 18.39 8.58
C LEU B 14 -19.98 19.65 8.77
N PHE B 15 -18.70 19.63 8.42
CA PHE B 15 -17.91 20.84 8.55
C PHE B 15 -17.96 21.71 7.31
N LEU B 16 -18.81 21.38 6.35
CA LEU B 16 -19.02 22.20 5.16
C LEU B 16 -20.21 23.14 5.30
N ASP B 17 -21.01 23.03 6.35
CA ASP B 17 -22.13 23.95 6.51
C ASP B 17 -21.65 25.36 6.81
N GLN B 18 -22.56 26.31 6.66
CA GLN B 18 -22.19 27.72 6.69
C GLN B 18 -21.63 28.13 8.04
N ASP B 19 -22.31 27.75 9.12
CA ASP B 19 -21.90 28.20 10.46
C ASP B 19 -20.49 27.70 10.82
N TYR B 20 -20.19 26.45 10.48
CA TYR B 20 -18.83 25.95 10.70
C TYR B 20 -17.82 26.71 9.85
N LYS B 21 -18.20 27.06 8.62
CA LYS B 21 -17.31 27.83 7.77
C LYS B 21 -17.01 29.20 8.37
N ASP B 22 -18.03 29.88 8.88
CA ASP B 22 -17.80 31.18 9.51
C ASP B 22 -16.95 31.04 10.77
N MET B 23 -17.17 30.00 11.56
CA MET B 23 -16.35 29.79 12.75
C MET B 23 -14.90 29.59 12.37
N LEU B 24 -14.65 28.74 11.36
CA LEU B 24 -13.28 28.50 10.92
C LEU B 24 -12.64 29.76 10.37
N ALA B 25 -13.40 30.54 9.59
CA ALA B 25 -12.87 31.78 9.04
C ALA B 25 -12.53 32.77 10.15
N LYS B 26 -13.39 32.89 11.16
CA LYS B 26 -13.11 33.79 12.27
C LYS B 26 -11.85 33.37 13.02
N LYS B 27 -11.72 32.08 13.30
CA LYS B 27 -10.52 31.60 13.99
C LYS B 27 -9.26 31.85 13.16
N ARG B 28 -9.34 31.59 11.85
CA ARG B 28 -8.20 31.80 10.97
C ARG B 28 -7.80 33.27 10.92
N ASP B 29 -8.77 34.16 10.73
CA ASP B 29 -8.46 35.57 10.59
C ASP B 29 -8.10 36.22 11.92
N GLY B 30 -8.46 35.61 13.04
CA GLY B 30 -8.19 36.24 14.32
C GLY B 30 -6.94 35.77 15.03
N PHE B 31 -6.65 34.47 14.99
CA PHE B 31 -5.67 33.93 15.93
C PHE B 31 -4.52 33.15 15.31
N GLU B 32 -4.63 32.68 14.07
CA GLU B 32 -3.54 31.93 13.48
C GLU B 32 -2.38 32.80 13.03
N GLU B 33 -2.64 34.05 12.65
CA GLU B 33 -1.66 34.86 11.91
C GLU B 33 -1.16 34.09 10.70
N LYS B 34 -2.12 33.51 9.97
CA LYS B 34 -1.82 32.68 8.83
C LYS B 34 -1.32 33.51 7.66
N TYR B 35 -0.45 32.91 6.85
CA TYR B 35 0.13 33.61 5.71
C TYR B 35 -0.96 33.97 4.70
N PRO B 36 -0.79 35.08 3.97
CA PRO B 36 -1.77 35.42 2.93
C PRO B 36 -1.86 34.33 1.88
N GLN B 37 -3.05 34.19 1.31
CA GLN B 37 -3.30 33.07 0.41
C GLN B 37 -2.37 33.11 -0.80
N ASP B 38 -2.14 34.30 -1.36
CA ASP B 38 -1.29 34.42 -2.55
C ASP B 38 0.11 33.90 -2.27
N LYS B 39 0.63 34.17 -1.07
CA LYS B 39 1.91 33.61 -0.67
C LYS B 39 1.88 32.09 -0.71
N ILE B 40 0.79 31.49 -0.22
CA ILE B 40 0.67 30.04 -0.22
C ILE B 40 0.61 29.50 -1.64
N ASP B 41 -0.17 30.14 -2.52
CA ASP B 41 -0.25 29.66 -3.90
C ASP B 41 1.10 29.76 -4.60
N GLU B 42 1.84 30.86 -4.41
CA GLU B 42 3.12 30.96 -5.08
C GLU B 42 4.16 30.04 -4.48
N VAL B 43 4.09 29.75 -3.18
CA VAL B 43 5.00 28.78 -2.59
C VAL B 43 4.70 27.38 -3.10
N PHE B 44 3.41 27.03 -3.23
CA PHE B 44 3.06 25.73 -3.80
C PHE B 44 3.55 25.62 -5.24
N GLN B 45 3.33 26.67 -6.03
CA GLN B 45 3.81 26.68 -7.40
CA GLN B 45 3.81 26.68 -7.40
C GLN B 45 5.32 26.50 -7.45
N TRP B 46 6.04 27.18 -6.57
CA TRP B 46 7.49 27.02 -6.50
C TRP B 46 7.86 25.58 -6.16
N THR B 47 7.12 24.96 -5.24
CA THR B 47 7.39 23.56 -4.91
C THR B 47 7.17 22.65 -6.11
N THR B 48 6.31 23.03 -7.04
CA THR B 48 6.09 22.19 -8.20
C THR B 48 7.13 22.39 -9.31
N THR B 49 8.06 23.35 -9.18
CA THR B 49 8.98 23.63 -10.27
C THR B 49 10.19 22.70 -10.23
N LYS B 50 11.14 22.97 -11.14
CA LYS B 50 12.36 22.19 -11.26
C LYS B 50 13.52 22.77 -10.48
N GLU B 51 13.51 24.08 -10.19
CA GLU B 51 14.46 24.63 -9.24
C GLU B 51 14.26 24.02 -7.86
N TYR B 52 12.99 23.86 -7.45
CA TYR B 52 12.71 23.15 -6.21
C TYR B 52 13.15 21.70 -6.28
N GLN B 53 13.04 21.07 -7.47
CA GLN B 53 13.53 19.72 -7.62
C GLN B 53 15.05 19.64 -7.42
N GLU B 54 15.77 20.61 -8.00
CA GLU B 54 17.21 20.64 -7.82
C GLU B 54 17.59 20.85 -6.36
N LEU B 55 16.89 21.74 -5.66
CA LEU B 55 17.13 21.91 -4.24
C LEU B 55 16.80 20.65 -3.46
N ASN B 56 15.70 19.99 -3.82
CA ASN B 56 15.24 18.79 -3.12
C ASN B 56 16.23 17.65 -3.26
N PHE B 57 16.77 17.46 -4.45
CA PHE B 57 17.68 16.35 -4.71
C PHE B 57 19.08 16.60 -4.17
N GLN B 58 19.35 17.80 -3.65
CA GLN B 58 20.59 18.09 -2.96
C GLN B 58 20.52 17.77 -1.47
N ARG B 59 19.41 17.21 -1.00
CA ARG B 59 19.26 16.89 0.41
C ARG B 59 20.30 15.86 0.84
N GLU B 60 20.84 16.05 2.04
CA GLU B 60 21.87 15.15 2.55
C GLU B 60 21.53 14.65 3.94
N ALA B 61 20.81 15.45 4.73
CA ALA B 61 20.53 15.11 6.12
C ALA B 61 19.05 15.01 6.45
N LEU B 62 18.16 15.54 5.61
CA LEU B 62 16.73 15.54 5.89
C LEU B 62 16.03 14.50 5.03
N THR B 63 15.21 13.67 5.67
CA THR B 63 14.40 12.66 4.99
C THR B 63 12.93 12.98 5.22
N VAL B 64 12.18 13.17 4.14
CA VAL B 64 10.78 13.58 4.22
C VAL B 64 9.94 12.47 3.62
N ASN B 65 9.01 11.95 4.42
CA ASN B 65 8.09 10.89 4.01
C ASN B 65 8.85 9.70 3.44
N PRO B 66 9.56 8.93 4.27
CA PRO B 66 10.32 7.79 3.77
C PRO B 66 9.41 6.67 3.28
N ALA B 67 10.03 5.67 2.67
CA ALA B 67 9.30 4.51 2.15
C ALA B 67 9.89 3.21 2.68
N LYS B 68 10.14 3.14 3.98
CA LYS B 68 10.71 1.95 4.59
C LYS B 68 10.43 1.99 6.09
N ALA B 69 10.66 0.85 6.74
CA ALA B 69 10.49 0.71 8.18
C ALA B 69 11.77 0.18 8.80
N CYS B 70 11.72 -0.20 10.08
CA CYS B 70 12.91 -0.69 10.77
C CYS B 70 12.88 -2.21 10.89
N GLN B 71 14.04 -2.78 11.20
CA GLN B 71 14.23 -4.23 11.14
C GLN B 71 13.28 -5.03 12.03
N PRO B 72 12.99 -4.66 13.27
CA PRO B 72 12.15 -5.52 14.11
C PRO B 72 10.76 -5.76 13.55
N LEU B 73 10.24 -4.89 12.68
CA LEU B 73 8.96 -5.18 12.02
C LEU B 73 9.05 -6.42 11.16
N GLY B 74 10.08 -6.51 10.32
CA GLY B 74 10.30 -7.71 9.55
C GLY B 74 10.60 -8.91 10.43
N ALA B 75 11.32 -8.69 11.53
CA ALA B 75 11.58 -9.78 12.47
C ALA B 75 10.27 -10.35 13.03
N VAL B 76 9.34 -9.48 13.40
CA VAL B 76 8.03 -9.93 13.90
C VAL B 76 7.28 -10.67 12.81
N LEU B 77 7.30 -10.15 11.58
CA LEU B 77 6.60 -10.82 10.49
C LEU B 77 7.16 -12.22 10.24
N CYS B 78 8.49 -12.37 10.30
CA CYS B 78 9.09 -13.68 10.13
C CYS B 78 8.73 -14.61 11.28
N ALA B 79 8.75 -14.10 12.52
CA ALA B 79 8.43 -14.95 13.67
C ALA B 79 6.98 -15.40 13.63
N LEU B 80 6.09 -14.61 13.04
CA LEU B 80 4.68 -15.00 12.96
C LEU B 80 4.42 -16.15 11.99
N GLY B 81 5.42 -16.54 11.20
CA GLY B 81 5.27 -17.60 10.22
C GLY B 81 5.64 -18.98 10.68
N PHE B 82 5.76 -19.21 11.99
CA PHE B 82 6.13 -20.52 12.53
C PHE B 82 5.09 -20.96 13.54
N GLU B 83 4.93 -22.29 13.66
CA GLU B 83 3.82 -22.87 14.41
C GLU B 83 3.95 -22.56 15.89
N LYS B 84 2.92 -21.93 16.46
CA LYS B 84 2.85 -21.60 17.87
C LYS B 84 4.10 -20.84 18.34
N THR B 85 4.54 -19.91 17.51
CA THR B 85 5.74 -19.14 17.76
C THR B 85 5.37 -17.72 18.17
N MET B 86 6.09 -17.18 19.13
CA MET B 86 5.76 -15.89 19.72
C MET B 86 6.85 -14.88 19.36
N PRO B 87 6.52 -13.79 18.66
CA PRO B 87 7.51 -12.73 18.46
C PRO B 87 7.75 -11.92 19.73
N TYR B 88 8.91 -12.12 20.33
CA TYR B 88 9.37 -11.39 21.50
C TYR B 88 10.38 -10.35 21.04
N VAL B 89 10.22 -9.11 21.48
CA VAL B 89 11.12 -8.03 21.11
C VAL B 89 11.76 -7.49 22.39
N HIS B 90 13.07 -7.62 22.49
CA HIS B 90 13.84 -7.19 23.66
C HIS B 90 14.09 -5.70 23.54
N GLY B 91 13.35 -4.91 24.31
CA GLY B 91 13.49 -3.47 24.26
C GLY B 91 12.32 -2.71 24.84
N SER B 92 11.84 -1.71 24.11
CA SER B 92 10.79 -0.83 24.59
C SER B 92 9.42 -1.28 24.08
N GLN B 93 8.39 -1.02 24.87
CA GLN B 93 7.04 -1.45 24.53
C GLN B 93 6.41 -0.58 23.45
N GLY B 94 6.85 0.66 23.31
CA GLY B 94 6.32 1.51 22.26
C GLY B 94 6.58 0.96 20.88
N CYS B 95 7.73 0.31 20.69
CA CYS B 95 8.04 -0.32 19.42
C CYS B 95 7.04 -1.43 19.10
N VAL B 96 6.75 -2.28 20.08
CA VAL B 96 5.80 -3.36 19.84
C VAL B 96 4.41 -2.82 19.59
N ALA B 97 4.02 -1.77 20.32
CA ALA B 97 2.73 -1.14 20.07
C ALA B 97 2.64 -0.64 18.62
N TYR B 98 3.69 0.02 18.15
CA TYR B 98 3.69 0.54 16.78
C TYR B 98 3.65 -0.59 15.76
N PHE B 99 4.44 -1.65 15.97
CA PHE B 99 4.42 -2.77 15.04
C PHE B 99 3.03 -3.40 14.97
N ARG B 100 2.42 -3.61 16.14
CA ARG B 100 1.09 -4.22 16.18
C ARG B 100 0.08 -3.33 15.49
N SER B 101 0.12 -2.02 15.71
CA SER B 101 -0.84 -1.13 15.06
C SER B 101 -0.65 -1.12 13.56
N TYR B 102 0.61 -1.11 13.09
CA TYR B 102 0.89 -1.12 11.66
C TYR B 102 0.34 -2.38 11.01
N PHE B 103 0.65 -3.54 11.56
CA PHE B 103 0.19 -4.78 10.96
C PHE B 103 -1.32 -4.97 11.13
N ASN B 104 -1.90 -4.42 12.21
CA ASN B 104 -3.35 -4.47 12.37
C ASN B 104 -4.05 -3.64 11.32
N ARG B 105 -3.51 -2.47 11.01
CA ARG B 105 -4.13 -1.62 10.01
C ARG B 105 -3.96 -2.20 8.61
N HIS B 106 -2.84 -2.88 8.35
CA HIS B 106 -2.68 -3.47 7.02
C HIS B 106 -3.52 -4.75 6.87
N PHE B 107 -3.27 -5.75 7.72
CA PHE B 107 -3.90 -7.04 7.56
C PHE B 107 -5.34 -7.08 8.10
N ARG B 108 -5.70 -6.14 8.97
CA ARG B 108 -7.01 -6.15 9.64
C ARG B 108 -7.22 -7.47 10.37
N GLU B 109 -6.18 -7.95 11.02
CA GLU B 109 -6.15 -9.22 11.73
C GLU B 109 -5.38 -9.02 13.02
N PRO B 110 -5.69 -9.80 14.06
CA PRO B 110 -4.89 -9.71 15.29
C PRO B 110 -3.44 -10.09 15.03
N VAL B 111 -2.54 -9.33 15.65
CA VAL B 111 -1.11 -9.57 15.54
C VAL B 111 -0.55 -9.65 16.96
N SER B 112 0.05 -10.78 17.30
CA SER B 112 0.53 -11.04 18.64
C SER B 112 2.04 -10.82 18.70
N CYS B 113 2.47 -9.96 19.61
CA CYS B 113 3.89 -9.68 19.83
C CYS B 113 4.05 -9.15 21.23
N VAL B 114 5.15 -9.49 21.88
CA VAL B 114 5.39 -9.09 23.26
C VAL B 114 6.74 -8.40 23.35
N SER B 115 6.94 -7.71 24.47
CA SER B 115 8.20 -7.06 24.76
C SER B 115 8.51 -7.21 26.24
N ASP B 116 9.77 -7.02 26.60
CA ASP B 116 10.13 -6.98 28.01
C ASP B 116 9.91 -5.61 28.63
N SER B 117 9.56 -4.61 27.82
CA SER B 117 9.24 -3.27 28.32
C SER B 117 10.39 -2.68 29.12
N MET B 118 11.57 -2.68 28.51
CA MET B 118 12.74 -2.15 29.20
C MET B 118 12.60 -0.64 29.40
N THR B 119 12.97 -0.19 30.59
CA THR B 119 12.86 1.19 31.01
C THR B 119 14.25 1.80 31.17
N GLU B 120 14.29 3.01 31.72
CA GLU B 120 15.55 3.73 31.86
C GLU B 120 16.53 2.95 32.73
N ASP B 121 16.06 2.38 33.83
CA ASP B 121 16.93 1.58 34.68
C ASP B 121 17.45 0.36 33.93
N ALA B 122 16.61 -0.23 33.07
CA ALA B 122 17.08 -1.32 32.23
C ALA B 122 18.10 -0.83 31.20
N ALA B 123 17.94 0.39 30.70
CA ALA B 123 18.95 0.95 29.81
C ALA B 123 20.29 1.08 30.51
N VAL B 124 20.27 1.57 31.75
CA VAL B 124 21.53 1.77 32.47
C VAL B 124 22.15 0.43 32.87
N PHE B 125 21.33 -0.53 33.30
CA PHE B 125 21.83 -1.76 33.90
C PHE B 125 21.76 -2.97 32.98
N GLY B 126 21.11 -2.87 31.83
CA GLY B 126 20.92 -4.00 30.94
C GLY B 126 19.57 -4.66 31.13
N GLY B 127 19.26 -5.56 30.20
CA GLY B 127 17.96 -6.21 30.20
C GLY B 127 17.98 -7.69 30.50
N GLN B 128 18.91 -8.11 31.37
CA GLN B 128 19.01 -9.53 31.72
C GLN B 128 17.81 -9.97 32.56
N GLN B 129 17.57 -9.28 33.67
CA GLN B 129 16.40 -9.58 34.49
C GLN B 129 15.12 -9.36 33.72
N ASN B 130 15.10 -8.33 32.87
CA ASN B 130 13.93 -8.08 32.03
C ASN B 130 13.61 -9.28 31.15
N MET B 131 14.63 -9.86 30.52
CA MET B 131 14.36 -10.99 29.63
C MET B 131 14.04 -12.25 30.41
N LYS B 132 14.66 -12.46 31.57
CA LYS B 132 14.28 -13.59 32.41
C LYS B 132 12.80 -13.55 32.76
N ASP B 133 12.36 -12.41 33.32
CA ASP B 133 10.96 -12.26 33.70
C ASP B 133 10.05 -12.34 32.48
N GLY B 134 10.45 -11.72 31.38
CA GLY B 134 9.59 -11.70 30.20
C GLY B 134 9.40 -13.08 29.60
N LEU B 135 10.48 -13.86 29.51
CA LEU B 135 10.36 -15.20 28.97
C LEU B 135 9.49 -16.08 29.87
N GLN B 136 9.70 -15.99 31.19
CA GLN B 136 8.86 -16.78 32.09
C GLN B 136 7.40 -16.39 31.96
N ASN B 137 7.11 -15.08 31.97
CA ASN B 137 5.72 -14.61 31.89
C ASN B 137 5.08 -15.00 30.57
N CYS B 138 5.80 -14.84 29.47
CA CYS B 138 5.24 -15.16 28.16
C CYS B 138 4.92 -16.65 28.06
N LYS B 139 5.86 -17.50 28.48
CA LYS B 139 5.61 -18.94 28.42
C LYS B 139 4.44 -19.33 29.32
N ALA B 140 4.35 -18.72 30.51
CA ALA B 140 3.29 -19.10 31.43
C ALA B 140 1.92 -18.65 30.93
N THR B 141 1.84 -17.45 30.37
CA THR B 141 0.54 -16.85 30.06
C THR B 141 0.03 -17.25 28.68
N TYR B 142 0.86 -17.13 27.65
CA TYR B 142 0.39 -17.32 26.29
C TYR B 142 0.72 -18.70 25.72
N LYS B 143 1.48 -19.51 26.46
CA LYS B 143 1.76 -20.90 26.10
C LYS B 143 2.21 -21.09 24.66
N PRO B 144 3.35 -20.53 24.26
CA PRO B 144 3.90 -20.83 22.93
C PRO B 144 4.86 -22.01 22.98
N ASP B 145 4.99 -22.66 21.82
CA ASP B 145 5.98 -23.71 21.67
C ASP B 145 7.37 -23.16 21.33
N MET B 146 7.46 -21.90 20.96
CA MET B 146 8.73 -21.28 20.61
C MET B 146 8.62 -19.77 20.80
N ILE B 147 9.71 -19.16 21.20
CA ILE B 147 9.80 -17.70 21.36
C ILE B 147 10.96 -17.21 20.50
N ALA B 148 10.66 -16.36 19.53
CA ALA B 148 11.66 -15.81 18.63
C ALA B 148 11.95 -14.38 19.03
N VAL B 149 13.21 -14.10 19.39
CA VAL B 149 13.58 -12.85 20.05
C VAL B 149 14.31 -11.96 19.04
N SER B 150 13.81 -10.74 18.88
CA SER B 150 14.47 -9.68 18.12
C SER B 150 14.81 -8.55 19.07
N THR B 151 15.42 -7.48 18.54
CA THR B 151 15.88 -6.37 19.36
C THR B 151 15.39 -5.05 18.80
N THR B 152 15.28 -4.07 19.69
CA THR B 152 15.05 -2.68 19.31
C THR B 152 16.37 -1.92 19.31
N CYS B 153 16.33 -0.70 18.78
CA CYS B 153 17.54 0.11 18.69
C CYS B 153 18.11 0.41 20.06
N MET B 154 17.23 0.56 21.06
CA MET B 154 17.66 0.79 22.43
C MET B 154 18.57 -0.33 22.92
N ALA B 155 18.21 -1.59 22.68
CA ALA B 155 19.03 -2.70 23.11
C ALA B 155 20.25 -2.90 22.22
N GLU B 156 20.15 -2.53 20.96
CA GLU B 156 21.28 -2.72 20.04
C GLU B 156 22.38 -1.69 20.29
N VAL B 157 22.03 -0.49 20.75
CA VAL B 157 23.06 0.51 21.06
C VAL B 157 23.86 0.09 22.28
N ILE B 158 23.20 -0.45 23.30
CA ILE B 158 23.87 -0.79 24.56
C ILE B 158 24.55 -2.14 24.53
N GLY B 159 24.51 -2.85 23.41
CA GLY B 159 25.19 -4.13 23.30
C GLY B 159 24.63 -5.23 24.18
N ASP B 160 23.31 -5.37 24.20
CA ASP B 160 22.69 -6.45 24.95
C ASP B 160 23.01 -7.79 24.30
N ASP B 161 23.66 -8.67 25.04
CA ASP B 161 24.03 -9.99 24.52
C ASP B 161 22.83 -10.91 24.68
N LEU B 162 22.10 -11.12 23.58
CA LEU B 162 20.93 -12.00 23.61
C LEU B 162 21.31 -13.43 23.97
N ASN B 163 22.41 -13.92 23.39
CA ASN B 163 22.83 -15.29 23.62
C ASN B 163 23.10 -15.55 25.10
N ALA B 164 23.91 -14.70 25.73
CA ALA B 164 24.24 -14.87 27.13
C ALA B 164 23.01 -14.73 28.00
N PHE B 165 22.15 -13.76 27.70
CA PHE B 165 20.94 -13.56 28.51
C PHE B 165 20.03 -14.78 28.44
N ILE B 166 19.83 -15.34 27.25
CA ILE B 166 18.96 -16.49 27.11
C ILE B 166 19.56 -17.71 27.79
N ASN B 167 20.88 -17.91 27.65
CA ASN B 167 21.52 -19.05 28.30
C ASN B 167 21.45 -18.93 29.81
N ASN B 168 21.62 -17.71 30.34
CA ASN B 168 21.49 -17.50 31.77
C ASN B 168 20.05 -17.75 32.24
N SER B 169 19.07 -17.31 31.45
CA SER B 169 17.68 -17.55 31.81
C SER B 169 17.35 -19.04 31.85
N LYS B 170 17.89 -19.79 30.88
CA LYS B 170 17.70 -21.24 30.89
C LYS B 170 18.41 -21.87 32.09
N LYS B 171 19.61 -21.38 32.42
CA LYS B 171 20.38 -21.98 33.51
C LYS B 171 19.73 -21.75 34.86
N GLU B 172 19.10 -20.60 35.06
CA GLU B 172 18.51 -20.25 36.34
C GLU B 172 17.09 -20.76 36.52
N GLY B 173 16.52 -21.40 35.50
CA GLY B 173 15.23 -22.06 35.65
C GLY B 173 14.03 -21.27 35.22
N PHE B 174 14.21 -20.12 34.56
CA PHE B 174 13.06 -19.33 34.14
C PHE B 174 12.32 -19.99 32.98
N ILE B 175 13.05 -20.66 32.09
CA ILE B 175 12.43 -21.43 31.01
C ILE B 175 13.07 -22.81 30.98
N PRO B 176 12.38 -23.83 30.48
CA PRO B 176 13.02 -25.14 30.33
C PRO B 176 14.18 -25.08 29.35
N ASP B 177 15.16 -25.96 29.56
CA ASP B 177 16.37 -25.94 28.75
C ASP B 177 16.07 -26.31 27.29
N GLU B 178 15.15 -27.23 27.07
CA GLU B 178 14.82 -27.67 25.72
C GLU B 178 13.81 -26.76 25.02
N PHE B 179 13.35 -25.70 25.68
CA PHE B 179 12.44 -24.76 25.04
C PHE B 179 13.19 -23.92 24.01
N PRO B 180 12.77 -23.92 22.74
CA PRO B 180 13.52 -23.21 21.70
C PRO B 180 13.33 -21.70 21.78
N VAL B 181 14.42 -20.98 21.93
CA VAL B 181 14.40 -19.52 21.96
C VAL B 181 15.42 -18.98 20.98
N PRO B 182 15.15 -19.01 19.67
CA PRO B 182 16.07 -18.39 18.72
C PRO B 182 16.05 -16.88 18.83
N PHE B 183 17.15 -16.26 18.41
CA PHE B 183 17.30 -14.82 18.51
C PHE B 183 18.01 -14.29 17.28
N ALA B 184 17.84 -12.99 17.05
CA ALA B 184 18.54 -12.29 15.99
C ALA B 184 18.74 -10.84 16.40
N HIS B 185 19.89 -10.28 16.04
CA HIS B 185 20.16 -8.87 16.29
C HIS B 185 19.63 -8.07 15.11
N THR B 186 18.68 -7.17 15.37
CA THR B 186 17.97 -6.41 14.34
C THR B 186 18.11 -4.93 14.63
N PRO B 187 19.27 -4.34 14.34
CA PRO B 187 19.45 -2.90 14.59
C PRO B 187 18.63 -2.07 13.62
N SER B 188 17.86 -1.14 14.16
CA SER B 188 16.98 -0.31 13.34
C SER B 188 17.74 0.75 12.54
N PHE B 189 18.98 1.05 12.91
CA PHE B 189 19.79 2.02 12.19
C PHE B 189 20.60 1.37 11.06
N VAL B 190 20.32 0.11 10.75
CA VAL B 190 20.96 -0.59 9.64
C VAL B 190 19.86 -1.24 8.81
N GLY B 191 19.87 -0.97 7.51
CA GLY B 191 18.93 -1.64 6.62
C GLY B 191 17.50 -1.14 6.81
N SER B 192 16.56 -2.08 6.73
CA SER B 192 15.13 -1.77 6.84
C SER B 192 14.42 -3.02 7.34
N HIS B 193 13.09 -3.04 7.19
CA HIS B 193 12.30 -4.15 7.72
C HIS B 193 12.66 -5.48 7.05
N VAL B 194 12.97 -5.43 5.76
CA VAL B 194 13.31 -6.66 5.04
C VAL B 194 14.61 -7.25 5.58
N THR B 195 15.56 -6.39 5.96
CA THR B 195 16.78 -6.87 6.61
C THR B 195 16.47 -7.57 7.92
N GLY B 196 15.51 -7.04 8.67
CA GLY B 196 15.09 -7.71 9.90
C GLY B 196 14.47 -9.06 9.64
N TRP B 197 13.65 -9.17 8.60
CA TRP B 197 13.10 -10.47 8.22
C TRP B 197 14.22 -11.45 7.91
N ASP B 198 15.19 -11.03 7.11
CA ASP B 198 16.30 -11.90 6.76
C ASP B 198 17.06 -12.34 8.00
N ASN B 199 17.34 -11.41 8.90
CA ASN B 199 18.10 -11.75 10.10
C ASN B 199 17.33 -12.71 11.00
N MET B 200 16.02 -12.50 11.15
CA MET B 200 15.22 -13.40 11.97
C MET B 200 15.19 -14.81 11.39
N PHE B 201 15.01 -14.91 10.07
CA PHE B 201 15.01 -16.24 9.46
C PHE B 201 16.36 -16.92 9.62
N GLU B 202 17.45 -16.16 9.43
CA GLU B 202 18.77 -16.75 9.61
C GLU B 202 18.98 -17.22 11.03
N GLY B 203 18.48 -16.45 12.01
CA GLY B 203 18.61 -16.86 13.40
C GLY B 203 17.85 -18.13 13.70
N ILE B 204 16.61 -18.24 13.21
CA ILE B 204 15.82 -19.44 13.44
C ILE B 204 16.48 -20.65 12.77
N ALA B 205 16.94 -20.47 11.53
CA ALA B 205 17.60 -21.56 10.82
C ALA B 205 18.87 -21.99 11.53
N ARG B 206 19.67 -21.03 12.00
CA ARG B 206 20.87 -21.37 12.75
C ARG B 206 20.52 -22.16 14.00
N TYR B 207 19.56 -21.66 14.78
CA TYR B 207 19.17 -22.33 16.02
C TYR B 207 18.74 -23.77 15.77
N PHE B 208 18.04 -24.02 14.67
CA PHE B 208 17.51 -25.35 14.46
C PHE B 208 18.44 -26.28 13.69
N THR B 209 19.47 -25.76 13.02
CA THR B 209 20.26 -26.62 12.14
C THR B 209 21.76 -26.60 12.38
N LEU B 210 22.32 -25.57 13.02
CA LEU B 210 23.78 -25.42 13.03
C LEU B 210 24.47 -26.56 13.76
N LYS B 211 23.92 -26.99 14.89
CA LYS B 211 24.56 -27.98 15.74
C LYS B 211 24.17 -29.41 15.42
N SER B 212 23.36 -29.63 14.38
CA SER B 212 22.87 -30.96 14.03
C SER B 212 23.00 -31.22 12.53
N MET B 213 24.17 -30.91 11.98
CA MET B 213 24.44 -31.13 10.56
C MET B 213 25.39 -32.30 10.33
N ASP B 214 25.40 -33.28 11.24
CA ASP B 214 26.26 -34.44 11.08
C ASP B 214 25.58 -35.62 10.41
N ASP B 215 24.26 -35.69 10.45
CA ASP B 215 23.51 -36.79 9.85
C ASP B 215 22.56 -36.29 8.76
N LYS B 216 22.89 -35.16 8.14
CA LYS B 216 22.06 -34.55 7.12
C LYS B 216 22.70 -34.78 5.75
N VAL B 217 21.92 -35.35 4.83
CA VAL B 217 22.35 -35.58 3.46
C VAL B 217 21.46 -34.76 2.55
N VAL B 218 22.08 -34.02 1.63
CA VAL B 218 21.31 -33.16 0.73
C VAL B 218 20.45 -34.03 -0.18
N GLY B 219 19.18 -33.67 -0.30
CA GLY B 219 18.26 -34.42 -1.13
C GLY B 219 17.76 -35.73 -0.56
N SER B 220 17.78 -35.89 0.76
CA SER B 220 17.32 -37.14 1.35
C SER B 220 15.81 -37.24 1.41
N ASN B 221 15.11 -36.13 1.60
CA ASN B 221 13.66 -36.15 1.77
C ASN B 221 12.89 -35.70 0.53
N LYS B 222 13.57 -35.57 -0.61
CA LYS B 222 12.93 -35.32 -1.91
C LYS B 222 12.10 -34.05 -1.92
N LYS B 223 12.53 -33.01 -1.20
CA LYS B 223 11.76 -31.79 -1.07
C LYS B 223 12.61 -30.58 -1.45
N ILE B 224 11.92 -29.47 -1.71
CA ILE B 224 12.54 -28.20 -2.02
C ILE B 224 12.06 -27.18 -1.01
N ASN B 225 12.99 -26.59 -0.26
CA ASN B 225 12.64 -25.51 0.65
C ASN B 225 12.33 -24.24 -0.12
N ILE B 226 11.32 -23.50 0.33
CA ILE B 226 10.94 -22.23 -0.27
C ILE B 226 10.97 -21.18 0.83
N VAL B 227 11.73 -20.12 0.61
CA VAL B 227 11.87 -19.00 1.55
C VAL B 227 11.20 -17.78 0.92
N PRO B 228 10.04 -17.35 1.40
CA PRO B 228 9.31 -16.28 0.72
C PRO B 228 9.83 -14.89 1.02
N GLY B 229 10.45 -14.69 2.17
CA GLY B 229 10.89 -13.36 2.54
C GLY B 229 9.73 -12.50 3.03
N PHE B 230 9.97 -11.20 3.06
CA PHE B 230 8.99 -10.25 3.57
C PHE B 230 7.85 -10.13 2.58
N GLU B 231 6.77 -10.87 2.82
CA GLU B 231 5.62 -10.89 1.93
C GLU B 231 4.38 -10.48 2.70
N THR B 232 3.59 -9.57 2.12
CA THR B 232 2.38 -9.06 2.74
C THR B 232 1.14 -9.31 1.90
N TYR B 233 1.19 -10.30 1.00
CA TYR B 233 0.05 -10.74 0.23
C TYR B 233 -0.13 -12.23 0.49
N LEU B 234 -1.21 -12.60 1.17
CA LEU B 234 -1.46 -14.01 1.44
C LEU B 234 -1.62 -14.79 0.14
N GLY B 235 -2.18 -14.14 -0.88
CA GLY B 235 -2.32 -14.78 -2.17
C GLY B 235 -1.01 -15.26 -2.76
N ASN B 236 0.09 -14.62 -2.37
CA ASN B 236 1.40 -15.06 -2.86
C ASN B 236 1.79 -16.42 -2.29
N PHE B 237 1.64 -16.59 -0.97
CA PHE B 237 1.85 -17.91 -0.39
C PHE B 237 0.90 -18.92 -1.00
N ARG B 238 -0.37 -18.54 -1.17
CA ARG B 238 -1.35 -19.46 -1.75
C ARG B 238 -0.94 -19.90 -3.14
N VAL B 239 -0.54 -18.96 -3.99
CA VAL B 239 -0.22 -19.30 -5.36
C VAL B 239 1.06 -20.12 -5.44
N ILE B 240 2.04 -19.84 -4.59
CA ILE B 240 3.26 -20.63 -4.59
C ILE B 240 2.96 -22.07 -4.21
N LYS B 241 2.20 -22.27 -3.13
CA LYS B 241 1.86 -23.63 -2.71
C LYS B 241 1.01 -24.33 -3.76
N ARG B 242 0.06 -23.62 -4.36
CA ARG B 242 -0.82 -24.21 -5.36
C ARG B 242 -0.04 -24.66 -6.59
N MET B 243 0.88 -23.82 -7.06
CA MET B 243 1.68 -24.17 -8.23
C MET B 243 2.62 -25.32 -7.92
N LEU B 244 3.20 -25.35 -6.73
CA LEU B 244 4.08 -26.46 -6.38
C LEU B 244 3.32 -27.77 -6.24
N SER B 245 2.08 -27.71 -5.75
CA SER B 245 1.28 -28.92 -5.62
C SER B 245 0.76 -29.40 -6.97
N GLU B 246 0.45 -28.47 -7.89
CA GLU B 246 0.04 -28.89 -9.23
C GLU B 246 1.15 -29.64 -9.94
N MET B 247 2.39 -29.21 -9.77
CA MET B 247 3.52 -29.92 -10.33
C MET B 247 3.78 -31.25 -9.63
N GLY B 248 3.19 -31.46 -8.46
CA GLY B 248 3.48 -32.65 -7.68
C GLY B 248 4.79 -32.59 -6.92
N VAL B 249 5.37 -31.41 -6.78
CA VAL B 249 6.68 -31.24 -6.16
C VAL B 249 6.51 -31.17 -4.66
N GLY B 250 7.23 -32.04 -3.94
CA GLY B 250 7.30 -31.92 -2.50
C GLY B 250 8.07 -30.68 -2.10
N TYR B 251 7.53 -29.95 -1.13
CA TYR B 251 8.11 -28.68 -0.74
C TYR B 251 7.91 -28.44 0.76
N SER B 252 8.72 -27.55 1.30
CA SER B 252 8.61 -27.11 2.68
C SER B 252 8.69 -25.58 2.69
N LEU B 253 7.54 -24.92 2.74
CA LEU B 253 7.47 -23.46 2.75
C LEU B 253 7.81 -22.97 4.16
N LEU B 254 9.06 -22.63 4.37
CA LEU B 254 9.50 -22.10 5.65
C LEU B 254 8.97 -20.68 5.84
N SER B 255 8.55 -20.37 7.07
CA SER B 255 7.95 -19.08 7.41
C SER B 255 6.66 -18.84 6.61
N ASP B 256 5.66 -19.64 6.93
CA ASP B 256 4.32 -19.57 6.32
C ASP B 256 3.34 -18.87 7.26
N PRO B 257 3.13 -17.57 7.12
CA PRO B 257 2.20 -16.85 8.00
C PRO B 257 0.76 -16.79 7.50
N GLU B 258 0.40 -17.69 6.58
CA GLU B 258 -0.92 -17.64 5.95
C GLU B 258 -2.04 -17.71 6.98
N GLU B 259 -2.00 -18.72 7.85
CA GLU B 259 -3.17 -19.02 8.68
C GLU B 259 -3.34 -18.00 9.80
N VAL B 260 -2.24 -17.59 10.45
CA VAL B 260 -2.35 -16.70 11.59
C VAL B 260 -2.81 -15.31 11.16
N LEU B 261 -2.65 -14.95 9.89
CA LEU B 261 -3.15 -13.69 9.36
C LEU B 261 -4.48 -13.84 8.64
N ASP B 262 -5.08 -15.03 8.67
CA ASP B 262 -6.30 -15.32 7.92
C ASP B 262 -7.26 -16.16 8.75
N THR B 263 -7.30 -15.94 10.05
CA THR B 263 -8.15 -16.77 10.91
C THR B 263 -9.63 -16.45 10.68
N PRO B 264 -10.50 -17.43 10.75
CA PRO B 264 -11.93 -17.18 10.53
C PRO B 264 -12.60 -16.54 11.73
N ALA B 265 -13.74 -15.91 11.46
CA ALA B 265 -14.58 -15.33 12.51
C ALA B 265 -15.71 -16.32 12.81
N ASP B 266 -15.39 -17.31 13.65
CA ASP B 266 -16.32 -18.39 13.96
C ASP B 266 -16.66 -18.45 15.45
N GLY B 267 -16.47 -17.35 16.18
CA GLY B 267 -16.84 -17.28 17.57
C GLY B 267 -15.72 -17.41 18.57
N GLN B 268 -14.54 -17.87 18.14
CA GLN B 268 -13.41 -18.03 19.04
C GLN B 268 -12.19 -17.32 18.47
N PHE B 269 -11.30 -16.89 19.36
CA PHE B 269 -10.08 -16.20 18.98
C PHE B 269 -8.91 -17.19 19.01
N ARG B 270 -8.13 -17.19 17.93
CA ARG B 270 -6.98 -18.07 17.80
C ARG B 270 -5.72 -17.22 17.76
N MET B 271 -4.88 -17.35 18.79
CA MET B 271 -3.61 -16.64 18.80
C MET B 271 -2.62 -17.25 17.81
N TYR B 272 -2.64 -18.57 17.67
CA TYR B 272 -1.74 -19.27 16.77
C TYR B 272 -2.55 -20.10 15.78
N ALA B 273 -2.11 -20.13 14.53
CA ALA B 273 -2.78 -20.91 13.50
C ALA B 273 -1.77 -21.28 12.41
N GLY B 274 -1.69 -22.57 12.11
CA GLY B 274 -0.78 -23.04 11.08
C GLY B 274 0.67 -22.76 11.42
N GLY B 275 1.41 -22.29 10.42
CA GLY B 275 2.81 -21.96 10.59
C GLY B 275 3.74 -23.10 10.24
N THR B 276 4.95 -22.75 9.84
CA THR B 276 5.99 -23.74 9.63
C THR B 276 6.30 -24.45 10.94
N THR B 277 6.37 -25.77 10.88
CA THR B 277 6.62 -26.56 12.08
C THR B 277 8.12 -26.72 12.32
N GLN B 278 8.47 -26.98 13.58
CA GLN B 278 9.88 -27.14 13.93
C GLN B 278 10.48 -28.39 13.28
N GLU B 279 9.68 -29.44 13.12
CA GLU B 279 10.17 -30.62 12.41
C GLU B 279 10.52 -30.30 10.97
N GLU B 280 9.81 -29.37 10.34
CA GLU B 280 10.18 -28.92 9.00
C GLU B 280 11.48 -28.15 9.01
N MET B 281 11.76 -27.40 10.08
CA MET B 281 13.00 -26.63 10.15
C MET B 281 14.20 -27.52 10.40
N LYS B 282 14.07 -28.50 11.29
CA LYS B 282 15.20 -29.40 11.56
C LYS B 282 15.51 -30.29 10.36
N ASP B 283 14.52 -30.57 9.53
CA ASP B 283 14.71 -31.39 8.35
C ASP B 283 15.04 -30.58 7.11
N ALA B 284 15.16 -29.26 7.24
CA ALA B 284 15.43 -28.41 6.09
C ALA B 284 16.72 -28.76 5.35
N PRO B 285 17.85 -29.02 6.02
CA PRO B 285 19.08 -29.36 5.25
C PRO B 285 18.96 -30.61 4.40
N ASN B 286 18.03 -31.50 4.71
CA ASN B 286 17.86 -32.72 3.94
C ASN B 286 17.18 -32.49 2.60
N ALA B 287 16.71 -31.28 2.32
CA ALA B 287 16.00 -30.99 1.08
C ALA B 287 16.94 -31.03 -0.12
N LEU B 288 16.34 -31.16 -1.31
CA LEU B 288 17.12 -31.14 -2.54
C LEU B 288 17.85 -29.81 -2.70
N ASN B 289 17.15 -28.71 -2.46
CA ASN B 289 17.69 -27.38 -2.72
C ASN B 289 16.73 -26.41 -2.06
N THR B 290 17.21 -25.19 -1.81
CA THR B 290 16.39 -24.12 -1.25
C THR B 290 16.22 -23.04 -2.31
N VAL B 291 14.99 -22.56 -2.47
CA VAL B 291 14.67 -21.49 -3.42
C VAL B 291 14.23 -20.26 -2.65
N LEU B 292 14.89 -19.13 -2.90
CA LEU B 292 14.57 -17.86 -2.28
C LEU B 292 13.73 -17.04 -3.25
N LEU B 293 12.50 -16.71 -2.83
CA LEU B 293 11.59 -15.98 -3.72
C LEU B 293 12.01 -14.53 -3.89
N GLN B 294 12.62 -13.93 -2.87
CA GLN B 294 13.05 -12.54 -2.90
C GLN B 294 14.53 -12.50 -2.52
N PRO B 295 15.40 -12.83 -3.48
CA PRO B 295 16.82 -12.97 -3.14
C PRO B 295 17.52 -11.66 -2.80
N TRP B 296 16.94 -10.51 -3.15
CA TRP B 296 17.65 -9.26 -2.98
C TRP B 296 17.66 -8.75 -1.55
N HIS B 297 16.85 -9.34 -0.66
CA HIS B 297 16.98 -9.08 0.76
C HIS B 297 17.27 -10.35 1.56
N LEU B 298 17.32 -11.51 0.91
CA LEU B 298 17.75 -12.74 1.55
C LEU B 298 19.21 -13.05 1.23
N GLU B 299 20.10 -12.17 1.69
CA GLU B 299 21.53 -12.32 1.44
C GLU B 299 22.23 -13.12 2.54
N LYS B 300 22.00 -12.75 3.79
CA LYS B 300 22.57 -13.51 4.90
C LYS B 300 22.01 -14.93 4.95
N THR B 301 20.72 -15.07 4.65
CA THR B 301 20.13 -16.41 4.58
C THR B 301 20.79 -17.24 3.49
N LYS B 302 21.05 -16.64 2.33
CA LYS B 302 21.74 -17.35 1.26
C LYS B 302 23.13 -17.77 1.68
N LYS B 303 23.87 -16.87 2.33
CA LYS B 303 25.21 -17.21 2.79
C LYS B 303 25.17 -18.38 3.75
N PHE B 304 24.24 -18.36 4.70
CA PHE B 304 24.14 -19.44 5.68
C PHE B 304 23.75 -20.76 5.01
N VAL B 305 22.77 -20.72 4.10
CA VAL B 305 22.32 -21.95 3.46
C VAL B 305 23.43 -22.57 2.63
N GLU B 306 24.15 -21.75 1.86
CA GLU B 306 25.22 -22.28 1.03
C GLU B 306 26.40 -22.77 1.87
N GLY B 307 26.74 -22.04 2.94
CA GLY B 307 27.91 -22.41 3.72
C GLY B 307 27.70 -23.51 4.71
N THR B 308 26.47 -23.75 5.15
CA THR B 308 26.18 -24.78 6.14
C THR B 308 25.34 -25.90 5.57
N TRP B 309 24.16 -25.60 4.99
CA TRP B 309 23.33 -26.64 4.42
C TRP B 309 23.91 -27.22 3.15
N LYS B 310 24.88 -26.53 2.53
CA LYS B 310 25.52 -26.98 1.29
C LYS B 310 24.50 -27.18 0.17
N HIS B 311 23.60 -26.22 0.02
CA HIS B 311 22.62 -26.21 -1.05
C HIS B 311 23.04 -25.18 -2.09
N GLU B 312 23.14 -25.63 -3.35
CA GLU B 312 23.51 -24.73 -4.44
C GLU B 312 22.28 -23.94 -4.84
N VAL B 313 22.08 -22.81 -4.19
CA VAL B 313 20.86 -22.03 -4.38
C VAL B 313 20.80 -21.48 -5.80
N PRO B 314 19.71 -21.68 -6.52
CA PRO B 314 19.62 -21.16 -7.89
C PRO B 314 19.58 -19.65 -7.92
N LYS B 315 20.09 -19.09 -9.02
CA LYS B 315 20.06 -17.65 -9.25
C LYS B 315 18.79 -17.31 -10.02
N LEU B 316 17.69 -17.22 -9.29
CA LEU B 316 16.39 -16.91 -9.87
C LEU B 316 15.89 -15.58 -9.32
N ASN B 317 15.30 -14.78 -10.19
CA ASN B 317 14.63 -13.56 -9.75
C ASN B 317 13.32 -13.92 -9.07
N ILE B 318 12.59 -12.90 -8.66
CA ILE B 318 11.28 -13.13 -8.04
C ILE B 318 10.31 -13.68 -9.08
N PRO B 319 9.56 -14.74 -8.78
CA PRO B 319 8.66 -15.29 -9.80
C PRO B 319 7.48 -14.38 -10.09
N MET B 320 7.74 -13.26 -10.75
CA MET B 320 6.72 -12.27 -11.04
C MET B 320 6.78 -11.92 -12.52
N GLY B 321 5.62 -11.62 -13.09
CA GLY B 321 5.54 -11.46 -14.52
C GLY B 321 5.47 -12.81 -15.23
N LEU B 322 5.76 -12.79 -16.52
CA LEU B 322 5.69 -13.99 -17.33
C LEU B 322 7.03 -14.73 -17.37
N ASP B 323 8.08 -14.04 -17.82
CA ASP B 323 9.36 -14.70 -18.06
C ASP B 323 9.96 -15.26 -16.77
N TRP B 324 9.90 -14.49 -15.68
CA TRP B 324 10.49 -14.96 -14.43
C TRP B 324 9.68 -16.08 -13.81
N THR B 325 8.36 -16.07 -13.98
CA THR B 325 7.56 -17.21 -13.58
C THR B 325 7.94 -18.46 -14.37
N ASP B 326 8.16 -18.31 -15.68
CA ASP B 326 8.59 -19.45 -16.48
C ASP B 326 9.94 -19.97 -16.00
N GLU B 327 10.87 -19.07 -15.70
CA GLU B 327 12.19 -19.48 -15.22
C GLU B 327 12.08 -20.21 -13.89
N PHE B 328 11.23 -19.70 -12.98
CA PHE B 328 11.04 -20.36 -11.69
C PHE B 328 10.49 -21.75 -11.88
N LEU B 329 9.45 -21.90 -12.72
CA LEU B 329 8.87 -23.22 -12.94
C LEU B 329 9.88 -24.18 -13.56
N MET B 330 10.63 -23.71 -14.55
CA MET B 330 11.62 -24.58 -15.19
C MET B 330 12.71 -25.00 -14.23
N LYS B 331 13.18 -24.08 -13.38
CA LYS B 331 14.21 -24.42 -12.41
C LYS B 331 13.70 -25.41 -11.37
N VAL B 332 12.46 -25.22 -10.92
CA VAL B 332 11.89 -26.17 -9.96
C VAL B 332 11.74 -27.54 -10.61
N SER B 333 11.34 -27.58 -11.88
CA SER B 333 11.24 -28.84 -12.59
C SER B 333 12.60 -29.52 -12.72
N GLU B 334 13.64 -28.74 -13.02
CA GLU B 334 14.98 -29.30 -13.12
C GLU B 334 15.45 -29.85 -11.77
N ILE B 335 15.17 -29.14 -10.68
CA ILE B 335 15.63 -29.58 -9.37
C ILE B 335 14.89 -30.84 -8.94
N SER B 336 13.57 -30.86 -9.08
CA SER B 336 12.76 -31.96 -8.60
C SER B 336 12.62 -33.09 -9.61
N GLY B 337 12.92 -32.86 -10.87
CA GLY B 337 12.79 -33.88 -11.88
C GLY B 337 11.39 -34.15 -12.36
N GLN B 338 10.44 -33.25 -12.09
CA GLN B 338 9.07 -33.48 -12.48
C GLN B 338 8.65 -32.48 -13.55
N PRO B 339 7.94 -32.91 -14.58
CA PRO B 339 7.58 -32.00 -15.67
C PRO B 339 6.53 -30.99 -15.25
N ILE B 340 6.50 -29.89 -15.98
CA ILE B 340 5.46 -28.88 -15.77
C ILE B 340 4.15 -29.40 -16.34
N PRO B 341 3.07 -29.44 -15.57
CA PRO B 341 1.81 -30.01 -16.06
C PRO B 341 1.11 -29.09 -17.05
N ALA B 342 0.14 -29.66 -17.76
CA ALA B 342 -0.60 -28.92 -18.77
C ALA B 342 -1.46 -27.82 -18.16
N SER B 343 -1.82 -27.92 -16.88
CA SER B 343 -2.61 -26.87 -16.25
C SER B 343 -1.85 -25.56 -16.21
N LEU B 344 -0.57 -25.61 -15.87
CA LEU B 344 0.21 -24.38 -15.80
C LEU B 344 0.49 -23.83 -17.19
N THR B 345 0.65 -24.70 -18.19
CA THR B 345 0.78 -24.24 -19.57
C THR B 345 -0.49 -23.52 -20.01
N LYS B 346 -1.65 -24.07 -19.66
CA LYS B 346 -2.92 -23.43 -19.99
C LYS B 346 -3.08 -22.11 -19.27
N GLU B 347 -2.65 -22.03 -18.01
CA GLU B 347 -2.71 -20.77 -17.27
C GLU B 347 -1.81 -19.72 -17.92
N ARG B 348 -0.61 -20.12 -18.33
CA ARG B 348 0.27 -19.21 -19.03
C ARG B 348 -0.36 -18.74 -20.34
N GLY B 349 -1.03 -19.65 -21.05
CA GLY B 349 -1.74 -19.26 -22.25
C GLY B 349 -2.84 -18.25 -21.97
N ARG B 350 -3.56 -18.43 -20.86
CA ARG B 350 -4.59 -17.46 -20.49
C ARG B 350 -3.99 -16.09 -20.19
N LEU B 351 -2.85 -16.07 -19.48
CA LEU B 351 -2.18 -14.80 -19.21
C LEU B 351 -1.73 -14.13 -20.49
N VAL B 352 -1.17 -14.89 -21.43
CA VAL B 352 -0.74 -14.31 -22.69
C VAL B 352 -1.94 -13.81 -23.48
N ASP B 353 -3.06 -14.52 -23.41
CA ASP B 353 -4.30 -14.07 -24.05
C ASP B 353 -4.74 -12.74 -23.47
N MET B 354 -4.65 -12.60 -22.15
CA MET B 354 -5.04 -11.34 -21.52
C MET B 354 -4.12 -10.20 -21.94
N MET B 355 -2.81 -10.45 -22.01
CA MET B 355 -1.89 -9.43 -22.50
C MET B 355 -2.22 -9.04 -23.93
N THR B 356 -2.53 -10.03 -24.76
CA THR B 356 -2.91 -9.74 -26.15
C THR B 356 -4.17 -8.89 -26.21
N ASP B 357 -5.14 -9.16 -25.35
CA ASP B 357 -6.37 -8.39 -25.32
C ASP B 357 -6.12 -6.95 -24.87
N SER B 358 -5.24 -6.75 -23.89
CA SER B 358 -5.10 -5.45 -23.24
C SER B 358 -3.92 -4.63 -23.74
N HIS B 359 -3.15 -5.14 -24.72
CA HIS B 359 -1.96 -4.43 -25.17
C HIS B 359 -2.28 -3.06 -25.74
N THR B 360 -3.45 -2.90 -26.37
CA THR B 360 -3.80 -1.62 -26.97
C THR B 360 -3.91 -0.53 -25.90
N TRP B 361 -4.55 -0.83 -24.78
CA TRP B 361 -4.72 0.14 -23.72
C TRP B 361 -3.50 0.23 -22.81
N LEU B 362 -2.61 -0.76 -22.87
CA LEU B 362 -1.45 -0.73 -21.99
C LEU B 362 -0.21 -0.13 -22.63
N HIS B 363 -0.14 -0.08 -23.96
CA HIS B 363 1.08 0.32 -24.63
C HIS B 363 1.35 1.81 -24.45
N GLY B 364 2.57 2.15 -24.05
CA GLY B 364 3.02 3.52 -23.99
C GLY B 364 2.71 4.26 -22.71
N LYS B 365 1.97 3.64 -21.78
CA LYS B 365 1.63 4.32 -20.54
C LYS B 365 2.87 4.46 -19.64
N ARG B 366 2.95 5.58 -18.93
CA ARG B 366 4.10 5.91 -18.12
C ARG B 366 3.75 5.77 -16.64
N PHE B 367 4.63 5.11 -15.89
CA PHE B 367 4.37 4.80 -14.48
C PHE B 367 5.54 5.23 -13.61
N ALA B 368 5.21 5.80 -12.46
CA ALA B 368 6.17 6.04 -11.39
C ALA B 368 5.83 5.11 -10.23
N LEU B 369 6.75 4.20 -9.91
CA LEU B 369 6.46 3.15 -8.95
C LEU B 369 7.50 3.15 -7.84
N TRP B 370 7.12 2.57 -6.71
CA TRP B 370 8.06 2.43 -5.60
C TRP B 370 7.65 1.26 -4.71
N GLY B 371 8.57 0.83 -3.88
CA GLY B 371 8.34 -0.24 -2.94
C GLY B 371 9.63 -0.98 -2.62
N ASP B 372 9.48 -2.24 -2.26
CA ASP B 372 10.60 -3.09 -1.89
C ASP B 372 11.41 -3.47 -3.13
N PRO B 373 12.71 -3.80 -2.95
CA PRO B 373 13.57 -4.09 -4.11
C PRO B 373 13.06 -5.17 -5.05
N ASP B 374 12.82 -6.38 -4.52
CA ASP B 374 12.40 -7.48 -5.38
C ASP B 374 11.05 -7.19 -6.03
N PHE B 375 10.11 -6.67 -5.26
CA PHE B 375 8.78 -6.38 -5.79
C PHE B 375 8.85 -5.28 -6.85
N VAL B 376 9.67 -4.26 -6.62
CA VAL B 376 9.82 -3.19 -7.60
C VAL B 376 10.44 -3.70 -8.89
N MET B 377 11.49 -4.52 -8.79
CA MET B 377 12.12 -5.05 -10.00
C MET B 377 11.18 -5.98 -10.75
N GLY B 378 10.36 -6.74 -10.02
CA GLY B 378 9.35 -7.57 -10.68
C GLY B 378 8.31 -6.74 -11.41
N LEU B 379 7.87 -5.65 -10.79
CA LEU B 379 6.94 -4.75 -11.47
C LEU B 379 7.57 -4.13 -12.71
N VAL B 380 8.84 -3.75 -12.62
CA VAL B 380 9.53 -3.18 -13.77
C VAL B 380 9.57 -4.19 -14.91
N LYS B 381 9.91 -5.43 -14.60
CA LYS B 381 9.97 -6.47 -15.63
C LYS B 381 8.60 -6.71 -16.24
N PHE B 382 7.57 -6.84 -15.40
CA PHE B 382 6.24 -7.10 -15.92
C PHE B 382 5.73 -5.96 -16.79
N LEU B 383 5.99 -4.72 -16.37
CA LEU B 383 5.57 -3.57 -17.16
C LEU B 383 6.32 -3.51 -18.49
N LEU B 384 7.60 -3.85 -18.49
CA LEU B 384 8.35 -3.91 -19.74
C LEU B 384 7.77 -4.97 -20.67
N GLU B 385 7.34 -6.10 -20.12
CA GLU B 385 6.74 -7.15 -20.94
C GLU B 385 5.38 -6.73 -21.48
N LEU B 386 4.71 -5.78 -20.82
CA LEU B 386 3.42 -5.29 -21.26
C LEU B 386 3.52 -4.14 -22.26
N GLY B 387 4.73 -3.68 -22.56
CA GLY B 387 4.90 -2.51 -23.41
C GLY B 387 4.83 -1.20 -22.67
N CYS B 388 4.57 -1.21 -21.37
CA CYS B 388 4.51 0.02 -20.59
C CYS B 388 5.91 0.60 -20.38
N GLU B 389 5.95 1.86 -20.01
CA GLU B 389 7.21 2.61 -19.87
C GLU B 389 7.39 3.08 -18.43
N PRO B 390 8.18 2.38 -17.62
CA PRO B 390 8.52 2.91 -16.30
C PRO B 390 9.45 4.09 -16.46
N VAL B 391 9.12 5.21 -15.80
CA VAL B 391 9.87 6.45 -15.93
C VAL B 391 10.56 6.85 -14.63
N HIS B 392 9.92 6.59 -13.49
CA HIS B 392 10.50 6.90 -12.19
C HIS B 392 10.43 5.65 -11.32
N ILE B 393 11.59 5.04 -11.08
CA ILE B 393 11.70 3.83 -10.27
C ILE B 393 12.43 4.21 -8.99
N LEU B 394 11.76 4.07 -7.86
CA LEU B 394 12.26 4.52 -6.57
C LEU B 394 12.29 3.34 -5.61
N CYS B 395 13.43 3.16 -4.95
CA CYS B 395 13.58 2.14 -3.91
C CYS B 395 14.40 2.76 -2.78
N HIS B 396 13.71 3.17 -1.71
CA HIS B 396 14.39 3.82 -0.60
C HIS B 396 15.39 2.88 0.06
N ASN B 397 15.06 1.59 0.13
CA ASN B 397 15.91 0.60 0.77
C ASN B 397 16.70 -0.24 -0.24
N GLY B 398 17.08 0.36 -1.37
CA GLY B 398 17.90 -0.31 -2.35
C GLY B 398 19.38 0.07 -2.23
N ASN B 399 20.22 -0.73 -2.88
CA ASN B 399 21.66 -0.53 -2.89
C ASN B 399 22.16 -0.40 -4.33
N LYS B 400 23.47 -0.21 -4.47
CA LYS B 400 24.07 0.02 -5.78
C LYS B 400 23.92 -1.21 -6.67
N ARG B 401 24.10 -2.40 -6.10
CA ARG B 401 24.02 -3.63 -6.91
C ARG B 401 22.62 -3.83 -7.47
N TRP B 402 21.59 -3.55 -6.66
CA TRP B 402 20.22 -3.61 -7.15
C TRP B 402 19.98 -2.57 -8.24
N LYS B 403 20.57 -1.38 -8.08
CA LYS B 403 20.51 -0.36 -9.12
C LYS B 403 21.09 -0.89 -10.43
N LYS B 404 22.25 -1.55 -10.37
CA LYS B 404 22.87 -2.08 -11.57
C LYS B 404 22.01 -3.17 -12.20
N ALA B 405 21.43 -4.04 -11.38
CA ALA B 405 20.58 -5.11 -11.92
C ALA B 405 19.37 -4.53 -12.63
N VAL B 406 18.70 -3.56 -12.02
CA VAL B 406 17.53 -2.96 -12.64
C VAL B 406 17.92 -2.17 -13.88
N ASP B 407 19.09 -1.52 -13.86
CA ASP B 407 19.56 -0.82 -15.05
C ASP B 407 19.79 -1.78 -16.20
N ALA B 408 20.35 -2.96 -15.91
CA ALA B 408 20.52 -3.98 -16.93
C ALA B 408 19.17 -4.44 -17.49
N ILE B 409 18.20 -4.66 -16.59
CA ILE B 409 16.86 -5.06 -17.03
C ILE B 409 16.25 -4.00 -17.94
N LEU B 410 16.40 -2.73 -17.57
CA LEU B 410 15.88 -1.65 -18.41
C LEU B 410 16.59 -1.58 -19.75
N ALA B 411 17.90 -1.76 -19.75
CA ALA B 411 18.66 -1.67 -20.99
C ALA B 411 18.35 -2.82 -21.94
N ALA B 412 17.93 -3.96 -21.41
CA ALA B 412 17.53 -5.06 -22.28
C ALA B 412 16.32 -4.70 -23.13
N SER B 413 15.37 -4.01 -22.54
CA SER B 413 14.10 -3.68 -23.23
C SER B 413 14.18 -2.32 -23.91
N PRO B 414 13.35 -2.07 -24.93
CA PRO B 414 13.32 -0.78 -25.61
C PRO B 414 12.41 0.15 -24.83
N TYR B 415 11.57 -0.43 -23.98
CA TYR B 415 10.63 0.37 -23.15
C TYR B 415 11.31 0.83 -21.85
N GLY B 416 12.63 0.92 -21.80
CA GLY B 416 13.35 1.44 -20.66
C GLY B 416 14.31 2.56 -21.01
N LYS B 417 14.12 3.19 -22.16
CA LYS B 417 15.00 4.29 -22.58
C LYS B 417 14.77 5.57 -21.78
N ASN B 418 13.60 5.71 -21.16
CA ASN B 418 13.26 6.90 -20.39
C ASN B 418 13.09 6.57 -18.91
N ALA B 419 13.78 5.52 -18.45
CA ALA B 419 13.64 5.02 -17.10
C ALA B 419 14.85 5.42 -16.27
N THR B 420 14.60 6.00 -15.11
CA THR B 420 15.64 6.32 -14.14
C THR B 420 15.32 5.58 -12.85
N VAL B 421 16.36 5.08 -12.19
CA VAL B 421 16.22 4.32 -10.95
C VAL B 421 16.87 5.11 -9.84
N TYR B 422 16.13 5.30 -8.75
CA TYR B 422 16.60 6.10 -7.61
C TYR B 422 16.65 5.22 -6.38
N ILE B 423 17.79 5.27 -5.67
CA ILE B 423 17.96 4.54 -4.43
C ILE B 423 18.31 5.54 -3.33
N GLY B 424 17.72 5.34 -2.15
CA GLY B 424 17.94 6.24 -1.04
C GLY B 424 17.08 7.48 -1.06
N LYS B 425 16.13 7.57 -1.98
CA LYS B 425 15.25 8.72 -2.10
C LYS B 425 13.89 8.42 -1.49
N ASP B 426 13.29 9.44 -0.91
CA ASP B 426 12.01 9.32 -0.22
C ASP B 426 10.88 9.78 -1.15
N LEU B 427 9.67 9.87 -0.60
CA LEU B 427 8.50 10.19 -1.40
C LEU B 427 8.39 11.67 -1.74
N TRP B 428 9.09 12.56 -1.02
CA TRP B 428 9.15 13.96 -1.45
C TRP B 428 9.92 14.11 -2.75
N HIS B 429 11.00 13.35 -2.92
CA HIS B 429 11.70 13.31 -4.19
C HIS B 429 10.78 12.82 -5.30
N LEU B 430 9.98 11.79 -5.02
CA LEU B 430 9.03 11.29 -6.01
C LEU B 430 7.96 12.32 -6.33
N ARG B 431 7.55 13.10 -5.34
CA ARG B 431 6.61 14.18 -5.59
C ARG B 431 7.18 15.20 -6.56
N SER B 432 8.43 15.60 -6.34
CA SER B 432 9.08 16.51 -7.28
C SER B 432 9.18 15.90 -8.67
N LEU B 433 9.51 14.61 -8.74
CA LEU B 433 9.65 13.95 -10.04
C LEU B 433 8.32 13.90 -10.79
N VAL B 434 7.24 13.52 -10.10
CA VAL B 434 5.94 13.44 -10.76
C VAL B 434 5.41 14.83 -11.11
N PHE B 435 5.89 15.88 -10.46
CA PHE B 435 5.51 17.22 -10.90
C PHE B 435 6.32 17.67 -12.10
N THR B 436 7.61 17.34 -12.15
CA THR B 436 8.47 17.85 -13.22
C THR B 436 8.50 16.95 -14.45
N ASP B 437 8.27 15.65 -14.29
CA ASP B 437 8.19 14.71 -15.41
C ASP B 437 6.95 13.87 -15.16
N LYS B 438 5.82 14.33 -15.66
CA LYS B 438 4.53 13.75 -15.28
C LYS B 438 4.37 12.35 -15.87
N PRO B 439 4.18 11.33 -15.06
CA PRO B 439 3.81 10.02 -15.58
C PRO B 439 2.29 9.88 -15.66
N ASP B 440 1.86 8.85 -16.39
CA ASP B 440 0.43 8.59 -16.47
C ASP B 440 -0.13 8.15 -15.13
N PHE B 441 0.59 7.28 -14.41
CA PHE B 441 0.10 6.75 -13.15
C PHE B 441 1.24 6.56 -12.17
N MET B 442 0.88 6.29 -10.91
CA MET B 442 1.81 5.91 -9.86
C MET B 442 1.42 4.53 -9.35
N ILE B 443 2.40 3.77 -8.86
CA ILE B 443 2.18 2.43 -8.33
C ILE B 443 2.90 2.31 -6.98
N GLY B 444 2.14 2.24 -5.91
CA GLY B 444 2.74 2.19 -4.59
C GLY B 444 1.72 1.95 -3.51
N ASN B 445 2.11 2.28 -2.28
CA ASN B 445 1.30 2.04 -1.11
C ASN B 445 0.41 3.25 -0.83
N SER B 446 -0.30 3.23 0.31
CA SER B 446 -1.25 4.30 0.62
C SER B 446 -0.56 5.65 0.79
N TYR B 447 0.73 5.65 1.16
CA TYR B 447 1.43 6.91 1.37
C TYR B 447 1.49 7.74 0.11
N GLY B 448 1.27 7.14 -1.06
CA GLY B 448 1.26 7.89 -2.30
C GLY B 448 0.02 8.72 -2.51
N LYS B 449 -1.05 8.45 -1.77
CA LYS B 449 -2.30 9.17 -1.98
C LYS B 449 -2.10 10.68 -1.84
N PHE B 450 -1.29 11.08 -0.86
CA PHE B 450 -1.04 12.50 -0.65
C PHE B 450 -0.37 13.11 -1.87
N ILE B 451 0.57 12.39 -2.48
CA ILE B 451 1.18 12.86 -3.72
C ILE B 451 0.09 13.15 -4.75
N GLN B 452 -0.86 12.21 -4.91
CA GLN B 452 -1.96 12.43 -5.83
C GLN B 452 -2.70 13.69 -5.47
N ARG B 453 -3.02 13.86 -4.19
CA ARG B 453 -3.64 15.09 -3.72
C ARG B 453 -2.84 16.30 -4.15
N ASP B 454 -1.52 16.26 -3.93
CA ASP B 454 -0.65 17.34 -4.34
C ASP B 454 -0.88 17.69 -5.80
N THR B 455 -0.86 16.67 -6.67
CA THR B 455 -0.99 16.92 -8.09
C THR B 455 -2.34 17.55 -8.40
N LEU B 456 -3.40 17.08 -7.75
CA LEU B 456 -4.72 17.64 -8.02
C LEU B 456 -4.81 19.10 -7.63
N HIS B 457 -3.95 19.55 -6.70
CA HIS B 457 -4.00 20.96 -6.35
C HIS B 457 -3.41 21.83 -7.45
N LYS B 458 -2.53 21.29 -8.28
CA LYS B 458 -1.99 22.06 -9.39
C LYS B 458 -2.98 22.18 -10.54
N GLY B 459 -3.79 21.15 -10.75
CA GLY B 459 -4.77 21.16 -11.82
C GLY B 459 -5.22 19.76 -12.15
N LYS B 460 -6.40 19.68 -12.76
CA LYS B 460 -6.95 18.39 -13.15
C LYS B 460 -6.11 17.71 -14.21
N GLU B 461 -5.43 18.49 -15.06
CA GLU B 461 -4.60 17.93 -16.11
C GLU B 461 -3.24 17.47 -15.61
N PHE B 462 -2.85 17.86 -14.40
CA PHE B 462 -1.59 17.45 -13.80
C PHE B 462 -1.76 16.36 -12.76
N GLU B 463 -2.98 15.86 -12.57
CA GLU B 463 -3.23 14.84 -11.57
C GLU B 463 -2.61 13.51 -11.97
N VAL B 464 -1.96 12.85 -11.02
CA VAL B 464 -1.35 11.55 -11.21
C VAL B 464 -2.04 10.56 -10.29
N PRO B 465 -2.94 9.74 -10.81
CA PRO B 465 -3.64 8.76 -9.96
C PRO B 465 -2.70 7.68 -9.44
N LEU B 466 -3.04 7.20 -8.25
CA LEU B 466 -2.28 6.14 -7.58
C LEU B 466 -2.96 4.80 -7.78
N ILE B 467 -2.16 3.76 -8.00
CA ILE B 467 -2.59 2.38 -8.01
C ILE B 467 -1.94 1.69 -6.82
N ARG B 468 -2.76 1.07 -5.98
CA ARG B 468 -2.32 0.58 -4.68
C ARG B 468 -1.87 -0.86 -4.81
N ILE B 469 -0.56 -1.03 -5.02
CA ILE B 469 0.09 -2.33 -4.96
C ILE B 469 1.32 -2.18 -4.09
N GLY B 470 1.36 -2.92 -3.00
CA GLY B 470 2.53 -2.89 -2.13
C GLY B 470 2.11 -2.85 -0.67
N PHE B 471 3.07 -2.47 0.18
CA PHE B 471 2.90 -2.46 1.61
C PHE B 471 3.33 -1.10 2.14
N PRO B 472 2.55 -0.49 3.04
CA PRO B 472 1.26 -0.93 3.57
C PRO B 472 0.07 -0.29 2.86
N ILE B 473 -1.06 -0.98 2.77
CA ILE B 473 -2.30 -0.42 2.23
C ILE B 473 -3.26 -0.22 3.39
N PHE B 474 -3.62 1.04 3.65
CA PHE B 474 -4.41 1.40 4.82
C PHE B 474 -5.81 1.90 4.50
N ASP B 475 -6.01 2.57 3.37
CA ASP B 475 -7.28 3.20 3.06
C ASP B 475 -8.15 2.36 2.15
N ARG B 476 -7.79 1.10 1.93
CA ARG B 476 -8.61 0.16 1.20
C ARG B 476 -8.68 -1.15 1.98
N HIS B 477 -9.81 -1.84 1.84
CA HIS B 477 -10.07 -3.05 2.62
C HIS B 477 -9.78 -4.28 1.78
N HIS B 478 -9.18 -5.28 2.44
CA HIS B 478 -9.03 -6.63 1.89
C HIS B 478 -8.20 -6.67 0.61
N LEU B 479 -7.25 -5.76 0.46
CA LEU B 479 -6.29 -5.85 -0.63
C LEU B 479 -5.09 -6.73 -0.31
N HIS B 480 -4.88 -7.05 0.97
CA HIS B 480 -3.83 -8.00 1.32
C HIS B 480 -4.17 -9.42 0.88
N ARG B 481 -5.44 -9.69 0.57
CA ARG B 481 -5.88 -10.92 -0.05
C ARG B 481 -5.34 -11.12 -1.45
N SER B 482 -4.82 -10.08 -2.09
CA SER B 482 -4.47 -10.13 -3.50
C SER B 482 -3.26 -11.05 -3.72
N THR B 483 -2.98 -11.32 -4.98
CA THR B 483 -1.84 -12.11 -5.41
C THR B 483 -1.01 -11.30 -6.37
N THR B 484 0.31 -11.29 -6.15
CA THR B 484 1.23 -10.68 -7.09
C THR B 484 2.19 -11.66 -7.74
N LEU B 485 2.42 -12.83 -7.14
CA LEU B 485 3.35 -13.81 -7.66
C LEU B 485 2.67 -14.74 -8.64
N GLY B 486 3.44 -15.22 -9.61
CA GLY B 486 2.96 -16.21 -10.54
C GLY B 486 2.02 -15.66 -11.59
N TYR B 487 1.45 -16.59 -12.36
CA TYR B 487 0.55 -16.20 -13.43
C TYR B 487 -0.73 -15.58 -12.89
N GLU B 488 -1.24 -16.10 -11.77
CA GLU B 488 -2.41 -15.49 -11.14
C GLU B 488 -2.13 -14.06 -10.70
N GLY B 489 -0.96 -13.83 -10.11
CA GLY B 489 -0.58 -12.48 -9.73
C GLY B 489 -0.44 -11.56 -10.93
N ALA B 490 0.17 -12.06 -12.01
CA ALA B 490 0.29 -11.25 -13.21
C ALA B 490 -1.08 -10.90 -13.79
N MET B 491 -2.02 -11.86 -13.76
CA MET B 491 -3.37 -11.58 -14.21
C MET B 491 -4.04 -10.50 -13.35
N GLN B 492 -3.90 -10.61 -12.03
CA GLN B 492 -4.49 -9.61 -11.15
C GLN B 492 -3.91 -8.23 -11.42
N ILE B 493 -2.58 -8.14 -11.56
CA ILE B 493 -1.94 -6.85 -11.82
C ILE B 493 -2.37 -6.29 -13.16
N LEU B 494 -2.44 -7.13 -14.19
CA LEU B 494 -2.88 -6.69 -15.50
C LEU B 494 -4.29 -6.14 -15.44
N THR B 495 -5.20 -6.86 -14.77
CA THR B 495 -6.57 -6.39 -14.65
C THR B 495 -6.64 -5.06 -13.93
N THR B 496 -5.89 -4.92 -12.83
CA THR B 496 -5.90 -3.67 -12.08
C THR B 496 -5.40 -2.51 -12.94
N LEU B 497 -4.30 -2.70 -13.66
CA LEU B 497 -3.74 -1.62 -14.46
C LEU B 497 -4.67 -1.23 -15.61
N VAL B 498 -5.19 -2.21 -16.34
CA VAL B 498 -6.06 -1.90 -17.47
C VAL B 498 -7.33 -1.22 -17.00
N ASN B 499 -7.93 -1.72 -15.93
CA ASN B 499 -9.16 -1.11 -15.44
C ASN B 499 -8.91 0.27 -14.85
N SER B 500 -7.73 0.51 -14.26
CA SER B 500 -7.39 1.84 -13.80
C SER B 500 -7.28 2.82 -14.97
N ILE B 501 -6.63 2.40 -16.05
CA ILE B 501 -6.53 3.25 -17.24
C ILE B 501 -7.91 3.54 -17.80
N LEU B 502 -8.75 2.52 -17.89
CA LEU B 502 -10.08 2.72 -18.46
C LEU B 502 -10.95 3.59 -17.56
N GLU B 503 -10.82 3.44 -16.24
CA GLU B 503 -11.58 4.30 -15.32
C GLU B 503 -11.13 5.75 -15.44
N ARG B 504 -9.83 5.98 -15.54
CA ARG B 504 -9.35 7.35 -15.74
C ARG B 504 -9.89 7.94 -17.04
N LEU B 505 -9.88 7.14 -18.11
CA LEU B 505 -10.41 7.62 -19.38
C LEU B 505 -11.90 7.93 -19.28
N ASP B 506 -12.64 7.09 -18.55
CA ASP B 506 -14.08 7.34 -18.38
C ASP B 506 -14.33 8.60 -17.58
N GLU B 507 -13.50 8.86 -16.56
CA GLU B 507 -13.62 10.10 -15.81
C GLU B 507 -13.32 11.31 -16.68
N GLU B 508 -12.34 11.17 -17.59
CA GLU B 508 -11.98 12.29 -18.45
C GLU B 508 -13.02 12.57 -19.52
N THR B 509 -13.88 11.62 -19.84
CA THR B 509 -14.82 11.74 -20.95
C THR B 509 -16.27 11.79 -20.48
N ARG B 510 -16.53 12.17 -19.23
CA ARG B 510 -17.88 12.19 -18.70
C ARG B 510 -18.55 13.56 -18.84
N GLY B 511 -17.90 14.52 -19.49
CA GLY B 511 -18.49 15.83 -19.65
C GLY B 511 -19.47 15.91 -20.79
N MET B 512 -20.73 16.23 -20.48
CA MET B 512 -21.76 16.33 -21.50
C MET B 512 -21.50 17.52 -22.40
N GLN B 513 -21.55 17.29 -23.71
CA GLN B 513 -21.37 18.28 -24.77
C GLN B 513 -19.94 18.80 -24.84
N ALA B 514 -19.06 18.37 -23.94
CA ALA B 514 -17.68 18.84 -23.92
C ALA B 514 -16.70 17.75 -24.31
N THR B 515 -16.72 16.60 -23.61
CA THR B 515 -15.80 15.51 -23.89
C THR B 515 -16.51 14.16 -23.97
N ASP B 516 -17.82 14.14 -24.06
CA ASP B 516 -18.59 12.89 -24.08
C ASP B 516 -18.60 12.23 -25.44
N TYR B 517 -18.01 12.85 -26.47
CA TYR B 517 -17.93 12.20 -27.76
C TYR B 517 -17.06 10.95 -27.70
N ASN B 518 -16.11 10.91 -26.77
CA ASN B 518 -15.22 9.78 -26.58
C ASN B 518 -15.68 8.87 -25.44
N HIS B 519 -16.88 9.10 -24.91
CA HIS B 519 -17.43 8.26 -23.84
C HIS B 519 -18.06 7.03 -24.50
N ASP B 520 -17.22 6.07 -24.83
CA ASP B 520 -17.63 4.90 -25.59
C ASP B 520 -18.09 3.78 -24.67
N LEU B 521 -19.20 3.14 -25.04
CA LEU B 521 -19.68 1.99 -24.30
C LEU B 521 -18.69 0.82 -24.38
N VAL B 522 -18.12 0.59 -25.56
CA VAL B 522 -17.22 -0.53 -25.78
C VAL B 522 -15.79 -0.01 -25.81
N ARG B 523 -14.92 -0.59 -24.98
CA ARG B 523 -13.52 -0.21 -24.93
C ARG B 523 -12.63 -1.44 -25.12
N SER C 5 3.94 -17.01 -56.74
CA SER C 5 3.23 -16.67 -57.98
C SER C 5 1.78 -17.10 -57.91
N ARG C 6 1.11 -17.10 -59.06
CA ARG C 6 -0.32 -17.41 -59.11
C ARG C 6 -0.58 -18.89 -58.91
N GLU C 7 0.38 -19.76 -59.28
CA GLU C 7 0.15 -21.19 -59.22
C GLU C 7 -0.10 -21.66 -57.79
N GLU C 8 0.73 -21.21 -56.85
CA GLU C 8 0.54 -21.60 -55.46
C GLU C 8 -0.74 -21.01 -54.87
N VAL C 9 -1.09 -19.79 -55.26
CA VAL C 9 -2.33 -19.18 -54.76
C VAL C 9 -3.54 -19.99 -55.23
N GLU C 10 -3.56 -20.38 -56.51
CA GLU C 10 -4.65 -21.18 -57.03
C GLU C 10 -4.67 -22.57 -56.38
N SER C 11 -3.49 -23.16 -56.14
CA SER C 11 -3.45 -24.44 -55.45
C SER C 11 -4.03 -24.34 -54.05
N LEU C 12 -3.69 -23.27 -53.32
CA LEU C 12 -4.25 -23.07 -51.99
C LEU C 12 -5.76 -22.88 -52.06
N ILE C 13 -6.24 -22.13 -53.06
CA ILE C 13 -7.67 -21.91 -53.21
C ILE C 13 -8.38 -23.23 -53.42
N GLN C 14 -7.84 -24.07 -54.31
CA GLN C 14 -8.45 -25.38 -54.57
C GLN C 14 -8.42 -26.26 -53.32
N GLU C 15 -7.29 -26.26 -52.60
CA GLU C 15 -7.18 -27.09 -51.40
C GLU C 15 -8.19 -26.66 -50.34
N VAL C 16 -8.37 -25.36 -50.17
CA VAL C 16 -9.36 -24.87 -49.21
C VAL C 16 -10.77 -25.26 -49.67
N LEU C 17 -11.05 -25.10 -50.96
CA LEU C 17 -12.38 -25.43 -51.46
C LEU C 17 -12.69 -26.92 -51.43
N GLU C 18 -11.65 -27.76 -51.34
CA GLU C 18 -11.87 -29.20 -51.40
C GLU C 18 -12.82 -29.70 -50.30
N VAL C 19 -12.93 -28.95 -49.19
CA VAL C 19 -13.77 -29.40 -48.09
C VAL C 19 -15.25 -29.40 -48.48
N TYR C 20 -15.66 -28.44 -49.30
CA TYR C 20 -17.07 -28.33 -49.67
C TYR C 20 -17.43 -29.41 -50.69
N PRO C 21 -18.35 -30.32 -50.39
CA PRO C 21 -18.52 -31.51 -51.25
C PRO C 21 -18.94 -31.24 -52.69
N GLU C 22 -20.13 -30.67 -52.90
CA GLU C 22 -20.62 -30.51 -54.26
C GLU C 22 -20.97 -29.07 -54.64
N LYS C 23 -21.85 -28.45 -53.86
CA LYS C 23 -22.47 -27.18 -54.25
C LYS C 23 -21.81 -25.97 -53.60
N ALA C 24 -21.46 -26.07 -52.32
CA ALA C 24 -20.78 -24.96 -51.66
C ALA C 24 -19.45 -24.67 -52.34
N ARG C 25 -18.77 -25.70 -52.83
CA ARG C 25 -17.53 -25.49 -53.56
C ARG C 25 -17.76 -24.70 -54.84
N LYS C 26 -18.81 -25.04 -55.59
CA LYS C 26 -19.13 -24.30 -56.80
C LYS C 26 -19.47 -22.86 -56.49
N ASP C 27 -20.27 -22.63 -55.44
CA ASP C 27 -20.63 -21.27 -55.07
C ASP C 27 -19.42 -20.46 -54.63
N ARG C 28 -18.50 -21.07 -53.87
CA ARG C 28 -17.38 -20.34 -53.29
C ARG C 28 -16.22 -20.17 -54.24
N ASN C 29 -16.11 -21.00 -55.28
CA ASN C 29 -15.03 -20.82 -56.25
C ASN C 29 -15.16 -19.49 -56.99
N LYS C 30 -16.38 -18.97 -57.12
CA LYS C 30 -16.59 -17.74 -57.86
C LYS C 30 -16.11 -16.51 -57.10
N HIS C 31 -16.15 -16.56 -55.76
CA HIS C 31 -15.82 -15.40 -54.93
C HIS C 31 -14.36 -15.34 -54.56
N LEU C 32 -13.56 -16.33 -54.94
CA LEU C 32 -12.13 -16.36 -54.69
C LEU C 32 -11.40 -16.13 -56.01
N ALA C 33 -10.42 -15.22 -55.99
CA ALA C 33 -9.76 -14.84 -57.24
C ALA C 33 -8.34 -14.35 -56.95
N VAL C 34 -7.57 -14.18 -58.02
CA VAL C 34 -6.21 -13.68 -57.97
C VAL C 34 -6.15 -12.38 -58.77
N ASN C 35 -5.53 -11.36 -58.19
CA ASN C 35 -5.56 -10.03 -58.77
C ASN C 35 -4.77 -9.96 -60.08
N ASP C 36 -5.27 -9.13 -60.99
CA ASP C 36 -4.57 -8.78 -62.22
C ASP C 36 -4.89 -7.34 -62.57
N PRO C 37 -3.92 -6.42 -62.42
CA PRO C 37 -4.22 -5.00 -62.65
C PRO C 37 -4.70 -4.67 -64.05
N ALA C 38 -4.35 -5.48 -65.05
CA ALA C 38 -4.79 -5.23 -66.42
C ALA C 38 -6.27 -5.51 -66.62
N VAL C 39 -6.93 -6.17 -65.68
CA VAL C 39 -8.34 -6.49 -65.81
C VAL C 39 -9.17 -5.31 -65.33
N THR C 40 -10.08 -4.84 -66.19
CA THR C 40 -10.95 -3.72 -65.85
C THR C 40 -12.24 -4.18 -65.17
N GLN C 41 -12.97 -5.09 -65.80
CA GLN C 41 -14.21 -5.61 -65.26
C GLN C 41 -13.92 -6.86 -64.42
N SER C 42 -14.20 -6.78 -63.12
CA SER C 42 -13.92 -7.89 -62.21
C SER C 42 -14.90 -9.04 -62.37
N LYS C 43 -15.98 -8.87 -63.13
CA LYS C 43 -16.95 -9.94 -63.32
C LYS C 43 -16.35 -11.13 -64.04
N LYS C 44 -15.24 -10.94 -64.76
CA LYS C 44 -14.60 -12.03 -65.47
C LYS C 44 -13.85 -12.98 -64.55
N CYS C 45 -13.53 -12.56 -63.33
CA CYS C 45 -12.75 -13.38 -62.42
C CYS C 45 -13.42 -13.58 -61.06
N ILE C 46 -14.14 -12.58 -60.56
CA ILE C 46 -14.77 -12.66 -59.25
C ILE C 46 -16.24 -12.31 -59.38
N ILE C 47 -17.05 -12.84 -58.47
CA ILE C 47 -18.49 -12.62 -58.44
C ILE C 47 -18.88 -12.22 -57.02
N SER C 48 -19.66 -11.15 -56.90
CA SER C 48 -20.07 -10.65 -55.60
C SER C 48 -21.56 -10.34 -55.57
N ASN C 49 -22.03 -9.78 -54.45
CA ASN C 49 -23.44 -9.37 -54.29
C ASN C 49 -24.39 -10.55 -54.47
N LYS C 50 -23.98 -11.73 -53.98
CA LYS C 50 -24.78 -12.93 -54.06
C LYS C 50 -25.14 -13.42 -52.66
N LYS C 51 -26.16 -14.27 -52.60
CA LYS C 51 -26.60 -14.80 -51.33
C LYS C 51 -25.53 -15.71 -50.72
N SER C 52 -25.49 -15.74 -49.40
CA SER C 52 -24.49 -16.52 -48.68
C SER C 52 -24.91 -17.97 -48.59
N GLN C 53 -23.92 -18.85 -48.57
CA GLN C 53 -24.19 -20.28 -48.38
C GLN C 53 -24.59 -20.54 -46.94
N PRO C 54 -25.64 -21.32 -46.71
CA PRO C 54 -26.06 -21.60 -45.33
C PRO C 54 -25.03 -22.45 -44.58
N GLY C 55 -24.96 -22.21 -43.27
CA GLY C 55 -24.15 -23.03 -42.40
C GLY C 55 -22.66 -22.85 -42.56
N LEU C 56 -22.20 -21.72 -43.09
CA LEU C 56 -20.78 -21.49 -43.32
C LEU C 56 -20.19 -20.42 -42.41
N MET C 57 -20.96 -19.94 -41.42
CA MET C 57 -20.50 -18.91 -40.49
C MET C 57 -19.99 -17.68 -41.23
N THR C 58 -20.90 -17.03 -41.95
CA THR C 58 -20.57 -15.80 -42.64
C THR C 58 -20.36 -14.66 -41.63
N ILE C 59 -19.81 -13.56 -42.12
CA ILE C 59 -19.56 -12.38 -41.31
C ILE C 59 -20.44 -11.20 -41.72
N ARG C 60 -21.30 -11.37 -42.72
CA ARG C 60 -22.16 -10.29 -43.16
C ARG C 60 -23.22 -9.97 -42.12
N GLY C 61 -23.85 -8.81 -42.29
CA GLY C 61 -24.93 -8.39 -41.42
C GLY C 61 -26.28 -8.46 -42.09
N CYS C 62 -27.22 -7.61 -41.65
CA CYS C 62 -28.56 -7.57 -42.21
C CYS C 62 -28.85 -6.16 -42.72
N ALA C 63 -30.00 -6.03 -43.39
CA ALA C 63 -30.40 -4.73 -43.92
C ALA C 63 -30.71 -3.74 -42.81
N TYR C 64 -31.24 -4.23 -41.68
CA TYR C 64 -31.48 -3.36 -40.54
C TYR C 64 -30.18 -2.78 -40.02
N ALA C 65 -29.11 -3.57 -40.03
CA ALA C 65 -27.80 -3.05 -39.63
C ALA C 65 -27.30 -1.98 -40.58
N GLY C 66 -27.50 -2.18 -41.88
CA GLY C 66 -27.06 -1.21 -42.87
C GLY C 66 -27.89 0.06 -42.91
N SER C 67 -29.14 -0.01 -42.44
CA SER C 67 -29.99 1.17 -42.44
C SER C 67 -29.94 1.90 -41.11
N LYS C 68 -30.32 1.23 -40.02
CA LYS C 68 -30.34 1.86 -38.71
C LYS C 68 -28.94 2.08 -38.18
N GLY C 69 -28.09 1.05 -38.28
CA GLY C 69 -26.77 1.13 -37.68
C GLY C 69 -25.73 1.86 -38.49
N VAL C 70 -26.02 2.19 -39.73
CA VAL C 70 -25.01 2.81 -40.59
C VAL C 70 -25.47 4.20 -41.05
N VAL C 71 -26.61 4.25 -41.74
CA VAL C 71 -27.01 5.50 -42.40
C VAL C 71 -27.83 6.39 -41.48
N TRP C 72 -28.77 5.83 -40.73
CA TRP C 72 -29.70 6.65 -39.97
C TRP C 72 -29.28 6.89 -38.53
N GLY C 73 -28.56 5.94 -37.91
CA GLY C 73 -28.10 6.07 -36.55
C GLY C 73 -27.28 7.32 -36.25
N PRO C 74 -26.32 7.69 -37.09
CA PRO C 74 -25.48 8.86 -36.76
C PRO C 74 -26.20 10.19 -36.74
N ILE C 75 -27.42 10.28 -37.29
CA ILE C 75 -28.16 11.55 -37.26
C ILE C 75 -28.54 11.83 -35.81
N LYS C 76 -27.92 12.85 -35.20
CA LYS C 76 -28.02 13.03 -33.77
C LYS C 76 -29.39 13.53 -33.34
N ASP C 77 -29.92 14.54 -34.03
CA ASP C 77 -31.13 15.21 -33.56
C ASP C 77 -32.40 14.45 -33.87
N MET C 78 -32.32 13.31 -34.56
CA MET C 78 -33.48 12.50 -34.86
C MET C 78 -33.56 11.32 -33.91
N ILE C 79 -34.79 10.89 -33.60
CA ILE C 79 -35.04 9.74 -32.76
C ILE C 79 -35.39 8.56 -33.65
N HIS C 80 -34.63 7.48 -33.52
CA HIS C 80 -34.80 6.30 -34.36
C HIS C 80 -35.41 5.17 -33.54
N ILE C 81 -36.53 4.65 -34.01
CA ILE C 81 -37.28 3.61 -33.32
C ILE C 81 -37.00 2.29 -34.01
N SER C 82 -36.44 1.34 -33.27
CA SER C 82 -36.24 -0.02 -33.76
C SER C 82 -37.54 -0.76 -33.60
N HIS C 83 -38.39 -0.71 -34.62
CA HIS C 83 -39.70 -1.35 -34.57
C HIS C 83 -39.52 -2.87 -34.56
N GLY C 84 -39.86 -3.50 -33.45
CA GLY C 84 -39.73 -4.93 -33.31
C GLY C 84 -39.34 -5.34 -31.91
N PRO C 85 -38.94 -6.60 -31.74
CA PRO C 85 -38.46 -7.07 -30.44
C PRO C 85 -37.20 -6.33 -30.00
N VAL C 86 -36.87 -6.51 -28.72
CA VAL C 86 -35.83 -5.72 -28.07
C VAL C 86 -34.44 -6.01 -28.64
N GLY C 87 -34.24 -7.22 -29.12
CA GLY C 87 -32.90 -7.67 -29.53
C GLY C 87 -32.07 -6.80 -30.42
N CYS C 88 -32.58 -6.36 -31.55
CA CYS C 88 -31.73 -5.67 -32.55
C CYS C 88 -31.23 -4.31 -32.10
N GLY C 89 -32.04 -3.53 -31.38
CA GLY C 89 -31.59 -2.26 -30.86
C GLY C 89 -30.57 -2.53 -29.81
N GLN C 90 -30.89 -3.44 -28.91
CA GLN C 90 -29.94 -3.78 -27.84
C GLN C 90 -28.60 -4.10 -28.50
N TYR C 91 -28.58 -4.98 -29.49
CA TYR C 91 -27.27 -5.35 -30.01
C TYR C 91 -26.66 -4.23 -30.85
N SER C 92 -27.47 -3.40 -31.47
CA SER C 92 -26.96 -2.32 -32.29
C SER C 92 -26.72 -1.03 -31.51
N ARG C 93 -26.94 -1.03 -30.21
CA ARG C 93 -26.89 0.19 -29.43
C ARG C 93 -25.45 0.59 -29.14
N ALA C 94 -25.05 1.77 -29.62
CA ALA C 94 -23.77 2.40 -29.29
C ALA C 94 -22.57 1.51 -29.58
N GLY C 95 -22.76 0.45 -30.36
CA GLY C 95 -21.66 -0.42 -30.72
C GLY C 95 -20.81 0.08 -31.85
N ARG C 96 -21.18 1.21 -32.44
CA ARG C 96 -20.48 1.81 -33.56
C ARG C 96 -20.15 3.25 -33.22
N ARG C 97 -18.89 3.64 -33.42
CA ARG C 97 -18.39 4.91 -32.91
C ARG C 97 -18.60 6.04 -33.91
N ASN C 98 -19.88 6.29 -34.22
CA ASN C 98 -20.26 7.44 -35.04
C ASN C 98 -20.34 8.66 -34.13
N TYR C 99 -19.24 9.39 -34.05
CA TYR C 99 -19.09 10.47 -33.08
C TYR C 99 -19.94 11.67 -33.45
N TYR C 100 -20.31 12.44 -32.42
CA TYR C 100 -21.21 13.58 -32.59
C TYR C 100 -21.05 14.50 -31.39
N ILE C 101 -21.59 15.70 -31.53
CA ILE C 101 -21.61 16.69 -30.45
C ILE C 101 -23.07 17.00 -30.12
N GLY C 102 -23.44 16.83 -28.86
CA GLY C 102 -24.78 17.12 -28.42
C GLY C 102 -25.00 16.57 -27.03
N THR C 103 -26.12 16.99 -26.44
CA THR C 103 -26.50 16.53 -25.11
C THR C 103 -27.39 15.31 -25.26
N THR C 104 -26.89 14.15 -24.85
CA THR C 104 -27.62 12.91 -25.03
C THR C 104 -28.88 12.90 -24.17
N GLY C 105 -30.00 12.53 -24.79
CA GLY C 105 -31.27 12.47 -24.10
C GLY C 105 -32.08 13.75 -24.14
N VAL C 106 -31.51 14.84 -24.65
CA VAL C 106 -32.23 16.11 -24.71
C VAL C 106 -32.31 16.58 -26.15
N ASN C 107 -31.16 16.80 -26.78
CA ASN C 107 -31.12 17.17 -28.19
C ASN C 107 -30.25 16.23 -29.02
N ALA C 108 -29.77 15.15 -28.42
CA ALA C 108 -28.98 14.14 -29.12
C ALA C 108 -29.42 12.76 -28.64
N PHE C 109 -29.52 11.82 -29.58
CA PHE C 109 -30.07 10.51 -29.25
C PHE C 109 -29.33 9.39 -29.99
N VAL C 110 -28.03 9.56 -30.25
CA VAL C 110 -27.30 8.57 -31.03
C VAL C 110 -27.11 7.29 -30.25
N THR C 111 -26.69 7.40 -29.00
CA THR C 111 -26.38 6.24 -28.18
C THR C 111 -27.60 5.69 -27.44
N MET C 112 -28.77 6.27 -27.63
CA MET C 112 -29.98 5.79 -26.99
C MET C 112 -30.61 4.69 -27.84
N ASN C 113 -31.44 3.87 -27.20
CA ASN C 113 -32.12 2.75 -27.85
C ASN C 113 -33.62 2.94 -27.67
N PHE C 114 -34.32 3.22 -28.76
CA PHE C 114 -35.77 3.35 -28.77
C PHE C 114 -36.36 2.17 -29.51
N THR C 115 -37.28 1.46 -28.86
CA THR C 115 -37.89 0.29 -29.46
C THR C 115 -39.33 0.19 -29.02
N SER C 116 -40.13 -0.51 -29.83
CA SER C 116 -41.51 -0.82 -29.50
C SER C 116 -41.65 -2.05 -28.63
N ASP C 117 -40.59 -2.85 -28.48
CA ASP C 117 -40.57 -4.02 -27.60
C ASP C 117 -41.75 -4.95 -27.89
N PHE C 118 -41.71 -5.51 -29.10
CA PHE C 118 -42.79 -6.37 -29.56
C PHE C 118 -42.97 -7.57 -28.64
N GLN C 119 -44.22 -7.93 -28.40
CA GLN C 119 -44.60 -9.12 -27.65
C GLN C 119 -45.46 -10.01 -28.54
N GLU C 120 -45.95 -11.10 -27.97
CA GLU C 120 -46.76 -12.04 -28.74
C GLU C 120 -48.07 -11.39 -29.18
N LYS C 121 -48.68 -10.59 -28.31
CA LYS C 121 -49.92 -9.92 -28.68
C LYS C 121 -49.71 -8.95 -29.84
N ASP C 122 -48.59 -8.22 -29.82
CA ASP C 122 -48.28 -7.32 -30.93
C ASP C 122 -48.05 -8.08 -32.22
N ILE C 123 -47.41 -9.25 -32.14
CA ILE C 123 -47.19 -10.06 -33.34
C ILE C 123 -48.51 -10.54 -33.91
N VAL C 124 -49.40 -11.04 -33.03
CA VAL C 124 -50.65 -11.65 -33.50
C VAL C 124 -51.58 -10.58 -34.06
N PHE C 125 -51.78 -9.50 -33.31
CA PHE C 125 -52.79 -8.50 -33.67
C PHE C 125 -52.21 -7.26 -34.34
N GLY C 126 -50.90 -7.21 -34.57
CA GLY C 126 -50.28 -6.06 -35.20
C GLY C 126 -49.84 -5.02 -34.19
N GLY C 127 -49.05 -4.07 -34.70
CA GLY C 127 -48.49 -3.04 -33.84
C GLY C 127 -48.60 -1.63 -34.41
N ASP C 128 -49.63 -1.39 -35.21
CA ASP C 128 -49.83 -0.05 -35.76
C ASP C 128 -50.31 0.92 -34.68
N LYS C 129 -51.29 0.51 -33.87
CA LYS C 129 -51.74 1.34 -32.77
C LYS C 129 -50.63 1.51 -31.73
N LYS C 130 -49.86 0.44 -31.50
CA LYS C 130 -48.69 0.56 -30.64
C LYS C 130 -47.72 1.58 -31.20
N LEU C 131 -47.54 1.62 -32.52
CA LEU C 131 -46.65 2.61 -33.12
C LEU C 131 -47.21 4.03 -32.97
N ALA C 132 -48.52 4.19 -33.08
CA ALA C 132 -49.11 5.50 -32.88
C ALA C 132 -48.85 6.00 -31.46
N LYS C 133 -49.18 5.17 -30.46
CA LYS C 133 -48.90 5.55 -29.08
C LYS C 133 -47.41 5.76 -28.85
N LEU C 134 -46.58 4.96 -29.52
CA LEU C 134 -45.14 5.16 -29.53
C LEU C 134 -44.79 6.58 -29.90
N ILE C 135 -45.36 7.07 -31.00
CA ILE C 135 -44.99 8.39 -31.51
C ILE C 135 -45.49 9.49 -30.58
N ASP C 136 -46.71 9.37 -30.06
CA ASP C 136 -47.16 10.39 -29.09
C ASP C 136 -46.27 10.39 -27.85
N GLU C 137 -45.89 9.21 -27.36
CA GLU C 137 -45.06 9.14 -26.17
C GLU C 137 -43.68 9.74 -26.43
N VAL C 138 -43.12 9.46 -27.62
CA VAL C 138 -41.83 10.04 -27.99
C VAL C 138 -41.93 11.56 -28.01
N GLU C 139 -43.00 12.09 -28.59
CA GLU C 139 -43.14 13.54 -28.67
C GLU C 139 -43.29 14.16 -27.29
N THR C 140 -44.03 13.52 -26.38
CA THR C 140 -44.23 14.14 -25.08
C THR C 140 -43.00 14.01 -24.18
N LEU C 141 -42.18 12.97 -24.34
CA LEU C 141 -41.05 12.80 -23.46
C LEU C 141 -39.73 13.33 -24.02
N PHE C 142 -39.66 13.60 -25.32
CA PHE C 142 -38.47 14.14 -25.96
C PHE C 142 -38.86 15.28 -26.89
N PRO C 143 -39.24 16.43 -26.33
CA PRO C 143 -39.79 17.50 -27.16
C PRO C 143 -38.79 18.16 -28.09
N LEU C 144 -37.50 18.08 -27.81
CA LEU C 144 -36.49 18.74 -28.63
C LEU C 144 -36.05 17.90 -29.81
N ASN C 145 -36.63 16.72 -30.01
CA ASN C 145 -36.31 15.92 -31.18
C ASN C 145 -36.79 16.63 -32.44
N LYS C 146 -36.01 16.51 -33.51
CA LYS C 146 -36.30 17.19 -34.77
C LYS C 146 -36.79 16.22 -35.85
N GLY C 147 -37.28 15.06 -35.46
CA GLY C 147 -37.79 14.08 -36.39
C GLY C 147 -37.65 12.68 -35.83
N ILE C 148 -38.47 11.78 -36.35
CA ILE C 148 -38.48 10.39 -35.94
C ILE C 148 -38.33 9.52 -37.18
N SER C 149 -37.46 8.52 -37.09
CA SER C 149 -37.36 7.48 -38.10
C SER C 149 -37.82 6.17 -37.49
N VAL C 150 -38.43 5.33 -38.31
CA VAL C 150 -38.98 4.05 -37.88
C VAL C 150 -38.28 2.97 -38.69
N GLN C 151 -37.29 2.31 -38.08
CA GLN C 151 -36.55 1.24 -38.75
C GLN C 151 -37.24 -0.10 -38.48
N SER C 152 -37.65 -0.78 -39.54
CA SER C 152 -38.42 -2.01 -39.41
C SER C 152 -37.50 -3.21 -39.30
N GLU C 153 -37.67 -3.97 -38.24
CA GLU C 153 -36.90 -5.20 -38.02
C GLU C 153 -37.68 -6.31 -38.71
N CYS C 154 -37.31 -7.57 -38.55
CA CYS C 154 -37.96 -8.64 -39.34
C CYS C 154 -39.45 -8.77 -39.11
N PRO C 155 -39.97 -9.16 -37.93
CA PRO C 155 -41.38 -9.44 -37.79
C PRO C 155 -42.35 -8.47 -38.46
N ILE C 156 -42.03 -7.17 -38.53
CA ILE C 156 -42.93 -6.12 -39.00
C ILE C 156 -43.23 -6.30 -40.48
N GLY C 157 -42.19 -6.54 -41.27
CA GLY C 157 -42.40 -6.85 -42.67
C GLY C 157 -43.02 -8.21 -42.88
N LEU C 158 -42.83 -9.13 -41.94
CA LEU C 158 -43.40 -10.45 -42.08
C LEU C 158 -44.89 -10.48 -41.79
N ILE C 159 -45.36 -9.74 -40.78
CA ILE C 159 -46.74 -9.81 -40.35
C ILE C 159 -47.58 -8.81 -41.14
N GLY C 160 -46.97 -8.17 -42.14
CA GLY C 160 -47.71 -7.27 -43.00
C GLY C 160 -48.22 -6.01 -42.34
N ASP C 161 -47.45 -5.44 -41.40
CA ASP C 161 -47.81 -4.15 -40.83
C ASP C 161 -47.51 -3.04 -41.83
N ASP C 162 -48.45 -2.09 -41.94
CA ASP C 162 -48.32 -0.96 -42.88
C ASP C 162 -48.00 0.30 -42.09
N ILE C 163 -46.71 0.64 -41.95
CA ILE C 163 -46.27 1.77 -41.13
C ILE C 163 -46.21 3.09 -41.89
N GLU C 164 -46.30 3.05 -43.22
CA GLU C 164 -46.32 4.30 -43.98
C GLU C 164 -47.55 5.13 -43.64
N SER C 165 -48.70 4.48 -43.49
CA SER C 165 -49.93 5.21 -43.18
C SER C 165 -49.86 5.84 -41.80
N VAL C 166 -49.39 5.10 -40.80
CA VAL C 166 -49.31 5.66 -39.46
C VAL C 166 -48.26 6.77 -39.41
N SER C 167 -47.17 6.61 -40.16
CA SER C 167 -46.16 7.66 -40.21
C SER C 167 -46.72 8.94 -40.82
N LYS C 168 -47.45 8.82 -41.93
CA LYS C 168 -48.03 10.00 -42.57
C LYS C 168 -49.08 10.65 -41.68
N VAL C 169 -49.93 9.85 -41.04
CA VAL C 169 -50.97 10.39 -40.17
C VAL C 169 -50.34 11.15 -39.00
N LYS C 170 -49.32 10.56 -38.37
CA LYS C 170 -48.66 11.24 -37.26
C LYS C 170 -47.91 12.48 -37.74
N GLY C 171 -47.26 12.41 -38.90
CA GLY C 171 -46.59 13.58 -39.42
C GLY C 171 -47.55 14.73 -39.67
N ALA C 172 -48.75 14.42 -40.16
CA ALA C 172 -49.76 15.45 -40.32
C ALA C 172 -50.25 15.96 -38.98
N GLU C 173 -50.43 15.05 -38.01
CA GLU C 173 -51.06 15.43 -36.74
C GLU C 173 -50.15 16.30 -35.90
N LEU C 174 -48.89 15.90 -35.72
CA LEU C 174 -47.96 16.64 -34.87
C LEU C 174 -47.00 17.51 -35.66
N SER C 175 -47.16 17.61 -36.97
CA SER C 175 -46.38 18.50 -37.82
C SER C 175 -44.88 18.26 -37.65
N LYS C 176 -44.51 16.98 -37.65
CA LYS C 176 -43.12 16.57 -37.50
C LYS C 176 -42.81 15.48 -38.52
N THR C 177 -41.62 15.55 -39.12
CA THR C 177 -41.24 14.57 -40.12
C THR C 177 -41.03 13.21 -39.47
N ILE C 178 -41.67 12.19 -40.02
CA ILE C 178 -41.50 10.80 -39.59
C ILE C 178 -41.20 9.97 -40.83
N VAL C 179 -40.05 9.30 -40.81
CA VAL C 179 -39.50 8.60 -41.97
C VAL C 179 -39.65 7.09 -41.71
N PRO C 180 -40.55 6.40 -42.39
CA PRO C 180 -40.62 4.94 -42.26
C PRO C 180 -39.63 4.26 -43.19
N VAL C 181 -38.77 3.42 -42.63
CA VAL C 181 -37.79 2.66 -43.39
C VAL C 181 -38.11 1.18 -43.20
N ARG C 182 -38.35 0.48 -44.31
CA ARG C 182 -38.63 -0.95 -44.31
C ARG C 182 -37.31 -1.69 -44.51
N CYS C 183 -36.52 -1.74 -43.45
CA CYS C 183 -35.18 -2.32 -43.48
C CYS C 183 -35.14 -3.71 -42.86
N GLU C 184 -36.16 -4.52 -43.13
CA GLU C 184 -36.24 -5.85 -42.55
C GLU C 184 -35.02 -6.68 -42.93
N GLY C 185 -34.60 -7.55 -42.00
CA GLY C 185 -33.38 -8.30 -42.19
C GLY C 185 -33.44 -9.27 -43.34
N PHE C 186 -34.60 -9.90 -43.55
CA PHE C 186 -34.72 -10.88 -44.62
C PHE C 186 -34.53 -10.26 -46.01
N ARG C 187 -34.73 -8.96 -46.14
CA ARG C 187 -34.54 -8.30 -47.42
C ARG C 187 -33.06 -8.27 -47.78
N GLY C 188 -32.74 -8.72 -48.99
CA GLY C 188 -31.37 -8.70 -49.45
C GLY C 188 -30.52 -9.78 -48.81
N VAL C 189 -29.21 -9.64 -49.04
CA VAL C 189 -28.23 -10.63 -48.60
C VAL C 189 -27.19 -10.07 -47.65
N SER C 190 -27.15 -8.76 -47.45
CA SER C 190 -26.13 -8.13 -46.61
C SER C 190 -26.63 -6.74 -46.21
N GLN C 191 -25.72 -5.92 -45.69
CA GLN C 191 -26.04 -4.57 -45.26
C GLN C 191 -26.18 -3.58 -46.41
N SER C 192 -25.77 -3.96 -47.62
CA SER C 192 -25.81 -3.03 -48.75
C SER C 192 -27.23 -2.61 -49.08
N LEU C 193 -28.17 -3.56 -49.10
CA LEU C 193 -29.55 -3.22 -49.36
C LEU C 193 -30.11 -2.33 -48.26
N GLY C 194 -29.62 -2.49 -47.03
CA GLY C 194 -29.96 -1.53 -46.00
C GLY C 194 -29.54 -0.13 -46.36
N HIS C 195 -28.35 0.03 -46.93
CA HIS C 195 -27.93 1.33 -47.42
C HIS C 195 -28.87 1.85 -48.50
N HIS C 196 -29.26 0.97 -49.42
CA HIS C 196 -30.13 1.41 -50.51
C HIS C 196 -31.48 1.89 -49.99
N ILE C 197 -32.08 1.14 -49.06
CA ILE C 197 -33.39 1.53 -48.53
C ILE C 197 -33.28 2.80 -47.68
N ALA C 198 -32.22 2.92 -46.90
CA ALA C 198 -32.02 4.15 -46.13
C ALA C 198 -31.85 5.35 -47.04
N ASN C 199 -31.10 5.17 -48.14
CA ASN C 199 -30.92 6.25 -49.10
C ASN C 199 -32.24 6.64 -49.74
N ASP C 200 -33.06 5.64 -50.10
CA ASP C 200 -34.37 5.93 -50.67
C ASP C 200 -35.26 6.66 -49.67
N ALA C 201 -35.19 6.28 -48.39
CA ALA C 201 -35.96 6.98 -47.38
C ALA C 201 -35.52 8.43 -47.25
N VAL C 202 -34.21 8.68 -47.25
CA VAL C 202 -33.70 10.05 -47.23
C VAL C 202 -34.21 10.81 -48.44
N ARG C 203 -34.18 10.18 -49.61
CA ARG C 203 -34.63 10.82 -50.84
C ARG C 203 -36.11 11.19 -50.78
N ASP C 204 -36.94 10.27 -50.32
CA ASP C 204 -38.39 10.43 -50.40
C ASP C 204 -38.99 11.15 -49.21
N TRP C 205 -38.23 11.39 -48.14
CA TRP C 205 -38.81 11.99 -46.95
C TRP C 205 -38.06 13.21 -46.40
N VAL C 206 -36.78 13.39 -46.72
CA VAL C 206 -35.96 14.41 -46.09
C VAL C 206 -35.34 15.36 -47.11
N LEU C 207 -34.80 14.81 -48.20
CA LEU C 207 -33.94 15.60 -49.07
C LEU C 207 -34.66 16.78 -49.71
N GLY C 208 -35.97 16.75 -49.80
CA GLY C 208 -36.68 17.79 -50.54
C GLY C 208 -37.65 18.63 -49.73
N LYS C 209 -37.29 19.01 -48.51
CA LYS C 209 -38.12 19.89 -47.71
C LYS C 209 -37.78 21.36 -47.87
N ARG C 210 -36.73 21.71 -48.62
CA ARG C 210 -36.42 23.09 -48.94
C ARG C 210 -36.21 23.26 -50.43
N ASP C 211 -36.98 22.52 -51.24
CA ASP C 211 -36.91 22.71 -52.69
C ASP C 211 -37.56 24.02 -53.13
N GLU C 212 -38.49 24.55 -52.32
CA GLU C 212 -39.13 25.82 -52.61
C GLU C 212 -38.68 26.93 -51.66
N ASP C 213 -37.55 26.72 -50.97
CA ASP C 213 -37.03 27.68 -50.01
C ASP C 213 -35.70 28.21 -50.53
N THR C 214 -35.55 29.54 -50.54
CA THR C 214 -34.33 30.19 -51.02
C THR C 214 -33.80 31.19 -50.01
N THR C 215 -33.98 30.90 -48.71
CA THR C 215 -33.49 31.79 -47.67
C THR C 215 -32.04 31.56 -47.31
N PHE C 216 -31.40 30.54 -47.89
CA PHE C 216 -30.03 30.17 -47.55
C PHE C 216 -29.07 30.89 -48.49
N ALA C 217 -28.17 31.69 -47.90
CA ALA C 217 -27.14 32.36 -48.70
C ALA C 217 -26.11 31.34 -49.17
N SER C 218 -25.83 31.34 -50.46
CA SER C 218 -24.95 30.35 -51.07
C SER C 218 -23.70 31.03 -51.63
N THR C 219 -22.57 30.37 -51.46
CA THR C 219 -21.28 30.81 -51.96
C THR C 219 -20.77 29.82 -53.00
N PRO C 220 -19.91 30.26 -53.93
CA PRO C 220 -19.40 29.34 -54.94
C PRO C 220 -18.50 28.24 -54.40
N TYR C 221 -18.30 28.17 -53.09
CA TYR C 221 -17.43 27.21 -52.44
C TYR C 221 -18.22 26.27 -51.54
N ASP C 222 -19.36 25.80 -52.01
CA ASP C 222 -20.26 24.99 -51.19
C ASP C 222 -20.07 23.52 -51.52
N VAL C 223 -19.68 22.73 -50.50
CA VAL C 223 -19.44 21.31 -50.65
C VAL C 223 -20.22 20.57 -49.58
N ALA C 224 -20.49 19.29 -49.85
CA ALA C 224 -21.18 18.42 -48.90
C ALA C 224 -20.42 17.11 -48.80
N ILE C 225 -20.04 16.74 -47.58
CA ILE C 225 -19.40 15.46 -47.33
C ILE C 225 -20.48 14.39 -47.19
N ILE C 226 -20.46 13.42 -48.07
CA ILE C 226 -21.49 12.39 -48.14
C ILE C 226 -20.83 11.05 -47.86
N GLY C 227 -21.40 10.30 -46.92
CA GLY C 227 -20.85 9.01 -46.57
C GLY C 227 -19.71 9.01 -45.58
N ASP C 228 -19.45 10.15 -44.93
CA ASP C 228 -18.47 10.21 -43.85
C ASP C 228 -19.22 10.04 -42.53
N TYR C 229 -18.92 8.94 -41.84
CA TYR C 229 -19.68 8.55 -40.67
C TYR C 229 -18.99 8.87 -39.36
N ASN C 230 -17.92 9.67 -39.40
CA ASN C 230 -17.30 10.21 -38.19
C ASN C 230 -16.91 9.09 -37.23
N ILE C 231 -16.31 8.03 -37.76
CA ILE C 231 -15.92 6.88 -36.95
C ILE C 231 -14.67 7.27 -36.17
N GLY C 232 -14.85 7.70 -34.93
CA GLY C 232 -13.76 8.20 -34.13
C GLY C 232 -13.35 9.63 -34.45
N GLY C 233 -14.07 10.31 -35.33
CA GLY C 233 -13.74 11.67 -35.71
C GLY C 233 -13.07 11.84 -37.05
N ASP C 234 -13.22 10.87 -37.96
CA ASP C 234 -12.63 11.02 -39.30
C ASP C 234 -13.24 12.20 -40.04
N ALA C 235 -14.57 12.37 -39.92
CA ALA C 235 -15.24 13.46 -40.61
C ALA C 235 -14.76 14.81 -40.12
N TRP C 236 -14.49 14.94 -38.82
CA TRP C 236 -14.00 16.20 -38.28
C TRP C 236 -12.63 16.55 -38.85
N SER C 237 -11.75 15.56 -38.96
CA SER C 237 -10.42 15.79 -39.51
C SER C 237 -10.50 16.16 -40.99
N SER C 238 -11.31 15.42 -41.76
CA SER C 238 -11.49 15.75 -43.17
C SER C 238 -12.08 17.15 -43.32
N ARG C 239 -13.03 17.51 -42.45
CA ARG C 239 -13.69 18.80 -42.56
C ARG C 239 -12.73 19.94 -42.23
N ILE C 240 -11.88 19.76 -41.23
CA ILE C 240 -10.91 20.81 -40.94
C ILE C 240 -9.91 20.94 -42.08
N LEU C 241 -9.54 19.81 -42.70
CA LEU C 241 -8.64 19.87 -43.85
C LEU C 241 -9.27 20.61 -45.02
N LEU C 242 -10.56 20.38 -45.27
CA LEU C 242 -11.22 21.04 -46.39
C LEU C 242 -11.55 22.50 -46.10
N GLU C 243 -11.82 22.85 -44.85
CA GLU C 243 -12.09 24.24 -44.50
C GLU C 243 -10.81 25.07 -44.48
N GLU C 244 -9.66 24.47 -44.16
CA GLU C 244 -8.40 25.19 -44.31
C GLU C 244 -8.13 25.56 -45.77
N MET C 245 -8.75 24.86 -46.72
CA MET C 245 -8.61 25.18 -48.13
C MET C 245 -9.52 26.32 -48.57
N GLY C 246 -10.52 26.66 -47.76
CA GLY C 246 -11.44 27.74 -48.11
C GLY C 246 -12.81 27.29 -48.57
N LEU C 247 -13.14 26.01 -48.45
CA LEU C 247 -14.43 25.51 -48.88
C LEU C 247 -15.39 25.44 -47.70
N ARG C 248 -16.64 25.82 -47.95
CA ARG C 248 -17.68 25.79 -46.93
C ARG C 248 -18.37 24.44 -46.95
N CYS C 249 -18.16 23.64 -45.91
CA CYS C 249 -18.82 22.34 -45.77
C CYS C 249 -20.21 22.59 -45.19
N VAL C 250 -21.18 22.79 -46.08
CA VAL C 250 -22.53 23.11 -45.64
C VAL C 250 -23.20 21.91 -44.97
N ALA C 251 -23.06 20.73 -45.58
CA ALA C 251 -23.72 19.52 -45.10
C ALA C 251 -22.69 18.46 -44.77
N GLN C 252 -22.96 17.68 -43.73
CA GLN C 252 -22.11 16.57 -43.34
C GLN C 252 -23.00 15.52 -42.70
N TRP C 253 -23.16 14.38 -43.39
CA TRP C 253 -24.01 13.31 -42.90
C TRP C 253 -23.50 11.99 -43.48
N SER C 254 -23.73 10.90 -42.75
CA SER C 254 -24.52 10.81 -41.52
C SER C 254 -23.75 11.18 -40.26
N GLY C 255 -22.44 10.91 -40.25
CA GLY C 255 -21.63 11.16 -39.07
C GLY C 255 -21.64 12.60 -38.59
N ASP C 256 -21.96 12.79 -37.32
CA ASP C 256 -22.12 14.13 -36.73
C ASP C 256 -23.14 14.94 -37.54
N GLY C 257 -24.19 14.27 -37.98
CA GLY C 257 -25.13 14.85 -38.93
C GLY C 257 -26.43 15.27 -38.28
N SER C 258 -26.95 16.40 -38.74
CA SER C 258 -28.26 16.88 -38.35
C SER C 258 -29.20 16.85 -39.55
N ILE C 259 -30.49 16.86 -39.28
CA ILE C 259 -31.48 16.82 -40.35
C ILE C 259 -31.40 18.09 -41.19
N SER C 260 -31.00 19.21 -40.58
CA SER C 260 -30.89 20.47 -41.31
C SER C 260 -29.81 20.39 -42.38
N GLU C 261 -28.69 19.73 -42.09
CA GLU C 261 -27.63 19.59 -43.08
C GLU C 261 -28.10 18.76 -44.26
N ILE C 262 -28.81 17.66 -44.01
CA ILE C 262 -29.37 16.87 -45.10
C ILE C 262 -30.34 17.71 -45.91
N GLU C 263 -31.16 18.52 -45.24
CA GLU C 263 -32.12 19.35 -45.95
C GLU C 263 -31.44 20.42 -46.79
N LEU C 264 -30.29 20.92 -46.34
CA LEU C 264 -29.55 21.96 -47.06
C LEU C 264 -28.59 21.41 -48.09
N THR C 265 -28.37 20.11 -48.11
CA THR C 265 -27.48 19.50 -49.10
C THR C 265 -27.78 19.89 -50.55
N PRO C 266 -29.05 19.96 -51.02
CA PRO C 266 -29.28 20.30 -52.44
C PRO C 266 -28.79 21.68 -52.87
N LYS C 267 -28.25 22.47 -51.95
CA LYS C 267 -27.79 23.81 -52.26
C LYS C 267 -26.29 23.92 -52.45
N VAL C 268 -25.56 22.80 -52.34
CA VAL C 268 -24.10 22.85 -52.41
C VAL C 268 -23.64 22.79 -53.86
N LYS C 269 -22.36 23.10 -54.09
CA LYS C 269 -21.79 23.11 -55.42
C LYS C 269 -20.98 21.85 -55.74
N LEU C 270 -20.67 21.02 -54.74
CA LEU C 270 -19.99 19.76 -55.00
C LEU C 270 -20.35 18.76 -53.91
N ASN C 271 -20.41 17.49 -54.29
CA ASN C 271 -20.69 16.40 -53.36
C ASN C 271 -19.46 15.52 -53.26
N LEU C 272 -18.73 15.63 -52.15
CA LEU C 272 -17.56 14.80 -51.91
C LEU C 272 -18.04 13.53 -51.21
N VAL C 273 -18.10 12.43 -51.94
CA VAL C 273 -18.58 11.15 -51.42
C VAL C 273 -17.38 10.37 -50.91
N HIS C 274 -17.42 10.01 -49.62
CA HIS C 274 -16.34 9.21 -49.03
C HIS C 274 -16.58 7.72 -49.27
N CYS C 275 -17.71 7.21 -48.79
CA CYS C 275 -18.10 5.83 -49.00
C CYS C 275 -19.01 5.76 -50.22
N TYR C 276 -18.46 5.29 -51.34
CA TYR C 276 -19.24 5.17 -52.56
C TYR C 276 -20.36 4.15 -52.40
N ARG C 277 -20.07 3.03 -51.74
CA ARG C 277 -21.04 1.94 -51.67
C ARG C 277 -22.31 2.36 -50.93
N SER C 278 -22.16 3.13 -49.86
CA SER C 278 -23.30 3.44 -49.01
C SER C 278 -24.09 4.67 -49.45
N MET C 279 -23.53 5.55 -50.28
CA MET C 279 -24.27 6.74 -50.68
C MET C 279 -24.19 7.07 -52.17
N ASN C 280 -23.76 6.13 -53.02
CA ASN C 280 -23.73 6.41 -54.45
C ASN C 280 -25.13 6.66 -55.00
N TYR C 281 -26.14 6.01 -54.43
CA TYR C 281 -27.50 6.19 -54.90
C TYR C 281 -27.94 7.65 -54.77
N ILE C 282 -27.77 8.22 -53.58
CA ILE C 282 -28.16 9.61 -53.36
C ILE C 282 -27.24 10.54 -54.13
N SER C 283 -25.97 10.15 -54.34
CA SER C 283 -25.08 10.98 -55.14
C SER C 283 -25.58 11.11 -56.57
N ARG C 284 -25.94 9.99 -57.19
CA ARG C 284 -26.46 10.03 -58.55
C ARG C 284 -27.83 10.71 -58.60
N HIS C 285 -28.66 10.52 -57.58
CA HIS C 285 -29.95 11.20 -57.57
C HIS C 285 -29.79 12.72 -57.51
N MET C 286 -28.85 13.19 -56.69
CA MET C 286 -28.60 14.62 -56.59
C MET C 286 -27.93 15.17 -57.84
N GLU C 287 -27.13 14.35 -58.53
CA GLU C 287 -26.64 14.75 -59.84
C GLU C 287 -27.78 14.89 -60.85
N GLU C 288 -28.73 13.95 -60.82
CA GLU C 288 -29.77 13.94 -61.83
C GLU C 288 -30.80 15.04 -61.60
N LYS C 289 -31.21 15.25 -60.35
CA LYS C 289 -32.31 16.16 -60.07
C LYS C 289 -31.83 17.60 -59.89
N TYR C 290 -30.93 17.84 -58.95
CA TYR C 290 -30.46 19.19 -58.66
C TYR C 290 -29.26 19.59 -59.49
N GLY C 291 -28.66 18.67 -60.23
CA GLY C 291 -27.52 19.01 -61.06
C GLY C 291 -26.23 19.25 -60.30
N ILE C 292 -26.05 18.63 -59.15
CA ILE C 292 -24.85 18.80 -58.34
C ILE C 292 -23.85 17.71 -58.71
N PRO C 293 -22.66 18.07 -59.18
CA PRO C 293 -21.65 17.04 -59.44
C PRO C 293 -21.08 16.46 -58.16
N TRP C 294 -20.61 15.22 -58.25
CA TRP C 294 -20.03 14.52 -57.12
C TRP C 294 -18.73 13.85 -57.53
N MET C 295 -17.83 13.71 -56.57
CA MET C 295 -16.59 12.98 -56.77
C MET C 295 -16.27 12.13 -55.56
N GLU C 296 -15.50 11.07 -55.80
CA GLU C 296 -14.95 10.26 -54.73
C GLU C 296 -13.65 10.87 -54.26
N TYR C 297 -13.41 10.79 -52.95
CA TYR C 297 -12.19 11.34 -52.37
C TYR C 297 -11.62 10.35 -51.37
N ASN C 298 -10.32 10.47 -51.12
CA ASN C 298 -9.61 9.54 -50.24
C ASN C 298 -8.61 10.33 -49.41
N PHE C 299 -8.90 10.45 -48.12
CA PHE C 299 -8.04 11.15 -47.17
C PHE C 299 -7.24 10.21 -46.30
N PHE C 300 -7.15 8.93 -46.65
CA PHE C 300 -6.47 7.93 -45.84
C PHE C 300 -5.04 7.82 -46.36
N GLY C 301 -4.15 8.61 -45.76
CA GLY C 301 -2.76 8.61 -46.15
C GLY C 301 -2.31 9.92 -46.77
N PRO C 302 -1.10 10.36 -46.45
CA PRO C 302 -0.63 11.67 -46.93
C PRO C 302 -0.60 11.78 -48.45
N THR C 303 -0.18 10.73 -49.15
CA THR C 303 -0.17 10.78 -50.61
C THR C 303 -1.59 10.88 -51.17
N LYS C 304 -2.48 9.99 -50.69
CA LYS C 304 -3.86 10.03 -51.15
C LYS C 304 -4.56 11.30 -50.71
N THR C 305 -4.25 11.79 -49.50
CA THR C 305 -4.84 13.05 -49.04
C THR C 305 -4.43 14.21 -49.94
N ILE C 306 -3.14 14.29 -50.29
CA ILE C 306 -2.67 15.35 -51.16
C ILE C 306 -3.33 15.25 -52.52
N GLU C 307 -3.41 14.04 -53.07
CA GLU C 307 -4.04 13.86 -54.38
C GLU C 307 -5.50 14.28 -54.35
N SER C 308 -6.23 13.88 -53.30
CA SER C 308 -7.64 14.25 -53.19
C SER C 308 -7.82 15.76 -53.05
N LEU C 309 -6.97 16.40 -52.23
CA LEU C 309 -7.08 17.83 -52.06
C LEU C 309 -6.82 18.57 -53.37
N ARG C 310 -5.81 18.14 -54.12
CA ARG C 310 -5.54 18.76 -55.42
C ARG C 310 -6.70 18.53 -56.39
N ALA C 311 -7.27 17.32 -56.40
CA ALA C 311 -8.39 17.04 -57.29
C ALA C 311 -9.59 17.91 -56.96
N ILE C 312 -9.89 18.08 -55.66
CA ILE C 312 -11.01 18.93 -55.27
C ILE C 312 -10.73 20.39 -55.63
N ALA C 313 -9.51 20.86 -55.39
CA ALA C 313 -9.18 22.24 -55.74
C ALA C 313 -9.16 22.48 -57.25
N ALA C 314 -9.06 21.42 -58.05
CA ALA C 314 -8.98 21.58 -59.49
C ALA C 314 -10.22 22.28 -60.07
N LYS C 315 -11.41 21.99 -59.53
CA LYS C 315 -12.65 22.56 -60.05
C LYS C 315 -13.14 23.76 -59.26
N PHE C 316 -12.22 24.57 -58.73
CA PHE C 316 -12.52 25.89 -58.21
C PHE C 316 -11.52 26.87 -58.81
N ASP C 317 -11.65 28.14 -58.44
CA ASP C 317 -10.83 29.19 -59.03
C ASP C 317 -9.40 29.09 -58.47
N GLU C 318 -8.55 30.05 -58.85
CA GLU C 318 -7.13 29.97 -58.51
C GLU C 318 -6.89 30.13 -57.02
N SER C 319 -7.77 30.87 -56.36
CA SER C 319 -7.63 31.12 -54.91
C SER C 319 -7.67 29.80 -54.16
N ILE C 320 -8.63 28.96 -54.49
CA ILE C 320 -8.78 27.68 -53.83
C ILE C 320 -7.57 26.79 -54.11
N GLN C 321 -7.04 26.83 -55.34
CA GLN C 321 -5.87 26.05 -55.68
C GLN C 321 -4.66 26.49 -54.86
N LYS C 322 -4.46 27.79 -54.72
CA LYS C 322 -3.33 28.28 -53.95
C LYS C 322 -3.50 27.99 -52.46
N LYS C 323 -4.75 28.01 -51.96
CA LYS C 323 -4.97 27.65 -50.57
C LYS C 323 -4.71 26.16 -50.35
N CYS C 324 -5.06 25.33 -51.33
CA CYS C 324 -4.71 23.91 -51.25
C CYS C 324 -3.21 23.72 -51.21
N GLU C 325 -2.47 24.46 -52.04
CA GLU C 325 -1.01 24.38 -52.00
C GLU C 325 -0.47 24.81 -50.64
N GLU C 326 -1.04 25.88 -50.07
CA GLU C 326 -0.59 26.34 -48.77
C GLU C 326 -0.89 25.31 -47.68
N VAL C 327 -2.05 24.67 -47.74
CA VAL C 327 -2.39 23.63 -46.77
C VAL C 327 -1.43 22.46 -46.87
N ILE C 328 -1.11 22.05 -48.11
CA ILE C 328 -0.16 20.97 -48.33
C ILE C 328 1.20 21.33 -47.75
N ALA C 329 1.66 22.56 -48.00
CA ALA C 329 2.95 22.99 -47.48
C ALA C 329 2.93 23.05 -45.95
N LYS C 330 1.80 23.45 -45.36
CA LYS C 330 1.71 23.51 -43.92
C LYS C 330 1.78 22.12 -43.29
N TYR C 331 1.06 21.15 -43.85
CA TYR C 331 0.98 19.84 -43.25
C TYR C 331 2.09 18.88 -43.70
N LYS C 332 2.91 19.28 -44.67
CA LYS C 332 3.99 18.41 -45.13
C LYS C 332 4.96 17.99 -44.03
N PRO C 333 5.50 18.91 -43.22
CA PRO C 333 6.49 18.48 -42.22
C PRO C 333 5.94 17.48 -41.22
N GLU C 334 4.65 17.57 -40.87
CA GLU C 334 4.11 16.68 -39.84
C GLU C 334 4.07 15.24 -40.33
N TRP C 335 3.52 15.00 -41.52
CA TRP C 335 3.48 13.62 -42.00
C TRP C 335 4.86 13.15 -42.45
N GLU C 336 5.73 14.08 -42.84
CA GLU C 336 7.12 13.70 -43.08
C GLU C 336 7.78 13.19 -41.81
N ALA C 337 7.54 13.86 -40.68
CA ALA C 337 8.06 13.40 -39.40
C ALA C 337 7.45 12.06 -39.00
N VAL C 338 6.16 11.88 -39.25
CA VAL C 338 5.51 10.61 -38.94
C VAL C 338 6.17 9.48 -39.72
N VAL C 339 6.38 9.69 -41.02
CA VAL C 339 7.05 8.69 -41.84
C VAL C 339 8.46 8.44 -41.32
N ALA C 340 9.19 9.50 -40.99
CA ALA C 340 10.57 9.33 -40.53
C ALA C 340 10.63 8.50 -39.26
N LYS C 341 9.71 8.73 -38.33
CA LYS C 341 9.74 8.01 -37.07
C LYS C 341 9.23 6.57 -37.20
N TYR C 342 8.23 6.33 -38.05
CA TYR C 342 7.55 5.03 -38.03
C TYR C 342 7.82 4.16 -39.24
N ARG C 343 8.41 4.68 -40.31
CA ARG C 343 8.76 3.81 -41.44
C ARG C 343 9.82 2.77 -41.08
N PRO C 344 10.93 3.11 -40.41
CA PRO C 344 11.93 2.07 -40.12
C PRO C 344 11.39 0.89 -39.33
N ARG C 345 10.41 1.11 -38.47
CA ARG C 345 9.84 0.05 -37.64
C ARG C 345 8.74 -0.73 -38.35
N LEU C 346 8.40 -0.36 -39.59
CA LEU C 346 7.34 -1.05 -40.31
C LEU C 346 7.71 -1.39 -41.76
N GLU C 347 8.93 -1.09 -42.20
CA GLU C 347 9.29 -1.36 -43.59
C GLU C 347 9.29 -2.84 -43.87
N GLY C 348 8.61 -3.23 -44.97
CA GLY C 348 8.60 -4.60 -45.43
C GLY C 348 7.50 -5.48 -44.88
N LYS C 349 6.72 -5.00 -43.92
CA LYS C 349 5.69 -5.83 -43.32
C LYS C 349 4.58 -6.13 -44.33
N ARG C 350 3.91 -7.27 -44.13
CA ARG C 350 2.87 -7.73 -45.04
C ARG C 350 1.51 -7.70 -44.33
N VAL C 351 0.50 -7.20 -45.03
CA VAL C 351 -0.83 -7.00 -44.45
C VAL C 351 -1.87 -7.72 -45.30
N MET C 352 -2.88 -8.28 -44.64
CA MET C 352 -4.10 -8.74 -45.28
C MET C 352 -5.31 -8.11 -44.60
N LEU C 353 -6.29 -7.71 -45.39
CA LEU C 353 -7.44 -6.97 -44.89
C LEU C 353 -8.74 -7.64 -45.32
N TYR C 354 -9.73 -7.61 -44.43
CA TYR C 354 -11.08 -8.05 -44.76
C TYR C 354 -12.03 -7.27 -43.86
N ILE C 355 -12.58 -6.17 -44.37
CA ILE C 355 -13.30 -5.23 -43.53
C ILE C 355 -14.76 -5.11 -43.97
N GLY C 356 -14.97 -4.71 -45.21
CA GLY C 356 -16.28 -4.24 -45.63
C GLY C 356 -16.30 -3.73 -47.05
N GLY C 357 -16.80 -2.52 -47.23
CA GLY C 357 -16.93 -1.92 -48.55
C GLY C 357 -15.79 -0.99 -48.91
N LEU C 358 -15.97 0.31 -48.67
CA LEU C 358 -14.99 1.31 -49.12
C LEU C 358 -13.62 1.09 -48.51
N ARG C 359 -13.56 0.80 -47.21
CA ARG C 359 -12.29 0.83 -46.49
C ARG C 359 -11.23 -0.15 -47.01
N PRO C 360 -11.54 -1.43 -47.30
CA PRO C 360 -10.48 -2.37 -47.70
C PRO C 360 -9.66 -1.93 -48.89
N ARG C 361 -10.22 -1.17 -49.82
CA ARG C 361 -9.44 -0.66 -50.95
C ARG C 361 -8.85 0.71 -50.69
N HIS C 362 -9.39 1.48 -49.73
CA HIS C 362 -8.93 2.83 -49.50
C HIS C 362 -7.79 2.92 -48.49
N VAL C 363 -7.64 1.92 -47.62
CA VAL C 363 -6.53 1.94 -46.65
C VAL C 363 -5.18 1.68 -47.31
N ILE C 364 -5.18 1.28 -48.58
CA ILE C 364 -3.97 0.78 -49.24
C ILE C 364 -2.91 1.87 -49.32
N GLY C 365 -3.33 3.10 -49.61
CA GLY C 365 -2.38 4.17 -49.82
C GLY C 365 -1.54 4.47 -48.59
N ALA C 366 -2.18 4.56 -47.42
CA ALA C 366 -1.41 4.79 -46.21
C ALA C 366 -0.70 3.52 -45.76
N TYR C 367 -1.23 2.34 -46.07
CA TYR C 367 -0.48 1.13 -45.76
C TYR C 367 0.84 1.11 -46.50
N GLU C 368 0.85 1.55 -47.75
CA GLU C 368 2.08 1.64 -48.52
C GLU C 368 2.92 2.86 -48.15
N ASP C 369 2.29 3.93 -47.66
CA ASP C 369 3.03 5.12 -47.30
C ASP C 369 4.00 4.86 -46.16
N LEU C 370 3.73 3.85 -45.33
CA LEU C 370 4.64 3.39 -44.30
C LEU C 370 5.55 2.26 -44.77
N GLY C 371 5.43 1.85 -46.04
CA GLY C 371 6.27 0.83 -46.60
C GLY C 371 5.81 -0.60 -46.42
N MET C 372 4.56 -0.81 -46.02
CA MET C 372 4.05 -2.15 -45.76
C MET C 372 3.26 -2.63 -46.96
N GLU C 373 3.70 -3.74 -47.55
CA GLU C 373 3.04 -4.29 -48.73
C GLU C 373 1.79 -5.06 -48.33
N VAL C 374 0.73 -4.90 -49.10
CA VAL C 374 -0.54 -5.55 -48.84
C VAL C 374 -0.72 -6.67 -49.85
N VAL C 375 -1.06 -7.87 -49.35
CA VAL C 375 -1.07 -9.07 -50.15
C VAL C 375 -2.44 -9.70 -50.27
N GLY C 376 -3.46 -9.14 -49.63
CA GLY C 376 -4.81 -9.65 -49.77
C GLY C 376 -5.87 -8.77 -49.17
N THR C 377 -6.92 -8.48 -49.93
CA THR C 377 -8.04 -7.69 -49.43
C THR C 377 -9.34 -8.36 -49.85
N GLY C 378 -10.44 -8.00 -49.18
CA GLY C 378 -11.74 -8.63 -49.45
C GLY C 378 -12.90 -7.86 -48.85
N TYR C 379 -14.12 -8.14 -49.32
CA TYR C 379 -15.32 -7.42 -48.86
C TYR C 379 -16.39 -8.42 -48.41
N GLU C 380 -17.47 -7.93 -47.82
CA GLU C 380 -18.58 -8.83 -47.41
C GLU C 380 -19.84 -8.43 -48.15
N PHE C 381 -19.93 -7.18 -48.61
CA PHE C 381 -21.15 -6.71 -49.24
C PHE C 381 -20.90 -5.81 -50.44
N ALA C 382 -19.64 -5.62 -50.84
CA ALA C 382 -19.36 -4.71 -51.94
C ALA C 382 -19.84 -5.30 -53.27
N HIS C 383 -20.03 -4.42 -54.24
CA HIS C 383 -20.52 -4.79 -55.55
C HIS C 383 -19.37 -4.88 -56.54
N ASN C 384 -19.69 -5.07 -57.82
CA ASN C 384 -18.65 -5.29 -58.83
C ASN C 384 -17.82 -4.04 -59.08
N ASP C 385 -18.42 -2.85 -58.97
CA ASP C 385 -17.67 -1.62 -59.18
C ASP C 385 -16.59 -1.44 -58.12
N ASP C 386 -16.87 -1.86 -56.88
CA ASP C 386 -15.85 -1.80 -55.85
C ASP C 386 -14.63 -2.64 -56.20
N TYR C 387 -14.87 -3.87 -56.69
CA TYR C 387 -13.76 -4.71 -57.11
C TYR C 387 -13.04 -4.13 -58.33
N ASP C 388 -13.79 -3.53 -59.24
CA ASP C 388 -13.18 -2.88 -60.40
C ASP C 388 -12.23 -1.77 -59.97
N ARG C 389 -12.64 -0.96 -59.00
CA ARG C 389 -11.74 0.04 -58.42
C ARG C 389 -10.58 -0.61 -57.67
N THR C 390 -10.82 -1.76 -57.05
CA THR C 390 -9.78 -2.43 -56.26
C THR C 390 -8.66 -2.94 -57.16
N MET C 391 -8.99 -3.43 -58.35
CA MET C 391 -7.98 -4.08 -59.18
C MET C 391 -6.84 -3.13 -59.53
N LYS C 392 -7.16 -1.87 -59.84
CA LYS C 392 -6.13 -0.93 -60.24
C LYS C 392 -5.15 -0.64 -59.10
N GLU C 393 -5.68 -0.41 -57.90
CA GLU C 393 -4.82 -0.06 -56.76
C GLU C 393 -4.08 -1.26 -56.19
N MET C 394 -4.71 -2.43 -56.16
CA MET C 394 -4.09 -3.61 -55.58
C MET C 394 -2.95 -4.12 -56.44
N GLY C 395 -1.93 -4.67 -55.78
CA GLY C 395 -0.81 -5.24 -56.49
C GLY C 395 -1.12 -6.58 -57.12
N ASP C 396 -0.23 -7.00 -58.01
CA ASP C 396 -0.41 -8.25 -58.74
C ASP C 396 -0.13 -9.46 -57.83
N SER C 397 -0.70 -10.60 -58.23
CA SER C 397 -0.50 -11.87 -57.53
C SER C 397 -0.94 -11.78 -56.06
N THR C 398 -2.10 -11.16 -55.83
CA THR C 398 -2.67 -11.05 -54.51
C THR C 398 -4.04 -11.69 -54.48
N LEU C 399 -4.40 -12.26 -53.34
CA LEU C 399 -5.63 -13.04 -53.20
C LEU C 399 -6.80 -12.14 -52.83
N LEU C 400 -7.91 -12.30 -53.55
CA LEU C 400 -9.13 -11.55 -53.34
C LEU C 400 -10.24 -12.52 -52.97
N TYR C 401 -11.03 -12.15 -51.97
CA TYR C 401 -12.11 -13.01 -51.52
C TYR C 401 -13.37 -12.17 -51.29
N ASP C 402 -14.52 -12.84 -51.43
CA ASP C 402 -15.82 -12.24 -51.16
C ASP C 402 -16.64 -13.20 -50.33
N ASP C 403 -17.35 -12.66 -49.34
CA ASP C 403 -18.18 -13.46 -48.44
C ASP C 403 -17.36 -14.57 -47.79
N VAL C 404 -16.26 -14.16 -47.15
CA VAL C 404 -15.28 -15.12 -46.64
C VAL C 404 -15.91 -15.99 -45.56
N THR C 405 -15.63 -17.28 -45.62
CA THR C 405 -15.95 -18.20 -44.53
C THR C 405 -14.84 -18.13 -43.49
N GLY C 406 -15.22 -18.27 -42.23
CA GLY C 406 -14.21 -18.32 -41.18
C GLY C 406 -13.20 -19.43 -41.40
N TYR C 407 -13.67 -20.58 -41.89
CA TYR C 407 -12.78 -21.65 -42.32
C TYR C 407 -11.86 -21.17 -43.44
N GLU C 408 -12.43 -20.46 -44.41
CA GLU C 408 -11.64 -19.98 -45.55
C GLU C 408 -10.58 -18.99 -45.11
N PHE C 409 -10.96 -18.02 -44.28
CA PHE C 409 -9.99 -17.05 -43.77
C PHE C 409 -8.92 -17.74 -42.93
N GLU C 410 -9.33 -18.70 -42.10
CA GLU C 410 -8.39 -19.44 -41.27
C GLU C 410 -7.32 -20.12 -42.12
N GLU C 411 -7.74 -20.91 -43.12
CA GLU C 411 -6.78 -21.65 -43.90
C GLU C 411 -6.08 -20.80 -44.96
N PHE C 412 -6.60 -19.63 -45.29
CA PHE C 412 -5.85 -18.70 -46.12
C PHE C 412 -4.72 -18.07 -45.35
N VAL C 413 -5.00 -17.66 -44.10
CA VAL C 413 -3.97 -17.05 -43.27
C VAL C 413 -2.92 -18.08 -42.88
N LYS C 414 -3.33 -19.32 -42.62
CA LYS C 414 -2.37 -20.37 -42.29
C LYS C 414 -1.38 -20.62 -43.41
N ARG C 415 -1.71 -20.24 -44.64
CA ARG C 415 -0.82 -20.42 -45.78
C ARG C 415 -0.03 -19.16 -46.12
N ILE C 416 -0.71 -18.01 -46.21
CA ILE C 416 -0.01 -16.78 -46.56
C ILE C 416 0.89 -16.32 -45.43
N LYS C 417 0.41 -16.43 -44.19
CA LYS C 417 1.14 -16.03 -42.98
C LYS C 417 1.59 -14.58 -43.04
N PRO C 418 0.68 -13.61 -42.99
CA PRO C 418 1.09 -12.21 -43.01
C PRO C 418 1.47 -11.72 -41.61
N ASP C 419 2.09 -10.55 -41.58
CA ASP C 419 2.52 -9.95 -40.32
C ASP C 419 1.40 -9.19 -39.62
N LEU C 420 0.30 -8.89 -40.30
CA LEU C 420 -0.78 -8.12 -39.70
C LEU C 420 -2.05 -8.36 -40.49
N ILE C 421 -3.17 -8.45 -39.77
CA ILE C 421 -4.48 -8.69 -40.38
C ILE C 421 -5.48 -7.69 -39.81
N GLY C 422 -6.18 -6.99 -40.69
CA GLY C 422 -7.19 -6.04 -40.27
C GLY C 422 -8.59 -6.47 -40.67
N SER C 423 -9.43 -6.73 -39.68
CA SER C 423 -10.80 -7.20 -39.91
C SER C 423 -11.67 -6.71 -38.76
N GLY C 424 -12.84 -7.33 -38.61
CA GLY C 424 -13.80 -6.93 -37.60
C GLY C 424 -13.58 -7.59 -36.26
N ILE C 425 -14.53 -7.34 -35.36
CA ILE C 425 -14.45 -7.88 -34.00
C ILE C 425 -14.61 -9.40 -34.00
N LYS C 426 -15.38 -9.94 -34.94
CA LYS C 426 -15.68 -11.36 -34.95
C LYS C 426 -14.48 -12.22 -35.34
N GLU C 427 -13.39 -11.62 -35.82
CA GLU C 427 -12.17 -12.34 -36.13
C GLU C 427 -10.99 -11.89 -35.28
N LYS C 428 -11.18 -10.85 -34.46
CA LYS C 428 -10.06 -10.27 -33.72
C LYS C 428 -9.39 -11.31 -32.85
N PHE C 429 -10.16 -12.00 -32.01
CA PHE C 429 -9.59 -12.96 -31.08
C PHE C 429 -9.20 -14.26 -31.78
N ILE C 430 -9.92 -14.63 -32.83
CA ILE C 430 -9.55 -15.82 -33.61
C ILE C 430 -8.13 -15.66 -34.13
N PHE C 431 -7.83 -14.49 -34.71
CA PHE C 431 -6.49 -14.22 -35.22
C PHE C 431 -5.51 -13.88 -34.11
N GLN C 432 -5.99 -13.39 -32.97
CA GLN C 432 -5.12 -13.11 -31.84
C GLN C 432 -4.54 -14.40 -31.27
N LYS C 433 -5.34 -15.46 -31.18
CA LYS C 433 -4.84 -16.73 -30.67
C LYS C 433 -3.82 -17.39 -31.59
N MET C 434 -3.67 -16.90 -32.82
CA MET C 434 -2.75 -17.46 -33.79
C MET C 434 -1.41 -16.76 -33.80
N GLY C 435 -1.22 -15.73 -32.98
CA GLY C 435 0.03 -15.00 -32.96
C GLY C 435 0.16 -13.93 -34.01
N ILE C 436 -0.87 -13.68 -34.79
CA ILE C 436 -0.84 -12.67 -35.85
C ILE C 436 -1.40 -11.37 -35.27
N PRO C 437 -0.66 -10.27 -35.32
CA PRO C 437 -1.20 -8.99 -34.86
C PRO C 437 -2.46 -8.62 -35.64
N PHE C 438 -3.42 -8.06 -34.94
CA PHE C 438 -4.73 -7.77 -35.50
C PHE C 438 -5.13 -6.34 -35.18
N ARG C 439 -5.87 -5.74 -36.10
CA ARG C 439 -6.39 -4.39 -35.90
C ARG C 439 -7.85 -4.35 -36.31
N GLU C 440 -8.69 -3.80 -35.44
CA GLU C 440 -10.10 -3.62 -35.77
C GLU C 440 -10.26 -2.49 -36.77
N MET C 441 -10.31 -2.86 -38.05
CA MET C 441 -10.34 -1.85 -39.15
C MET C 441 -11.60 -0.98 -39.16
N HIS C 442 -12.62 -1.29 -38.36
CA HIS C 442 -13.77 -0.37 -38.26
C HIS C 442 -13.61 0.40 -36.96
N SER C 443 -13.58 -0.31 -35.84
CA SER C 443 -13.49 0.32 -34.51
C SER C 443 -12.18 1.06 -34.39
N TRP C 444 -11.30 0.90 -35.37
CA TRP C 444 -9.96 1.50 -35.26
C TRP C 444 -9.41 1.00 -33.92
N ASP C 445 -10.02 -0.08 -33.40
CA ASP C 445 -9.62 -0.66 -32.11
C ASP C 445 -9.82 0.33 -30.98
N TYR C 446 -10.99 0.99 -30.99
CA TYR C 446 -11.35 1.99 -29.98
C TYR C 446 -10.30 3.11 -29.94
N SER C 447 -9.84 3.51 -31.11
CA SER C 447 -8.89 4.60 -31.27
C SER C 447 -9.33 5.40 -32.49
N GLY C 448 -8.44 6.24 -33.00
CA GLY C 448 -8.73 7.05 -34.15
C GLY C 448 -8.68 8.53 -33.82
N PRO C 449 -8.91 9.39 -34.80
CA PRO C 449 -9.23 9.09 -36.21
C PRO C 449 -8.04 8.62 -37.03
N TYR C 450 -8.28 8.00 -38.19
CA TYR C 450 -7.21 7.62 -39.11
C TYR C 450 -7.26 8.39 -40.42
N HIS C 451 -8.16 9.36 -40.55
CA HIS C 451 -8.33 10.11 -41.78
C HIS C 451 -7.67 11.48 -41.68
N GLY C 452 -7.09 11.92 -42.78
CA GLY C 452 -6.40 13.19 -42.81
C GLY C 452 -4.98 13.09 -42.30
N PHE C 453 -4.28 14.22 -42.38
CA PHE C 453 -2.92 14.29 -41.87
C PHE C 453 -2.87 14.02 -40.37
N ASP C 454 -3.85 14.55 -39.63
CA ASP C 454 -3.90 14.29 -38.19
C ASP C 454 -4.15 12.82 -37.91
N GLY C 455 -5.02 12.19 -38.70
CA GLY C 455 -5.28 10.78 -38.51
C GLY C 455 -4.14 9.87 -38.92
N PHE C 456 -3.26 10.34 -39.81
CA PHE C 456 -2.14 9.52 -40.24
C PHE C 456 -1.18 9.23 -39.10
N ALA C 457 -0.97 10.20 -38.21
CA ALA C 457 -0.10 9.98 -37.07
C ALA C 457 -0.66 8.90 -36.16
N ILE C 458 -1.97 8.94 -35.89
CA ILE C 458 -2.59 7.94 -35.05
C ILE C 458 -2.52 6.57 -35.72
N PHE C 459 -2.75 6.52 -37.04
CA PHE C 459 -2.68 5.27 -37.76
C PHE C 459 -1.29 4.65 -37.67
N ALA C 460 -0.25 5.46 -37.88
CA ALA C 460 1.12 4.97 -37.80
C ALA C 460 1.44 4.48 -36.39
N ARG C 461 1.04 5.24 -35.36
CA ARG C 461 1.31 4.83 -33.98
C ARG C 461 0.61 3.53 -33.65
N ASP C 462 -0.65 3.38 -34.07
CA ASP C 462 -1.38 2.15 -33.77
C ASP C 462 -0.80 0.96 -34.52
N MET C 463 -0.42 1.14 -35.78
CA MET C 463 0.23 0.08 -36.53
C MET C 463 1.50 -0.39 -35.82
N ASP C 464 2.31 0.58 -35.36
CA ASP C 464 3.52 0.23 -34.65
C ASP C 464 3.22 -0.49 -33.34
N MET C 465 2.24 0.01 -32.58
CA MET C 465 1.99 -0.55 -31.26
C MET C 465 1.42 -1.96 -31.34
N THR C 466 0.71 -2.29 -32.42
CA THR C 466 0.24 -3.67 -32.53
C THR C 466 1.28 -4.58 -33.18
N LEU C 467 2.02 -4.09 -34.17
CA LEU C 467 2.89 -4.96 -34.94
C LEU C 467 4.13 -5.37 -34.16
N ASN C 468 4.61 -4.49 -33.27
CA ASN C 468 5.85 -4.72 -32.54
C ASN C 468 5.61 -4.94 -31.05
N ASN C 469 4.40 -5.32 -30.67
CA ASN C 469 4.10 -5.54 -29.25
C ASN C 469 4.84 -6.77 -28.76
N PRO C 470 5.35 -6.74 -27.52
CA PRO C 470 6.08 -7.91 -27.00
C PRO C 470 5.24 -9.16 -26.86
N CYS C 471 3.93 -9.01 -26.62
CA CYS C 471 3.08 -10.17 -26.32
C CYS C 471 3.07 -11.19 -27.44
N TRP C 472 3.31 -10.75 -28.68
CA TRP C 472 3.30 -11.68 -29.81
C TRP C 472 4.50 -12.59 -29.82
N LYS C 473 5.52 -12.30 -29.01
CA LYS C 473 6.73 -13.10 -28.98
C LYS C 473 6.69 -14.16 -27.88
N LYS C 474 5.66 -14.17 -27.05
CA LYS C 474 5.60 -15.00 -25.86
C LYS C 474 4.49 -16.04 -25.91
N LEU C 475 4.03 -16.41 -27.11
CA LEU C 475 2.93 -17.36 -27.21
C LEU C 475 3.37 -18.80 -26.94
N GLN C 476 4.64 -19.11 -27.13
CA GLN C 476 5.14 -20.47 -26.96
C GLN C 476 5.88 -20.57 -25.64
N ALA C 477 5.47 -21.53 -24.82
CA ALA C 477 6.13 -21.75 -23.54
C ALA C 477 7.55 -22.26 -23.78
N PRO C 478 8.52 -21.82 -22.97
CA PRO C 478 9.91 -22.27 -23.19
C PRO C 478 10.09 -23.77 -23.06
N TRP C 479 9.30 -24.44 -22.23
CA TRP C 479 9.41 -25.89 -22.08
C TRP C 479 8.66 -26.66 -23.15
N GLU C 480 7.82 -26.00 -23.95
CA GLU C 480 7.11 -26.67 -25.02
C GLU C 480 7.82 -26.47 -26.35
N SER D 2 -3.30 19.82 -36.11
CA SER D 2 -1.86 19.68 -35.97
C SER D 2 -1.51 18.61 -34.93
N GLN D 3 -0.65 17.68 -35.32
CA GLN D 3 -0.22 16.58 -34.46
C GLN D 3 1.28 16.67 -34.25
N GLN D 4 1.71 16.65 -33.00
CA GLN D 4 3.12 16.55 -32.67
C GLN D 4 3.53 15.08 -32.68
N VAL D 5 4.63 14.79 -33.38
CA VAL D 5 5.03 13.39 -33.57
C VAL D 5 5.38 12.74 -32.23
N ASP D 6 5.93 13.50 -31.29
CA ASP D 6 6.34 12.92 -30.03
C ASP D 6 5.15 12.52 -29.18
N LYS D 7 4.11 13.36 -29.13
CA LYS D 7 2.92 13.12 -28.31
C LYS D 7 1.71 13.12 -29.24
N ILE D 8 1.40 11.96 -29.82
CA ILE D 8 0.26 11.83 -30.72
C ILE D 8 -1.01 11.71 -29.88
N LYS D 9 -2.01 12.50 -30.25
CA LYS D 9 -3.28 12.54 -29.53
C LYS D 9 -4.34 11.75 -30.31
N ALA D 10 -5.06 10.90 -29.59
CA ALA D 10 -6.23 10.24 -30.16
C ALA D 10 -7.39 11.25 -30.19
N SER D 11 -8.60 10.79 -30.46
CA SER D 11 -9.74 11.69 -30.56
C SER D 11 -9.83 12.59 -29.33
N TYR D 12 -9.68 12.01 -28.15
CA TYR D 12 -9.49 12.76 -26.91
C TYR D 12 -8.00 12.84 -26.60
N PRO D 13 -7.45 14.04 -26.41
CA PRO D 13 -8.09 15.35 -26.48
C PRO D 13 -7.73 16.11 -27.74
N LEU D 14 -7.57 15.42 -28.88
CA LEU D 14 -7.25 16.12 -30.12
C LEU D 14 -8.38 17.04 -30.54
N PHE D 15 -9.62 16.60 -30.37
CA PHE D 15 -10.75 17.45 -30.72
C PHE D 15 -11.00 18.54 -29.69
N LEU D 16 -10.16 18.63 -28.66
CA LEU D 16 -10.18 19.74 -27.72
C LEU D 16 -9.29 20.90 -28.15
N ASP D 17 -8.57 20.74 -29.26
CA ASP D 17 -7.68 21.79 -29.73
C ASP D 17 -8.49 22.97 -30.29
N GLN D 18 -7.86 24.14 -30.28
CA GLN D 18 -8.58 25.39 -30.56
C GLN D 18 -9.16 25.40 -31.96
N ASP D 19 -8.40 24.94 -32.95
CA ASP D 19 -8.89 24.93 -34.33
C ASP D 19 -10.11 24.03 -34.45
N TYR D 20 -10.08 22.86 -33.81
CA TYR D 20 -11.22 21.96 -33.86
C TYR D 20 -12.43 22.57 -33.17
N LYS D 21 -12.24 23.22 -32.02
CA LYS D 21 -13.37 23.90 -31.38
C LYS D 21 -13.95 24.98 -32.26
N ASP D 22 -13.10 25.76 -32.93
CA ASP D 22 -13.62 26.78 -33.84
C ASP D 22 -14.41 26.14 -34.98
N MET D 23 -13.92 25.03 -35.51
CA MET D 23 -14.59 24.40 -36.64
C MET D 23 -15.93 23.80 -36.24
N LEU D 24 -15.99 23.11 -35.08
CA LEU D 24 -17.27 22.63 -34.58
C LEU D 24 -18.23 23.78 -34.26
N ALA D 25 -17.72 24.88 -33.70
CA ALA D 25 -18.60 26.01 -33.42
C ALA D 25 -19.19 26.57 -34.69
N LYS D 26 -18.37 26.70 -35.74
CA LYS D 26 -18.88 27.17 -37.02
C LYS D 26 -19.91 26.21 -37.59
N LYS D 27 -19.64 24.91 -37.50
CA LYS D 27 -20.59 23.91 -38.01
C LYS D 27 -21.91 23.98 -37.26
N ARG D 28 -21.86 24.13 -35.93
CA ARG D 28 -23.08 24.19 -35.13
C ARG D 28 -23.87 25.45 -35.42
N ASP D 29 -23.20 26.60 -35.49
CA ASP D 29 -23.91 27.86 -35.64
C ASP D 29 -24.40 28.09 -37.07
N GLY D 30 -23.75 27.50 -38.06
CA GLY D 30 -24.08 27.80 -39.44
C GLY D 30 -25.22 26.99 -40.04
N PHE D 31 -25.16 25.67 -39.89
CA PHE D 31 -26.05 24.79 -40.64
C PHE D 31 -26.76 23.75 -39.78
N GLU D 32 -26.44 23.66 -38.49
CA GLU D 32 -27.02 22.62 -37.65
C GLU D 32 -28.42 22.95 -37.16
N GLU D 33 -28.79 24.24 -37.12
CA GLU D 33 -30.07 24.67 -36.58
C GLU D 33 -30.29 24.14 -35.17
N LYS D 34 -29.25 24.23 -34.35
CA LYS D 34 -29.32 23.75 -32.99
C LYS D 34 -30.25 24.61 -32.15
N TYR D 35 -30.95 23.96 -31.22
CA TYR D 35 -31.72 24.70 -30.24
C TYR D 35 -30.79 25.52 -29.34
N PRO D 36 -31.24 26.67 -28.86
CA PRO D 36 -30.41 27.46 -27.97
C PRO D 36 -30.06 26.70 -26.70
N GLN D 37 -28.89 26.99 -26.15
CA GLN D 37 -28.36 26.20 -25.05
C GLN D 37 -29.18 26.38 -23.78
N ASP D 38 -29.78 27.56 -23.57
CA ASP D 38 -30.64 27.75 -22.42
C ASP D 38 -31.86 26.84 -22.48
N LYS D 39 -32.41 26.64 -23.68
CA LYS D 39 -33.50 25.69 -23.85
C LYS D 39 -33.05 24.27 -23.54
N ILE D 40 -31.82 23.90 -23.94
CA ILE D 40 -31.29 22.59 -23.63
C ILE D 40 -31.19 22.40 -22.12
N ASP D 41 -30.66 23.41 -21.42
CA ASP D 41 -30.56 23.34 -19.97
C ASP D 41 -31.94 23.21 -19.32
N GLU D 42 -32.92 23.98 -19.83
CA GLU D 42 -34.27 23.91 -19.28
C GLU D 42 -34.88 22.52 -19.47
N VAL D 43 -34.69 21.94 -20.64
CA VAL D 43 -35.27 20.61 -20.91
C VAL D 43 -34.57 19.55 -20.07
N PHE D 44 -33.25 19.66 -19.91
CA PHE D 44 -32.54 18.71 -19.05
C PHE D 44 -33.05 18.78 -17.61
N GLN D 45 -33.12 20.00 -17.08
CA GLN D 45 -33.63 20.16 -15.72
C GLN D 45 -35.05 19.63 -15.59
N TRP D 46 -35.87 19.81 -16.63
CA TRP D 46 -37.21 19.25 -16.62
C TRP D 46 -37.16 17.72 -16.59
N THR D 47 -36.24 17.11 -17.34
CA THR D 47 -36.14 15.66 -17.36
C THR D 47 -35.67 15.11 -16.01
N THR D 48 -34.97 15.90 -15.23
CA THR D 48 -34.55 15.44 -13.90
C THR D 48 -35.61 15.63 -12.82
N THR D 49 -36.77 16.15 -13.16
CA THR D 49 -37.83 16.49 -12.19
C THR D 49 -38.73 15.33 -11.88
N LYS D 50 -39.60 15.51 -10.90
CA LYS D 50 -40.57 14.48 -10.53
C LYS D 50 -41.73 14.40 -11.50
N GLU D 51 -42.17 15.53 -12.07
CA GLU D 51 -43.23 15.49 -13.06
C GLU D 51 -42.81 14.70 -14.29
N TYR D 52 -41.56 14.85 -14.71
CA TYR D 52 -41.05 14.02 -15.79
C TYR D 52 -41.04 12.55 -15.40
N GLN D 53 -40.77 12.24 -14.14
CA GLN D 53 -40.84 10.85 -13.69
C GLN D 53 -42.25 10.31 -13.78
N GLU D 54 -43.25 11.12 -13.40
CA GLU D 54 -44.63 10.70 -13.51
C GLU D 54 -45.03 10.47 -14.96
N LEU D 55 -44.58 11.35 -15.87
CA LEU D 55 -44.84 11.15 -17.28
C LEU D 55 -44.14 9.90 -17.81
N ASN D 56 -42.90 9.67 -17.38
CA ASN D 56 -42.12 8.54 -17.85
C ASN D 56 -42.73 7.22 -17.40
N PHE D 57 -43.23 7.16 -16.17
CA PHE D 57 -43.80 5.93 -15.65
C PHE D 57 -45.21 5.68 -16.15
N GLN D 58 -45.76 6.57 -16.97
CA GLN D 58 -47.01 6.36 -17.67
C GLN D 58 -46.80 5.75 -19.05
N ARG D 59 -45.58 5.33 -19.36
CA ARG D 59 -45.27 4.76 -20.66
C ARG D 59 -45.92 3.39 -20.80
N GLU D 60 -46.61 3.17 -21.92
CA GLU D 60 -47.21 1.88 -22.22
C GLU D 60 -46.77 1.29 -23.55
N ALA D 61 -46.19 2.07 -24.45
CA ALA D 61 -45.79 1.58 -25.76
C ALA D 61 -44.33 1.82 -26.10
N LEU D 62 -43.64 2.72 -25.41
CA LEU D 62 -42.26 3.05 -25.71
C LEU D 62 -41.33 2.45 -24.68
N THR D 63 -40.32 1.74 -25.15
CA THR D 63 -39.24 1.23 -24.32
C THR D 63 -37.96 1.96 -24.69
N VAL D 64 -37.31 2.56 -23.70
CA VAL D 64 -36.09 3.32 -23.90
C VAL D 64 -35.00 2.70 -23.05
N ASN D 65 -33.88 2.34 -23.69
CA ASN D 65 -32.74 1.71 -23.03
C ASN D 65 -33.17 0.49 -22.23
N PRO D 66 -33.55 -0.60 -22.89
CA PRO D 66 -33.95 -1.80 -22.16
C PRO D 66 -32.77 -2.47 -21.48
N ALA D 67 -33.11 -3.40 -20.58
CA ALA D 67 -32.10 -4.14 -19.83
C ALA D 67 -32.27 -5.64 -20.05
N LYS D 68 -32.46 -6.05 -21.30
CA LYS D 68 -32.66 -7.46 -21.62
C LYS D 68 -32.34 -7.67 -23.09
N ALA D 69 -32.23 -8.95 -23.47
CA ALA D 69 -31.96 -9.35 -24.85
C ALA D 69 -33.03 -10.33 -25.32
N CYS D 70 -32.84 -10.95 -26.47
CA CYS D 70 -33.82 -11.89 -26.99
C CYS D 70 -33.35 -13.33 -26.83
N GLN D 71 -34.28 -14.26 -27.01
CA GLN D 71 -34.08 -15.66 -26.65
C GLN D 71 -32.90 -16.34 -27.36
N PRO D 72 -32.71 -16.19 -28.67
CA PRO D 72 -31.64 -16.98 -29.33
C PRO D 72 -30.26 -16.72 -28.79
N LEU D 73 -30.00 -15.55 -28.20
CA LEU D 73 -28.69 -15.29 -27.60
C LEU D 73 -28.44 -16.25 -26.44
N GLY D 74 -29.41 -16.37 -25.54
CA GLY D 74 -29.29 -17.34 -24.47
C GLY D 74 -29.24 -18.77 -24.96
N ALA D 75 -29.98 -19.05 -26.05
CA ALA D 75 -29.90 -20.39 -26.63
C ALA D 75 -28.49 -20.70 -27.12
N VAL D 76 -27.85 -19.72 -27.76
CA VAL D 76 -26.48 -19.92 -28.24
C VAL D 76 -25.53 -20.12 -27.07
N LEU D 77 -25.68 -19.33 -26.01
CA LEU D 77 -24.83 -19.49 -24.84
C LEU D 77 -25.01 -20.87 -24.23
N CYS D 78 -26.25 -21.37 -24.16
CA CYS D 78 -26.47 -22.72 -23.63
C CYS D 78 -25.85 -23.78 -24.53
N ALA D 79 -25.96 -23.62 -25.85
CA ALA D 79 -25.41 -24.61 -26.77
C ALA D 79 -23.89 -24.63 -26.73
N LEU D 80 -23.26 -23.50 -26.42
CA LEU D 80 -21.80 -23.46 -26.35
C LEU D 80 -21.24 -24.33 -25.23
N GLY D 81 -22.08 -24.76 -24.29
CA GLY D 81 -21.65 -25.50 -23.13
C GLY D 81 -21.57 -27.00 -23.29
N PHE D 82 -21.76 -27.52 -24.50
CA PHE D 82 -21.69 -28.96 -24.75
C PHE D 82 -20.54 -29.26 -25.69
N GLU D 83 -19.98 -30.46 -25.54
CA GLU D 83 -18.73 -30.79 -26.20
C GLU D 83 -18.89 -30.86 -27.71
N LYS D 84 -18.01 -30.16 -28.43
CA LYS D 84 -17.98 -30.17 -29.89
C LYS D 84 -19.35 -29.86 -30.48
N THR D 85 -20.01 -28.85 -29.90
CA THR D 85 -21.36 -28.48 -30.26
C THR D 85 -21.37 -27.18 -31.03
N MET D 86 -22.13 -27.14 -32.11
CA MET D 86 -22.22 -25.96 -32.94
C MET D 86 -23.60 -25.33 -32.78
N PRO D 87 -23.67 -24.09 -32.29
CA PRO D 87 -24.95 -23.38 -32.29
C PRO D 87 -25.37 -23.01 -33.71
N TYR D 88 -26.61 -23.32 -34.04
CA TYR D 88 -27.16 -23.17 -35.38
C TYR D 88 -28.48 -22.42 -35.25
N VAL D 89 -28.52 -21.20 -35.76
CA VAL D 89 -29.70 -20.36 -35.69
C VAL D 89 -30.43 -20.46 -37.03
N HIS D 90 -31.71 -20.83 -36.96
CA HIS D 90 -32.56 -20.98 -38.14
C HIS D 90 -33.24 -19.65 -38.40
N GLY D 91 -32.76 -18.91 -39.39
CA GLY D 91 -33.31 -17.60 -39.69
C GLY D 91 -32.34 -16.69 -40.43
N SER D 92 -32.27 -15.43 -40.02
CA SER D 92 -31.40 -14.47 -40.68
C SER D 92 -29.97 -14.57 -40.17
N GLN D 93 -29.05 -13.99 -40.94
CA GLN D 93 -27.63 -13.99 -40.56
C GLN D 93 -27.25 -12.77 -39.74
N GLY D 94 -27.99 -11.66 -39.85
CA GLY D 94 -27.70 -10.50 -39.03
C GLY D 94 -27.85 -10.79 -37.55
N CYS D 95 -28.79 -11.67 -37.20
CA CYS D 95 -28.96 -12.09 -35.82
C CYS D 95 -27.70 -12.76 -35.30
N VAL D 96 -27.11 -13.67 -36.09
CA VAL D 96 -25.90 -14.36 -35.66
C VAL D 96 -24.73 -13.40 -35.60
N ALA D 97 -24.67 -12.45 -36.54
CA ALA D 97 -23.63 -11.43 -36.49
C ALA D 97 -23.72 -10.64 -35.18
N TYR D 98 -24.95 -10.26 -34.79
CA TYR D 98 -25.12 -9.49 -33.57
C TYR D 98 -24.83 -10.32 -32.33
N PHE D 99 -25.25 -11.59 -32.30
CA PHE D 99 -24.95 -12.45 -31.17
C PHE D 99 -23.44 -12.62 -30.99
N ARG D 100 -22.74 -12.86 -32.09
CA ARG D 100 -21.29 -13.00 -32.03
C ARG D 100 -20.63 -11.71 -31.56
N SER D 101 -21.10 -10.56 -32.07
CA SER D 101 -20.50 -9.29 -31.65
C SER D 101 -20.71 -9.05 -30.16
N TYR D 102 -21.92 -9.30 -29.66
CA TYR D 102 -22.22 -9.13 -28.25
C TYR D 102 -21.32 -10.01 -27.38
N PHE D 103 -21.23 -11.29 -27.73
CA PHE D 103 -20.46 -12.21 -26.90
C PHE D 103 -18.96 -11.96 -27.00
N ASN D 104 -18.47 -11.54 -28.18
CA ASN D 104 -17.07 -11.14 -28.27
C ASN D 104 -16.79 -9.92 -27.41
N ARG D 105 -17.67 -8.92 -27.45
CA ARG D 105 -17.41 -7.72 -26.68
C ARG D 105 -17.48 -7.98 -25.18
N HIS D 106 -18.24 -8.98 -24.75
CA HIS D 106 -18.24 -9.32 -23.33
C HIS D 106 -17.03 -10.20 -22.97
N PHE D 107 -16.93 -11.37 -23.58
CA PHE D 107 -15.94 -12.35 -23.16
C PHE D 107 -14.54 -12.08 -23.73
N ARG D 108 -14.42 -11.21 -24.72
CA ARG D 108 -13.17 -10.98 -25.44
C ARG D 108 -12.58 -12.29 -25.95
N GLU D 109 -13.44 -13.09 -26.56
CA GLU D 109 -13.13 -14.43 -26.99
C GLU D 109 -13.81 -14.70 -28.32
N PRO D 110 -13.33 -15.67 -29.09
CA PRO D 110 -14.09 -16.11 -30.26
C PRO D 110 -15.33 -16.88 -29.86
N VAL D 111 -16.43 -16.61 -30.55
CA VAL D 111 -17.70 -17.31 -30.35
C VAL D 111 -18.14 -17.88 -31.67
N SER D 112 -18.48 -19.16 -31.68
CA SER D 112 -18.86 -19.88 -32.89
C SER D 112 -20.37 -20.06 -32.93
N CYS D 113 -20.99 -19.56 -33.99
CA CYS D 113 -22.41 -19.72 -34.23
C CYS D 113 -22.66 -19.54 -35.72
N VAL D 114 -23.54 -20.37 -36.28
CA VAL D 114 -23.82 -20.31 -37.71
C VAL D 114 -25.30 -20.05 -37.93
N SER D 115 -25.63 -19.65 -39.15
CA SER D 115 -27.00 -19.42 -39.58
C SER D 115 -27.23 -20.06 -40.94
N ASP D 116 -28.50 -20.31 -41.25
CA ASP D 116 -28.87 -20.85 -42.55
C ASP D 116 -29.14 -19.77 -43.59
N SER D 117 -29.10 -18.50 -43.20
CA SER D 117 -29.23 -17.37 -44.11
C SER D 117 -30.52 -17.43 -44.92
N MET D 118 -31.64 -17.33 -44.19
CA MET D 118 -32.95 -17.31 -44.82
C MET D 118 -33.23 -15.91 -45.36
N THR D 119 -33.75 -15.85 -46.59
CA THR D 119 -33.97 -14.61 -47.30
C THR D 119 -35.46 -14.45 -47.58
N GLU D 120 -35.80 -13.45 -48.40
CA GLU D 120 -37.21 -13.20 -48.72
C GLU D 120 -37.85 -14.40 -49.38
N ASP D 121 -37.09 -15.17 -50.16
CA ASP D 121 -37.64 -16.38 -50.76
C ASP D 121 -38.13 -17.35 -49.70
N ALA D 122 -37.34 -17.55 -48.65
CA ALA D 122 -37.75 -18.41 -47.55
C ALA D 122 -38.96 -17.86 -46.80
N ALA D 123 -39.30 -16.59 -47.01
CA ALA D 123 -40.50 -16.01 -46.42
C ALA D 123 -41.75 -16.34 -47.22
N VAL D 124 -41.62 -17.00 -48.37
CA VAL D 124 -42.78 -17.32 -49.20
C VAL D 124 -42.89 -18.83 -49.34
N PHE D 125 -41.76 -19.54 -49.25
CA PHE D 125 -41.72 -20.97 -49.46
C PHE D 125 -41.13 -21.74 -48.29
N GLY D 126 -40.86 -21.08 -47.17
CA GLY D 126 -40.33 -21.75 -46.00
C GLY D 126 -38.82 -21.89 -46.03
N GLY D 127 -38.28 -22.36 -44.91
CA GLY D 127 -36.85 -22.52 -44.77
C GLY D 127 -36.36 -23.95 -44.72
N GLN D 128 -37.03 -24.82 -45.47
CA GLN D 128 -36.64 -26.23 -45.53
C GLN D 128 -35.28 -26.41 -46.19
N GLN D 129 -35.10 -25.85 -47.38
CA GLN D 129 -33.84 -26.03 -48.09
C GLN D 129 -32.69 -25.37 -47.35
N ASN D 130 -32.98 -24.25 -46.68
CA ASN D 130 -31.96 -23.64 -45.84
C ASN D 130 -31.52 -24.60 -44.73
N MET D 131 -32.47 -25.26 -44.08
CA MET D 131 -32.11 -26.28 -43.09
C MET D 131 -31.23 -27.36 -43.69
N LYS D 132 -31.66 -27.96 -44.80
CA LYS D 132 -30.91 -29.09 -45.34
C LYS D 132 -29.49 -28.67 -45.73
N ASP D 133 -29.38 -27.61 -46.54
CA ASP D 133 -28.06 -27.17 -47.01
C ASP D 133 -27.18 -26.72 -45.85
N GLY D 134 -27.73 -25.94 -44.91
CA GLY D 134 -26.94 -25.46 -43.80
C GLY D 134 -26.46 -26.56 -42.90
N LEU D 135 -27.33 -27.52 -42.58
CA LEU D 135 -26.90 -28.65 -41.75
C LEU D 135 -25.80 -29.43 -42.44
N GLN D 136 -25.96 -29.71 -43.74
CA GLN D 136 -24.93 -30.45 -44.46
C GLN D 136 -23.61 -29.70 -44.45
N ASN D 137 -23.65 -28.40 -44.77
CA ASN D 137 -22.41 -27.62 -44.85
C ASN D 137 -21.75 -27.50 -43.49
N CYS D 138 -22.53 -27.21 -42.45
CA CYS D 138 -21.98 -27.05 -41.11
C CYS D 138 -21.34 -28.35 -40.62
N LYS D 139 -21.97 -29.48 -40.92
CA LYS D 139 -21.35 -30.76 -40.59
C LYS D 139 -20.07 -30.96 -41.39
N ALA D 140 -20.05 -30.53 -42.65
CA ALA D 140 -18.92 -30.83 -43.52
C ALA D 140 -17.68 -30.01 -43.15
N THR D 141 -17.83 -28.70 -42.96
CA THR D 141 -16.66 -27.85 -42.85
C THR D 141 -16.19 -27.63 -41.42
N TYR D 142 -17.05 -27.82 -40.42
CA TYR D 142 -16.68 -27.58 -39.04
C TYR D 142 -16.59 -28.83 -38.20
N LYS D 143 -17.16 -29.95 -38.66
CA LYS D 143 -17.08 -31.27 -38.04
C LYS D 143 -17.41 -31.24 -36.55
N PRO D 144 -18.64 -30.92 -36.16
CA PRO D 144 -19.04 -31.01 -34.76
C PRO D 144 -19.59 -32.41 -34.44
N ASP D 145 -19.78 -32.64 -33.15
CA ASP D 145 -20.45 -33.84 -32.69
C ASP D 145 -21.93 -33.65 -32.45
N MET D 146 -22.41 -32.40 -32.47
CA MET D 146 -23.81 -32.10 -32.27
C MET D 146 -24.08 -30.68 -32.74
N ILE D 147 -25.20 -30.50 -33.43
CA ILE D 147 -25.64 -29.21 -33.93
C ILE D 147 -26.91 -28.85 -33.17
N ALA D 148 -26.86 -27.79 -32.37
CA ALA D 148 -27.99 -27.38 -31.54
C ALA D 148 -28.70 -26.23 -32.22
N VAL D 149 -29.97 -26.43 -32.57
CA VAL D 149 -30.70 -25.52 -33.44
C VAL D 149 -31.66 -24.68 -32.61
N SER D 150 -31.48 -23.37 -32.69
CA SER D 150 -32.42 -22.38 -32.16
C SER D 150 -33.04 -21.62 -33.33
N THR D 151 -33.97 -20.73 -33.03
CA THR D 151 -34.72 -20.04 -34.11
C THR D 151 -34.55 -18.53 -34.05
N THR D 152 -34.85 -17.83 -35.12
CA THR D 152 -34.88 -16.36 -35.10
C THR D 152 -36.33 -15.96 -35.33
N CYS D 153 -36.72 -14.75 -35.02
CA CYS D 153 -38.15 -14.36 -35.11
C CYS D 153 -38.72 -14.56 -36.52
N MET D 154 -37.96 -14.32 -37.58
CA MET D 154 -38.46 -14.61 -38.95
C MET D 154 -38.96 -16.03 -38.98
N ALA D 155 -38.18 -16.95 -38.43
CA ALA D 155 -38.62 -18.34 -38.55
C ALA D 155 -39.84 -18.61 -37.70
N GLU D 156 -40.00 -17.89 -36.59
CA GLU D 156 -41.14 -18.10 -35.72
C GLU D 156 -42.42 -17.49 -36.29
N VAL D 157 -42.31 -16.34 -36.96
CA VAL D 157 -43.49 -15.72 -37.55
C VAL D 157 -44.06 -16.59 -38.66
N ILE D 158 -43.21 -17.12 -39.52
CA ILE D 158 -43.68 -18.01 -40.59
C ILE D 158 -44.23 -19.30 -40.00
N GLY D 159 -43.59 -19.81 -38.96
CA GLY D 159 -44.05 -21.05 -38.35
C GLY D 159 -43.36 -22.27 -38.92
N ASP D 160 -42.05 -22.23 -38.99
CA ASP D 160 -41.27 -23.35 -39.53
C ASP D 160 -41.25 -24.50 -38.54
N ASP D 161 -41.51 -25.70 -39.01
CA ASP D 161 -41.49 -26.90 -38.19
C ASP D 161 -40.07 -27.45 -38.16
N LEU D 162 -39.35 -27.17 -37.08
CA LEU D 162 -37.96 -27.62 -36.97
C LEU D 162 -37.88 -29.14 -36.93
N ASN D 163 -38.79 -29.79 -36.21
CA ASN D 163 -38.77 -31.25 -36.12
C ASN D 163 -38.91 -31.88 -37.49
N ALA D 164 -39.90 -31.45 -38.27
CA ALA D 164 -40.10 -31.99 -39.60
C ALA D 164 -38.91 -31.68 -40.50
N PHE D 165 -38.36 -30.48 -40.40
CA PHE D 165 -37.24 -30.10 -41.25
C PHE D 165 -36.03 -30.99 -41.00
N ILE D 166 -35.68 -31.17 -39.72
CA ILE D 166 -34.53 -31.99 -39.37
C ILE D 166 -34.78 -33.45 -39.75
N ASN D 167 -35.99 -33.95 -39.52
CA ASN D 167 -36.30 -35.33 -39.86
C ASN D 167 -36.19 -35.56 -41.35
N ASN D 168 -36.69 -34.64 -42.16
CA ASN D 168 -36.59 -34.77 -43.61
C ASN D 168 -35.14 -34.69 -44.06
N SER D 169 -34.36 -33.79 -43.45
CA SER D 169 -32.95 -33.69 -43.80
C SER D 169 -32.20 -34.98 -43.50
N LYS D 170 -32.51 -35.60 -42.36
CA LYS D 170 -31.93 -36.91 -42.06
C LYS D 170 -32.38 -37.96 -43.06
N LYS D 171 -33.67 -37.96 -43.41
CA LYS D 171 -34.21 -38.99 -44.29
C LYS D 171 -33.60 -38.92 -45.69
N GLU D 172 -33.45 -37.71 -46.23
CA GLU D 172 -32.90 -37.58 -47.58
C GLU D 172 -31.44 -38.00 -47.63
N GLY D 173 -30.66 -37.63 -46.62
CA GLY D 173 -29.26 -37.99 -46.59
C GLY D 173 -28.31 -36.82 -46.44
N PHE D 174 -28.82 -35.70 -45.94
CA PHE D 174 -27.97 -34.53 -45.70
C PHE D 174 -27.13 -34.70 -44.44
N ILE D 175 -27.67 -35.34 -43.42
CA ILE D 175 -26.92 -35.64 -42.21
C ILE D 175 -27.16 -37.10 -41.85
N PRO D 176 -26.19 -37.77 -41.22
CA PRO D 176 -26.44 -39.15 -40.76
C PRO D 176 -27.57 -39.20 -39.74
N ASP D 177 -28.33 -40.30 -39.78
CA ASP D 177 -29.48 -40.44 -38.90
C ASP D 177 -29.09 -40.43 -37.43
N GLU D 178 -27.87 -40.90 -37.12
CA GLU D 178 -27.40 -40.94 -35.75
C GLU D 178 -26.82 -39.61 -35.28
N PHE D 179 -26.66 -38.64 -36.16
CA PHE D 179 -26.04 -37.38 -35.78
C PHE D 179 -26.97 -36.59 -34.88
N PRO D 180 -26.53 -36.18 -33.69
CA PRO D 180 -27.42 -35.45 -32.76
C PRO D 180 -27.73 -34.06 -33.27
N VAL D 181 -29.00 -33.81 -33.56
CA VAL D 181 -29.48 -32.48 -33.94
C VAL D 181 -30.68 -32.11 -33.06
N PRO D 182 -30.46 -31.73 -31.81
CA PRO D 182 -31.57 -31.22 -30.99
C PRO D 182 -31.97 -29.81 -31.40
N PHE D 183 -33.18 -29.44 -31.01
CA PHE D 183 -33.73 -28.15 -31.41
C PHE D 183 -34.61 -27.59 -30.32
N ALA D 184 -34.84 -26.28 -30.40
CA ALA D 184 -35.76 -25.60 -29.49
C ALA D 184 -36.32 -24.37 -30.20
N HIS D 185 -37.55 -24.03 -29.86
CA HIS D 185 -38.21 -22.84 -30.40
C HIS D 185 -37.93 -21.68 -29.48
N THR D 186 -37.30 -20.63 -30.01
CA THR D 186 -36.88 -19.48 -29.22
C THR D 186 -37.45 -18.21 -29.85
N PRO D 187 -38.72 -17.92 -29.61
CA PRO D 187 -39.31 -16.68 -30.14
C PRO D 187 -38.79 -15.48 -29.38
N SER D 188 -38.37 -14.45 -30.13
CA SER D 188 -37.80 -13.27 -29.51
C SER D 188 -38.85 -12.36 -28.88
N PHE D 189 -40.12 -12.51 -29.25
CA PHE D 189 -41.19 -11.70 -28.69
C PHE D 189 -41.73 -12.26 -27.39
N VAL D 190 -41.21 -13.41 -26.93
CA VAL D 190 -41.60 -14.00 -25.66
C VAL D 190 -40.36 -14.08 -24.78
N GLY D 191 -40.43 -13.47 -23.60
CA GLY D 191 -39.35 -13.58 -22.64
C GLY D 191 -38.10 -12.81 -23.04
N SER D 192 -36.96 -13.35 -22.66
CA SER D 192 -35.66 -12.75 -22.93
C SER D 192 -34.64 -13.86 -23.13
N HIS D 193 -33.36 -13.51 -23.06
CA HIS D 193 -32.30 -14.48 -23.35
C HIS D 193 -32.28 -15.63 -22.35
N VAL D 194 -32.69 -15.38 -21.11
CA VAL D 194 -32.74 -16.44 -20.10
C VAL D 194 -33.78 -17.48 -20.50
N THR D 195 -34.90 -17.04 -21.05
CA THR D 195 -35.89 -17.98 -21.56
C THR D 195 -35.32 -18.81 -22.71
N GLY D 196 -34.48 -18.19 -23.55
CA GLY D 196 -33.84 -18.95 -24.61
C GLY D 196 -32.89 -20.01 -24.08
N TRP D 197 -32.12 -19.67 -23.04
CA TRP D 197 -31.26 -20.66 -22.40
C TRP D 197 -32.10 -21.82 -21.86
N ASP D 198 -33.21 -21.51 -21.20
CA ASP D 198 -34.07 -22.55 -20.66
C ASP D 198 -34.62 -23.44 -21.77
N ASN D 199 -35.09 -22.83 -22.86
CA ASN D 199 -35.65 -23.61 -23.96
C ASN D 199 -34.59 -24.51 -24.58
N MET D 200 -33.38 -23.99 -24.78
CA MET D 200 -32.32 -24.81 -25.37
C MET D 200 -31.95 -25.98 -24.48
N PHE D 201 -31.82 -25.74 -23.17
CA PHE D 201 -31.48 -26.84 -22.27
C PHE D 201 -32.58 -27.89 -22.25
N GLU D 202 -33.83 -27.45 -22.24
CA GLU D 202 -34.93 -28.42 -22.23
C GLU D 202 -34.93 -29.23 -23.52
N GLY D 203 -34.67 -28.58 -24.65
CA GLY D 203 -34.62 -29.30 -25.91
C GLY D 203 -33.51 -30.33 -25.96
N ILE D 204 -32.31 -29.96 -25.50
CA ILE D 204 -31.20 -30.91 -25.49
C ILE D 204 -31.50 -32.08 -24.56
N ALA D 205 -32.01 -31.79 -23.36
CA ALA D 205 -32.34 -32.86 -22.42
C ALA D 205 -33.42 -33.76 -22.99
N ARG D 206 -34.43 -33.19 -23.63
CA ARG D 206 -35.49 -33.99 -24.25
C ARG D 206 -34.92 -34.91 -25.31
N TYR D 207 -34.12 -34.35 -26.24
CA TYR D 207 -33.58 -35.15 -27.32
C TYR D 207 -32.72 -36.29 -26.79
N PHE D 208 -31.98 -36.06 -25.71
CA PHE D 208 -31.08 -37.10 -25.24
C PHE D 208 -31.71 -38.04 -24.21
N THR D 209 -32.90 -37.74 -23.67
CA THR D 209 -33.42 -38.55 -22.58
C THR D 209 -34.87 -39.01 -22.72
N LEU D 210 -35.65 -38.48 -23.66
CA LEU D 210 -37.08 -38.81 -23.68
C LEU D 210 -37.32 -40.27 -24.00
N LYS D 211 -36.70 -40.78 -25.06
CA LYS D 211 -36.98 -42.12 -25.56
C LYS D 211 -36.03 -43.16 -24.99
N SER D 212 -35.44 -42.90 -23.82
CA SER D 212 -34.55 -43.85 -23.19
C SER D 212 -34.77 -43.91 -21.69
N MET D 213 -35.99 -43.62 -21.23
CA MET D 213 -36.28 -43.58 -19.81
C MET D 213 -36.67 -44.93 -19.22
N ASP D 214 -36.77 -45.97 -20.05
CA ASP D 214 -37.21 -47.27 -19.56
C ASP D 214 -36.16 -47.91 -18.65
N ASP D 215 -34.88 -47.74 -18.97
CA ASP D 215 -33.80 -48.41 -18.25
C ASP D 215 -33.13 -47.52 -17.21
N LYS D 216 -33.69 -46.36 -16.91
CA LYS D 216 -33.08 -45.41 -15.99
C LYS D 216 -33.57 -45.64 -14.57
N VAL D 217 -32.62 -45.59 -13.63
CA VAL D 217 -32.91 -45.72 -12.21
C VAL D 217 -32.34 -44.49 -11.49
N VAL D 218 -33.18 -43.84 -10.68
CA VAL D 218 -32.75 -42.63 -9.99
C VAL D 218 -31.72 -42.99 -8.93
N GLY D 219 -30.59 -42.28 -8.94
CA GLY D 219 -29.55 -42.50 -7.97
C GLY D 219 -28.63 -43.67 -8.24
N SER D 220 -28.69 -44.25 -9.44
CA SER D 220 -27.88 -45.44 -9.73
C SER D 220 -26.42 -45.11 -9.97
N ASN D 221 -26.09 -43.86 -10.22
CA ASN D 221 -24.70 -43.46 -10.48
C ASN D 221 -24.12 -42.54 -9.41
N LYS D 222 -24.88 -42.19 -8.38
CA LYS D 222 -24.39 -41.40 -7.25
C LYS D 222 -23.74 -40.09 -7.68
N LYS D 223 -24.47 -39.34 -8.50
CA LYS D 223 -24.00 -38.03 -8.96
C LYS D 223 -25.15 -37.04 -8.83
N ILE D 224 -24.81 -35.77 -8.79
CA ILE D 224 -25.79 -34.69 -8.69
C ILE D 224 -25.67 -33.84 -9.95
N ASN D 225 -26.77 -33.72 -10.69
CA ASN D 225 -26.81 -32.82 -11.83
C ASN D 225 -26.84 -31.37 -11.35
N ILE D 226 -26.06 -30.52 -12.00
CA ILE D 226 -26.05 -29.09 -11.74
C ILE D 226 -26.37 -28.36 -13.03
N VAL D 227 -27.47 -27.63 -13.04
CA VAL D 227 -27.86 -26.80 -14.18
C VAL D 227 -27.61 -25.34 -13.79
N PRO D 228 -26.63 -24.67 -14.39
CA PRO D 228 -26.29 -23.31 -13.93
C PRO D 228 -27.14 -22.21 -14.54
N GLY D 229 -27.78 -22.44 -15.67
CA GLY D 229 -28.55 -21.42 -16.33
C GLY D 229 -27.67 -20.43 -17.06
N PHE D 230 -28.29 -19.33 -17.48
CA PHE D 230 -27.58 -18.27 -18.19
C PHE D 230 -26.55 -17.66 -17.26
N GLU D 231 -25.27 -17.95 -17.49
CA GLU D 231 -24.19 -17.50 -16.65
C GLU D 231 -23.07 -16.93 -17.50
N THR D 232 -22.60 -15.73 -17.16
CA THR D 232 -21.55 -15.06 -17.89
C THR D 232 -20.34 -14.75 -17.04
N TYR D 233 -20.21 -15.37 -15.88
CA TYR D 233 -19.02 -15.27 -15.04
C TYR D 233 -18.40 -16.66 -14.97
N LEU D 234 -17.18 -16.79 -15.51
CA LEU D 234 -16.51 -18.08 -15.48
C LEU D 234 -16.15 -18.50 -14.07
N GLY D 235 -15.89 -17.52 -13.20
CA GLY D 235 -15.63 -17.82 -11.81
C GLY D 235 -16.77 -18.57 -11.14
N ASN D 236 -17.99 -18.38 -11.64
CA ASN D 236 -19.13 -19.07 -11.06
C ASN D 236 -19.08 -20.57 -11.35
N PHE D 237 -18.81 -20.94 -12.61
CA PHE D 237 -18.62 -22.34 -12.94
C PHE D 237 -17.47 -22.93 -12.15
N ARG D 238 -16.34 -22.22 -12.12
CA ARG D 238 -15.16 -22.74 -11.43
C ARG D 238 -15.43 -22.93 -9.94
N VAL D 239 -16.12 -21.97 -9.32
CA VAL D 239 -16.36 -22.07 -7.88
C VAL D 239 -17.36 -23.18 -7.58
N ILE D 240 -18.38 -23.36 -8.42
CA ILE D 240 -19.33 -24.45 -8.19
C ILE D 240 -18.60 -25.78 -8.25
N LYS D 241 -17.77 -25.97 -9.28
CA LYS D 241 -17.03 -27.21 -9.40
C LYS D 241 -16.08 -27.40 -8.22
N ARG D 242 -15.40 -26.34 -7.79
CA ARG D 242 -14.43 -26.45 -6.71
C ARG D 242 -15.09 -26.82 -5.39
N MET D 243 -16.18 -26.15 -5.03
CA MET D 243 -16.85 -26.48 -3.78
C MET D 243 -17.51 -27.85 -3.81
N LEU D 244 -18.01 -28.28 -4.98
CA LEU D 244 -18.57 -29.62 -5.03
C LEU D 244 -17.50 -30.69 -4.99
N SER D 245 -16.30 -30.38 -5.48
CA SER D 245 -15.18 -31.32 -5.36
C SER D 245 -14.60 -31.34 -3.95
N GLU D 246 -14.63 -30.21 -3.25
CA GLU D 246 -14.12 -30.17 -1.88
C GLU D 246 -14.92 -31.08 -0.96
N MET D 247 -16.24 -31.11 -1.14
CA MET D 247 -17.09 -32.01 -0.38
C MET D 247 -16.94 -33.46 -0.82
N GLY D 248 -16.26 -33.72 -1.93
CA GLY D 248 -16.11 -35.07 -2.43
C GLY D 248 -17.41 -35.69 -2.90
N VAL D 249 -18.26 -34.90 -3.55
CA VAL D 249 -19.54 -35.39 -4.08
C VAL D 249 -19.43 -35.47 -5.59
N GLY D 250 -19.95 -36.56 -6.15
CA GLY D 250 -20.00 -36.69 -7.59
C GLY D 250 -20.97 -35.70 -8.17
N TYR D 251 -20.55 -35.00 -9.22
CA TYR D 251 -21.40 -34.03 -9.88
C TYR D 251 -21.25 -34.16 -11.39
N SER D 252 -22.29 -33.73 -12.09
CA SER D 252 -22.29 -33.68 -13.55
C SER D 252 -22.83 -32.30 -13.93
N LEU D 253 -21.95 -31.33 -14.05
CA LEU D 253 -22.35 -29.99 -14.44
C LEU D 253 -22.77 -30.00 -15.91
N LEU D 254 -24.03 -29.69 -16.16
CA LEU D 254 -24.58 -29.72 -17.52
C LEU D 254 -24.54 -28.31 -18.11
N SER D 255 -24.17 -28.24 -19.38
CA SER D 255 -23.95 -26.98 -20.09
C SER D 255 -22.86 -26.14 -19.41
N ASP D 256 -21.63 -26.66 -19.49
CA ASP D 256 -20.46 -25.98 -18.97
C ASP D 256 -19.68 -25.35 -20.11
N PRO D 257 -19.78 -24.04 -20.33
CA PRO D 257 -19.05 -23.39 -21.44
C PRO D 257 -17.72 -22.74 -21.07
N GLU D 258 -17.21 -22.96 -19.86
CA GLU D 258 -16.06 -22.19 -19.40
C GLU D 258 -14.81 -22.46 -20.24
N GLU D 259 -14.68 -23.65 -20.80
CA GLU D 259 -13.48 -23.99 -21.55
C GLU D 259 -13.45 -23.27 -22.89
N VAL D 260 -14.58 -23.28 -23.61
CA VAL D 260 -14.63 -22.63 -24.91
C VAL D 260 -14.62 -21.12 -24.76
N LEU D 261 -14.90 -20.60 -23.57
CA LEU D 261 -14.93 -19.18 -23.32
C LEU D 261 -13.65 -18.65 -22.66
N ASP D 262 -12.69 -19.53 -22.36
CA ASP D 262 -11.42 -19.11 -21.80
C ASP D 262 -10.27 -19.92 -22.41
N THR D 263 -10.31 -20.08 -23.73
CA THR D 263 -9.31 -20.90 -24.39
C THR D 263 -7.93 -20.28 -24.30
N PRO D 264 -6.90 -21.05 -23.96
CA PRO D 264 -5.54 -20.50 -23.92
C PRO D 264 -5.07 -20.07 -25.31
N ALA D 265 -4.25 -19.03 -25.33
CA ALA D 265 -3.64 -18.51 -26.55
C ALA D 265 -2.22 -19.06 -26.64
N ASP D 266 -2.03 -20.07 -27.48
CA ASP D 266 -0.74 -20.73 -27.61
C ASP D 266 -0.40 -20.95 -29.08
N GLY D 267 -0.76 -19.98 -29.93
CA GLY D 267 -0.44 -20.06 -31.34
C GLY D 267 -1.45 -20.80 -32.20
N GLN D 268 -2.49 -21.37 -31.60
CA GLN D 268 -3.49 -22.12 -32.35
C GLN D 268 -4.88 -21.67 -31.91
N PHE D 269 -5.84 -21.83 -32.82
CA PHE D 269 -7.24 -21.52 -32.56
C PHE D 269 -7.99 -22.81 -32.27
N ARG D 270 -8.55 -22.91 -31.07
CA ARG D 270 -9.37 -24.05 -30.67
C ARG D 270 -10.83 -23.61 -30.69
N MET D 271 -11.56 -24.05 -31.71
CA MET D 271 -12.95 -23.66 -31.83
C MET D 271 -13.83 -24.40 -30.84
N TYR D 272 -13.47 -25.62 -30.48
CA TYR D 272 -14.17 -26.41 -29.47
C TYR D 272 -13.24 -26.70 -28.30
N ALA D 273 -13.80 -26.70 -27.09
CA ALA D 273 -13.01 -26.98 -25.90
C ALA D 273 -13.94 -27.34 -24.75
N GLY D 274 -13.65 -28.44 -24.08
CA GLY D 274 -14.40 -28.83 -22.90
C GLY D 274 -15.86 -29.10 -23.20
N GLY D 275 -16.72 -28.71 -22.26
CA GLY D 275 -18.14 -28.86 -22.42
C GLY D 275 -18.67 -30.17 -21.87
N THR D 276 -19.99 -30.23 -21.71
CA THR D 276 -20.65 -31.41 -21.20
C THR D 276 -20.71 -32.48 -22.30
N THR D 277 -20.29 -33.70 -21.96
CA THR D 277 -20.29 -34.78 -22.92
C THR D 277 -21.71 -35.29 -23.16
N GLN D 278 -21.91 -35.89 -24.33
CA GLN D 278 -23.19 -36.51 -24.64
C GLN D 278 -23.49 -37.67 -23.70
N GLU D 279 -22.46 -38.42 -23.30
CA GLU D 279 -22.66 -39.51 -22.35
C GLU D 279 -23.21 -39.00 -21.03
N GLU D 280 -22.69 -37.85 -20.57
CA GLU D 280 -23.21 -37.24 -19.35
C GLU D 280 -24.68 -36.88 -19.50
N MET D 281 -25.04 -36.30 -20.65
CA MET D 281 -26.40 -35.86 -20.86
C MET D 281 -27.35 -37.05 -20.92
N LYS D 282 -26.88 -38.16 -21.48
CA LYS D 282 -27.68 -39.38 -21.54
C LYS D 282 -27.80 -40.04 -20.18
N ASP D 283 -26.76 -39.98 -19.36
CA ASP D 283 -26.76 -40.60 -18.04
C ASP D 283 -27.40 -39.72 -16.98
N ALA D 284 -27.74 -38.49 -17.32
CA ALA D 284 -28.35 -37.57 -16.34
C ALA D 284 -29.56 -38.14 -15.59
N PRO D 285 -30.50 -38.85 -16.21
CA PRO D 285 -31.64 -39.37 -15.44
C PRO D 285 -31.25 -40.34 -14.33
N ASN D 286 -30.06 -40.94 -14.40
CA ASN D 286 -29.60 -41.86 -13.38
C ASN D 286 -29.05 -41.16 -12.14
N ALA D 287 -28.95 -39.84 -12.16
CA ALA D 287 -28.34 -39.11 -11.05
C ALA D 287 -29.25 -39.11 -9.83
N LEU D 288 -28.66 -38.75 -8.69
CA LEU D 288 -29.42 -38.69 -7.44
C LEU D 288 -30.51 -37.65 -7.50
N ASN D 289 -30.21 -36.48 -8.06
CA ASN D 289 -31.15 -35.36 -8.13
C ASN D 289 -30.57 -34.35 -9.09
N THR D 290 -31.39 -33.36 -9.44
CA THR D 290 -30.97 -32.24 -10.27
C THR D 290 -31.15 -30.95 -9.48
N VAL D 291 -30.12 -30.12 -9.43
CA VAL D 291 -30.13 -28.85 -8.73
C VAL D 291 -29.98 -27.74 -9.75
N LEU D 292 -30.90 -26.77 -9.72
CA LEU D 292 -30.89 -25.63 -10.62
C LEU D 292 -30.42 -24.40 -9.85
N LEU D 293 -29.35 -23.77 -10.35
CA LEU D 293 -28.77 -22.64 -9.65
C LEU D 293 -29.62 -21.38 -9.82
N GLN D 294 -30.34 -21.26 -10.93
CA GLN D 294 -31.16 -20.10 -11.23
C GLN D 294 -32.57 -20.57 -11.58
N PRO D 295 -33.37 -20.93 -10.56
CA PRO D 295 -34.68 -21.52 -10.83
C PRO D 295 -35.70 -20.56 -11.42
N TRP D 296 -35.46 -19.26 -11.38
CA TRP D 296 -36.45 -18.29 -11.81
C TRP D 296 -36.45 -18.07 -13.32
N HIS D 297 -35.52 -18.68 -14.06
CA HIS D 297 -35.61 -18.74 -15.51
C HIS D 297 -35.35 -20.15 -16.03
N LEU D 298 -35.48 -21.15 -15.17
CA LEU D 298 -35.37 -22.56 -15.55
C LEU D 298 -36.66 -23.29 -15.25
N GLU D 299 -37.80 -22.65 -15.53
CA GLU D 299 -39.09 -23.22 -15.17
C GLU D 299 -39.41 -24.46 -16.01
N LYS D 300 -39.25 -24.36 -17.33
CA LYS D 300 -39.57 -25.50 -18.18
C LYS D 300 -38.58 -26.63 -17.99
N THR D 301 -37.32 -26.32 -17.72
CA THR D 301 -36.35 -27.35 -17.37
C THR D 301 -36.76 -28.07 -16.09
N LYS D 302 -37.21 -27.32 -15.09
CA LYS D 302 -37.68 -27.94 -13.86
C LYS D 302 -38.88 -28.83 -14.12
N LYS D 303 -39.82 -28.36 -14.95
CA LYS D 303 -40.98 -29.18 -15.28
C LYS D 303 -40.58 -30.47 -15.97
N PHE D 304 -39.66 -30.40 -16.93
CA PHE D 304 -39.23 -31.59 -17.65
C PHE D 304 -38.48 -32.55 -16.72
N VAL D 305 -37.61 -32.02 -15.86
CA VAL D 305 -36.82 -32.87 -14.98
C VAL D 305 -37.72 -33.58 -13.98
N GLU D 306 -38.65 -32.85 -13.37
CA GLU D 306 -39.55 -33.48 -12.41
C GLU D 306 -40.50 -34.47 -13.10
N GLY D 307 -41.02 -34.11 -14.27
CA GLY D 307 -41.99 -34.97 -14.93
C GLY D 307 -41.37 -36.21 -15.55
N THR D 308 -40.21 -36.06 -16.19
CA THR D 308 -39.60 -37.15 -16.94
C THR D 308 -38.51 -37.87 -16.15
N TRP D 309 -37.52 -37.15 -15.63
CA TRP D 309 -36.46 -37.79 -14.87
C TRP D 309 -36.91 -38.21 -13.48
N LYS D 310 -38.06 -37.72 -13.03
CA LYS D 310 -38.61 -38.06 -11.71
C LYS D 310 -37.64 -37.72 -10.58
N HIS D 311 -36.98 -36.57 -10.71
CA HIS D 311 -36.08 -36.05 -9.68
C HIS D 311 -36.84 -35.02 -8.85
N GLU D 312 -36.77 -35.16 -7.53
CA GLU D 312 -37.39 -34.21 -6.62
C GLU D 312 -36.45 -33.03 -6.49
N VAL D 313 -36.62 -32.06 -7.38
CA VAL D 313 -35.71 -30.91 -7.44
C VAL D 313 -35.85 -30.08 -6.17
N PRO D 314 -34.77 -29.78 -5.46
CA PRO D 314 -34.88 -28.98 -4.24
C PRO D 314 -35.31 -27.56 -4.53
N LYS D 315 -36.02 -26.98 -3.57
CA LYS D 315 -36.43 -25.57 -3.65
C LYS D 315 -35.31 -24.74 -3.05
N LEU D 316 -34.34 -24.38 -3.88
CA LEU D 316 -33.16 -23.63 -3.47
C LEU D 316 -33.10 -22.30 -4.21
N ASN D 317 -32.73 -21.25 -3.49
CA ASN D 317 -32.44 -19.98 -4.13
C ASN D 317 -31.05 -20.02 -4.75
N ILE D 318 -30.72 -18.97 -5.50
CA ILE D 318 -29.38 -18.91 -6.10
C ILE D 318 -28.34 -18.84 -5.00
N PRO D 319 -27.29 -19.66 -5.04
CA PRO D 319 -26.30 -19.64 -3.95
C PRO D 319 -25.46 -18.37 -3.93
N MET D 320 -26.09 -17.25 -3.58
CA MET D 320 -25.42 -15.95 -3.50
C MET D 320 -25.49 -15.46 -2.06
N GLY D 321 -24.35 -15.03 -1.52
CA GLY D 321 -24.30 -14.52 -0.17
C GLY D 321 -23.98 -15.61 0.85
N LEU D 322 -24.26 -15.29 2.11
CA LEU D 322 -24.03 -16.25 3.19
C LEU D 322 -25.14 -17.28 3.29
N ASP D 323 -26.36 -16.82 3.57
CA ASP D 323 -27.44 -17.74 3.93
C ASP D 323 -27.78 -18.69 2.79
N TRP D 324 -27.82 -18.17 1.56
CA TRP D 324 -28.22 -19.02 0.45
C TRP D 324 -27.14 -19.99 0.05
N THR D 325 -25.87 -19.59 0.15
CA THR D 325 -24.78 -20.55 -0.05
C THR D 325 -24.81 -21.63 1.02
N ASP D 326 -25.16 -21.24 2.23
CA ASP D 326 -25.25 -22.19 3.38
C ASP D 326 -26.37 -23.19 3.09
N GLU D 327 -27.51 -22.72 2.59
CA GLU D 327 -28.61 -23.61 2.26
C GLU D 327 -28.26 -24.54 1.12
N PHE D 328 -27.57 -24.01 0.09
CA PHE D 328 -27.14 -24.85 -1.02
C PHE D 328 -26.22 -25.96 -0.56
N LEU D 329 -25.22 -25.62 0.27
CA LEU D 329 -24.28 -26.62 0.75
C LEU D 329 -24.96 -27.65 1.63
N MET D 330 -25.85 -27.21 2.51
CA MET D 330 -26.55 -28.14 3.39
C MET D 330 -27.45 -29.08 2.60
N LYS D 331 -28.15 -28.56 1.59
CA LYS D 331 -29.00 -29.41 0.78
C LYS D 331 -28.19 -30.41 -0.03
N VAL D 332 -27.03 -29.98 -0.56
CA VAL D 332 -26.17 -30.91 -1.26
C VAL D 332 -25.67 -32.01 -0.33
N SER D 333 -25.30 -31.63 0.90
CA SER D 333 -24.88 -32.62 1.88
C SER D 333 -25.99 -33.60 2.21
N GLU D 334 -27.22 -33.10 2.32
CA GLU D 334 -28.35 -33.97 2.60
C GLU D 334 -28.61 -34.93 1.44
N ILE D 335 -28.49 -34.44 0.20
CA ILE D 335 -28.76 -35.30 -0.96
C ILE D 335 -27.68 -36.36 -1.10
N SER D 336 -26.41 -35.97 -1.01
CA SER D 336 -25.32 -36.88 -1.28
C SER D 336 -24.84 -37.65 -0.05
N GLY D 337 -25.17 -37.18 1.15
CA GLY D 337 -24.70 -37.82 2.36
C GLY D 337 -23.28 -37.49 2.74
N GLN D 338 -22.61 -36.65 1.98
CA GLN D 338 -21.23 -36.26 2.27
C GLN D 338 -21.21 -35.02 3.16
N PRO D 339 -20.51 -35.05 4.29
CA PRO D 339 -20.50 -33.89 5.18
C PRO D 339 -19.71 -32.73 4.59
N ILE D 340 -19.99 -31.53 5.09
CA ILE D 340 -19.29 -30.33 4.66
C ILE D 340 -17.92 -30.29 5.35
N PRO D 341 -16.83 -30.15 4.60
CA PRO D 341 -15.50 -30.27 5.19
C PRO D 341 -15.10 -29.00 5.95
N ALA D 342 -13.89 -29.03 6.49
CA ALA D 342 -13.38 -27.91 7.27
C ALA D 342 -12.96 -26.73 6.39
N SER D 343 -12.54 -26.98 5.16
CA SER D 343 -12.12 -25.89 4.29
C SER D 343 -13.27 -24.95 3.99
N LEU D 344 -14.46 -25.50 3.71
CA LEU D 344 -15.62 -24.65 3.43
C LEU D 344 -16.02 -23.85 4.66
N THR D 345 -15.95 -24.47 5.84
CA THR D 345 -16.27 -23.74 7.07
C THR D 345 -15.27 -22.62 7.31
N LYS D 346 -13.99 -22.86 7.05
CA LYS D 346 -12.98 -21.81 7.22
C LYS D 346 -13.20 -20.68 6.22
N GLU D 347 -13.56 -21.01 4.98
CA GLU D 347 -13.83 -19.98 3.98
C GLU D 347 -15.05 -19.15 4.38
N ARG D 348 -16.09 -19.79 4.90
CA ARG D 348 -17.25 -19.06 5.39
C ARG D 348 -16.89 -18.15 6.55
N GLY D 349 -16.06 -18.63 7.47
CA GLY D 349 -15.59 -17.79 8.55
C GLY D 349 -14.79 -16.60 8.07
N ARG D 350 -13.99 -16.79 7.02
CA ARG D 350 -13.23 -15.69 6.47
C ARG D 350 -14.13 -14.65 5.82
N LEU D 351 -15.20 -15.09 5.16
CA LEU D 351 -16.19 -14.15 4.64
C LEU D 351 -16.86 -13.38 5.76
N VAL D 352 -17.21 -14.07 6.85
CA VAL D 352 -17.81 -13.39 8.00
C VAL D 352 -16.84 -12.38 8.58
N ASP D 353 -15.55 -12.73 8.62
CA ASP D 353 -14.54 -11.80 9.12
C ASP D 353 -14.46 -10.55 8.25
N MET D 354 -14.49 -10.72 6.93
CA MET D 354 -14.48 -9.56 6.04
C MET D 354 -15.71 -8.70 6.26
N MET D 355 -16.87 -9.32 6.48
CA MET D 355 -18.07 -8.56 6.78
C MET D 355 -17.92 -7.76 8.06
N THR D 356 -17.36 -8.38 9.11
CA THR D 356 -17.13 -7.65 10.35
C THR D 356 -16.16 -6.50 10.15
N ASP D 357 -15.18 -6.67 9.26
CA ASP D 357 -14.20 -5.61 9.01
C ASP D 357 -14.84 -4.44 8.27
N SER D 358 -15.72 -4.71 7.30
CA SER D 358 -16.23 -3.67 6.41
C SER D 358 -17.62 -3.15 6.77
N HIS D 359 -18.24 -3.68 7.82
CA HIS D 359 -19.62 -3.30 8.11
C HIS D 359 -19.78 -1.82 8.44
N THR D 360 -18.79 -1.21 9.08
CA THR D 360 -18.91 0.20 9.44
C THR D 360 -18.92 1.11 8.22
N TRP D 361 -18.42 0.65 7.09
CA TRP D 361 -18.50 1.40 5.85
C TRP D 361 -19.70 1.00 5.00
N LEU D 362 -20.13 -0.26 5.10
CA LEU D 362 -21.23 -0.71 4.25
C LEU D 362 -22.60 -0.32 4.80
N HIS D 363 -22.70 0.11 6.05
CA HIS D 363 -24.01 0.28 6.67
C HIS D 363 -24.73 1.51 6.14
N GLY D 364 -26.00 1.34 5.78
CA GLY D 364 -26.85 2.44 5.40
C GLY D 364 -26.69 2.94 3.99
N LYS D 365 -25.83 2.31 3.18
CA LYS D 365 -25.61 2.77 1.83
C LYS D 365 -26.79 2.40 0.93
N ARG D 366 -27.14 3.32 0.05
CA ARG D 366 -28.32 3.17 -0.79
C ARG D 366 -27.91 2.80 -2.21
N PHE D 367 -28.51 1.72 -2.73
CA PHE D 367 -28.11 1.14 -4.00
C PHE D 367 -29.31 0.99 -4.92
N ALA D 368 -29.12 1.34 -6.18
CA ALA D 368 -30.05 1.04 -7.26
C ALA D 368 -29.38 0.00 -8.16
N LEU D 369 -29.94 -1.19 -8.21
CA LEU D 369 -29.32 -2.28 -8.93
C LEU D 369 -30.30 -2.87 -9.95
N TRP D 370 -29.73 -3.48 -10.99
CA TRP D 370 -30.56 -4.13 -12.00
C TRP D 370 -29.79 -5.27 -12.64
N GLY D 371 -30.52 -6.14 -13.32
CA GLY D 371 -29.94 -7.31 -13.96
C GLY D 371 -31.00 -8.40 -14.16
N ASP D 372 -30.53 -9.64 -14.19
CA ASP D 372 -31.39 -10.80 -14.34
C ASP D 372 -32.09 -11.13 -13.03
N PRO D 373 -33.23 -11.82 -13.09
CA PRO D 373 -34.01 -12.04 -11.85
C PRO D 373 -33.23 -12.73 -10.73
N ASP D 374 -32.65 -13.90 -11.00
CA ASP D 374 -31.95 -14.64 -9.95
C ASP D 374 -30.75 -13.86 -9.42
N PHE D 375 -29.97 -13.26 -10.32
CA PHE D 375 -28.81 -12.48 -9.90
C PHE D 375 -29.23 -11.27 -9.08
N VAL D 376 -30.30 -10.60 -9.49
CA VAL D 376 -30.78 -9.43 -8.75
C VAL D 376 -31.25 -9.83 -7.36
N MET D 377 -32.00 -10.93 -7.26
CA MET D 377 -32.49 -11.36 -5.95
C MET D 377 -31.34 -11.79 -5.05
N GLY D 378 -30.32 -12.44 -5.60
CA GLY D 378 -29.16 -12.80 -4.81
C GLY D 378 -28.40 -11.59 -4.31
N LEU D 379 -28.21 -10.60 -5.19
CA LEU D 379 -27.55 -9.36 -4.79
C LEU D 379 -28.35 -8.63 -3.72
N VAL D 380 -29.68 -8.62 -3.84
CA VAL D 380 -30.52 -7.97 -2.84
C VAL D 380 -30.37 -8.66 -1.50
N LYS D 381 -30.38 -10.00 -1.51
CA LYS D 381 -30.18 -10.74 -0.27
C LYS D 381 -28.83 -10.41 0.36
N PHE D 382 -27.77 -10.42 -0.44
CA PHE D 382 -26.44 -10.14 0.10
C PHE D 382 -26.36 -8.72 0.65
N LEU D 383 -26.95 -7.75 -0.05
CA LEU D 383 -26.95 -6.37 0.43
C LEU D 383 -27.69 -6.26 1.74
N LEU D 384 -28.79 -7.00 1.90
CA LEU D 384 -29.51 -7.00 3.16
C LEU D 384 -28.66 -7.60 4.28
N GLU D 385 -27.91 -8.66 3.99
CA GLU D 385 -27.02 -9.22 5.01
C GLU D 385 -25.91 -8.25 5.41
N LEU D 386 -25.47 -7.41 4.49
CA LEU D 386 -24.39 -6.47 4.77
C LEU D 386 -24.84 -5.22 5.52
N GLY D 387 -26.14 -5.03 5.69
CA GLY D 387 -26.67 -3.82 6.26
C GLY D 387 -26.93 -2.71 5.26
N CYS D 388 -26.68 -2.94 3.98
CA CYS D 388 -26.97 -1.95 2.95
C CYS D 388 -28.47 -1.86 2.71
N GLU D 389 -28.88 -0.81 2.00
CA GLU D 389 -30.29 -0.55 1.71
C GLU D 389 -30.52 -0.50 0.20
N PRO D 390 -30.97 -1.59 -0.41
CA PRO D 390 -31.37 -1.53 -1.82
C PRO D 390 -32.68 -0.78 -1.95
N VAL D 391 -32.66 0.32 -2.70
CA VAL D 391 -33.82 1.20 -2.80
C VAL D 391 -34.57 1.00 -4.10
N HIS D 392 -33.87 0.94 -5.23
CA HIS D 392 -34.48 0.74 -6.54
C HIS D 392 -34.03 -0.61 -7.07
N ILE D 393 -34.94 -1.57 -7.09
CA ILE D 393 -34.68 -2.91 -7.62
C ILE D 393 -35.41 -3.00 -8.96
N LEU D 394 -34.65 -3.13 -10.04
CA LEU D 394 -35.19 -3.13 -11.39
C LEU D 394 -34.89 -4.46 -12.07
N CYS D 395 -35.91 -5.04 -12.70
CA CYS D 395 -35.74 -6.28 -13.45
C CYS D 395 -36.68 -6.20 -14.65
N HIS D 396 -36.13 -5.95 -15.83
CA HIS D 396 -36.96 -5.77 -17.02
C HIS D 396 -37.70 -7.06 -17.37
N ASN D 397 -37.05 -8.20 -17.23
CA ASN D 397 -37.64 -9.47 -17.61
C ASN D 397 -38.30 -10.19 -16.43
N GLY D 398 -38.39 -9.55 -15.27
CA GLY D 398 -39.06 -10.18 -14.15
C GLY D 398 -40.56 -10.21 -14.32
N ASN D 399 -41.20 -11.03 -13.48
CA ASN D 399 -42.65 -11.20 -13.52
C ASN D 399 -43.23 -10.94 -12.14
N LYS D 400 -44.56 -11.08 -12.03
CA LYS D 400 -45.25 -10.78 -10.78
C LYS D 400 -44.84 -11.73 -9.66
N ARG D 401 -44.71 -13.01 -9.96
CA ARG D 401 -44.34 -13.98 -8.94
C ARG D 401 -42.95 -13.70 -8.39
N TRP D 402 -42.00 -13.38 -9.27
CA TRP D 402 -40.66 -13.03 -8.81
C TRP D 402 -40.67 -11.76 -7.97
N LYS D 403 -41.48 -10.79 -8.36
CA LYS D 403 -41.60 -9.57 -7.56
C LYS D 403 -42.16 -9.86 -6.18
N LYS D 404 -43.15 -10.75 -6.10
CA LYS D 404 -43.70 -11.14 -4.80
C LYS D 404 -42.64 -11.84 -3.95
N ALA D 405 -41.85 -12.71 -4.56
CA ALA D 405 -40.77 -13.38 -3.83
C ALA D 405 -39.75 -12.38 -3.30
N VAL D 406 -39.37 -11.41 -4.12
CA VAL D 406 -38.38 -10.41 -3.69
C VAL D 406 -38.98 -9.51 -2.62
N ASP D 407 -40.27 -9.18 -2.71
CA ASP D 407 -40.91 -8.39 -1.67
C ASP D 407 -40.95 -9.15 -0.35
N ALA D 408 -41.20 -10.45 -0.40
CA ALA D 408 -41.14 -11.27 0.81
C ALA D 408 -39.72 -11.27 1.39
N ILE D 409 -38.71 -11.35 0.52
CA ILE D 409 -37.33 -11.30 0.99
C ILE D 409 -37.07 -9.97 1.69
N LEU D 410 -37.52 -8.87 1.10
CA LEU D 410 -37.28 -7.56 1.68
C LEU D 410 -38.03 -7.37 2.99
N ALA D 411 -39.21 -7.95 3.12
CA ALA D 411 -39.98 -7.82 4.35
C ALA D 411 -39.28 -8.49 5.54
N ALA D 412 -38.45 -9.51 5.27
CA ALA D 412 -37.79 -10.24 6.34
C ALA D 412 -36.68 -9.45 7.01
N SER D 413 -36.28 -8.32 6.44
CA SER D 413 -35.20 -7.50 6.99
C SER D 413 -35.68 -6.07 7.16
N PRO D 414 -35.20 -5.38 8.20
CA PRO D 414 -35.56 -3.97 8.37
C PRO D 414 -34.86 -3.03 7.39
N TYR D 415 -34.00 -3.55 6.52
CA TYR D 415 -33.27 -2.74 5.56
C TYR D 415 -33.97 -2.64 4.21
N GLY D 416 -35.12 -3.29 4.04
CA GLY D 416 -35.87 -3.20 2.81
C GLY D 416 -37.06 -2.25 2.92
N LYS D 417 -37.05 -1.39 3.93
CA LYS D 417 -38.17 -0.48 4.16
C LYS D 417 -38.32 0.52 3.01
N ASN D 418 -37.20 1.05 2.51
CA ASN D 418 -37.20 2.00 1.42
C ASN D 418 -37.01 1.32 0.06
N ALA D 419 -37.40 0.06 -0.07
CA ALA D 419 -37.16 -0.71 -1.27
C ALA D 419 -38.44 -0.83 -2.09
N THR D 420 -38.33 -0.60 -3.39
CA THR D 420 -39.41 -0.80 -4.34
C THR D 420 -38.88 -1.64 -5.49
N VAL D 421 -39.61 -2.69 -5.84
CA VAL D 421 -39.23 -3.59 -6.93
C VAL D 421 -40.03 -3.24 -8.15
N TYR D 422 -39.35 -2.97 -9.26
CA TYR D 422 -39.97 -2.61 -10.52
C TYR D 422 -39.75 -3.73 -11.53
N ILE D 423 -40.83 -4.18 -12.16
CA ILE D 423 -40.77 -5.19 -13.20
C ILE D 423 -41.35 -4.60 -14.48
N GLY D 424 -40.74 -4.92 -15.61
CA GLY D 424 -41.18 -4.40 -16.88
C GLY D 424 -40.74 -2.99 -17.18
N LYS D 425 -39.77 -2.46 -16.45
CA LYS D 425 -39.25 -1.11 -16.64
C LYS D 425 -37.87 -1.17 -17.28
N ASP D 426 -37.38 0.01 -17.67
CA ASP D 426 -36.11 0.09 -18.38
C ASP D 426 -35.18 1.11 -17.73
N LEU D 427 -34.06 1.41 -18.40
CA LEU D 427 -33.03 2.26 -17.82
C LEU D 427 -33.42 3.73 -17.79
N TRP D 428 -34.37 4.15 -18.64
CA TRP D 428 -34.90 5.50 -18.53
C TRP D 428 -35.69 5.67 -17.22
N HIS D 429 -36.47 4.64 -16.85
CA HIS D 429 -37.15 4.65 -15.57
C HIS D 429 -36.15 4.77 -14.42
N LEU D 430 -35.06 4.01 -14.50
CA LEU D 430 -34.06 4.04 -13.43
C LEU D 430 -33.32 5.38 -13.41
N ARG D 431 -33.13 5.99 -14.57
CA ARG D 431 -32.57 7.33 -14.61
C ARG D 431 -33.46 8.31 -13.86
N SER D 432 -34.77 8.25 -14.12
CA SER D 432 -35.70 9.10 -13.38
C SER D 432 -35.65 8.81 -11.89
N LEU D 433 -35.57 7.53 -11.52
CA LEU D 433 -35.58 7.17 -10.11
C LEU D 433 -34.34 7.69 -9.39
N VAL D 434 -33.17 7.57 -10.02
CA VAL D 434 -31.96 8.06 -9.37
C VAL D 434 -31.83 9.57 -9.42
N PHE D 435 -32.55 10.24 -10.33
CA PHE D 435 -32.61 11.70 -10.25
C PHE D 435 -33.55 12.17 -9.14
N THR D 436 -34.67 11.46 -8.94
CA THR D 436 -35.68 11.90 -7.99
C THR D 436 -35.46 11.34 -6.59
N ASP D 437 -35.05 10.08 -6.50
CA ASP D 437 -34.71 9.43 -5.22
C ASP D 437 -33.27 8.97 -5.34
N LYS D 438 -32.34 9.85 -4.99
CA LYS D 438 -30.94 9.63 -5.27
C LYS D 438 -30.36 8.51 -4.40
N PRO D 439 -29.80 7.46 -4.99
CA PRO D 439 -29.07 6.47 -4.19
C PRO D 439 -27.59 6.83 -4.10
N ASP D 440 -26.89 6.09 -3.26
CA ASP D 440 -25.44 6.28 -3.15
C ASP D 440 -24.73 5.69 -4.36
N PHE D 441 -25.19 4.54 -4.85
CA PHE D 441 -24.52 3.87 -5.96
C PHE D 441 -25.53 3.12 -6.80
N MET D 442 -25.14 2.81 -8.03
CA MET D 442 -25.85 1.84 -8.86
C MET D 442 -25.00 0.59 -9.01
N ILE D 443 -25.65 -0.54 -9.20
CA ILE D 443 -24.99 -1.81 -9.49
C ILE D 443 -25.64 -2.41 -10.73
N GLY D 444 -24.89 -2.50 -11.81
CA GLY D 444 -25.44 -3.00 -13.05
C GLY D 444 -24.39 -3.18 -14.11
N ASN D 445 -24.85 -3.34 -15.35
CA ASN D 445 -23.97 -3.59 -16.47
C ASN D 445 -23.45 -2.28 -17.03
N SER D 446 -22.77 -2.35 -18.18
CA SER D 446 -22.12 -1.17 -18.74
C SER D 446 -23.12 -0.11 -19.19
N TYR D 447 -24.34 -0.53 -19.55
CA TYR D 447 -25.34 0.42 -20.03
C TYR D 447 -25.67 1.47 -18.99
N GLY D 448 -25.40 1.21 -17.71
CA GLY D 448 -25.65 2.18 -16.67
C GLY D 448 -24.70 3.35 -16.69
N LYS D 449 -23.56 3.22 -17.38
CA LYS D 449 -22.57 4.31 -17.38
C LYS D 449 -23.19 5.60 -17.88
N PHE D 450 -24.02 5.52 -18.92
CA PHE D 450 -24.67 6.72 -19.44
C PHE D 450 -25.48 7.42 -18.36
N ILE D 451 -26.21 6.65 -17.55
CA ILE D 451 -26.97 7.25 -16.46
C ILE D 451 -26.04 8.06 -15.56
N GLN D 452 -24.88 7.48 -15.22
CA GLN D 452 -23.93 8.21 -14.38
C GLN D 452 -23.58 9.55 -15.00
N ARG D 453 -23.27 9.55 -16.31
CA ARG D 453 -22.95 10.80 -16.98
C ARG D 453 -24.08 11.80 -16.79
N ASP D 454 -25.32 11.34 -16.99
CA ASP D 454 -26.47 12.23 -16.83
C ASP D 454 -26.48 12.84 -15.43
N THR D 455 -26.26 12.02 -14.41
CA THR D 455 -26.26 12.55 -13.04
C THR D 455 -25.15 13.58 -12.87
N LEU D 456 -23.97 13.30 -13.44
CA LEU D 456 -22.87 14.25 -13.31
C LEU D 456 -23.20 15.56 -13.99
N HIS D 457 -24.10 15.55 -14.97
CA HIS D 457 -24.47 16.79 -15.62
C HIS D 457 -25.26 17.69 -14.68
N LYS D 458 -26.06 17.11 -13.78
CA LYS D 458 -26.78 17.94 -12.82
C LYS D 458 -25.84 18.55 -11.79
N GLY D 459 -24.77 17.85 -11.47
CA GLY D 459 -23.81 18.35 -10.51
C GLY D 459 -23.03 17.22 -9.88
N LYS D 460 -21.87 17.56 -9.34
CA LYS D 460 -21.03 16.56 -8.69
C LYS D 460 -21.73 15.95 -7.48
N GLU D 461 -22.46 16.76 -6.72
CA GLU D 461 -23.19 16.26 -5.57
C GLU D 461 -24.34 15.34 -5.97
N PHE D 462 -24.82 15.43 -7.20
CA PHE D 462 -25.93 14.61 -7.67
C PHE D 462 -25.48 13.38 -8.45
N GLU D 463 -24.18 13.14 -8.53
CA GLU D 463 -23.67 12.01 -9.30
C GLU D 463 -23.90 10.70 -8.56
N VAL D 464 -24.29 9.68 -9.30
CA VAL D 464 -24.48 8.34 -8.78
C VAL D 464 -23.48 7.42 -9.48
N PRO D 465 -22.38 7.09 -8.82
CA PRO D 465 -21.38 6.20 -9.45
C PRO D 465 -21.93 4.81 -9.70
N LEU D 466 -21.43 4.19 -10.75
CA LEU D 466 -21.86 2.87 -11.19
C LEU D 466 -20.81 1.82 -10.83
N ILE D 467 -21.29 0.67 -10.37
CA ILE D 467 -20.46 -0.48 -10.05
C ILE D 467 -20.84 -1.59 -11.03
N ARG D 468 -19.85 -2.08 -11.78
CA ARG D 468 -20.08 -2.99 -12.89
C ARG D 468 -20.13 -4.42 -12.37
N ILE D 469 -21.34 -4.89 -12.08
CA ILE D 469 -21.59 -6.28 -11.75
C ILE D 469 -22.79 -6.72 -12.58
N GLY D 470 -22.57 -7.66 -13.49
CA GLY D 470 -23.64 -8.20 -14.29
C GLY D 470 -23.19 -8.41 -15.71
N PHE D 471 -24.16 -8.48 -16.62
CA PHE D 471 -23.90 -8.72 -18.02
C PHE D 471 -24.70 -7.73 -18.88
N PRO D 472 -24.09 -7.15 -19.91
CA PRO D 472 -22.69 -7.28 -20.31
C PRO D 472 -21.81 -6.15 -19.81
N ILE D 473 -20.51 -6.39 -19.67
CA ILE D 473 -19.55 -5.38 -19.25
C ILE D 473 -18.62 -5.15 -20.42
N PHE D 474 -18.80 -4.04 -21.13
CA PHE D 474 -18.07 -3.77 -22.35
C PHE D 474 -16.91 -2.81 -22.17
N ASP D 475 -16.99 -1.90 -21.21
CA ASP D 475 -15.99 -0.85 -21.05
C ASP D 475 -14.89 -1.21 -20.06
N ARG D 476 -14.88 -2.45 -19.56
CA ARG D 476 -13.81 -2.92 -18.70
C ARG D 476 -13.30 -4.25 -19.22
N HIS D 477 -12.08 -4.59 -18.86
CA HIS D 477 -11.41 -5.79 -19.35
C HIS D 477 -11.40 -6.87 -18.29
N HIS D 478 -11.70 -8.10 -18.73
CA HIS D 478 -11.50 -9.32 -17.95
C HIS D 478 -12.32 -9.35 -16.66
N LEU D 479 -13.42 -8.59 -16.60
CA LEU D 479 -14.33 -8.73 -15.48
C LEU D 479 -15.15 -10.00 -15.58
N HIS D 480 -15.19 -10.64 -16.74
CA HIS D 480 -15.93 -11.88 -16.93
C HIS D 480 -15.29 -13.06 -16.22
N ARG D 481 -14.02 -12.94 -15.81
CA ARG D 481 -13.37 -13.97 -15.02
C ARG D 481 -13.77 -13.94 -13.55
N SER D 482 -14.59 -12.98 -13.16
CA SER D 482 -14.93 -12.79 -11.77
C SER D 482 -15.91 -13.87 -11.30
N THR D 483 -16.21 -13.84 -10.01
CA THR D 483 -17.12 -14.76 -9.37
C THR D 483 -18.18 -13.98 -8.61
N THR D 484 -19.42 -14.45 -8.69
CA THR D 484 -20.51 -13.89 -7.90
C THR D 484 -21.17 -14.89 -6.97
N LEU D 485 -21.09 -16.19 -7.26
CA LEU D 485 -21.71 -17.21 -6.45
C LEU D 485 -20.77 -17.67 -5.34
N GLY D 486 -21.37 -18.19 -4.27
CA GLY D 486 -20.62 -18.81 -3.20
C GLY D 486 -19.92 -17.81 -2.30
N TYR D 487 -19.14 -18.37 -1.38
CA TYR D 487 -18.41 -17.53 -0.43
C TYR D 487 -17.36 -16.68 -1.15
N GLU D 488 -16.68 -17.25 -2.13
CA GLU D 488 -15.68 -16.49 -2.89
C GLU D 488 -16.33 -15.35 -3.66
N GLY D 489 -17.46 -15.62 -4.30
CA GLY D 489 -18.17 -14.56 -5.01
C GLY D 489 -18.65 -13.47 -4.07
N ALA D 490 -19.13 -13.85 -2.90
CA ALA D 490 -19.55 -12.86 -1.92
C ALA D 490 -18.36 -12.04 -1.43
N MET D 491 -17.21 -12.67 -1.25
CA MET D 491 -16.00 -11.93 -0.89
C MET D 491 -15.63 -10.91 -1.96
N GLN D 492 -15.67 -11.32 -3.22
CA GLN D 492 -15.33 -10.41 -4.31
C GLN D 492 -16.31 -9.25 -4.39
N ILE D 493 -17.61 -9.54 -4.21
CA ILE D 493 -18.62 -8.49 -4.23
C ILE D 493 -18.42 -7.52 -3.06
N LEU D 494 -18.12 -8.05 -1.87
CA LEU D 494 -17.90 -7.20 -0.72
C LEU D 494 -16.70 -6.29 -0.93
N THR D 495 -15.60 -6.85 -1.47
CA THR D 495 -14.42 -6.03 -1.73
C THR D 495 -14.73 -4.96 -2.75
N THR D 496 -15.44 -5.31 -3.83
CA THR D 496 -15.80 -4.33 -4.84
C THR D 496 -16.62 -3.20 -4.24
N LEU D 497 -17.63 -3.55 -3.43
CA LEU D 497 -18.50 -2.53 -2.86
C LEU D 497 -17.76 -1.62 -1.90
N VAL D 498 -16.98 -2.20 -0.98
CA VAL D 498 -16.31 -1.39 0.02
C VAL D 498 -15.23 -0.53 -0.62
N ASN D 499 -14.54 -1.05 -1.63
CA ASN D 499 -13.54 -0.26 -2.34
C ASN D 499 -14.17 0.85 -3.14
N SER D 500 -15.35 0.61 -3.73
CA SER D 500 -16.06 1.70 -4.41
C SER D 500 -16.43 2.80 -3.43
N ILE D 501 -16.93 2.43 -2.27
CA ILE D 501 -17.29 3.43 -1.26
C ILE D 501 -16.07 4.24 -0.86
N LEU D 502 -14.95 3.56 -0.59
CA LEU D 502 -13.76 4.26 -0.12
C LEU D 502 -13.16 5.12 -1.22
N GLU D 503 -13.19 4.66 -2.47
CA GLU D 503 -12.68 5.47 -3.57
C GLU D 503 -13.53 6.72 -3.77
N ARG D 504 -14.84 6.59 -3.66
CA ARG D 504 -15.71 7.77 -3.74
C ARG D 504 -15.43 8.75 -2.61
N LEU D 505 -15.23 8.22 -1.39
CA LEU D 505 -14.93 9.09 -0.26
C LEU D 505 -13.60 9.81 -0.44
N ASP D 506 -12.59 9.11 -0.98
CA ASP D 506 -11.30 9.74 -1.25
C ASP D 506 -11.43 10.81 -2.33
N GLU D 507 -12.24 10.55 -3.36
CA GLU D 507 -12.46 11.54 -4.41
C GLU D 507 -13.13 12.79 -3.85
N GLU D 508 -14.10 12.62 -2.95
CA GLU D 508 -14.84 13.75 -2.43
C GLU D 508 -14.02 14.61 -1.48
N THR D 509 -12.94 14.07 -0.92
CA THR D 509 -12.16 14.78 0.10
C THR D 509 -10.74 15.09 -0.35
N ARG D 510 -10.50 15.14 -1.65
CA ARG D 510 -9.16 15.40 -2.17
C ARG D 510 -8.84 16.88 -2.31
N GLY D 511 -9.84 17.75 -2.24
CA GLY D 511 -9.60 19.17 -2.41
C GLY D 511 -8.78 19.75 -1.28
N MET D 512 -7.73 20.50 -1.61
CA MET D 512 -6.83 21.05 -0.62
C MET D 512 -7.48 22.20 0.13
N GLN D 513 -7.35 22.18 1.46
CA GLN D 513 -7.80 23.25 2.36
C GLN D 513 -9.30 23.44 2.31
N ALA D 514 -10.02 22.57 1.60
CA ALA D 514 -11.47 22.62 1.53
C ALA D 514 -12.12 21.38 2.12
N THR D 515 -11.73 20.19 1.65
CA THR D 515 -12.27 18.93 2.16
C THR D 515 -11.17 17.97 2.59
N ASP D 516 -9.91 18.40 2.56
CA ASP D 516 -8.79 17.51 2.83
C ASP D 516 -8.66 17.13 4.29
N TYR D 517 -9.44 17.73 5.19
CA TYR D 517 -9.37 17.34 6.59
C TYR D 517 -9.82 15.89 6.79
N ASN D 518 -10.65 15.38 5.90
CA ASN D 518 -11.13 14.01 5.98
C ASN D 518 -10.31 13.04 5.15
N HIS D 519 -9.26 13.50 4.46
CA HIS D 519 -8.44 12.64 3.61
C HIS D 519 -7.51 11.80 4.49
N ASP D 520 -8.13 10.86 5.21
CA ASP D 520 -7.41 10.05 6.18
C ASP D 520 -6.57 8.99 5.49
N LEU D 521 -5.38 8.74 6.05
CA LEU D 521 -4.55 7.65 5.54
C LEU D 521 -5.14 6.29 5.86
N VAL D 522 -5.77 6.15 7.02
CA VAL D 522 -6.32 4.90 7.49
C VAL D 522 -7.84 4.98 7.43
N ARG D 523 -8.47 3.98 6.81
CA ARG D 523 -9.92 3.94 6.70
C ARG D 523 -10.44 2.54 6.98
N ALA E 2 27.04 32.80 41.96
CA ALA E 2 28.44 32.94 42.36
C ALA E 2 29.04 31.58 42.70
N MET E 3 28.34 30.52 42.31
CA MET E 3 28.81 29.15 42.57
C MET E 3 29.62 28.68 41.38
N ARG E 4 30.87 28.29 41.64
CA ARG E 4 31.78 27.88 40.60
C ARG E 4 31.68 26.38 40.36
N GLN E 5 31.77 25.98 39.10
CA GLN E 5 31.65 24.58 38.71
C GLN E 5 32.91 24.17 37.94
N CYS E 6 33.57 23.12 38.44
CA CYS E 6 34.80 22.62 37.86
C CYS E 6 34.65 21.14 37.57
N ALA E 7 35.21 20.71 36.44
CA ALA E 7 35.24 19.31 36.04
C ALA E 7 36.68 18.82 36.11
N ILE E 8 36.85 17.57 36.55
CA ILE E 8 38.15 16.95 36.63
C ILE E 8 38.17 15.81 35.61
N TYR E 9 38.98 15.99 34.57
CA TYR E 9 39.17 15.05 33.49
C TYR E 9 40.60 14.53 33.49
N GLY E 10 40.87 13.58 32.62
CA GLY E 10 42.21 13.05 32.48
C GLY E 10 42.16 11.61 32.04
N LYS E 11 43.35 11.01 31.99
CA LYS E 11 43.46 9.62 31.59
C LYS E 11 43.17 8.69 32.77
N GLY E 12 42.82 7.45 32.45
CA GLY E 12 42.52 6.48 33.48
C GLY E 12 43.73 6.21 34.36
N GLY E 13 43.51 6.19 35.66
CA GLY E 13 44.55 5.85 36.61
C GLY E 13 45.58 6.93 36.84
N ILE E 14 45.33 8.15 36.35
CA ILE E 14 46.27 9.25 36.56
C ILE E 14 46.10 9.91 37.91
N GLY E 15 45.01 9.64 38.62
CA GLY E 15 44.81 10.21 39.94
C GLY E 15 43.76 11.28 39.98
N LYS E 16 42.70 11.13 39.18
CA LYS E 16 41.61 12.11 39.19
C LYS E 16 40.89 12.10 40.53
N SER E 17 40.44 10.93 40.98
CA SER E 17 39.59 10.87 42.17
C SER E 17 40.37 11.21 43.43
N THR E 18 41.58 10.67 43.57
CA THR E 18 42.37 10.94 44.78
C THR E 18 42.70 12.42 44.90
N THR E 19 43.21 13.02 43.84
CA THR E 19 43.53 14.43 43.86
C THR E 19 42.29 15.28 44.07
N THR E 20 41.18 14.92 43.42
CA THR E 20 39.95 15.69 43.58
C THR E 20 39.46 15.66 45.02
N GLN E 21 39.47 14.49 45.65
CA GLN E 21 38.98 14.39 47.02
C GLN E 21 39.91 15.10 47.99
N ASN E 22 41.22 14.98 47.82
CA ASN E 22 42.13 15.72 48.69
C ASN E 22 42.00 17.23 48.49
N LEU E 23 41.78 17.65 47.24
CA LEU E 23 41.61 19.07 46.95
C LEU E 23 40.36 19.61 47.61
N VAL E 24 39.24 18.88 47.53
CA VAL E 24 38.02 19.37 48.16
C VAL E 24 38.14 19.30 49.68
N ALA E 25 38.90 18.34 50.22
CA ALA E 25 39.15 18.35 51.65
C ALA E 25 39.94 19.58 52.07
N ALA E 26 40.95 19.96 51.29
CA ALA E 26 41.70 21.17 51.57
C ALA E 26 40.81 22.40 51.46
N LEU E 27 39.91 22.43 50.47
CA LEU E 27 38.99 23.54 50.33
C LEU E 27 38.07 23.66 51.54
N ALA E 28 37.57 22.52 52.02
CA ALA E 28 36.73 22.52 53.22
C ALA E 28 37.53 22.90 54.45
N GLU E 29 38.84 22.65 54.46
CA GLU E 29 39.67 23.05 55.60
C GLU E 29 39.63 24.56 55.79
N MET E 30 39.85 25.32 54.73
CA MET E 30 39.80 26.77 54.84
C MET E 30 38.38 27.32 54.86
N GLY E 31 37.38 26.50 54.54
CA GLY E 31 36.03 26.83 54.90
C GLY E 31 35.09 27.35 53.83
N LYS E 32 35.06 26.72 52.66
CA LYS E 32 33.98 26.95 51.71
C LYS E 32 33.23 25.64 51.48
N LYS E 33 31.90 25.74 51.42
CA LYS E 33 31.08 24.57 51.17
C LYS E 33 31.25 24.09 49.73
N VAL E 34 31.46 22.79 49.58
CA VAL E 34 31.79 22.19 48.29
C VAL E 34 30.96 20.93 48.09
N MET E 35 30.63 20.66 46.84
CA MET E 35 29.92 19.45 46.43
C MET E 35 30.78 18.63 45.49
N ILE E 36 30.67 17.31 45.59
CA ILE E 36 31.32 16.38 44.67
C ILE E 36 30.25 15.58 43.96
N VAL E 37 30.32 15.51 42.63
CA VAL E 37 29.47 14.65 41.82
C VAL E 37 30.39 13.70 41.07
N GLY E 38 30.27 12.41 41.36
CA GLY E 38 31.10 11.42 40.70
C GLY E 38 30.40 10.79 39.52
N CYS E 39 30.89 11.04 38.31
CA CYS E 39 30.31 10.47 37.10
C CYS E 39 30.98 9.16 36.68
N ASP E 40 31.64 8.49 37.62
CA ASP E 40 32.30 7.22 37.37
C ASP E 40 31.33 6.09 37.70
N PRO E 41 31.05 5.17 36.77
CA PRO E 41 30.13 4.08 37.08
C PRO E 41 30.56 3.20 38.24
N LYS E 42 31.86 3.09 38.51
CA LYS E 42 32.31 2.20 39.57
C LYS E 42 32.26 2.85 40.95
N ALA E 43 31.87 4.12 41.04
CA ALA E 43 31.52 4.77 42.30
C ALA E 43 32.68 4.76 43.30
N ASP E 44 33.75 5.45 42.95
CA ASP E 44 34.88 5.64 43.85
C ASP E 44 35.20 7.11 44.11
N SER E 45 34.37 8.04 43.63
CA SER E 45 34.69 9.46 43.72
C SER E 45 34.45 10.04 45.10
N THR E 46 33.80 9.31 46.01
CA THR E 46 33.47 9.85 47.32
C THR E 46 33.88 8.90 48.45
N ARG E 47 34.73 7.92 48.14
CA ARG E 47 35.13 6.92 49.11
C ARG E 47 35.90 7.54 50.27
N LEU E 48 36.84 8.44 49.97
CA LEU E 48 37.71 8.98 51.01
C LEU E 48 36.97 9.93 51.94
N ILE E 49 36.07 10.74 51.40
CA ILE E 49 35.34 11.71 52.22
C ILE E 49 34.38 11.00 53.16
N LEU E 50 33.59 10.06 52.62
CA LEU E 50 32.55 9.41 53.40
C LEU E 50 33.08 8.27 54.26
N HIS E 51 34.33 7.84 54.05
CA HIS E 51 34.92 6.73 54.78
C HIS E 51 34.06 5.48 54.67
N SER E 52 33.44 5.29 53.51
CA SER E 52 32.55 4.17 53.27
C SER E 52 32.83 3.57 51.91
N LYS E 53 32.64 2.26 51.81
CA LYS E 53 32.84 1.56 50.55
C LYS E 53 31.59 1.53 49.68
N ALA E 54 30.42 1.33 50.27
CA ALA E 54 29.17 1.24 49.54
C ALA E 54 28.19 2.28 50.07
N GLN E 55 27.61 3.04 49.14
CA GLN E 55 26.63 4.06 49.48
C GLN E 55 25.41 3.85 48.59
N ASN E 56 24.48 4.79 48.63
CA ASN E 56 23.26 4.74 47.83
C ASN E 56 23.43 5.65 46.61
N THR E 57 23.78 5.05 45.48
CA THR E 57 23.89 5.81 44.23
C THR E 57 22.51 6.13 43.69
N ILE E 58 22.48 7.06 42.73
CA ILE E 58 21.20 7.50 42.16
C ILE E 58 20.50 6.36 41.45
N MET E 59 21.24 5.55 40.69
CA MET E 59 20.60 4.56 39.85
C MET E 59 20.08 3.36 40.61
N GLU E 60 20.82 2.86 41.60
CA GLU E 60 20.28 1.73 42.36
C GLU E 60 19.05 2.17 43.15
N MET E 61 19.07 3.39 43.68
CA MET E 61 17.92 3.90 44.40
C MET E 61 16.73 4.13 43.47
N ALA E 62 16.99 4.61 42.26
CA ALA E 62 15.92 4.80 41.29
C ALA E 62 15.34 3.46 40.83
N ALA E 63 16.20 2.44 40.71
CA ALA E 63 15.72 1.11 40.38
C ALA E 63 14.84 0.56 41.49
N GLU E 64 15.22 0.79 42.75
CA GLU E 64 14.36 0.38 43.86
C GLU E 64 13.04 1.14 43.84
N ALA E 65 13.08 2.43 43.55
CA ALA E 65 11.90 3.27 43.59
C ALA E 65 11.11 3.27 42.29
N GLY E 66 11.42 2.36 41.36
CA GLY E 66 10.67 2.24 40.13
C GLY E 66 11.19 3.13 39.01
N THR E 67 11.05 4.44 39.17
CA THR E 67 11.48 5.39 38.17
C THR E 67 12.29 6.51 38.82
N VAL E 68 13.10 7.17 38.00
CA VAL E 68 13.88 8.31 38.46
C VAL E 68 12.99 9.47 38.88
N GLU E 69 11.78 9.55 38.33
CA GLU E 69 10.86 10.62 38.70
C GLU E 69 10.40 10.50 40.15
N ASP E 70 10.44 9.30 40.72
CA ASP E 70 10.02 9.08 42.09
C ASP E 70 11.17 9.19 43.10
N LEU E 71 12.37 9.49 42.64
CA LEU E 71 13.51 9.58 43.53
C LEU E 71 13.47 10.87 44.34
N GLU E 72 14.03 10.80 45.54
CA GLU E 72 14.14 11.96 46.42
C GLU E 72 15.60 12.32 46.59
N LEU E 73 15.90 13.62 46.61
CA LEU E 73 17.28 14.06 46.77
C LEU E 73 17.84 13.67 48.12
N GLU E 74 17.01 13.71 49.16
CA GLU E 74 17.48 13.39 50.50
C GLU E 74 17.98 11.95 50.60
N ASP E 75 17.33 11.03 49.88
CA ASP E 75 17.75 9.64 49.89
C ASP E 75 19.08 9.42 49.21
N VAL E 76 19.59 10.39 48.45
CA VAL E 76 20.83 10.23 47.73
C VAL E 76 21.90 11.26 48.11
N LEU E 77 21.53 12.35 48.78
CA LEU E 77 22.48 13.37 49.20
C LEU E 77 23.04 12.99 50.55
N LYS E 78 24.36 12.93 50.66
CA LYS E 78 25.03 12.52 51.89
C LYS E 78 26.17 13.48 52.20
N ALA E 79 26.14 14.04 53.39
CA ALA E 79 27.19 14.95 53.84
C ALA E 79 28.40 14.15 54.34
N GLY E 80 29.50 14.86 54.54
CA GLY E 80 30.75 14.25 54.96
C GLY E 80 31.58 15.20 55.78
N TYR E 81 32.89 15.14 55.57
CA TYR E 81 33.81 15.97 56.35
C TYR E 81 33.71 17.42 55.94
N GLY E 82 33.58 18.31 56.92
CA GLY E 82 33.55 19.73 56.64
C GLY E 82 32.32 20.19 55.90
N GLY E 83 31.24 19.42 55.95
CA GLY E 83 30.02 19.81 55.27
C GLY E 83 30.03 19.56 53.77
N VAL E 84 31.02 18.85 53.25
CA VAL E 84 31.06 18.56 51.82
C VAL E 84 29.93 17.59 51.48
N LYS E 85 29.20 17.90 50.41
CA LYS E 85 28.09 17.09 49.97
C LYS E 85 28.53 16.14 48.87
N CYS E 86 28.08 14.90 48.95
CA CYS E 86 28.56 13.82 48.10
C CYS E 86 27.38 13.11 47.46
N VAL E 87 27.44 12.96 46.13
CA VAL E 87 26.43 12.21 45.39
C VAL E 87 27.14 11.39 44.33
N GLU E 88 26.64 10.18 44.09
CA GLU E 88 27.23 9.27 43.12
C GLU E 88 26.22 8.96 42.03
N SER E 89 26.65 9.13 40.78
CA SER E 89 25.77 8.82 39.65
C SER E 89 25.42 7.35 39.62
N GLY E 90 26.38 6.48 39.89
CA GLY E 90 26.16 5.06 39.85
C GLY E 90 26.13 4.52 38.44
N GLY E 91 25.87 3.22 38.33
CA GLY E 91 25.82 2.56 37.06
C GLY E 91 25.94 1.06 37.17
N PRO E 92 26.05 0.39 36.04
CA PRO E 92 26.11 -1.07 36.04
C PRO E 92 27.50 -1.58 36.38
N GLU E 93 27.57 -2.87 36.65
CA GLU E 93 28.85 -3.54 36.71
C GLU E 93 29.45 -3.60 35.31
N PRO E 94 30.78 -3.66 35.20
CA PRO E 94 31.40 -3.60 33.88
C PRO E 94 30.92 -4.72 32.96
N GLY E 95 30.73 -4.37 31.69
CA GLY E 95 30.37 -5.34 30.68
C GLY E 95 28.92 -5.39 30.28
N VAL E 96 28.07 -4.52 30.84
CA VAL E 96 26.64 -4.53 30.55
C VAL E 96 26.08 -3.14 30.73
N GLY E 97 24.99 -2.91 30.04
CA GLY E 97 24.25 -1.66 30.15
C GLY E 97 24.91 -0.45 29.56
N CYS E 98 24.57 0.70 30.09
CA CYS E 98 25.06 1.97 29.55
C CYS E 98 25.44 2.94 30.66
N ALA E 99 26.72 3.04 30.97
CA ALA E 99 27.21 4.02 31.96
C ALA E 99 26.89 5.45 31.53
N GLY E 100 27.05 5.81 30.26
CA GLY E 100 26.85 7.18 29.82
C GLY E 100 25.43 7.66 30.04
N ARG E 101 24.44 6.82 29.72
CA ARG E 101 23.07 7.13 30.06
C ARG E 101 22.90 7.28 31.56
N GLY E 102 23.67 6.52 32.34
CA GLY E 102 23.62 6.67 33.78
C GLY E 102 24.03 8.06 34.22
N VAL E 103 25.15 8.56 33.69
CA VAL E 103 25.59 9.91 34.02
C VAL E 103 24.56 10.93 33.54
N ILE E 104 24.01 10.72 32.34
CA ILE E 104 23.01 11.64 31.80
C ILE E 104 21.84 11.76 32.76
N THR E 105 21.28 10.63 33.17
CA THR E 105 20.10 10.65 34.03
C THR E 105 20.42 11.21 35.40
N ALA E 106 21.59 10.87 35.95
CA ALA E 106 21.95 11.38 37.27
C ALA E 106 22.08 12.90 37.25
N ILE E 107 22.74 13.46 36.24
CA ILE E 107 22.91 14.90 36.17
C ILE E 107 21.58 15.59 35.89
N ASN E 108 20.75 14.99 35.04
CA ASN E 108 19.43 15.54 34.79
C ASN E 108 18.61 15.58 36.07
N PHE E 109 18.70 14.53 36.88
CA PHE E 109 17.97 14.51 38.15
C PHE E 109 18.50 15.58 39.09
N LEU E 110 19.82 15.70 39.20
CA LEU E 110 20.38 16.72 40.08
C LEU E 110 19.99 18.12 39.64
N GLU E 111 19.73 18.31 38.34
CA GLU E 111 19.33 19.61 37.86
C GLU E 111 17.82 19.86 37.96
N GLU E 112 16.97 18.83 37.86
CA GLU E 112 15.54 19.06 37.99
C GLU E 112 15.14 19.16 39.46
N GLU E 113 15.54 18.17 40.26
CA GLU E 113 15.45 18.28 41.71
C GLU E 113 16.66 19.10 42.14
N GLY E 114 16.45 20.41 42.33
CA GLY E 114 17.56 21.33 42.50
C GLY E 114 18.49 20.97 43.64
N ALA E 115 19.68 20.50 43.29
CA ALA E 115 20.67 20.11 44.27
C ALA E 115 21.72 21.19 44.52
N TYR E 116 21.88 22.13 43.59
CA TYR E 116 22.81 23.24 43.76
C TYR E 116 22.12 24.35 44.55
N GLU E 117 22.01 24.12 45.86
CA GLU E 117 21.42 25.13 46.73
C GLU E 117 22.29 26.38 46.75
N ASP E 118 21.68 27.51 47.09
CA ASP E 118 22.36 28.80 47.06
C ASP E 118 23.25 28.95 48.29
N ASP E 119 24.10 27.95 48.50
CA ASP E 119 25.10 27.94 49.56
C ASP E 119 26.44 27.41 49.10
N LEU E 120 26.51 26.75 47.94
CA LEU E 120 27.73 26.09 47.51
C LEU E 120 28.69 27.09 46.88
N ASP E 121 29.95 27.04 47.29
CA ASP E 121 31.00 27.82 46.67
C ASP E 121 31.70 27.09 45.53
N PHE E 122 31.76 25.77 45.59
CA PHE E 122 32.42 24.96 44.57
C PHE E 122 31.64 23.68 44.34
N VAL E 123 31.52 23.29 43.07
CA VAL E 123 30.94 22.00 42.70
C VAL E 123 31.90 21.33 41.72
N PHE E 124 32.41 20.17 42.10
CA PHE E 124 33.34 19.42 41.27
C PHE E 124 32.63 18.22 40.65
N TYR E 125 32.98 17.93 39.41
CA TYR E 125 32.49 16.77 38.67
C TYR E 125 33.69 15.88 38.38
N ASP E 126 33.82 14.78 39.10
CA ASP E 126 34.90 13.84 38.86
C ASP E 126 34.48 12.91 37.73
N VAL E 127 35.09 13.07 36.54
CA VAL E 127 34.62 12.37 35.36
C VAL E 127 35.44 11.11 35.14
N LEU E 128 34.85 10.16 34.43
CA LEU E 128 35.54 8.92 34.09
C LEU E 128 36.71 9.18 33.15
N GLY E 129 37.73 8.33 33.23
CA GLY E 129 38.95 8.56 32.46
C GLY E 129 38.75 8.44 30.96
N ASP E 130 38.02 7.42 30.52
CA ASP E 130 37.84 7.14 29.09
C ASP E 130 36.46 7.63 28.67
N VAL E 131 36.38 8.89 28.27
CA VAL E 131 35.13 9.46 27.78
C VAL E 131 34.93 8.99 26.34
N VAL E 132 33.94 8.14 26.12
CA VAL E 132 33.72 7.49 24.85
C VAL E 132 32.32 7.77 24.29
N CYS E 133 31.58 8.67 24.93
CA CYS E 133 30.24 9.00 24.48
C CYS E 133 29.87 10.36 25.06
N GLY E 134 28.71 10.87 24.64
CA GLY E 134 28.26 12.16 25.12
C GLY E 134 27.87 12.17 26.57
N GLY E 135 27.49 11.02 27.12
CA GLY E 135 27.11 10.98 28.53
C GLY E 135 28.23 11.41 29.45
N PHE E 136 29.45 10.94 29.17
CA PHE E 136 30.60 11.37 29.95
C PHE E 136 31.04 12.79 29.61
N ALA E 137 30.47 13.39 28.56
CA ALA E 137 30.59 14.81 28.32
C ALA E 137 29.44 15.59 28.95
N MET E 138 28.60 14.93 29.72
CA MET E 138 27.54 15.60 30.47
C MET E 138 28.02 16.75 31.34
N PRO E 139 29.09 16.62 32.14
CA PRO E 139 29.42 17.71 33.07
C PRO E 139 29.80 19.01 32.40
N ILE E 140 30.19 19.01 31.13
CA ILE E 140 30.79 20.19 30.52
C ILE E 140 29.90 20.82 29.46
N ARG E 141 28.59 20.68 29.58
CA ARG E 141 27.69 21.35 28.66
C ARG E 141 27.23 22.67 29.25
N GLU E 142 26.24 23.29 28.61
CA GLU E 142 25.74 24.59 29.04
C GLU E 142 25.05 24.48 30.39
N ASN E 143 25.14 25.56 31.17
CA ASN E 143 24.59 25.60 32.53
C ASN E 143 25.14 24.45 33.37
N LYS E 144 26.44 24.21 33.24
CA LYS E 144 27.13 23.11 33.90
C LYS E 144 28.54 23.57 34.18
N ALA E 145 29.46 22.62 34.39
CA ALA E 145 30.83 22.95 34.74
C ALA E 145 31.43 23.97 33.79
N GLN E 146 31.97 25.05 34.35
CA GLN E 146 32.55 26.13 33.57
C GLN E 146 34.06 26.06 33.45
N GLU E 147 34.74 25.43 34.42
CA GLU E 147 36.17 25.24 34.34
C GLU E 147 36.48 23.76 34.18
N ILE E 148 37.53 23.45 33.40
CA ILE E 148 37.98 22.07 33.23
C ILE E 148 39.44 21.99 33.64
N TYR E 149 39.75 21.02 34.50
CA TYR E 149 41.13 20.71 34.88
C TYR E 149 41.46 19.29 34.42
N ILE E 150 42.55 19.16 33.67
CA ILE E 150 43.02 17.88 33.19
C ILE E 150 44.17 17.42 34.07
N VAL E 151 44.09 16.19 34.55
CA VAL E 151 45.16 15.59 35.35
C VAL E 151 46.05 14.79 34.41
N CYS E 152 47.35 15.08 34.44
CA CYS E 152 48.28 14.48 33.49
C CYS E 152 49.54 14.05 34.26
N SER E 153 50.58 13.71 33.49
CA SER E 153 51.88 13.32 34.01
C SER E 153 52.85 13.36 32.85
N GLY E 154 54.15 13.32 33.17
CA GLY E 154 55.17 13.44 32.15
C GLY E 154 55.43 12.19 31.35
N GLU E 155 54.37 11.46 31.00
CA GLU E 155 54.46 10.25 30.19
C GLU E 155 53.65 10.42 28.92
N MET E 156 54.00 9.63 27.90
CA MET E 156 53.27 9.68 26.64
C MET E 156 51.79 9.40 26.83
N MET E 157 51.47 8.51 27.77
CA MET E 157 50.08 8.21 28.10
C MET E 157 49.28 9.48 28.34
N ALA E 158 49.67 10.20 29.39
CA ALA E 158 48.90 11.36 29.83
C ALA E 158 48.96 12.49 28.80
N MET E 159 50.10 12.66 28.14
CA MET E 159 50.22 13.72 27.15
C MET E 159 49.22 13.49 26.01
N TYR E 160 49.24 12.28 25.45
CA TYR E 160 48.33 11.94 24.36
C TYR E 160 46.87 12.00 24.80
N ALA E 161 46.57 11.48 26.00
CA ALA E 161 45.20 11.50 26.48
C ALA E 161 44.70 12.92 26.72
N ALA E 162 45.55 13.78 27.28
CA ALA E 162 45.16 15.18 27.48
C ALA E 162 44.95 15.89 26.16
N ASN E 163 45.79 15.58 25.15
CA ASN E 163 45.58 16.17 23.83
C ASN E 163 44.24 15.74 23.24
N ASN E 164 43.91 14.45 23.34
CA ASN E 164 42.62 13.97 22.83
C ASN E 164 41.46 14.60 23.60
N ILE E 165 41.61 14.75 24.91
CA ILE E 165 40.56 15.33 25.73
C ILE E 165 40.36 16.80 25.36
N SER E 166 41.44 17.52 25.06
CA SER E 166 41.33 18.88 24.56
C SER E 166 40.62 18.93 23.20
N LYS E 167 40.95 17.97 22.33
CA LYS E 167 40.24 17.86 21.06
C LYS E 167 38.74 17.70 21.28
N GLY E 168 38.38 16.88 22.27
CA GLY E 168 36.96 16.71 22.59
C GLY E 168 36.34 17.98 23.17
N ILE E 169 37.08 18.69 24.02
CA ILE E 169 36.56 19.89 24.64
C ILE E 169 36.34 21.02 23.65
N VAL E 170 37.18 21.13 22.62
CA VAL E 170 37.14 22.30 21.74
C VAL E 170 35.76 22.50 21.13
N LYS E 171 35.02 21.42 20.85
CA LYS E 171 33.70 21.57 20.26
C LYS E 171 32.72 22.20 21.24
N TYR E 172 32.76 21.79 22.50
CA TYR E 172 31.90 22.41 23.52
C TYR E 172 32.34 23.84 23.80
N ALA E 173 33.64 24.11 23.76
CA ALA E 173 34.13 25.46 23.96
C ALA E 173 33.64 26.38 22.85
N ASN E 174 33.66 25.92 21.60
CA ASN E 174 33.13 26.71 20.51
C ASN E 174 31.62 26.87 20.62
N SER E 175 30.91 25.80 20.98
CA SER E 175 29.46 25.86 21.10
C SER E 175 29.02 26.59 22.36
N GLY E 176 29.73 26.39 23.47
CA GLY E 176 29.32 26.96 24.73
C GLY E 176 30.32 27.92 25.32
N SER E 177 30.50 27.88 26.65
CA SER E 177 31.39 28.80 27.35
C SER E 177 32.23 28.07 28.39
N VAL E 178 32.60 26.83 28.12
CA VAL E 178 33.42 26.03 29.03
C VAL E 178 34.88 26.13 28.58
N ARG E 179 35.78 26.37 29.53
CA ARG E 179 37.17 26.67 29.22
C ARG E 179 38.10 25.82 30.07
N LEU E 180 39.34 25.71 29.61
CA LEU E 180 40.39 24.99 30.31
C LEU E 180 41.03 25.89 31.35
N GLY E 181 40.87 25.56 32.62
CA GLY E 181 41.42 26.38 33.69
C GLY E 181 42.82 26.03 34.13
N GLY E 182 43.35 24.90 33.68
CA GLY E 182 44.70 24.52 34.05
C GLY E 182 44.92 23.05 33.87
N LEU E 183 46.18 22.66 34.05
CA LEU E 183 46.60 21.26 33.97
C LEU E 183 47.29 20.88 35.28
N ILE E 184 46.80 19.82 35.90
CA ILE E 184 47.41 19.25 37.10
C ILE E 184 48.22 18.04 36.67
N CYS E 185 49.46 17.96 37.12
CA CYS E 185 50.32 16.82 36.82
C CYS E 185 50.60 16.04 38.09
N ASN E 186 50.34 14.74 38.05
CA ASN E 186 50.67 13.83 39.14
C ASN E 186 51.95 13.10 38.78
N SER E 187 53.02 13.36 39.54
CA SER E 187 54.33 12.88 39.15
C SER E 187 54.42 11.36 39.21
N ARG E 188 54.97 10.77 38.15
CA ARG E 188 55.38 9.38 38.15
C ARG E 188 56.87 9.22 38.39
N ASN E 189 57.59 10.34 38.52
CA ASN E 189 59.01 10.35 38.88
C ASN E 189 59.85 9.59 37.85
N THR E 190 59.66 9.93 36.57
CA THR E 190 60.49 9.34 35.53
C THR E 190 61.69 10.22 35.18
N ASP E 191 61.42 11.41 34.65
CA ASP E 191 62.47 12.39 34.37
C ASP E 191 61.82 13.69 33.91
N ARG E 192 62.35 14.81 34.39
CA ARG E 192 62.03 16.16 33.90
C ARG E 192 60.53 16.33 33.68
N GLU E 193 59.75 15.95 34.69
CA GLU E 193 58.29 15.98 34.57
C GLU E 193 57.77 17.41 34.44
N ASP E 194 58.19 18.28 35.35
CA ASP E 194 57.59 19.62 35.41
C ASP E 194 57.84 20.40 34.14
N GLU E 195 59.05 20.30 33.58
CA GLU E 195 59.36 21.02 32.35
C GLU E 195 58.48 20.53 31.20
N LEU E 196 58.28 19.21 31.10
CA LEU E 196 57.45 18.68 30.03
C LEU E 196 56.00 19.12 30.18
N ILE E 197 55.47 19.11 31.41
CA ILE E 197 54.11 19.56 31.61
C ILE E 197 53.96 21.03 31.27
N ILE E 198 54.94 21.86 31.66
CA ILE E 198 54.91 23.27 31.32
C ILE E 198 54.95 23.46 29.81
N ALA E 199 55.77 22.67 29.13
CA ALA E 199 55.86 22.77 27.68
C ALA E 199 54.52 22.42 27.02
N LEU E 200 53.88 21.34 27.47
CA LEU E 200 52.59 20.99 26.87
C LEU E 200 51.53 22.04 27.18
N ALA E 201 51.53 22.58 28.40
CA ALA E 201 50.57 23.62 28.74
C ALA E 201 50.77 24.86 27.86
N ASN E 202 52.02 25.25 27.65
CA ASN E 202 52.30 26.38 26.76
C ASN E 202 51.86 26.09 25.33
N LYS E 203 52.08 24.86 24.87
CA LYS E 203 51.67 24.50 23.51
C LYS E 203 50.15 24.55 23.37
N LEU E 204 49.42 24.07 24.37
CA LEU E 204 47.96 24.15 24.32
C LEU E 204 47.46 25.57 24.59
N GLY E 205 48.11 26.28 25.51
CA GLY E 205 47.72 27.65 25.80
C GLY E 205 47.24 27.83 27.23
N THR E 206 47.52 26.86 28.08
CA THR E 206 47.06 26.86 29.46
C THR E 206 48.27 26.90 30.39
N GLN E 207 48.04 26.73 31.69
CA GLN E 207 49.06 26.82 32.71
C GLN E 207 49.12 25.53 33.52
N MET E 208 50.27 25.30 34.13
CA MET E 208 50.44 24.18 35.06
C MET E 208 49.93 24.63 36.43
N ILE E 209 48.81 24.06 36.85
CA ILE E 209 48.19 24.48 38.10
C ILE E 209 49.09 24.15 39.29
N HIS E 210 49.59 22.93 39.35
CA HIS E 210 50.43 22.54 40.47
C HIS E 210 51.19 21.27 40.13
N PHE E 211 52.26 21.04 40.89
CA PHE E 211 53.03 19.81 40.85
C PHE E 211 52.81 19.07 42.15
N VAL E 212 52.12 17.94 42.08
CA VAL E 212 51.88 17.10 43.25
C VAL E 212 52.76 15.86 43.13
N PRO E 213 53.80 15.73 43.94
CA PRO E 213 54.72 14.60 43.80
C PRO E 213 54.09 13.29 44.25
N ARG E 214 54.61 12.20 43.70
CA ARG E 214 54.15 10.86 44.07
C ARG E 214 54.61 10.57 45.48
N ASP E 215 53.70 10.73 46.44
CA ASP E 215 53.98 10.48 47.85
C ASP E 215 53.19 9.25 48.28
N ASN E 216 53.88 8.28 48.89
CA ASN E 216 53.21 7.05 49.29
C ASN E 216 52.24 7.27 50.45
N VAL E 217 52.35 8.39 51.16
CA VAL E 217 51.50 8.65 52.31
C VAL E 217 50.02 8.58 51.92
N VAL E 218 49.68 9.14 50.75
CA VAL E 218 48.29 9.12 50.31
C VAL E 218 47.78 7.69 50.24
N GLN E 219 48.62 6.77 49.73
CA GLN E 219 48.25 5.36 49.70
C GLN E 219 47.88 4.88 51.10
N ARG E 220 48.74 5.19 52.07
CA ARG E 220 48.45 4.83 53.46
C ARG E 220 47.12 5.40 53.90
N ALA E 221 46.85 6.67 53.57
CA ALA E 221 45.57 7.26 53.93
C ALA E 221 44.44 6.50 53.26
N GLU E 222 44.61 6.16 51.98
CA GLU E 222 43.60 5.42 51.25
C GLU E 222 43.40 4.03 51.85
N ILE E 223 44.33 3.57 52.67
CA ILE E 223 44.16 2.31 53.38
C ILE E 223 42.93 2.38 54.28
N ARG E 224 42.75 3.50 54.98
CA ARG E 224 41.68 3.62 55.97
C ARG E 224 40.58 4.59 55.54
N ARG E 225 40.38 4.73 54.23
CA ARG E 225 39.26 5.52 53.68
C ARG E 225 39.31 6.97 54.14
N MET E 226 40.51 7.53 54.25
CA MET E 226 40.70 8.91 54.69
C MET E 226 41.59 9.64 53.71
N THR E 227 41.40 10.96 53.64
CA THR E 227 42.30 11.81 52.88
C THR E 227 43.56 12.11 53.70
N VAL E 228 44.56 12.69 53.04
CA VAL E 228 45.78 13.07 53.73
C VAL E 228 45.49 14.16 54.77
N ILE E 229 44.54 15.04 54.48
CA ILE E 229 44.17 16.07 55.44
C ILE E 229 43.64 15.43 56.72
N GLU E 230 42.85 14.36 56.59
CA GLU E 230 42.38 13.66 57.77
C GLU E 230 43.50 12.93 58.51
N TYR E 231 44.59 12.61 57.82
CA TYR E 231 45.77 12.06 58.46
C TYR E 231 46.52 13.20 59.14
N ASP E 232 47.77 12.96 59.54
CA ASP E 232 48.59 13.98 60.16
C ASP E 232 48.71 15.18 59.22
N PRO E 233 48.13 16.33 59.57
CA PRO E 233 48.17 17.48 58.66
C PRO E 233 49.54 18.08 58.50
N LYS E 234 50.51 17.72 59.35
CA LYS E 234 51.85 18.26 59.24
C LYS E 234 52.68 17.58 58.16
N ALA E 235 52.14 16.58 57.49
CA ALA E 235 52.83 15.97 56.37
C ALA E 235 52.96 16.95 55.22
N LYS E 236 54.03 16.79 54.43
CA LYS E 236 54.30 17.73 53.34
C LYS E 236 53.19 17.68 52.28
N GLN E 237 52.67 16.48 52.00
CA GLN E 237 51.65 16.36 50.96
C GLN E 237 50.37 17.09 51.35
N ALA E 238 50.08 17.18 52.64
CA ALA E 238 48.93 17.97 53.08
C ALA E 238 49.12 19.44 52.71
N ASP E 239 50.31 19.98 52.95
CA ASP E 239 50.59 21.36 52.59
C ASP E 239 50.54 21.54 51.07
N GLU E 240 50.99 20.53 50.32
CA GLU E 240 50.91 20.61 48.87
C GLU E 240 49.46 20.67 48.40
N TYR E 241 48.59 19.87 49.00
CA TYR E 241 47.18 19.91 48.63
C TYR E 241 46.54 21.23 49.03
N ARG E 242 46.92 21.78 50.19
CA ARG E 242 46.40 23.09 50.58
C ARG E 242 46.85 24.17 49.61
N ALA E 243 48.10 24.13 49.17
CA ALA E 243 48.59 25.09 48.19
C ALA E 243 47.83 24.93 46.88
N LEU E 244 47.55 23.69 46.47
CA LEU E 244 46.75 23.46 45.27
C LEU E 244 45.37 24.07 45.41
N ALA E 245 44.76 23.91 46.58
CA ALA E 245 43.44 24.49 46.82
C ALA E 245 43.48 26.01 46.72
N ARG E 246 44.52 26.63 47.31
CA ARG E 246 44.66 28.08 47.23
C ARG E 246 44.80 28.53 45.79
N LYS E 247 45.65 27.84 45.01
CA LYS E 247 45.84 28.23 43.61
C LYS E 247 44.57 28.05 42.80
N VAL E 248 43.81 26.99 43.09
CA VAL E 248 42.54 26.78 42.39
C VAL E 248 41.56 27.90 42.71
N VAL E 249 41.53 28.33 43.98
CA VAL E 249 40.67 29.44 44.36
C VAL E 249 41.10 30.72 43.65
N ASP E 250 42.41 30.89 43.43
CA ASP E 250 42.95 32.11 42.84
C ASP E 250 43.22 31.98 41.34
N ASN E 251 42.37 31.28 40.61
CA ASN E 251 42.58 31.04 39.18
C ASN E 251 41.85 32.07 38.35
N LYS E 252 42.54 32.65 37.36
CA LYS E 252 41.96 33.60 36.44
C LYS E 252 42.01 33.17 34.98
N LEU E 253 42.98 32.34 34.60
CA LEU E 253 43.27 32.08 33.19
C LEU E 253 42.37 30.95 32.68
N LEU E 254 41.46 31.28 31.78
CA LEU E 254 40.59 30.31 31.14
C LEU E 254 40.65 30.53 29.63
N VAL E 255 41.14 29.53 28.90
CA VAL E 255 41.36 29.66 27.46
C VAL E 255 40.65 28.51 26.76
N ILE E 256 40.45 28.69 25.46
CA ILE E 256 40.02 27.60 24.59
C ILE E 256 41.28 26.83 24.21
N PRO E 257 41.36 25.53 24.53
CA PRO E 257 42.59 24.79 24.25
C PRO E 257 42.84 24.65 22.76
N ASN E 258 44.13 24.57 22.41
CA ASN E 258 44.55 24.38 21.03
C ASN E 258 45.19 23.01 20.89
N PRO E 259 44.46 22.01 20.36
CA PRO E 259 45.06 20.68 20.20
C PRO E 259 46.22 20.71 19.22
N ILE E 260 47.16 19.79 19.43
CA ILE E 260 48.36 19.70 18.60
C ILE E 260 48.35 18.37 17.87
N THR E 261 49.05 18.33 16.75
CA THR E 261 49.16 17.13 15.95
C THR E 261 50.22 16.21 16.55
N MET E 262 50.17 14.94 16.17
CA MET E 262 51.04 13.93 16.78
C MET E 262 52.50 14.27 16.52
N ASP E 263 52.78 14.98 15.41
CA ASP E 263 54.13 15.43 15.11
C ASP E 263 54.65 16.39 16.17
N GLU E 264 53.76 17.26 16.69
CA GLU E 264 54.17 18.15 17.77
C GLU E 264 54.59 17.35 18.99
N LEU E 265 53.88 16.25 19.27
CA LEU E 265 54.29 15.38 20.36
C LEU E 265 55.61 14.68 20.04
N GLU E 266 55.88 14.38 18.76
CA GLU E 266 57.20 13.88 18.39
C GLU E 266 58.28 14.90 18.73
N GLU E 267 58.04 16.16 18.39
CA GLU E 267 59.01 17.21 18.67
C GLU E 267 59.22 17.38 20.17
N LEU E 268 58.14 17.32 20.94
CA LEU E 268 58.24 17.46 22.38
C LEU E 268 58.98 16.28 23.00
N LEU E 269 58.73 15.07 22.49
CA LEU E 269 59.43 13.88 22.98
C LEU E 269 60.91 13.96 22.66
N MET E 270 61.26 14.43 21.46
CA MET E 270 62.66 14.64 21.13
C MET E 270 63.14 15.99 21.63
N GLU E 271 62.90 16.28 22.91
CA GLU E 271 63.34 17.55 23.49
C GLU E 271 64.06 17.31 24.81
N PHE E 272 63.73 16.21 25.49
CA PHE E 272 64.40 15.87 26.73
C PHE E 272 65.27 14.62 26.56
N ALA F 2 43.63 -24.67 17.20
CA ALA F 2 44.96 -24.20 17.58
C ALA F 2 44.99 -22.68 17.68
N MET F 3 43.89 -22.05 17.27
CA MET F 3 43.78 -20.59 17.30
C MET F 3 43.25 -20.18 18.67
N ARG F 4 44.17 -19.82 19.56
CA ARG F 4 43.81 -19.37 20.89
C ARG F 4 43.41 -17.91 20.85
N GLN F 5 42.29 -17.59 21.50
CA GLN F 5 41.78 -16.22 21.54
C GLN F 5 41.88 -15.70 22.97
N CYS F 6 42.62 -14.61 23.15
CA CYS F 6 42.88 -14.03 24.45
C CYS F 6 42.50 -12.56 24.43
N ALA F 7 42.03 -12.07 25.57
CA ALA F 7 41.66 -10.68 25.75
C ALA F 7 42.34 -10.14 26.99
N ILE F 8 42.88 -8.93 26.90
CA ILE F 8 43.61 -8.33 28.00
C ILE F 8 42.74 -7.25 28.62
N TYR F 9 42.43 -7.41 29.91
CA TYR F 9 41.61 -6.50 30.69
C TYR F 9 42.43 -5.93 31.84
N GLY F 10 41.82 -5.02 32.57
CA GLY F 10 42.46 -4.40 33.70
C GLY F 10 41.94 -2.98 33.89
N LYS F 11 42.69 -2.21 34.67
CA LYS F 11 42.38 -0.81 34.88
C LYS F 11 43.09 0.04 33.83
N GLY F 12 42.50 1.18 33.50
CA GLY F 12 43.15 2.13 32.61
C GLY F 12 44.46 2.63 33.17
N GLY F 13 45.49 2.66 32.33
CA GLY F 13 46.79 3.15 32.72
C GLY F 13 47.74 2.12 33.30
N ILE F 14 47.28 0.88 33.50
CA ILE F 14 48.15 -0.15 34.06
C ILE F 14 49.23 -0.53 33.06
N GLY F 15 48.91 -0.54 31.77
CA GLY F 15 49.86 -0.95 30.76
C GLY F 15 49.38 -2.07 29.87
N LYS F 16 48.09 -2.14 29.63
CA LYS F 16 47.57 -3.15 28.69
C LYS F 16 48.30 -3.03 27.36
N SER F 17 47.93 -2.06 26.54
CA SER F 17 48.52 -1.89 25.19
C SER F 17 50.03 -2.17 25.19
N THR F 18 50.82 -1.48 26.02
CA THR F 18 52.27 -1.73 26.10
C THR F 18 52.54 -3.22 26.31
N THR F 19 51.94 -3.86 27.30
CA THR F 19 52.22 -5.26 27.61
C THR F 19 51.77 -6.16 26.47
N THR F 20 50.57 -5.90 25.93
CA THR F 20 50.06 -6.72 24.83
C THR F 20 50.96 -6.63 23.61
N GLN F 21 51.43 -5.42 23.27
CA GLN F 21 52.23 -5.26 22.07
C GLN F 21 53.60 -5.92 22.23
N ASN F 22 54.27 -5.73 23.37
CA ASN F 22 55.54 -6.40 23.56
C ASN F 22 55.39 -7.92 23.63
N LEU F 23 54.32 -8.41 24.26
CA LEU F 23 54.08 -9.84 24.29
C LEU F 23 53.83 -10.40 22.90
N VAL F 24 53.06 -9.68 22.07
CA VAL F 24 52.82 -10.11 20.70
C VAL F 24 54.11 -10.10 19.91
N ALA F 25 54.95 -9.10 20.12
CA ALA F 25 56.24 -9.05 19.43
C ALA F 25 57.12 -10.24 19.83
N ALA F 26 57.15 -10.57 21.11
CA ALA F 26 57.92 -11.72 21.56
C ALA F 26 57.36 -13.01 20.96
N LEU F 27 56.03 -13.14 20.90
CA LEU F 27 55.43 -14.32 20.30
C LEU F 27 55.79 -14.44 18.82
N ALA F 28 55.75 -13.32 18.09
CA ALA F 28 56.12 -13.34 16.69
C ALA F 28 57.59 -13.68 16.52
N GLU F 29 58.44 -13.22 17.45
CA GLU F 29 59.84 -13.59 17.41
C GLU F 29 60.02 -15.09 17.60
N MET F 30 59.23 -15.69 18.50
CA MET F 30 59.27 -17.14 18.66
C MET F 30 58.84 -17.86 17.39
N GLY F 31 57.89 -17.29 16.65
CA GLY F 31 57.47 -17.88 15.39
C GLY F 31 55.99 -18.20 15.33
N LYS F 32 55.19 -17.49 16.10
CA LYS F 32 53.74 -17.70 16.14
C LYS F 32 53.05 -16.52 15.48
N LYS F 33 52.21 -16.81 14.49
CA LYS F 33 51.42 -15.76 13.85
C LYS F 33 50.30 -15.32 14.78
N VAL F 34 50.14 -14.00 14.92
CA VAL F 34 49.24 -13.42 15.90
C VAL F 34 48.58 -12.20 15.31
N MET F 35 47.29 -12.03 15.61
CA MET F 35 46.51 -10.89 15.13
C MET F 35 45.98 -10.10 16.32
N ILE F 36 46.21 -8.79 16.31
CA ILE F 36 45.73 -7.91 17.38
C ILE F 36 44.48 -7.19 16.90
N VAL F 37 43.45 -7.18 17.76
CA VAL F 37 42.22 -6.44 17.51
C VAL F 37 42.09 -5.38 18.61
N GLY F 38 42.11 -4.11 18.21
CA GLY F 38 42.02 -3.01 19.14
C GLY F 38 40.59 -2.50 19.26
N CYS F 39 40.02 -2.62 20.46
CA CYS F 39 38.66 -2.21 20.74
C CYS F 39 38.62 -0.90 21.53
N ASP F 40 39.62 -0.04 21.33
CA ASP F 40 39.70 1.25 21.99
C ASP F 40 39.56 2.35 20.96
N PRO F 41 38.62 3.28 21.14
CA PRO F 41 38.46 4.37 20.15
C PRO F 41 39.68 5.26 20.04
N LYS F 42 40.56 5.27 21.04
CA LYS F 42 41.78 6.06 20.95
C LYS F 42 42.70 5.58 19.83
N ALA F 43 42.54 4.33 19.39
CA ALA F 43 43.26 3.77 18.24
C ALA F 43 44.78 3.87 18.46
N ASP F 44 45.24 3.19 19.51
CA ASP F 44 46.67 3.15 19.81
C ASP F 44 47.13 1.75 20.24
N SER F 45 46.31 0.72 20.04
CA SER F 45 46.65 -0.60 20.51
C SER F 45 47.68 -1.29 19.62
N THR F 46 47.89 -0.80 18.41
CA THR F 46 48.83 -1.41 17.47
C THR F 46 49.80 -0.39 16.89
N ARG F 47 50.12 0.66 17.65
CA ARG F 47 51.03 1.68 17.13
C ARG F 47 52.48 1.25 17.20
N LEU F 48 52.86 0.43 18.19
CA LEU F 48 54.24 0.00 18.32
C LEU F 48 54.58 -1.09 17.32
N ILE F 49 53.64 -1.97 16.99
CA ILE F 49 53.88 -3.00 15.99
C ILE F 49 53.95 -2.39 14.60
N LEU F 50 53.07 -1.44 14.31
CA LEU F 50 52.96 -0.87 12.97
C LEU F 50 53.91 0.29 12.73
N HIS F 51 54.63 0.76 13.77
CA HIS F 51 55.54 1.88 13.65
C HIS F 51 54.85 3.14 13.13
N SER F 52 53.57 3.31 13.47
CA SER F 52 52.80 4.47 13.04
C SER F 52 51.63 4.65 14.00
N LYS F 53 51.07 5.85 13.99
CA LYS F 53 49.98 6.17 14.91
C LYS F 53 48.75 5.32 14.61
N ALA F 54 48.29 5.35 13.36
CA ALA F 54 47.14 4.58 12.90
C ALA F 54 47.03 4.73 11.39
N GLN F 55 46.67 3.65 10.71
CA GLN F 55 46.54 3.70 9.25
C GLN F 55 45.10 3.98 8.82
N ASN F 56 44.19 3.06 9.15
CA ASN F 56 42.79 3.18 8.74
C ASN F 56 41.95 2.34 9.70
N THR F 57 41.16 3.00 10.52
CA THR F 57 40.26 2.28 11.40
C THR F 57 39.02 1.83 10.63
N ILE F 58 38.36 0.80 11.16
CA ILE F 58 37.18 0.26 10.50
C ILE F 58 36.07 1.31 10.45
N MET F 59 35.84 2.00 11.56
CA MET F 59 34.73 2.95 11.62
C MET F 59 35.00 4.20 10.78
N GLU F 60 36.24 4.67 10.72
CA GLU F 60 36.56 5.78 9.83
C GLU F 60 36.37 5.38 8.38
N MET F 61 36.88 4.21 7.99
CA MET F 61 36.73 3.75 6.62
C MET F 61 35.28 3.42 6.30
N ALA F 62 34.56 2.84 7.25
CA ALA F 62 33.14 2.54 7.01
C ALA F 62 32.35 3.82 6.81
N ALA F 63 32.64 4.86 7.59
CA ALA F 63 31.96 6.13 7.42
C ALA F 63 32.33 6.79 6.09
N GLU F 64 33.60 6.71 5.70
CA GLU F 64 34.04 7.33 4.46
C GLU F 64 33.51 6.59 3.24
N ALA F 65 33.31 5.28 3.34
CA ALA F 65 32.80 4.46 2.26
C ALA F 65 31.30 4.21 2.37
N GLY F 66 30.61 4.93 3.26
CA GLY F 66 29.18 4.82 3.39
C GLY F 66 28.72 3.82 4.44
N THR F 67 28.97 2.54 4.23
CA THR F 67 28.57 1.50 5.16
C THR F 67 29.63 0.43 5.21
N VAL F 68 29.66 -0.30 6.33
CA VAL F 68 30.64 -1.38 6.51
C VAL F 68 30.36 -2.57 5.61
N GLU F 69 29.19 -2.62 4.99
CA GLU F 69 28.87 -3.74 4.11
C GLU F 69 29.73 -3.74 2.85
N ASP F 70 30.03 -2.56 2.31
CA ASP F 70 30.83 -2.45 1.09
C ASP F 70 32.33 -2.42 1.36
N LEU F 71 32.74 -2.51 2.62
CA LEU F 71 34.15 -2.44 2.96
C LEU F 71 34.83 -3.79 2.74
N GLU F 72 36.13 -3.76 2.49
CA GLU F 72 36.93 -4.94 2.26
C GLU F 72 37.91 -5.15 3.42
N LEU F 73 38.33 -6.40 3.59
CA LEU F 73 39.18 -6.76 4.72
C LEU F 73 40.58 -6.17 4.59
N GLU F 74 41.20 -6.34 3.44
CA GLU F 74 42.59 -5.90 3.27
C GLU F 74 42.74 -4.39 3.39
N ASP F 75 41.66 -3.64 3.22
CA ASP F 75 41.74 -2.18 3.28
C ASP F 75 41.99 -1.69 4.70
N VAL F 76 41.30 -2.26 5.68
CA VAL F 76 41.40 -1.77 7.06
C VAL F 76 42.53 -2.44 7.85
N LEU F 77 42.89 -3.66 7.51
CA LEU F 77 43.87 -4.43 8.26
C LEU F 77 45.22 -4.39 7.56
N LYS F 78 46.28 -4.20 8.34
CA LYS F 78 47.63 -4.11 7.82
C LYS F 78 48.56 -4.96 8.69
N ALA F 79 49.60 -5.50 8.08
CA ALA F 79 50.59 -6.33 8.77
C ALA F 79 51.79 -5.50 9.20
N GLY F 80 52.30 -5.77 10.40
CA GLY F 80 53.45 -5.07 10.92
C GLY F 80 54.68 -5.94 11.06
N TYR F 81 55.36 -5.86 12.21
CA TYR F 81 56.56 -6.67 12.42
C TYR F 81 56.19 -8.14 12.54
N GLY F 82 57.05 -9.00 11.97
CA GLY F 82 56.89 -10.43 12.11
C GLY F 82 55.60 -10.97 11.56
N GLY F 83 54.95 -10.25 10.65
CA GLY F 83 53.67 -10.69 10.14
C GLY F 83 52.50 -10.50 11.08
N VAL F 84 52.66 -9.67 12.12
CA VAL F 84 51.58 -9.45 13.07
C VAL F 84 50.44 -8.73 12.35
N LYS F 85 49.31 -9.41 12.25
CA LYS F 85 48.19 -9.00 11.42
C LYS F 85 47.28 -8.08 12.23
N CYS F 86 47.29 -6.79 11.92
CA CYS F 86 46.74 -5.77 12.83
C CYS F 86 45.50 -5.11 12.26
N VAL F 87 44.44 -5.03 13.08
CA VAL F 87 43.24 -4.28 12.77
C VAL F 87 42.81 -3.53 14.02
N GLU F 88 42.08 -2.42 13.82
CA GLU F 88 41.65 -1.58 14.92
C GLU F 88 40.25 -1.05 14.66
N SER F 89 39.38 -1.14 15.66
CA SER F 89 37.99 -0.72 15.50
C SER F 89 37.89 0.79 15.28
N GLY F 90 38.65 1.56 16.05
CA GLY F 90 38.52 3.00 15.97
C GLY F 90 37.24 3.47 16.63
N GLY F 91 36.89 4.72 16.32
CA GLY F 91 35.72 5.33 16.89
C GLY F 91 35.77 6.85 16.79
N PRO F 92 34.90 7.51 17.55
CA PRO F 92 34.82 8.98 17.50
C PRO F 92 35.83 9.64 18.43
N GLU F 93 35.94 10.95 18.28
CA GLU F 93 36.69 11.75 19.23
C GLU F 93 35.93 11.78 20.56
N PRO F 94 36.63 11.95 21.67
CA PRO F 94 35.97 11.86 22.98
C PRO F 94 34.85 12.89 23.13
N GLY F 95 33.77 12.46 23.76
CA GLY F 95 32.65 13.33 24.07
C GLY F 95 31.50 13.28 23.10
N VAL F 96 31.64 12.55 21.99
CA VAL F 96 30.61 12.50 20.96
C VAL F 96 30.44 11.07 20.48
N GLY F 97 29.20 10.74 20.10
CA GLY F 97 28.92 9.44 19.52
C GLY F 97 28.82 8.32 20.54
N CYS F 98 29.09 7.11 20.04
CA CYS F 98 28.98 5.90 20.86
C CYS F 98 30.03 4.91 20.33
N ALA F 99 31.12 4.75 21.09
CA ALA F 99 32.22 3.90 20.65
C ALA F 99 31.91 2.42 20.80
N GLY F 100 31.03 2.06 21.75
CA GLY F 100 30.68 0.66 21.93
C GLY F 100 30.03 0.05 20.71
N ARG F 101 29.12 0.80 20.08
CA ARG F 101 28.52 0.34 18.84
C ARG F 101 29.57 0.19 17.75
N GLY F 102 30.57 1.07 17.74
CA GLY F 102 31.66 0.92 16.79
C GLY F 102 32.43 -0.37 16.98
N VAL F 103 32.72 -0.72 18.25
CA VAL F 103 33.40 -1.98 18.52
C VAL F 103 32.53 -3.16 18.10
N ILE F 104 31.23 -3.09 18.39
CA ILE F 104 30.31 -4.16 18.00
C ILE F 104 30.35 -4.37 16.49
N THR F 105 30.24 -3.27 15.74
CA THR F 105 30.20 -3.37 14.29
C THR F 105 31.54 -3.87 13.73
N ALA F 106 32.66 -3.40 14.30
CA ALA F 106 33.95 -3.86 13.82
C ALA F 106 34.14 -5.35 14.04
N ILE F 107 33.72 -5.86 15.20
CA ILE F 107 33.88 -7.29 15.47
C ILE F 107 32.95 -8.11 14.58
N ASN F 108 31.72 -7.63 14.39
CA ASN F 108 30.82 -8.32 13.46
C ASN F 108 31.39 -8.35 12.05
N PHE F 109 32.00 -7.24 11.62
CA PHE F 109 32.61 -7.17 10.31
C PHE F 109 33.78 -8.14 10.20
N LEU F 110 34.61 -8.20 11.22
CA LEU F 110 35.75 -9.12 11.20
C LEU F 110 35.27 -10.57 11.12
N GLU F 111 34.22 -10.91 11.85
CA GLU F 111 33.70 -12.27 11.82
C GLU F 111 33.13 -12.59 10.45
N GLU F 112 32.28 -11.70 9.91
CA GLU F 112 31.59 -12.01 8.67
C GLU F 112 32.54 -12.02 7.48
N GLU F 113 33.58 -11.19 7.50
CA GLU F 113 34.49 -11.14 6.36
C GLU F 113 35.45 -12.32 6.31
N GLY F 114 35.76 -12.91 7.46
CA GLY F 114 36.63 -14.07 7.50
C GLY F 114 38.01 -13.76 8.03
N ALA F 115 38.09 -12.92 9.06
CA ALA F 115 39.38 -12.57 9.63
C ALA F 115 39.98 -13.73 10.41
N TYR F 116 39.15 -14.47 11.14
CA TYR F 116 39.63 -15.58 11.96
C TYR F 116 39.63 -16.89 11.16
N GLU F 117 40.24 -16.85 9.98
CA GLU F 117 40.36 -18.04 9.13
C GLU F 117 41.70 -18.05 8.42
N ASP F 118 42.71 -17.42 9.02
CA ASP F 118 44.03 -17.29 8.41
C ASP F 118 45.06 -18.21 9.04
N ASP F 119 44.62 -19.34 9.60
CA ASP F 119 45.50 -20.28 10.29
C ASP F 119 46.29 -19.60 11.41
N LEU F 120 45.69 -18.57 12.01
CA LEU F 120 46.34 -17.83 13.07
C LEU F 120 46.51 -18.70 14.31
N ASP F 121 47.56 -18.42 15.07
CA ASP F 121 47.78 -19.10 16.34
C ASP F 121 47.19 -18.36 17.52
N PHE F 122 47.36 -17.04 17.57
CA PHE F 122 46.84 -16.22 18.66
C PHE F 122 46.06 -15.03 18.10
N VAL F 123 44.95 -14.72 18.75
CA VAL F 123 44.18 -13.52 18.47
C VAL F 123 44.01 -12.75 19.78
N PHE F 124 44.59 -11.57 19.86
CA PHE F 124 44.67 -10.80 21.10
C PHE F 124 43.77 -9.57 21.00
N TYR F 125 42.85 -9.44 21.95
CA TYR F 125 41.91 -8.32 22.00
C TYR F 125 42.38 -7.31 23.03
N ASP F 126 42.66 -6.09 22.59
CA ASP F 126 43.07 -5.00 23.46
C ASP F 126 41.85 -4.13 23.74
N VAL F 127 41.29 -4.24 24.94
CA VAL F 127 40.09 -3.53 25.32
C VAL F 127 40.44 -2.48 26.37
N LEU F 128 39.67 -1.40 26.40
CA LEU F 128 39.93 -0.32 27.33
C LEU F 128 39.55 -0.73 28.75
N GLY F 129 40.19 -0.07 29.72
CA GLY F 129 40.05 -0.49 31.11
C GLY F 129 38.66 -0.32 31.67
N ASP F 130 38.02 0.82 31.37
CA ASP F 130 36.70 1.12 31.93
C ASP F 130 35.64 0.58 30.98
N VAL F 131 35.24 -0.67 31.20
CA VAL F 131 34.20 -1.31 30.39
C VAL F 131 32.87 -0.72 30.84
N VAL F 132 32.30 0.17 30.04
CA VAL F 132 31.12 0.94 30.41
C VAL F 132 29.86 0.45 29.72
N CYS F 133 29.96 -0.55 28.86
CA CYS F 133 28.80 -1.03 28.11
C CYS F 133 29.11 -2.43 27.59
N GLY F 134 28.08 -3.06 27.03
CA GLY F 134 28.27 -4.37 26.43
C GLY F 134 29.07 -4.35 25.15
N GLY F 135 29.16 -3.19 24.51
CA GLY F 135 29.97 -3.09 23.30
C GLY F 135 31.43 -3.40 23.55
N PHE F 136 31.94 -3.02 24.71
CA PHE F 136 33.30 -3.34 25.11
C PHE F 136 33.41 -4.72 25.76
N ALA F 137 32.27 -5.36 26.05
CA ALA F 137 32.24 -6.76 26.44
C ALA F 137 32.03 -7.68 25.26
N MET F 138 31.88 -7.13 24.06
CA MET F 138 31.84 -7.95 22.84
C MET F 138 33.02 -8.90 22.69
N PRO F 139 34.27 -8.52 22.98
CA PRO F 139 35.37 -9.48 22.82
C PRO F 139 35.25 -10.72 23.68
N ILE F 140 34.38 -10.74 24.69
CA ILE F 140 34.24 -11.90 25.56
C ILE F 140 32.86 -12.55 25.40
N ARG F 141 32.21 -12.34 24.27
CA ARG F 141 30.98 -13.04 23.96
C ARG F 141 31.31 -14.46 23.49
N GLU F 142 30.29 -15.20 23.06
CA GLU F 142 30.48 -16.56 22.61
C GLU F 142 31.23 -16.58 21.28
N ASN F 143 32.10 -17.58 21.12
CA ASN F 143 33.02 -17.76 20.00
C ASN F 143 34.07 -16.67 19.93
N LYS F 144 34.07 -15.73 20.86
CA LYS F 144 35.07 -14.67 20.95
C LYS F 144 36.19 -15.13 21.88
N ALA F 145 37.00 -14.20 22.36
CA ALA F 145 38.16 -14.52 23.19
C ALA F 145 37.81 -15.48 24.31
N GLN F 146 38.59 -16.55 24.42
CA GLN F 146 38.33 -17.62 25.38
C GLN F 146 39.13 -17.50 26.67
N GLU F 147 40.29 -16.86 26.64
CA GLU F 147 41.08 -16.64 27.85
C GLU F 147 41.20 -15.15 28.12
N ILE F 148 40.97 -14.75 29.36
CA ILE F 148 41.07 -13.36 29.79
C ILE F 148 42.25 -13.23 30.74
N TYR F 149 43.15 -12.31 30.43
CA TYR F 149 44.27 -11.98 31.30
C TYR F 149 44.08 -10.57 31.82
N ILE F 150 44.13 -10.39 33.13
CA ILE F 150 43.96 -9.09 33.76
C ILE F 150 45.32 -8.57 34.20
N VAL F 151 45.64 -7.34 33.82
CA VAL F 151 46.90 -6.70 34.18
C VAL F 151 46.62 -5.69 35.28
N CYS F 152 47.21 -5.91 36.46
CA CYS F 152 47.03 -4.99 37.57
C CYS F 152 48.27 -5.03 38.45
N SER F 153 48.66 -3.87 38.96
CA SER F 153 49.82 -3.74 39.83
C SER F 153 49.38 -3.84 41.28
N GLY F 154 50.30 -3.54 42.20
CA GLY F 154 49.98 -3.57 43.62
C GLY F 154 49.33 -2.30 44.10
N GLU F 155 48.18 -1.96 43.52
CA GLU F 155 47.44 -0.74 43.85
C GLU F 155 46.06 -1.11 44.36
N MET F 156 45.52 -0.25 45.23
CA MET F 156 44.20 -0.52 45.80
C MET F 156 43.13 -0.58 44.72
N MET F 157 43.05 0.46 43.89
CA MET F 157 42.05 0.49 42.83
C MET F 157 42.35 -0.46 41.68
N ALA F 158 43.64 -0.78 41.44
CA ALA F 158 43.95 -1.80 40.46
C ALA F 158 43.40 -3.15 40.88
N MET F 159 43.59 -3.51 42.16
CA MET F 159 43.04 -4.74 42.69
C MET F 159 41.54 -4.66 42.90
N TYR F 160 40.97 -3.46 42.99
CA TYR F 160 39.52 -3.30 43.03
C TYR F 160 38.91 -3.31 41.63
N ALA F 161 39.61 -2.70 40.67
CA ALA F 161 39.18 -2.80 39.27
C ALA F 161 39.23 -4.25 38.79
N ALA F 162 40.22 -5.01 39.22
CA ALA F 162 40.27 -6.42 38.89
C ALA F 162 39.05 -7.16 39.43
N ASN F 163 38.66 -6.87 40.67
CA ASN F 163 37.49 -7.51 41.25
C ASN F 163 36.22 -7.12 40.51
N ASN F 164 36.08 -5.85 40.15
CA ASN F 164 34.91 -5.42 39.40
C ASN F 164 34.86 -6.09 38.03
N ILE F 165 36.02 -6.24 37.40
CA ILE F 165 36.07 -6.92 36.10
C ILE F 165 35.68 -8.39 36.26
N SER F 166 36.11 -9.03 37.35
CA SER F 166 35.68 -10.40 37.61
C SER F 166 34.17 -10.48 37.82
N LYS F 167 33.61 -9.48 38.51
CA LYS F 167 32.16 -9.43 38.68
C LYS F 167 31.46 -9.34 37.33
N GLY F 168 32.01 -8.54 36.42
CA GLY F 168 31.49 -8.53 35.06
C GLY F 168 31.70 -9.84 34.33
N ILE F 169 32.79 -10.54 34.63
CA ILE F 169 33.14 -11.76 33.90
C ILE F 169 32.17 -12.90 34.25
N VAL F 170 31.82 -13.02 35.54
CA VAL F 170 31.05 -14.19 35.97
C VAL F 170 29.73 -14.29 35.22
N LYS F 171 29.20 -13.17 34.73
CA LYS F 171 27.99 -13.22 33.91
C LYS F 171 28.24 -13.96 32.60
N TYR F 172 29.39 -13.71 31.97
CA TYR F 172 29.74 -14.35 30.71
C TYR F 172 30.38 -15.71 30.88
N ALA F 173 30.82 -16.07 32.09
CA ALA F 173 31.53 -17.32 32.29
C ALA F 173 30.58 -18.50 32.49
N ASN F 174 29.37 -18.25 33.00
CA ASN F 174 28.40 -19.31 33.20
C ASN F 174 27.54 -19.58 31.98
N SER F 175 27.58 -18.71 30.97
CA SER F 175 26.79 -18.89 29.76
C SER F 175 27.67 -19.20 28.55
N GLY F 176 28.93 -19.47 28.75
CA GLY F 176 29.84 -19.78 27.66
C GLY F 176 31.05 -20.51 28.16
N SER F 177 32.12 -20.48 27.37
CA SER F 177 33.37 -21.14 27.71
C SER F 177 34.46 -20.13 28.08
N VAL F 178 34.07 -18.90 28.39
CA VAL F 178 35.04 -17.86 28.71
C VAL F 178 35.53 -18.06 30.14
N ARG F 179 36.86 -18.13 30.30
CA ARG F 179 37.48 -18.35 31.58
C ARG F 179 38.64 -17.40 31.77
N LEU F 180 38.96 -17.11 33.02
CA LEU F 180 40.01 -16.15 33.37
C LEU F 180 41.34 -16.88 33.38
N GLY F 181 42.14 -16.67 32.33
CA GLY F 181 43.33 -17.49 32.11
C GLY F 181 44.50 -17.17 32.99
N GLY F 182 44.58 -15.97 33.55
CA GLY F 182 45.74 -15.62 34.34
C GLY F 182 45.64 -14.21 34.86
N LEU F 183 46.68 -13.81 35.58
CA LEU F 183 46.76 -12.48 36.20
C LEU F 183 48.16 -11.95 35.95
N ILE F 184 48.30 -11.13 34.91
CA ILE F 184 49.58 -10.47 34.63
C ILE F 184 49.76 -9.31 35.60
N CYS F 185 50.96 -9.16 36.14
CA CYS F 185 51.25 -8.14 37.14
C CYS F 185 52.24 -7.14 36.56
N ASN F 186 51.76 -5.94 36.28
CA ASN F 186 52.66 -4.83 36.00
C ASN F 186 53.18 -4.27 37.32
N SER F 187 54.19 -3.41 37.23
CA SER F 187 54.90 -2.96 38.42
C SER F 187 54.73 -1.46 38.61
N ARG F 188 54.96 -1.04 39.86
CA ARG F 188 55.10 0.37 40.21
C ARG F 188 56.33 0.60 41.08
N ASN F 189 57.23 -0.37 41.17
CA ASN F 189 58.43 -0.28 42.02
C ASN F 189 58.05 0.03 43.46
N THR F 190 56.98 -0.61 43.92
CA THR F 190 56.49 -0.46 45.28
C THR F 190 56.98 -1.64 46.14
N ASP F 191 57.20 -1.36 47.42
CA ASP F 191 57.80 -2.36 48.31
C ASP F 191 56.94 -3.61 48.40
N ARG F 192 57.60 -4.77 48.27
CA ARG F 192 56.97 -6.08 48.44
C ARG F 192 55.76 -6.26 47.53
N GLU F 193 55.91 -5.83 46.26
CA GLU F 193 54.82 -5.96 45.31
C GLU F 193 54.57 -7.41 44.93
N ASP F 194 55.64 -8.18 44.72
CA ASP F 194 55.49 -9.54 44.17
C ASP F 194 54.71 -10.43 45.11
N GLU F 195 55.03 -10.39 46.42
CA GLU F 195 54.38 -11.27 47.37
C GLU F 195 52.90 -10.95 47.50
N LEU F 196 52.54 -9.65 47.53
CA LEU F 196 51.13 -9.29 47.60
C LEU F 196 50.39 -9.72 46.34
N ILE F 197 51.05 -9.60 45.19
CA ILE F 197 50.40 -9.97 43.94
C ILE F 197 50.16 -11.48 43.88
N ILE F 198 51.14 -12.27 44.34
CA ILE F 198 50.92 -13.72 44.37
C ILE F 198 49.91 -14.09 45.45
N ALA F 199 49.80 -13.31 46.52
CA ALA F 199 48.74 -13.54 47.49
C ALA F 199 47.37 -13.35 46.86
N LEU F 200 47.20 -12.29 46.08
CA LEU F 200 45.95 -12.12 45.33
C LEU F 200 45.75 -13.27 44.35
N ALA F 201 46.82 -13.69 43.67
CA ALA F 201 46.70 -14.74 42.66
C ALA F 201 46.23 -16.05 43.27
N ASN F 202 46.82 -16.45 44.39
CA ASN F 202 46.47 -17.74 44.99
C ASN F 202 45.30 -17.64 45.97
N LYS F 203 44.81 -16.44 46.26
CA LYS F 203 43.54 -16.28 46.96
C LYS F 203 42.37 -16.05 46.01
N LEU F 204 42.65 -15.83 44.73
CA LEU F 204 41.59 -15.69 43.73
C LEU F 204 41.32 -16.97 42.97
N GLY F 205 42.11 -18.01 43.18
CA GLY F 205 42.01 -19.22 42.41
C GLY F 205 42.72 -19.18 41.07
N THR F 206 43.40 -18.07 40.77
CA THR F 206 44.11 -17.90 39.53
C THR F 206 45.59 -18.21 39.78
N GLN F 207 46.45 -17.97 38.80
CA GLN F 207 47.88 -18.10 38.95
C GLN F 207 48.55 -16.82 38.49
N MET F 208 49.58 -16.40 39.22
CA MET F 208 50.39 -15.27 38.80
C MET F 208 51.31 -15.73 37.67
N ILE F 209 51.11 -15.16 36.49
CA ILE F 209 51.88 -15.61 35.33
C ILE F 209 53.28 -15.05 35.36
N HIS F 210 53.41 -13.74 35.48
CA HIS F 210 54.73 -13.11 35.51
C HIS F 210 54.62 -11.74 36.14
N PHE F 211 55.79 -11.17 36.44
CA PHE F 211 55.91 -9.84 37.03
C PHE F 211 56.94 -9.07 36.20
N VAL F 212 56.47 -8.08 35.44
CA VAL F 212 57.32 -7.33 34.53
C VAL F 212 57.84 -6.11 35.28
N PRO F 213 59.15 -5.92 35.40
CA PRO F 213 59.67 -4.77 36.15
C PRO F 213 59.44 -3.47 35.40
N ARG F 214 59.47 -2.38 36.17
CA ARG F 214 59.40 -1.04 35.59
C ARG F 214 60.78 -0.67 35.08
N ASP F 215 60.99 -0.78 33.77
CA ASP F 215 62.23 -0.39 33.15
C ASP F 215 61.99 0.80 32.24
N ASN F 216 62.89 1.79 32.30
CA ASN F 216 62.73 3.01 31.53
C ASN F 216 62.87 2.79 30.04
N VAL F 217 63.34 1.62 29.60
CA VAL F 217 63.52 1.36 28.18
C VAL F 217 62.18 1.36 27.46
N VAL F 218 61.12 0.89 28.11
CA VAL F 218 59.81 0.86 27.47
C VAL F 218 59.34 2.27 27.13
N GLN F 219 59.47 3.19 28.08
CA GLN F 219 59.16 4.59 27.80
C GLN F 219 60.18 5.21 26.85
N ARG F 220 61.36 4.62 26.74
CA ARG F 220 62.39 5.08 25.81
C ARG F 220 62.22 4.47 24.43
N ALA F 221 61.33 3.49 24.27
CA ALA F 221 61.06 2.86 22.98
C ALA F 221 59.79 3.34 22.33
N GLU F 222 58.77 3.69 23.12
CA GLU F 222 57.52 4.18 22.55
C GLU F 222 57.67 5.57 21.94
N ILE F 223 58.68 6.32 22.35
CA ILE F 223 58.96 7.61 21.72
C ILE F 223 59.34 7.40 20.26
N ARG F 224 60.14 6.36 19.98
CA ARG F 224 60.44 5.96 18.62
C ARG F 224 59.43 4.96 18.07
N ARG F 225 58.22 4.92 18.65
CA ARG F 225 57.10 4.07 18.24
C ARG F 225 57.55 2.66 17.90
N MET F 226 58.52 2.15 18.66
CA MET F 226 59.18 0.89 18.36
C MET F 226 59.10 -0.01 19.59
N THR F 227 58.83 -1.29 19.35
CA THR F 227 58.71 -2.24 20.44
C THR F 227 60.06 -2.44 21.12
N VAL F 228 60.02 -2.83 22.40
CA VAL F 228 61.23 -3.06 23.15
C VAL F 228 62.05 -4.18 22.53
N ILE F 229 61.38 -5.18 21.95
CA ILE F 229 62.08 -6.24 21.24
C ILE F 229 62.92 -5.65 20.11
N GLU F 230 62.35 -4.70 19.36
CA GLU F 230 63.09 -4.06 18.28
C GLU F 230 64.10 -3.05 18.78
N TYR F 231 63.80 -2.36 19.88
CA TYR F 231 64.69 -1.32 20.39
C TYR F 231 66.03 -1.93 20.84
N ASP F 232 65.96 -2.95 21.69
CA ASP F 232 67.19 -3.54 22.20
C ASP F 232 66.92 -4.96 22.70
N PRO F 233 67.12 -5.99 21.88
CA PRO F 233 66.94 -7.36 22.36
C PRO F 233 68.19 -7.90 23.03
N LYS F 234 68.81 -7.08 23.90
CA LYS F 234 69.99 -7.53 24.63
C LYS F 234 70.03 -7.00 26.06
N ALA F 235 68.92 -6.47 26.57
CA ALA F 235 68.87 -5.89 27.90
C ALA F 235 68.25 -6.89 28.88
N LYS F 236 68.13 -6.47 30.14
CA LYS F 236 67.42 -7.29 31.11
C LYS F 236 65.97 -7.46 30.70
N GLN F 237 65.34 -6.39 30.22
CA GLN F 237 64.04 -6.50 29.58
C GLN F 237 64.21 -7.01 28.16
N ALA F 238 63.10 -7.14 27.44
CA ALA F 238 62.99 -7.80 26.14
C ALA F 238 63.24 -9.30 26.26
N ASP F 239 63.62 -9.79 27.44
CA ASP F 239 63.59 -11.20 27.77
C ASP F 239 62.57 -11.52 28.84
N GLU F 240 62.22 -10.54 29.67
CA GLU F 240 61.06 -10.69 30.56
C GLU F 240 59.80 -10.92 29.75
N TYR F 241 59.64 -10.19 28.65
CA TYR F 241 58.49 -10.40 27.78
C TYR F 241 58.55 -11.75 27.07
N ARG F 242 59.76 -12.23 26.75
CA ARG F 242 59.89 -13.56 26.19
C ARG F 242 59.46 -14.63 27.21
N ALA F 243 59.85 -14.46 28.47
CA ALA F 243 59.41 -15.38 29.51
C ALA F 243 57.90 -15.33 29.68
N LEU F 244 57.32 -14.11 29.64
CA LEU F 244 55.88 -13.97 29.72
C LEU F 244 55.19 -14.67 28.56
N ALA F 245 55.74 -14.54 27.36
CA ALA F 245 55.17 -15.23 26.20
C ALA F 245 55.25 -16.73 26.37
N ARG F 246 56.38 -17.24 26.85
CA ARG F 246 56.53 -18.67 27.07
C ARG F 246 55.49 -19.18 28.07
N LYS F 247 55.30 -18.45 29.17
CA LYS F 247 54.31 -18.86 30.16
C LYS F 247 52.88 -18.60 29.70
N VAL F 248 52.68 -17.78 28.68
CA VAL F 248 51.35 -17.61 28.12
C VAL F 248 50.99 -18.77 27.19
N VAL F 249 51.93 -19.20 26.35
CA VAL F 249 51.69 -20.37 25.51
C VAL F 249 51.48 -21.64 26.34
N ASP F 250 52.04 -21.71 27.54
CA ASP F 250 51.99 -22.91 28.37
C ASP F 250 50.92 -22.88 29.44
N ASN F 251 50.16 -21.78 29.55
CA ASN F 251 49.18 -21.65 30.63
C ASN F 251 47.98 -22.54 30.35
N LYS F 252 47.62 -23.38 31.33
CA LYS F 252 46.47 -24.26 31.22
C LYS F 252 45.51 -24.13 32.40
N LEU F 253 45.69 -23.13 33.25
CA LEU F 253 44.80 -22.90 34.39
C LEU F 253 43.73 -21.90 33.98
N LEU F 254 42.55 -22.41 33.67
CA LEU F 254 41.40 -21.59 33.26
C LEU F 254 40.33 -21.74 34.33
N VAL F 255 40.31 -20.81 35.28
CA VAL F 255 39.48 -20.92 36.48
C VAL F 255 38.51 -19.75 36.52
N ILE F 256 37.24 -20.04 36.76
CA ILE F 256 36.23 -18.99 36.91
C ILE F 256 36.57 -18.15 38.13
N PRO F 257 36.62 -16.82 38.02
CA PRO F 257 36.99 -16.00 39.18
C PRO F 257 35.87 -15.91 40.19
N ASN F 258 36.25 -15.60 41.43
CA ASN F 258 35.32 -15.41 42.54
C ASN F 258 35.73 -14.14 43.28
N PRO F 259 34.89 -13.10 43.28
CA PRO F 259 35.28 -11.84 43.94
C PRO F 259 35.51 -12.03 45.43
N ILE F 260 36.47 -11.26 45.95
CA ILE F 260 36.87 -11.35 47.35
C ILE F 260 36.36 -10.14 48.09
N THR F 261 36.42 -10.21 49.42
CA THR F 261 35.99 -9.11 50.28
C THR F 261 37.18 -8.24 50.65
N MET F 262 36.98 -6.91 50.54
CA MET F 262 38.09 -5.99 50.74
C MET F 262 38.62 -6.03 52.17
N ASP F 263 37.74 -6.19 53.16
CA ASP F 263 38.19 -6.28 54.55
C ASP F 263 39.22 -7.38 54.71
N GLU F 264 38.90 -8.58 54.25
CA GLU F 264 39.89 -9.67 54.26
C GLU F 264 41.09 -9.30 53.39
N LEU F 265 40.82 -8.69 52.23
CA LEU F 265 41.92 -8.20 51.40
C LEU F 265 42.77 -7.21 52.17
N GLU F 266 42.13 -6.43 53.05
CA GLU F 266 42.87 -5.48 53.87
C GLU F 266 43.96 -6.17 54.69
N GLU F 267 43.71 -7.41 55.12
CA GLU F 267 44.70 -8.13 55.90
C GLU F 267 46.02 -8.24 55.16
N LEU F 268 45.96 -8.38 53.84
CA LEU F 268 47.18 -8.51 53.05
C LEU F 268 48.08 -7.29 53.20
N LEU F 269 47.50 -6.11 53.45
CA LEU F 269 48.31 -4.93 53.70
C LEU F 269 49.08 -5.05 55.01
N MET F 270 48.45 -5.60 56.05
CA MET F 270 49.22 -5.94 57.24
C MET F 270 50.30 -6.97 56.97
N GLU F 271 50.21 -7.72 55.87
CA GLU F 271 51.33 -8.56 55.48
C GLU F 271 52.43 -7.74 54.82
N PHE F 272 52.07 -6.72 54.04
CA PHE F 272 53.05 -5.92 53.33
C PHE F 272 52.71 -4.43 53.37
C1 HCA G . -0.88 6.51 20.58
C2 HCA G . -1.65 6.46 19.28
C3 HCA G . -3.08 5.98 19.53
C4 HCA G . -3.24 4.51 19.14
C5 HCA G . -4.64 4.03 19.50
C6 HCA G . -4.86 2.65 18.93
C7 HCA G . -4.02 6.82 18.71
O1 HCA G . -1.49 6.54 21.67
O2 HCA G . 0.37 6.55 20.51
O3 HCA G . -4.13 1.71 19.30
O4 HCA G . -5.78 2.51 18.10
O5 HCA G . -3.71 7.07 17.53
O6 HCA G . -5.07 7.24 19.24
O7 HCA G . -3.41 6.11 20.92
FE1 ICS H . -5.98 12.73 26.47
MO1 ICS H . -5.45 7.40 21.96
FE2 ICS H . -4.35 10.90 25.41
FE3 ICS H . -6.30 11.96 23.93
FE4 ICS H . -6.89 10.29 25.88
FE5 ICS H . -6.68 8.30 24.22
FE6 ICS H . -4.18 8.96 23.71
FE7 ICS H . -6.09 9.98 22.29
CX ICS H . -5.78 10.08 24.25
S1A ICS H . -5.30 10.78 27.45
S1B ICS H . -4.90 6.90 24.18
S2A ICS H . -4.50 13.05 24.79
S2B ICS H . -2.53 9.78 24.86
S3A ICS H . -8.02 8.36 26.05
S3B ICS H . -4.11 9.29 21.54
S4A ICS H . -7.95 12.26 25.42
S4B ICS H . -7.59 8.34 22.17
S5A ICS H . -6.76 12.02 21.76
FE1 CLF I . 11.76 4.04 21.18
FE2 CLF I . 10.15 2.51 20.06
FE3 CLF I . 9.06 4.77 21.14
FE4 CLF I . 10.61 4.79 18.89
S1 CLF I . 12.31 3.15 19.05
S2A CLF I . 10.01 3.03 22.27
S4A CLF I . 8.55 3.84 19.15
S3A CLF I . 10.89 6.11 20.73
FE5 CLF I . 11.61 3.32 16.57
FE6 CLF I . 13.77 2.10 17.23
FE7 CLF I . 12.11 0.96 15.22
FE8 CLF I . 11.68 1.22 17.90
S2B CLF I . 13.28 2.90 14.85
S3B CLF I . 13.21 -0.12 16.92
S4B CLF I . 10.19 1.68 16.20
FE FE J . -9.48 -13.25 -24.65
C1 HCA K . -22.24 -3.90 -39.01
C2 HCA K . -21.75 -3.27 -37.74
C3 HCA K . -20.23 -3.18 -37.78
C4 HCA K . -19.58 -4.40 -37.16
C5 HCA K . -18.09 -4.15 -36.93
C6 HCA K . -17.33 -5.44 -37.01
C7 HCA K . -19.78 -1.93 -37.06
O1 HCA K . -22.56 -5.12 -39.00
O2 HCA K . -22.30 -3.20 -40.04
O3 HCA K . -17.47 -6.17 -38.01
O4 HCA K . -16.56 -5.73 -36.06
O5 HCA K . -20.11 -1.79 -35.86
O6 HCA K . -19.10 -1.09 -37.68
O7 HCA K . -19.83 -3.10 -39.16
FE1 ICS L . -19.11 2.38 -46.13
MO1 ICS L . -18.26 -1.34 -40.28
FE2 ICS L . -20.17 0.52 -44.55
FE3 ICS L . -18.73 2.51 -43.50
FE4 ICS L . -17.55 0.63 -44.91
FE5 ICS L . -17.24 -0.79 -42.75
FE6 ICS L . -19.83 -0.82 -42.38
FE7 ICS L . -18.41 1.10 -41.35
CX ICS L . -18.62 0.55 -43.25
S1A ICS L . -19.10 0.13 -46.50
S1B ICS L . -18.50 -2.60 -42.25
S2A ICS L . -20.72 2.68 -44.58
S2B ICS L . -21.59 -0.91 -43.64
S3A ICS L . -15.88 -0.81 -44.55
S3B ICS L . -20.13 0.08 -40.37
S4A ICS L . -17.16 2.87 -45.07
S4B ICS L . -16.50 0.11 -40.82
S5A ICS L . -18.43 3.31 -41.44
FE FE M . -9.89 -9.51 9.24
FE1 CLF N . -33.82 -9.34 -38.36
FE2 CLF N . -31.91 -10.26 -37.04
FE3 CLF N . -31.37 -8.00 -38.57
FE4 CLF N . -32.95 -8.02 -36.30
S1 CLF N . -34.18 -10.04 -36.09
S2A CLF N . -31.88 -10.10 -39.32
S4A CLF N . -30.72 -8.42 -36.47
S3A CLF N . -33.48 -7.08 -38.32
FE5 CLF N . -33.64 -9.23 -33.72
FE6 CLF N . -35.25 -11.16 -34.04
FE7 CLF N . -33.45 -11.25 -31.83
FE8 CLF N . -33.04 -11.46 -34.61
S2B CLF N . -35.20 -9.75 -31.91
S3B CLF N . -34.08 -12.97 -33.25
S4B CLF N . -31.81 -10.26 -33.06
FE1 SF4 O . 26.27 3.87 26.33
FE2 SF4 O . 28.57 5.29 25.92
FE3 SF4 O . 27.43 3.92 23.85
FE4 SF4 O . 28.63 2.55 25.88
S1 SF4 O . 29.64 3.97 24.41
S2 SF4 O . 26.61 2.10 24.94
S3 SF4 O . 28.12 3.89 27.66
S4 SF4 O . 26.53 5.69 24.98
MG MG P . 38.23 7.96 38.99
PG ATP Q . 39.90 6.17 36.66
O1G ATP Q . 38.43 6.48 36.77
O2G ATP Q . 40.57 6.95 35.59
O3G ATP Q . 40.18 4.69 36.57
PB ATP Q . 41.37 7.95 38.51
O1B ATP Q . 42.13 8.49 37.35
O2B ATP Q . 40.48 8.82 39.29
O3B ATP Q . 40.54 6.65 38.05
PA ATP Q . 42.62 7.32 41.08
O1A ATP Q . 42.44 8.71 41.55
O2A ATP Q . 41.78 6.26 41.71
O3A ATP Q . 42.41 7.26 39.51
O5' ATP Q . 44.16 6.90 41.21
C5' ATP Q . 44.55 5.62 40.69
C4' ATP Q . 45.58 5.02 41.61
O4' ATP Q . 46.65 5.98 41.81
C3' ATP Q . 45.08 4.67 43.02
O3' ATP Q . 45.69 3.47 43.50
C2' ATP Q . 45.53 5.88 43.84
O2' ATP Q . 45.64 5.59 45.22
C1' ATP Q . 46.87 6.17 43.19
N9 ATP Q . 47.38 7.50 43.40
C8 ATP Q . 46.81 8.70 43.04
N7 ATP Q . 47.54 9.72 43.39
C5 ATP Q . 48.65 9.18 44.02
C6 ATP Q . 49.79 9.75 44.62
N6 ATP Q . 50.01 11.05 44.69
N1 ATP Q . 50.70 8.89 45.16
C2 ATP Q . 50.46 7.58 45.09
N3 ATP Q . 49.43 6.94 44.55
C4 ATP Q . 48.55 7.80 44.03
MG MG R . 45.39 1.28 25.84
PG ATP S . 44.27 2.67 28.94
O1G ATP S . 43.91 3.92 29.70
O2G ATP S . 43.35 1.53 29.25
O3G ATP S . 44.41 2.92 27.47
PB ATP S . 46.59 0.94 29.25
O1B ATP S . 46.38 0.49 27.85
O2B ATP S . 46.33 0.01 30.38
O3B ATP S . 45.73 2.25 29.48
PA ATP S . 49.12 1.86 28.24
O1A ATP S . 48.40 2.74 27.27
O2A ATP S . 49.76 0.63 27.72
O3A ATP S . 48.08 1.48 29.38
O5' ATP S . 50.18 2.72 29.06
C5' ATP S . 51.52 2.17 29.14
C4' ATP S . 52.50 3.29 29.38
O4' ATP S . 53.32 2.97 30.52
C3' ATP S . 53.49 3.58 28.25
O3' ATP S . 53.89 4.95 28.27
C2' ATP S . 54.64 2.63 28.59
O2' ATP S . 55.89 3.09 28.11
C1' ATP S . 54.61 2.60 30.11
N9 ATP S . 54.86 1.27 30.63
C8 ATP S . 54.06 0.17 30.49
N7 ATP S . 54.58 -0.90 31.07
C5 ATP S . 55.78 -0.45 31.60
C6 ATP S . 56.78 -1.10 32.34
N6 ATP S . 56.75 -2.39 32.67
N1 ATP S . 57.85 -0.36 32.72
C2 ATP S . 57.88 0.94 32.38
N3 ATP S . 56.99 1.65 31.70
C4 ATP S . 55.95 0.88 31.33
#